data_2L3J
#
_entry.id   2L3J
#
loop_
_entity.id
_entity.type
_entity.pdbx_description
1 polymer 'Double-stranded RNA-specific editase 1'
2 polymer 'RNA (71-MER)'
#
loop_
_entity_poly.entity_id
_entity_poly.type
_entity_poly.pdbx_seq_one_letter_code
_entity_poly.pdbx_strand_id
1 'polypeptide(L)'
;PGPVLPKNALMQLNEIKPGLQYMLLSQTGPVHAPLFVMSVEVNGQVFEGSGPTKKKAKLHAAEKALRSFVQFPNASEAHL
AMGRTLSVNTDFTSDQADFPDTLFNGFETPDKSEPPFYVGSNGDDSFSSSGDVSLSASPVPASLTQPPLPIPPPFPPPSG
KNPVMILNELRPGLKYDFLSESGESHAKSFVMSVVVDGQFFEGSGRNKKLAKARAAQSALATVFNLHLLEHHHHHH
;
A
2 'polyribonucleotide' GGCAUUAAGGUGGGUGGAAUAGUAUAACAAUAUGCUAAAUGUUGUUAUAGUAUCCCACCUACCCUGAUGCC B
#
# COMPACT_ATOMS: atom_id res chain seq x y z
N PRO A 1 -8.11 -16.14 20.61
CA PRO A 1 -8.41 -15.93 22.03
C PRO A 1 -8.12 -14.49 22.49
N GLY A 2 -6.88 -14.01 22.27
CA GLY A 2 -6.51 -12.66 22.64
C GLY A 2 -5.08 -12.34 22.24
N PRO A 3 -4.64 -11.10 22.50
CA PRO A 3 -3.30 -10.62 22.19
C PRO A 3 -2.28 -11.21 23.15
N VAL A 4 -1.02 -10.82 22.99
CA VAL A 4 0.10 -11.28 23.80
C VAL A 4 1.03 -10.12 24.08
N LEU A 5 2.05 -10.34 24.94
CA LEU A 5 2.97 -9.29 25.35
C LEU A 5 4.36 -9.88 25.60
N PRO A 6 5.42 -9.08 25.42
CA PRO A 6 6.80 -9.50 25.58
C PRO A 6 7.20 -9.61 27.04
N LYS A 7 6.36 -9.11 27.95
CA LYS A 7 6.67 -9.11 29.36
C LYS A 7 7.04 -10.50 29.84
N ASN A 8 6.49 -11.55 29.23
CA ASN A 8 6.85 -12.93 29.49
C ASN A 8 8.35 -13.17 29.28
N ALA A 9 8.84 -13.04 28.04
CA ALA A 9 10.25 -13.20 27.72
C ALA A 9 11.13 -12.27 28.56
N LEU A 10 10.59 -11.09 28.89
CA LEU A 10 11.33 -10.07 29.62
C LEU A 10 11.54 -10.51 31.06
N MET A 11 10.45 -10.85 31.75
CA MET A 11 10.51 -11.31 33.13
C MET A 11 11.38 -12.56 33.21
N GLN A 12 11.11 -13.54 32.35
CA GLN A 12 11.82 -14.80 32.35
C GLN A 12 13.31 -14.57 32.19
N LEU A 13 13.73 -13.72 31.23
CA LEU A 13 15.14 -13.39 31.09
C LEU A 13 15.65 -12.73 32.35
N ASN A 14 14.88 -11.80 32.93
CA ASN A 14 15.29 -11.11 34.14
C ASN A 14 15.58 -12.11 35.26
N GLU A 15 14.78 -13.18 35.34
CA GLU A 15 14.98 -14.25 36.30
C GLU A 15 16.26 -15.04 36.01
N ILE A 16 16.38 -15.63 34.82
CA ILE A 16 17.52 -16.48 34.47
C ILE A 16 18.84 -15.69 34.44
N LYS A 17 18.78 -14.38 34.14
CA LYS A 17 19.91 -13.47 33.99
C LYS A 17 20.96 -13.61 35.09
N PRO A 18 22.09 -14.28 34.81
CA PRO A 18 23.21 -14.35 35.72
C PRO A 18 24.06 -13.08 35.60
N GLY A 19 23.85 -12.32 34.53
CA GLY A 19 24.63 -11.12 34.25
C GLY A 19 24.85 -10.98 32.73
N LEU A 20 23.85 -11.34 31.94
CA LEU A 20 23.95 -11.42 30.48
C LEU A 20 24.31 -10.11 29.80
N GLN A 21 24.56 -10.16 28.49
CA GLN A 21 24.91 -8.97 27.72
C GLN A 21 24.10 -8.86 26.42
N TYR A 22 23.61 -7.65 26.12
CA TYR A 22 22.88 -7.39 24.88
C TYR A 22 23.79 -6.63 23.91
N MET A 23 23.67 -6.98 22.63
CA MET A 23 24.42 -6.31 21.57
C MET A 23 23.41 -5.80 20.52
N LEU A 24 23.77 -4.74 19.78
CA LEU A 24 22.93 -4.22 18.73
C LEU A 24 23.71 -4.12 17.42
N LEU A 25 23.36 -5.02 16.51
CA LEU A 25 23.92 -5.07 15.17
C LEU A 25 22.91 -4.51 14.17
N SER A 26 23.28 -4.53 12.88
CA SER A 26 22.59 -3.82 11.82
C SER A 26 22.29 -2.39 12.23
N GLN A 27 21.00 -2.07 12.27
CA GLN A 27 20.45 -0.76 12.42
C GLN A 27 20.84 0.10 11.23
N THR A 28 20.11 -0.14 10.14
CA THR A 28 20.23 0.56 8.87
C THR A 28 18.97 0.27 8.07
N GLY A 29 18.69 1.07 7.03
CA GLY A 29 17.51 0.92 6.22
C GLY A 29 16.93 2.28 5.90
N PRO A 30 15.70 2.32 5.34
CA PRO A 30 14.99 3.55 5.09
C PRO A 30 14.54 4.18 6.40
N VAL A 31 14.06 5.43 6.31
CA VAL A 31 13.67 6.23 7.45
C VAL A 31 12.44 5.71 8.19
N HIS A 32 11.72 4.73 7.62
CA HIS A 32 10.47 4.26 8.19
C HIS A 32 10.36 2.72 8.21
N ALA A 33 11.39 2.02 7.75
CA ALA A 33 11.47 0.57 7.90
C ALA A 33 12.91 0.14 8.24
N PRO A 34 13.44 0.63 9.38
CA PRO A 34 14.78 0.32 9.85
C PRO A 34 14.86 -1.09 10.41
N LEU A 35 15.99 -1.77 10.22
CA LEU A 35 16.18 -3.12 10.73
C LEU A 35 17.29 -3.16 11.78
N PHE A 36 16.95 -3.68 12.95
CA PHE A 36 17.89 -3.81 14.05
C PHE A 36 18.07 -5.30 14.33
N VAL A 37 19.31 -5.74 14.53
CA VAL A 37 19.52 -7.13 14.92
C VAL A 37 20.26 -7.19 16.23
N MET A 38 19.52 -7.51 17.29
CA MET A 38 20.08 -7.52 18.63
C MET A 38 20.53 -8.93 18.92
N SER A 39 21.72 -9.08 19.50
CA SER A 39 22.26 -10.38 19.81
C SER A 39 22.50 -10.41 21.32
N VAL A 40 22.02 -11.46 21.97
CA VAL A 40 22.07 -11.56 23.41
C VAL A 40 22.96 -12.72 23.83
N GLU A 41 23.81 -12.49 24.84
CA GLU A 41 24.85 -13.42 25.22
C GLU A 41 24.72 -13.86 26.67
N VAL A 42 24.69 -15.18 26.88
CA VAL A 42 24.67 -15.78 28.21
C VAL A 42 25.66 -16.95 28.21
N ASN A 43 26.53 -17.03 29.21
CA ASN A 43 27.52 -18.11 29.38
C ASN A 43 28.39 -18.41 28.16
N GLY A 44 28.34 -17.56 27.11
CA GLY A 44 29.15 -17.77 25.90
C GLY A 44 28.30 -18.18 24.70
N GLN A 45 26.97 -18.22 24.88
CA GLN A 45 26.05 -18.52 23.81
C GLN A 45 25.40 -17.20 23.42
N VAL A 46 25.32 -16.95 22.12
CA VAL A 46 24.81 -15.70 21.61
C VAL A 46 23.72 -15.99 20.59
N PHE A 47 22.61 -15.28 20.70
CA PHE A 47 21.47 -15.47 19.81
C PHE A 47 20.98 -14.12 19.30
N GLU A 48 20.72 -14.07 17.99
CA GLU A 48 20.49 -12.82 17.28
C GLU A 48 19.04 -12.73 16.82
N GLY A 49 18.42 -11.55 16.96
CA GLY A 49 17.03 -11.37 16.58
C GLY A 49 16.87 -10.09 15.77
N SER A 50 16.11 -10.17 14.67
CA SER A 50 15.96 -9.10 13.70
C SER A 50 14.56 -8.49 13.75
N GLY A 51 14.46 -7.29 14.34
CA GLY A 51 13.20 -6.58 14.39
C GLY A 51 13.33 -5.09 14.08
N PRO A 52 12.23 -4.47 13.66
CA PRO A 52 12.13 -3.03 13.54
C PRO A 52 12.09 -2.48 14.96
N THR A 53 12.84 -1.40 15.20
CA THR A 53 13.07 -0.87 16.54
C THR A 53 13.69 -1.89 17.50
N LYS A 54 14.40 -1.40 18.52
CA LYS A 54 15.17 -2.25 19.42
C LYS A 54 14.29 -3.17 20.26
N LYS A 55 13.01 -2.83 20.44
CA LYS A 55 12.12 -3.57 21.34
C LYS A 55 12.03 -5.03 20.90
N LYS A 56 11.35 -5.26 19.76
CA LYS A 56 11.14 -6.58 19.20
C LYS A 56 12.45 -7.35 18.96
N ALA A 57 13.51 -6.67 18.53
CA ALA A 57 14.79 -7.31 18.31
C ALA A 57 15.29 -8.02 19.58
N LYS A 58 15.50 -7.24 20.66
CA LYS A 58 16.00 -7.77 21.91
C LYS A 58 15.05 -8.84 22.47
N LEU A 59 13.74 -8.65 22.24
CA LEU A 59 12.71 -9.59 22.64
C LEU A 59 12.98 -10.96 22.06
N HIS A 60 12.99 -11.07 20.73
CA HIS A 60 13.23 -12.33 20.04
C HIS A 60 14.56 -12.93 20.46
N ALA A 61 15.60 -12.08 20.56
CA ALA A 61 16.90 -12.52 21.02
C ALA A 61 16.80 -13.18 22.39
N ALA A 62 16.12 -12.52 23.33
CA ALA A 62 15.92 -13.00 24.68
C ALA A 62 15.24 -14.38 24.68
N GLU A 63 14.18 -14.53 23.89
CA GLU A 63 13.46 -15.80 23.73
C GLU A 63 14.41 -16.92 23.30
N LYS A 64 15.13 -16.70 22.19
CA LYS A 64 16.06 -17.70 21.69
C LYS A 64 17.07 -18.08 22.78
N ALA A 65 17.82 -17.10 23.27
CA ALA A 65 18.84 -17.33 24.29
C ALA A 65 18.25 -17.95 25.55
N LEU A 66 17.03 -17.59 25.93
CA LEU A 66 16.34 -18.24 27.04
C LEU A 66 16.28 -19.74 26.77
N ARG A 67 15.68 -20.14 25.66
CA ARG A 67 15.48 -21.55 25.37
C ARG A 67 16.79 -22.32 25.23
N SER A 68 17.83 -21.67 24.69
CA SER A 68 19.13 -22.31 24.58
C SER A 68 19.80 -22.42 25.96
N PHE A 69 19.81 -21.31 26.70
CA PHE A 69 20.43 -21.20 28.00
C PHE A 69 19.88 -22.19 29.02
N VAL A 70 18.56 -22.43 29.01
CA VAL A 70 17.98 -23.42 29.93
C VAL A 70 18.59 -24.81 29.74
N GLN A 71 19.29 -25.05 28.62
CA GLN A 71 19.95 -26.33 28.37
C GLN A 71 21.45 -26.24 28.67
N PHE A 72 21.96 -25.03 28.89
CA PHE A 72 23.36 -24.81 29.24
C PHE A 72 23.51 -23.64 30.21
N PRO A 73 22.87 -23.71 31.38
CA PRO A 73 22.96 -22.71 32.44
C PRO A 73 24.34 -22.75 33.10
N ASN A 74 25.12 -23.78 32.75
CA ASN A 74 26.50 -23.99 33.18
C ASN A 74 27.14 -24.95 32.19
N ALA A 75 28.47 -25.06 32.19
CA ALA A 75 29.15 -25.97 31.28
C ALA A 75 30.51 -26.40 31.82
N SER A 76 30.99 -27.56 31.37
CA SER A 76 32.28 -28.12 31.76
C SER A 76 32.79 -29.12 30.72
N GLU A 77 32.06 -29.29 29.61
CA GLU A 77 32.40 -30.24 28.58
C GLU A 77 31.80 -29.80 27.24
N ALA A 78 32.38 -30.27 26.13
CA ALA A 78 31.91 -29.97 24.79
C ALA A 78 32.32 -31.10 23.83
N HIS A 79 31.72 -31.12 22.64
CA HIS A 79 32.00 -32.13 21.62
C HIS A 79 31.65 -31.63 20.21
N LEU A 80 31.75 -32.52 19.23
CA LEU A 80 31.49 -32.20 17.83
C LEU A 80 30.78 -33.38 17.15
N ALA A 81 30.23 -34.30 17.94
CA ALA A 81 29.56 -35.49 17.46
C ALA A 81 28.15 -35.19 16.92
N MET A 82 27.83 -33.92 16.66
CA MET A 82 26.51 -33.53 16.18
C MET A 82 26.61 -32.42 15.15
N GLY A 83 25.49 -32.08 14.52
CA GLY A 83 25.43 -31.08 13.47
C GLY A 83 24.00 -30.81 13.03
N ARG A 84 23.85 -30.08 11.91
CA ARG A 84 22.54 -29.72 11.39
C ARG A 84 22.57 -29.74 9.86
N THR A 85 21.40 -29.75 9.22
CA THR A 85 21.27 -29.85 7.77
C THR A 85 20.05 -29.05 7.30
N LEU A 86 19.69 -29.21 6.02
CA LEU A 86 18.59 -28.49 5.41
C LEU A 86 17.66 -29.42 4.64
N SER A 87 16.55 -28.88 4.13
CA SER A 87 15.56 -29.67 3.41
C SER A 87 14.85 -28.83 2.35
N VAL A 88 13.96 -29.49 1.58
CA VAL A 88 13.19 -28.86 0.51
C VAL A 88 11.81 -29.49 0.41
N ASN A 89 11.54 -30.47 1.29
CA ASN A 89 10.27 -31.17 1.35
C ASN A 89 9.13 -30.29 1.89
N THR A 90 9.28 -28.97 1.80
CA THR A 90 8.29 -28.02 2.31
C THR A 90 7.96 -26.97 1.25
N ASP A 91 8.44 -27.16 0.01
CA ASP A 91 8.15 -26.26 -1.10
C ASP A 91 6.67 -26.30 -1.50
N PHE A 92 5.87 -27.16 -0.86
CA PHE A 92 4.46 -27.33 -1.17
C PHE A 92 3.69 -27.69 0.11
N THR A 93 2.36 -27.69 0.05
CA THR A 93 1.50 -27.99 1.19
C THR A 93 0.20 -28.63 0.72
N SER A 94 -0.61 -29.08 1.68
CA SER A 94 -1.88 -29.77 1.41
C SER A 94 -2.98 -29.33 2.36
N ASP A 95 -2.80 -28.20 3.05
CA ASP A 95 -3.78 -27.68 3.99
C ASP A 95 -3.78 -26.15 3.96
N GLN A 96 -4.83 -25.54 4.51
CA GLN A 96 -5.00 -24.10 4.54
C GLN A 96 -5.95 -23.69 5.67
N ALA A 97 -6.19 -22.38 5.81
CA ALA A 97 -7.06 -21.86 6.85
C ALA A 97 -7.85 -20.64 6.35
N ASP A 98 -7.93 -20.48 5.02
CA ASP A 98 -8.62 -19.37 4.39
C ASP A 98 -9.19 -19.79 3.04
N PHE A 99 -10.01 -18.94 2.41
CA PHE A 99 -10.69 -19.24 1.16
C PHE A 99 -10.80 -17.98 0.30
N PRO A 100 -10.93 -18.13 -1.03
CA PRO A 100 -11.06 -17.04 -1.98
C PRO A 100 -12.43 -16.36 -1.85
N ASP A 101 -12.58 -15.21 -2.52
CA ASP A 101 -13.80 -14.40 -2.44
C ASP A 101 -14.01 -13.56 -3.70
N THR A 102 -13.23 -13.82 -4.76
CA THR A 102 -13.29 -13.08 -6.01
C THR A 102 -14.65 -13.20 -6.69
N LEU A 103 -14.96 -12.27 -7.62
CA LEU A 103 -16.20 -12.27 -8.36
C LEU A 103 -16.32 -13.49 -9.28
N PHE A 104 -17.54 -13.74 -9.77
CA PHE A 104 -17.83 -14.87 -10.65
C PHE A 104 -18.95 -14.55 -11.64
N ASN A 105 -19.48 -13.32 -11.62
CA ASN A 105 -20.55 -12.94 -12.53
C ASN A 105 -20.55 -11.42 -12.74
N GLY A 106 -21.33 -10.95 -13.73
CA GLY A 106 -21.45 -9.53 -14.04
C GLY A 106 -22.36 -9.34 -15.25
N PHE A 107 -22.87 -8.11 -15.43
CA PHE A 107 -23.85 -7.82 -16.47
C PHE A 107 -23.73 -6.37 -16.95
N GLU A 108 -24.52 -5.99 -17.97
CA GLU A 108 -24.53 -4.65 -18.53
C GLU A 108 -25.94 -4.33 -19.05
N THR A 109 -26.39 -3.09 -18.87
CA THR A 109 -27.73 -2.69 -19.29
C THR A 109 -27.89 -2.89 -20.80
N PRO A 110 -28.93 -3.59 -21.24
CA PRO A 110 -29.15 -3.95 -22.64
C PRO A 110 -29.60 -2.77 -23.49
N ASP A 111 -29.92 -1.62 -22.88
CA ASP A 111 -30.42 -0.47 -23.63
C ASP A 111 -30.15 0.83 -22.87
N LYS A 112 -30.51 1.98 -23.45
CA LYS A 112 -30.35 3.29 -22.85
C LYS A 112 -31.09 3.40 -21.51
N SER A 113 -32.03 2.49 -21.25
CA SER A 113 -32.78 2.46 -20.00
C SER A 113 -33.26 1.03 -19.70
N GLU A 114 -33.88 0.82 -18.54
CA GLU A 114 -34.39 -0.50 -18.16
C GLU A 114 -35.39 -1.01 -19.21
N PRO A 115 -35.42 -2.32 -19.47
CA PRO A 115 -36.32 -2.95 -20.42
C PRO A 115 -37.74 -3.06 -19.84
N PRO A 116 -38.74 -3.35 -20.69
CA PRO A 116 -40.11 -3.60 -20.28
C PRO A 116 -40.23 -4.69 -19.22
N PHE A 117 -41.38 -4.73 -18.54
CA PHE A 117 -41.65 -5.71 -17.51
C PHE A 117 -43.12 -6.17 -17.56
N TYR A 118 -43.81 -5.89 -18.66
CA TYR A 118 -45.24 -6.19 -18.80
C TYR A 118 -45.56 -6.74 -20.19
N VAL A 119 -44.55 -7.20 -20.94
CA VAL A 119 -44.73 -7.73 -22.28
C VAL A 119 -43.76 -8.89 -22.53
N GLY A 120 -43.87 -9.51 -23.71
CA GLY A 120 -43.04 -10.65 -24.06
C GLY A 120 -42.95 -10.84 -25.57
N SER A 121 -43.12 -9.75 -26.33
CA SER A 121 -43.13 -9.77 -27.79
C SER A 121 -42.39 -8.57 -28.36
N ASN A 122 -41.39 -8.07 -27.61
CA ASN A 122 -40.65 -6.87 -27.97
C ASN A 122 -39.14 -7.11 -27.90
N GLY A 123 -38.72 -8.37 -27.80
CA GLY A 123 -37.31 -8.75 -27.72
C GLY A 123 -37.16 -10.27 -27.63
N ASP A 124 -35.92 -10.76 -27.58
CA ASP A 124 -35.64 -12.18 -27.55
C ASP A 124 -34.28 -12.47 -26.89
N ASP A 125 -33.69 -11.47 -26.23
CA ASP A 125 -32.36 -11.57 -25.65
C ASP A 125 -32.27 -10.83 -24.32
N SER A 126 -33.40 -10.75 -23.58
CA SER A 126 -33.46 -10.02 -22.31
C SER A 126 -34.21 -10.82 -21.25
N PHE A 127 -34.42 -12.13 -21.49
CA PHE A 127 -35.11 -13.01 -20.55
C PHE A 127 -34.55 -14.42 -20.62
N SER A 128 -33.33 -14.59 -21.14
CA SER A 128 -32.70 -15.88 -21.32
C SER A 128 -31.24 -15.86 -20.88
N SER A 129 -30.84 -14.84 -20.10
CA SER A 129 -29.49 -14.72 -19.57
C SER A 129 -29.51 -13.91 -18.27
N SER A 130 -28.36 -13.86 -17.58
CA SER A 130 -28.24 -13.17 -16.30
C SER A 130 -26.81 -12.62 -16.10
N GLY A 131 -25.96 -12.74 -17.12
CA GLY A 131 -24.60 -12.23 -17.08
C GLY A 131 -23.82 -12.64 -18.32
N ASP A 132 -22.66 -12.01 -18.52
CA ASP A 132 -21.82 -12.30 -19.68
C ASP A 132 -20.36 -11.91 -19.45
N VAL A 133 -20.00 -11.51 -18.23
CA VAL A 133 -18.63 -11.07 -17.93
C VAL A 133 -18.29 -11.34 -16.46
N SER A 134 -17.01 -11.64 -16.19
CA SER A 134 -16.52 -11.91 -14.84
C SER A 134 -15.04 -11.54 -14.69
N LEU A 135 -14.46 -10.87 -15.71
CA LEU A 135 -13.03 -10.57 -15.74
C LEU A 135 -12.78 -9.13 -16.21
N SER A 136 -13.81 -8.28 -16.19
CA SER A 136 -13.70 -6.90 -16.64
C SER A 136 -14.64 -6.00 -15.84
N ALA A 137 -14.52 -4.68 -16.04
CA ALA A 137 -15.31 -3.67 -15.35
C ALA A 137 -15.75 -2.58 -16.33
N SER A 138 -15.70 -2.88 -17.63
CA SER A 138 -16.08 -1.93 -18.68
C SER A 138 -17.58 -1.60 -18.72
N PRO A 139 -18.50 -2.47 -18.26
CA PRO A 139 -19.93 -2.16 -18.18
C PRO A 139 -20.27 -0.82 -17.55
N VAL A 140 -21.52 -0.40 -17.72
CA VAL A 140 -22.01 0.89 -17.24
C VAL A 140 -23.40 0.78 -16.61
N PRO A 141 -23.57 -0.13 -15.64
CA PRO A 141 -24.85 -0.37 -14.97
C PRO A 141 -25.25 0.84 -14.11
N ALA A 142 -26.40 0.76 -13.44
CA ALA A 142 -26.93 1.84 -12.62
C ALA A 142 -27.55 1.28 -11.34
N SER A 143 -28.09 2.17 -10.51
CA SER A 143 -28.66 1.80 -9.21
C SER A 143 -29.95 2.58 -8.92
N LEU A 144 -30.49 3.25 -9.93
CA LEU A 144 -31.73 4.02 -9.84
C LEU A 144 -31.72 5.01 -8.68
N THR A 145 -30.53 5.46 -8.27
CA THR A 145 -30.35 6.41 -7.17
C THR A 145 -29.35 7.49 -7.59
N GLN A 146 -28.72 7.32 -8.75
CA GLN A 146 -27.76 8.26 -9.33
C GLN A 146 -27.71 8.00 -10.85
N PRO A 147 -27.53 9.04 -11.68
CA PRO A 147 -27.40 8.90 -13.12
C PRO A 147 -26.39 7.82 -13.50
N PRO A 148 -26.58 7.16 -14.66
CA PRO A 148 -25.77 6.06 -15.12
C PRO A 148 -24.40 6.51 -15.63
N LEU A 149 -24.11 7.81 -15.60
CA LEU A 149 -22.84 8.31 -16.09
C LEU A 149 -21.70 7.76 -15.22
N PRO A 150 -20.52 7.51 -15.80
CA PRO A 150 -19.31 7.11 -15.09
C PRO A 150 -18.84 8.11 -14.03
N ILE A 151 -19.59 9.19 -13.80
CA ILE A 151 -19.19 10.26 -12.90
C ILE A 151 -20.43 10.84 -12.20
N PRO A 152 -20.31 11.26 -10.92
CA PRO A 152 -21.33 12.02 -10.23
C PRO A 152 -21.74 13.28 -11.01
N PRO A 153 -22.85 13.93 -10.64
CA PRO A 153 -23.28 15.15 -11.30
C PRO A 153 -22.29 16.28 -11.02
N PRO A 154 -22.31 17.35 -11.83
CA PRO A 154 -21.44 18.51 -11.70
C PRO A 154 -21.48 19.14 -10.31
N PHE A 155 -20.40 19.85 -9.96
CA PHE A 155 -20.27 20.61 -8.71
C PHE A 155 -19.46 21.87 -8.96
N PRO A 156 -19.68 22.93 -8.15
CA PRO A 156 -18.96 24.17 -8.27
C PRO A 156 -17.54 24.02 -7.76
N PRO A 157 -16.55 24.61 -8.45
CA PRO A 157 -15.16 24.58 -8.03
C PRO A 157 -14.91 25.59 -6.91
N PRO A 158 -13.77 25.50 -6.22
CA PRO A 158 -13.36 26.45 -5.20
C PRO A 158 -13.02 27.80 -5.84
N SER A 159 -12.78 28.81 -5.00
CA SER A 159 -12.48 30.16 -5.49
C SER A 159 -11.45 30.87 -4.62
N GLY A 160 -10.80 30.14 -3.71
CA GLY A 160 -9.78 30.70 -2.83
C GLY A 160 -9.22 29.64 -1.89
N LYS A 161 -10.02 28.64 -1.55
CA LYS A 161 -9.60 27.50 -0.73
C LYS A 161 -8.78 26.53 -1.58
N ASN A 162 -8.24 25.51 -0.94
CA ASN A 162 -7.51 24.44 -1.61
C ASN A 162 -7.77 23.12 -0.89
N PRO A 163 -8.65 22.28 -1.46
CA PRO A 163 -9.18 21.08 -0.82
C PRO A 163 -8.23 19.89 -0.98
N VAL A 164 -7.21 20.01 -1.82
CA VAL A 164 -6.28 18.93 -2.05
C VAL A 164 -5.56 18.55 -0.77
N MET A 165 -5.20 19.55 0.06
CA MET A 165 -4.47 19.25 1.29
C MET A 165 -5.43 18.85 2.41
N ILE A 166 -6.58 19.51 2.52
CA ILE A 166 -7.51 19.21 3.60
C ILE A 166 -7.85 17.73 3.53
N LEU A 167 -8.21 17.30 2.33
CA LEU A 167 -8.55 15.92 2.03
C LEU A 167 -7.31 15.05 2.27
N ASN A 168 -6.16 15.45 1.75
CA ASN A 168 -4.91 14.73 1.92
C ASN A 168 -4.36 14.86 3.34
N GLU A 169 -5.15 15.39 4.29
CA GLU A 169 -4.74 15.46 5.69
C GLU A 169 -5.87 14.99 6.60
N LEU A 170 -7.10 14.84 6.07
CA LEU A 170 -8.19 14.24 6.83
C LEU A 170 -8.38 12.78 6.47
N ARG A 171 -8.11 12.42 5.21
CA ARG A 171 -8.27 11.06 4.72
C ARG A 171 -7.46 10.84 3.45
N PRO A 172 -6.12 10.86 3.55
CA PRO A 172 -5.20 10.70 2.43
C PRO A 172 -5.20 9.27 1.85
N GLY A 173 -6.19 8.46 2.21
CA GLY A 173 -6.24 7.07 1.81
C GLY A 173 -6.86 6.87 0.43
N LEU A 174 -6.39 7.63 -0.56
CA LEU A 174 -6.94 7.63 -1.90
C LEU A 174 -5.84 7.55 -2.95
N LYS A 175 -6.24 7.72 -4.21
CA LYS A 175 -5.35 7.72 -5.35
C LYS A 175 -5.91 8.69 -6.38
N TYR A 176 -5.06 9.24 -7.25
CA TYR A 176 -5.49 10.20 -8.26
C TYR A 176 -4.97 9.81 -9.63
N ASP A 177 -5.67 10.27 -10.67
CA ASP A 177 -5.23 10.10 -12.04
C ASP A 177 -5.41 11.41 -12.79
N PHE A 178 -4.77 11.51 -13.95
CA PHE A 178 -4.81 12.72 -14.76
C PHE A 178 -5.33 12.36 -16.14
N LEU A 179 -6.12 13.27 -16.72
CA LEU A 179 -6.81 13.02 -17.97
C LEU A 179 -6.54 14.15 -18.96
N SER A 180 -6.76 13.83 -20.23
CA SER A 180 -6.35 14.59 -21.41
C SER A 180 -6.71 16.07 -21.44
N GLU A 181 -6.13 16.74 -22.45
CA GLU A 181 -6.32 18.17 -22.65
C GLU A 181 -7.13 18.44 -23.92
N SER A 182 -7.31 19.70 -24.30
CA SER A 182 -8.17 20.06 -25.43
C SER A 182 -7.58 21.19 -26.29
N GLY A 183 -6.27 21.39 -26.27
CA GLY A 183 -5.63 22.45 -27.07
C GLY A 183 -4.13 22.26 -27.18
N GLU A 184 -3.44 23.14 -27.92
CA GLU A 184 -2.00 23.02 -28.09
C GLU A 184 -1.27 23.55 -26.86
N SER A 185 -1.43 24.85 -26.59
CA SER A 185 -0.84 25.52 -25.42
C SER A 185 -1.75 26.64 -24.93
N HIS A 186 -2.90 26.80 -25.59
CA HIS A 186 -3.87 27.84 -25.25
C HIS A 186 -5.26 27.23 -25.15
N ALA A 187 -6.20 27.97 -24.56
CA ALA A 187 -7.55 27.49 -24.31
C ALA A 187 -7.58 26.06 -23.73
N LYS A 188 -6.50 25.65 -23.06
CA LYS A 188 -6.38 24.31 -22.51
C LYS A 188 -7.45 24.02 -21.46
N SER A 189 -7.76 22.73 -21.30
CA SER A 189 -8.78 22.27 -20.36
C SER A 189 -8.43 20.87 -19.86
N PHE A 190 -7.32 20.77 -19.12
CA PHE A 190 -6.87 19.51 -18.54
C PHE A 190 -7.89 19.00 -17.54
N VAL A 191 -7.74 17.76 -17.07
CA VAL A 191 -8.61 17.23 -16.04
C VAL A 191 -7.88 16.21 -15.16
N MET A 192 -8.42 16.00 -13.96
CA MET A 192 -7.92 15.00 -13.03
C MET A 192 -9.09 14.13 -12.64
N SER A 193 -8.81 12.88 -12.28
CA SER A 193 -9.81 12.03 -11.65
C SER A 193 -9.22 11.49 -10.36
N VAL A 194 -10.04 10.81 -9.57
CA VAL A 194 -9.63 10.27 -8.30
C VAL A 194 -10.44 9.02 -7.99
N VAL A 195 -9.92 8.21 -7.06
CA VAL A 195 -10.68 7.10 -6.51
C VAL A 195 -10.49 7.14 -5.01
N VAL A 196 -11.59 7.11 -4.26
CA VAL A 196 -11.55 7.33 -2.82
C VAL A 196 -12.58 6.40 -2.16
N ASP A 197 -12.14 5.55 -1.23
CA ASP A 197 -13.01 4.58 -0.58
C ASP A 197 -13.74 3.65 -1.57
N GLY A 198 -13.45 3.78 -2.88
CA GLY A 198 -14.08 2.97 -3.91
C GLY A 198 -14.89 3.82 -4.86
N GLN A 199 -15.25 5.04 -4.44
CA GLN A 199 -15.96 5.98 -5.28
C GLN A 199 -15.02 6.57 -6.33
N PHE A 200 -15.56 7.34 -7.28
CA PHE A 200 -14.79 7.92 -8.35
C PHE A 200 -15.21 9.37 -8.59
N PHE A 201 -14.21 10.24 -8.76
CA PHE A 201 -14.45 11.66 -8.99
C PHE A 201 -13.59 12.18 -10.12
N GLU A 202 -13.94 13.36 -10.65
CA GLU A 202 -13.20 13.97 -11.75
C GLU A 202 -13.42 15.48 -11.71
N GLY A 203 -12.54 16.25 -12.37
CA GLY A 203 -12.65 17.70 -12.40
C GLY A 203 -11.69 18.26 -13.43
N SER A 204 -12.15 19.24 -14.22
CA SER A 204 -11.33 19.85 -15.26
C SER A 204 -10.86 21.24 -14.87
N GLY A 205 -9.95 21.81 -15.66
CA GLY A 205 -9.42 23.13 -15.40
C GLY A 205 -8.39 23.56 -16.43
N ARG A 206 -8.07 24.87 -16.43
CA ARG A 206 -7.08 25.46 -17.32
C ARG A 206 -5.67 24.96 -17.03
N ASN A 207 -5.46 24.33 -15.88
CA ASN A 207 -4.16 23.79 -15.50
C ASN A 207 -4.36 22.62 -14.56
N LYS A 208 -3.31 21.83 -14.33
CA LYS A 208 -3.40 20.62 -13.52
C LYS A 208 -3.81 20.91 -12.08
N LYS A 209 -3.49 22.11 -11.55
CA LYS A 209 -3.77 22.45 -10.16
C LYS A 209 -5.25 22.67 -9.95
N LEU A 210 -5.86 23.41 -10.89
CA LEU A 210 -7.26 23.81 -10.82
C LEU A 210 -8.14 22.57 -11.01
N ALA A 211 -7.74 21.69 -11.93
CA ALA A 211 -8.43 20.45 -12.19
C ALA A 211 -8.44 19.54 -10.96
N LYS A 212 -7.31 19.43 -10.25
CA LYS A 212 -7.24 18.63 -9.03
C LYS A 212 -8.03 19.29 -7.90
N ALA A 213 -8.11 20.62 -7.90
CA ALA A 213 -8.86 21.34 -6.88
C ALA A 213 -10.37 21.09 -7.04
N ARG A 214 -10.81 20.77 -8.26
CA ARG A 214 -12.23 20.50 -8.50
C ARG A 214 -12.54 19.03 -8.25
N ALA A 215 -11.70 18.12 -8.77
CA ALA A 215 -11.85 16.69 -8.52
C ALA A 215 -11.72 16.37 -7.03
N ALA A 216 -10.84 17.07 -6.33
CA ALA A 216 -10.64 16.86 -4.90
C ALA A 216 -11.82 17.43 -4.11
N GLN A 217 -12.14 18.70 -4.33
CA GLN A 217 -13.37 19.31 -3.81
C GLN A 217 -14.55 18.35 -3.92
N SER A 218 -14.72 17.66 -5.06
CA SER A 218 -15.85 16.73 -5.21
C SER A 218 -15.66 15.51 -4.33
N ALA A 219 -14.44 14.97 -4.28
CA ALA A 219 -14.14 13.79 -3.50
C ALA A 219 -14.31 14.06 -2.01
N LEU A 220 -13.82 15.22 -1.54
CA LEU A 220 -13.93 15.60 -0.15
C LEU A 220 -15.41 15.67 0.27
N ALA A 221 -16.20 16.55 -0.36
CA ALA A 221 -17.58 16.76 0.04
C ALA A 221 -18.38 15.45 0.09
N THR A 222 -18.24 14.60 -0.94
CA THR A 222 -19.01 13.37 -1.01
C THR A 222 -18.57 12.32 0.00
N VAL A 223 -17.27 12.06 0.13
CA VAL A 223 -16.79 10.96 0.96
C VAL A 223 -16.76 11.39 2.42
N PHE A 224 -16.58 12.69 2.70
CA PHE A 224 -16.51 13.19 4.07
C PHE A 224 -17.90 13.55 4.56
N ASN A 225 -18.96 13.35 3.76
CA ASN A 225 -20.32 13.70 4.11
C ASN A 225 -20.47 15.17 4.53
N LEU A 226 -19.59 16.02 3.99
CA LEU A 226 -19.50 17.43 4.35
C LEU A 226 -19.45 18.29 3.09
N HIS A 227 -19.08 19.57 3.23
CA HIS A 227 -19.06 20.49 2.11
C HIS A 227 -17.83 21.40 2.20
N LEU A 228 -17.77 22.45 1.35
CA LEU A 228 -16.58 23.31 1.28
C LEU A 228 -16.97 24.77 1.02
N LEU A 229 -18.26 25.07 0.89
CA LEU A 229 -18.72 26.41 0.55
C LEU A 229 -19.89 26.84 1.44
N GLU A 230 -19.97 26.25 2.65
CA GLU A 230 -21.04 26.57 3.60
C GLU A 230 -20.47 27.05 4.94
N HIS A 231 -19.14 27.27 4.99
CA HIS A 231 -18.46 27.76 6.17
C HIS A 231 -17.15 28.45 5.77
N HIS A 232 -16.58 29.25 6.67
CA HIS A 232 -15.35 29.99 6.39
C HIS A 232 -14.61 30.38 7.65
N HIS A 233 -15.03 29.88 8.82
CA HIS A 233 -14.44 30.26 10.10
C HIS A 233 -14.42 29.09 11.08
N HIS A 234 -14.54 27.86 10.57
CA HIS A 234 -14.51 26.66 11.40
C HIS A 234 -13.22 26.54 12.21
N HIS A 235 -12.19 27.31 11.82
CA HIS A 235 -10.91 27.39 12.51
C HIS A 235 -10.25 28.72 12.17
N HIS A 236 -9.29 29.16 12.99
CA HIS A 236 -8.59 30.43 12.78
C HIS A 236 -7.23 30.39 13.44
N PRO A 1 4.30 -18.13 21.27
CA PRO A 1 5.44 -17.31 21.73
C PRO A 1 5.71 -16.13 20.79
N GLY A 2 5.60 -14.91 21.31
CA GLY A 2 5.84 -13.70 20.53
C GLY A 2 5.55 -12.46 21.37
N PRO A 3 5.67 -11.27 20.75
CA PRO A 3 5.40 -9.98 21.35
C PRO A 3 4.00 -9.83 21.97
N VAL A 4 3.17 -10.87 21.92
CA VAL A 4 1.83 -10.85 22.50
C VAL A 4 1.88 -11.01 24.02
N LEU A 5 3.04 -11.41 24.56
CA LEU A 5 3.25 -11.59 25.99
C LEU A 5 4.75 -11.52 26.29
N PRO A 6 5.39 -10.36 26.04
CA PRO A 6 6.83 -10.23 26.12
C PRO A 6 7.34 -10.24 27.56
N LYS A 7 6.50 -9.85 28.53
CA LYS A 7 6.91 -9.84 29.92
C LYS A 7 7.41 -11.21 30.35
N ASN A 8 6.86 -12.26 29.74
CA ASN A 8 7.34 -13.62 29.94
C ASN A 8 8.82 -13.70 29.59
N ALA A 9 9.18 -13.39 28.34
CA ALA A 9 10.58 -13.44 27.91
C ALA A 9 11.46 -12.53 28.76
N LEU A 10 10.92 -11.39 29.19
CA LEU A 10 11.70 -10.37 29.88
C LEU A 10 12.05 -10.88 31.27
N MET A 11 11.03 -11.20 32.07
CA MET A 11 11.22 -11.75 33.41
C MET A 11 12.02 -13.05 33.37
N GLN A 12 11.63 -13.98 32.49
CA GLN A 12 12.30 -15.26 32.39
C GLN A 12 13.79 -15.08 32.11
N LEU A 13 14.15 -14.20 31.17
CA LEU A 13 15.56 -13.92 30.94
C LEU A 13 16.21 -13.38 32.21
N ASN A 14 15.58 -12.39 32.86
CA ASN A 14 16.13 -11.79 34.07
C ASN A 14 16.42 -12.86 35.13
N GLU A 15 15.55 -13.88 35.21
CA GLU A 15 15.71 -14.97 36.15
C GLU A 15 16.89 -15.89 35.79
N ILE A 16 16.88 -16.43 34.56
CA ILE A 16 17.87 -17.41 34.12
C ILE A 16 19.30 -16.86 34.11
N LYS A 17 19.46 -15.61 33.64
CA LYS A 17 20.79 -15.04 33.46
C LYS A 17 21.57 -14.89 34.78
N PRO A 18 22.91 -14.93 34.70
CA PRO A 18 23.80 -14.60 35.80
C PRO A 18 24.20 -13.12 35.78
N GLY A 19 24.08 -12.46 34.62
CA GLY A 19 24.54 -11.10 34.45
C GLY A 19 24.78 -10.82 32.96
N LEU A 20 23.80 -11.18 32.12
CA LEU A 20 23.91 -11.19 30.68
C LEU A 20 24.22 -9.85 30.02
N GLN A 21 24.38 -9.86 28.69
CA GLN A 21 24.65 -8.66 27.93
C GLN A 21 23.75 -8.54 26.69
N TYR A 22 23.19 -7.35 26.48
CA TYR A 22 22.46 -7.04 25.25
C TYR A 22 23.34 -6.14 24.39
N MET A 23 23.41 -6.41 23.08
CA MET A 23 24.12 -5.56 22.13
C MET A 23 23.28 -5.34 20.87
N LEU A 24 23.48 -4.19 20.21
CA LEU A 24 22.69 -3.77 19.06
C LEU A 24 23.51 -3.89 17.78
N LEU A 25 22.86 -4.38 16.71
CA LEU A 25 23.53 -4.71 15.46
C LEU A 25 22.61 -4.29 14.30
N SER A 26 23.06 -4.53 13.06
CA SER A 26 22.47 -3.94 11.86
C SER A 26 22.27 -2.45 12.02
N GLN A 27 21.01 -2.03 11.92
CA GLN A 27 20.54 -0.68 11.90
C GLN A 27 20.92 -0.01 10.58
N THR A 28 20.10 -0.30 9.57
CA THR A 28 20.19 0.25 8.22
C THR A 28 18.86 -0.03 7.53
N GLY A 29 18.60 0.66 6.41
CA GLY A 29 17.35 0.50 5.69
C GLY A 29 17.02 1.77 4.91
N PRO A 30 15.82 1.86 4.36
CA PRO A 30 15.33 3.02 3.62
C PRO A 30 15.01 4.19 4.52
N VAL A 31 15.34 4.07 5.80
CA VAL A 31 15.19 5.08 6.81
C VAL A 31 13.74 5.27 7.25
N HIS A 32 12.82 4.48 6.68
CA HIS A 32 11.43 4.49 7.12
C HIS A 32 10.96 3.05 7.35
N ALA A 33 11.83 2.09 7.05
CA ALA A 33 11.67 0.69 7.43
C ALA A 33 13.02 0.16 7.91
N PRO A 34 13.59 0.78 8.95
CA PRO A 34 14.92 0.50 9.45
C PRO A 34 14.94 -0.86 10.15
N LEU A 35 15.98 -1.66 9.91
CA LEU A 35 16.11 -2.97 10.53
C LEU A 35 17.17 -2.93 11.63
N PHE A 36 16.77 -3.34 12.84
CA PHE A 36 17.65 -3.36 13.98
C PHE A 36 17.72 -4.79 14.48
N VAL A 37 18.92 -5.27 14.82
CA VAL A 37 19.02 -6.62 15.34
C VAL A 37 19.76 -6.60 16.67
N MET A 38 19.05 -7.01 17.72
CA MET A 38 19.64 -7.04 19.04
C MET A 38 20.05 -8.47 19.32
N SER A 39 21.25 -8.65 19.84
CA SER A 39 21.75 -9.97 20.14
C SER A 39 22.08 -10.00 21.62
N VAL A 40 21.68 -11.08 22.28
CA VAL A 40 21.77 -11.20 23.72
C VAL A 40 22.74 -12.32 24.05
N GLU A 41 23.56 -12.11 25.08
CA GLU A 41 24.68 -13.00 25.38
C GLU A 41 24.60 -13.50 26.82
N VAL A 42 24.50 -14.83 26.96
CA VAL A 42 24.47 -15.51 28.25
C VAL A 42 25.40 -16.72 28.19
N ASN A 43 26.23 -16.94 29.22
CA ASN A 43 27.19 -18.05 29.28
C ASN A 43 28.15 -18.09 28.07
N GLY A 44 28.12 -17.09 27.19
CA GLY A 44 29.00 -17.05 26.02
C GLY A 44 28.26 -17.46 24.76
N GLN A 45 26.93 -17.66 24.87
CA GLN A 45 26.09 -17.98 23.75
C GLN A 45 25.34 -16.71 23.40
N VAL A 46 25.33 -16.37 22.10
CA VAL A 46 24.74 -15.13 21.64
C VAL A 46 23.63 -15.47 20.66
N PHE A 47 22.49 -14.80 20.82
CA PHE A 47 21.32 -15.05 19.99
C PHE A 47 20.76 -13.72 19.51
N GLU A 48 20.46 -13.64 18.20
CA GLU A 48 20.12 -12.38 17.57
C GLU A 48 18.66 -12.33 17.12
N GLY A 49 17.98 -11.21 17.38
CA GLY A 49 16.58 -11.04 17.00
C GLY A 49 16.39 -9.71 16.28
N SER A 50 15.51 -9.71 15.26
CA SER A 50 15.35 -8.59 14.34
C SER A 50 13.97 -7.94 14.48
N GLY A 51 13.98 -6.63 14.74
CA GLY A 51 12.76 -5.83 14.75
C GLY A 51 12.94 -4.50 14.02
N PRO A 52 11.82 -3.89 13.59
CA PRO A 52 11.82 -2.56 13.01
C PRO A 52 12.06 -1.50 14.10
N THR A 53 12.25 -1.98 15.34
CA THR A 53 12.55 -1.12 16.48
C THR A 53 13.30 -1.98 17.48
N LYS A 54 14.08 -1.35 18.37
CA LYS A 54 14.92 -2.08 19.33
C LYS A 54 14.09 -2.94 20.28
N LYS A 55 12.80 -2.61 20.45
CA LYS A 55 11.92 -3.30 21.39
C LYS A 55 11.81 -4.79 21.08
N LYS A 56 11.10 -5.09 19.98
CA LYS A 56 10.89 -6.46 19.50
C LYS A 56 12.20 -7.19 19.26
N ALA A 57 13.24 -6.47 18.81
CA ALA A 57 14.54 -7.08 18.57
C ALA A 57 15.05 -7.77 19.83
N LYS A 58 15.21 -7.03 20.92
CA LYS A 58 15.73 -7.58 22.18
C LYS A 58 14.80 -8.68 22.70
N LEU A 59 13.49 -8.50 22.52
CA LEU A 59 12.48 -9.48 22.92
C LEU A 59 12.77 -10.83 22.29
N HIS A 60 12.73 -10.87 20.95
CA HIS A 60 12.98 -12.08 20.18
C HIS A 60 14.34 -12.67 20.51
N ALA A 61 15.36 -11.82 20.70
CA ALA A 61 16.67 -12.28 21.10
C ALA A 61 16.60 -13.03 22.43
N ALA A 62 15.98 -12.40 23.44
CA ALA A 62 15.81 -13.02 24.73
C ALA A 62 15.11 -14.37 24.64
N GLU A 63 14.06 -14.44 23.81
CA GLU A 63 13.33 -15.68 23.56
C GLU A 63 14.27 -16.77 23.09
N LYS A 64 14.96 -16.54 21.96
CA LYS A 64 15.87 -17.54 21.43
C LYS A 64 16.89 -17.95 22.49
N ALA A 65 17.53 -16.95 23.12
CA ALA A 65 18.53 -17.18 24.14
C ALA A 65 17.96 -18.01 25.29
N LEU A 66 16.70 -17.80 25.69
CA LEU A 66 16.05 -18.65 26.68
C LEU A 66 16.05 -20.10 26.16
N ARG A 67 15.47 -20.33 24.97
CA ARG A 67 15.28 -21.68 24.45
C ARG A 67 16.60 -22.43 24.42
N SER A 68 17.67 -21.73 24.05
CA SER A 68 18.99 -22.31 23.96
C SER A 68 19.66 -22.47 25.33
N PHE A 69 19.76 -21.37 26.08
CA PHE A 69 20.44 -21.31 27.36
C PHE A 69 19.89 -22.28 28.40
N VAL A 70 18.59 -22.58 28.41
CA VAL A 70 18.06 -23.56 29.36
C VAL A 70 18.78 -24.91 29.26
N GLN A 71 19.53 -25.13 28.19
CA GLN A 71 20.27 -26.38 27.96
C GLN A 71 21.69 -26.28 28.54
N PHE A 72 22.10 -25.07 28.97
CA PHE A 72 23.42 -24.85 29.56
C PHE A 72 23.45 -23.72 30.60
N PRO A 73 22.50 -23.68 31.53
CA PRO A 73 22.42 -22.68 32.58
C PRO A 73 23.52 -22.87 33.63
N ASN A 74 24.10 -24.07 33.71
CA ASN A 74 25.14 -24.35 34.68
C ASN A 74 25.90 -25.63 34.32
N ALA A 75 25.20 -26.59 33.72
CA ALA A 75 25.76 -27.88 33.34
C ALA A 75 24.94 -28.50 32.20
N SER A 76 25.25 -29.76 31.85
CA SER A 76 24.58 -30.48 30.78
C SER A 76 24.34 -31.92 31.20
N GLU A 77 23.56 -32.66 30.40
CA GLU A 77 23.15 -34.03 30.70
C GLU A 77 23.08 -34.88 29.44
N ALA A 78 23.78 -34.47 28.37
CA ALA A 78 23.75 -35.18 27.10
C ALA A 78 25.14 -35.30 26.50
N HIS A 79 25.26 -36.14 25.46
CA HIS A 79 26.52 -36.45 24.79
C HIS A 79 26.28 -36.72 23.32
N LEU A 80 27.37 -36.86 22.56
CA LEU A 80 27.30 -37.11 21.11
C LEU A 80 26.71 -38.49 20.82
N ALA A 81 26.58 -39.35 21.84
CA ALA A 81 26.01 -40.68 21.66
C ALA A 81 24.48 -40.65 21.68
N MET A 82 23.88 -39.50 21.98
CA MET A 82 22.43 -39.34 22.01
C MET A 82 21.86 -39.27 20.58
N GLY A 83 20.53 -39.13 20.50
CA GLY A 83 19.82 -39.05 19.23
C GLY A 83 18.46 -38.38 19.43
N ARG A 84 17.66 -38.35 18.35
CA ARG A 84 16.35 -37.71 18.34
C ARG A 84 15.35 -38.55 17.56
N THR A 85 14.07 -38.17 17.60
CA THR A 85 13.00 -38.90 16.94
C THR A 85 11.88 -37.95 16.51
N LEU A 86 12.18 -36.65 16.42
CA LEU A 86 11.22 -35.62 16.06
C LEU A 86 11.82 -34.66 15.03
N SER A 87 10.97 -33.80 14.46
CA SER A 87 11.37 -32.86 13.42
C SER A 87 10.41 -31.67 13.37
N VAL A 88 10.73 -30.69 12.52
CA VAL A 88 9.94 -29.47 12.35
C VAL A 88 9.93 -29.01 10.88
N ASN A 89 10.48 -29.81 9.97
CA ASN A 89 10.56 -29.46 8.56
C ASN A 89 10.39 -30.69 7.66
N THR A 90 9.72 -31.73 8.17
CA THR A 90 9.42 -32.95 7.43
C THR A 90 7.96 -33.35 7.66
N ASP A 91 7.11 -32.38 8.00
CA ASP A 91 5.71 -32.63 8.29
C ASP A 91 4.84 -31.52 7.69
N PHE A 92 3.52 -31.68 7.79
CA PHE A 92 2.58 -30.73 7.20
C PHE A 92 1.26 -30.76 7.99
N THR A 93 0.34 -29.85 7.63
CA THR A 93 -0.94 -29.70 8.29
C THR A 93 -2.01 -29.32 7.27
N SER A 94 -3.26 -29.23 7.71
CA SER A 94 -4.40 -28.88 6.87
C SER A 94 -5.50 -28.21 7.69
N ASP A 95 -6.50 -27.65 7.00
CA ASP A 95 -7.60 -26.94 7.64
C ASP A 95 -8.87 -27.03 6.79
N GLN A 96 -10.00 -26.57 7.34
CA GLN A 96 -11.30 -26.64 6.67
C GLN A 96 -12.14 -25.40 6.94
N ALA A 97 -11.55 -24.35 7.52
CA ALA A 97 -12.26 -23.11 7.82
C ALA A 97 -12.51 -22.27 6.57
N ASP A 98 -12.19 -22.81 5.38
CA ASP A 98 -12.37 -22.12 4.11
C ASP A 98 -12.61 -23.14 3.00
N PHE A 99 -12.84 -22.65 1.78
CA PHE A 99 -13.10 -23.50 0.63
C PHE A 99 -12.48 -22.88 -0.63
N PRO A 100 -12.00 -23.70 -1.58
CA PRO A 100 -11.41 -23.27 -2.85
C PRO A 100 -12.27 -22.36 -3.72
N ASP A 101 -13.43 -21.90 -3.25
CA ASP A 101 -14.33 -21.06 -4.04
C ASP A 101 -14.90 -19.93 -3.18
N THR A 102 -14.28 -19.68 -2.02
CA THR A 102 -14.72 -18.62 -1.12
C THR A 102 -13.54 -17.81 -0.61
N LEU A 103 -12.33 -18.10 -1.12
CA LEU A 103 -11.12 -17.39 -0.74
C LEU A 103 -11.13 -15.95 -1.26
N PHE A 104 -12.04 -15.62 -2.19
CA PHE A 104 -12.16 -14.28 -2.74
C PHE A 104 -12.70 -13.29 -1.70
N ASN A 105 -12.87 -12.03 -2.10
CA ASN A 105 -13.36 -10.97 -1.24
C ASN A 105 -14.34 -10.04 -1.96
N GLY A 106 -14.78 -10.45 -3.16
CA GLY A 106 -15.72 -9.68 -3.96
C GLY A 106 -16.07 -10.47 -5.23
N PHE A 107 -17.09 -9.99 -5.96
CA PHE A 107 -17.54 -10.64 -7.18
C PHE A 107 -18.21 -9.66 -8.15
N GLU A 108 -18.46 -8.42 -7.71
CA GLU A 108 -19.14 -7.41 -8.53
C GLU A 108 -18.78 -6.01 -8.07
N THR A 109 -19.30 -5.00 -8.77
CA THR A 109 -19.09 -3.59 -8.48
C THR A 109 -20.38 -2.82 -8.73
N PRO A 110 -20.54 -1.62 -8.14
CA PRO A 110 -21.73 -0.81 -8.29
C PRO A 110 -21.88 -0.30 -9.72
N ASP A 111 -23.11 0.07 -10.09
CA ASP A 111 -23.41 0.61 -11.41
C ASP A 111 -22.80 2.01 -11.58
N LYS A 112 -22.87 2.56 -12.80
CA LYS A 112 -22.31 3.85 -13.13
C LYS A 112 -23.35 4.75 -13.84
N SER A 113 -24.63 4.42 -13.69
CA SER A 113 -25.73 5.20 -14.25
C SER A 113 -26.89 5.23 -13.26
N GLU A 114 -26.65 4.79 -12.02
CA GLU A 114 -27.65 4.74 -10.97
C GLU A 114 -28.15 6.13 -10.53
N PRO A 115 -27.31 7.18 -10.49
CA PRO A 115 -27.72 8.53 -10.13
C PRO A 115 -28.97 8.98 -10.89
N PRO A 116 -29.81 9.83 -10.27
CA PRO A 116 -31.04 10.32 -10.87
C PRO A 116 -30.74 11.33 -11.99
N PHE A 117 -31.73 11.60 -12.83
CA PHE A 117 -31.60 12.57 -13.89
C PHE A 117 -32.98 13.15 -14.24
N TYR A 118 -33.00 14.25 -15.00
CA TYR A 118 -34.23 14.89 -15.43
C TYR A 118 -34.98 14.03 -16.42
N VAL A 119 -36.24 14.39 -16.69
CA VAL A 119 -37.12 13.67 -17.60
C VAL A 119 -38.02 14.65 -18.35
N GLY A 120 -38.72 14.16 -19.38
CA GLY A 120 -39.63 14.99 -20.16
C GLY A 120 -40.41 14.17 -21.18
N SER A 121 -41.31 14.85 -21.90
CA SER A 121 -42.17 14.21 -22.90
C SER A 121 -42.59 15.20 -23.98
N ASN A 122 -41.85 16.31 -24.11
CA ASN A 122 -42.19 17.38 -25.05
C ASN A 122 -40.94 17.93 -25.73
N GLY A 123 -39.80 17.26 -25.56
CA GLY A 123 -38.53 17.71 -26.13
C GLY A 123 -37.45 16.64 -26.02
N ASP A 124 -37.83 15.38 -25.82
CA ASP A 124 -36.88 14.30 -25.59
C ASP A 124 -37.28 13.02 -26.34
N ASP A 125 -38.30 13.11 -27.19
CA ASP A 125 -38.80 11.99 -27.97
C ASP A 125 -39.42 12.43 -29.29
N SER A 126 -39.55 13.75 -29.50
CA SER A 126 -40.12 14.30 -30.72
C SER A 126 -39.69 15.75 -30.92
N PHE A 127 -39.81 16.24 -32.17
CA PHE A 127 -39.45 17.60 -32.56
C PHE A 127 -38.10 18.06 -31.98
N SER A 128 -37.20 17.12 -31.70
CA SER A 128 -35.90 17.39 -31.10
C SER A 128 -34.77 17.29 -32.14
N SER A 129 -35.14 17.17 -33.42
CA SER A 129 -34.18 17.05 -34.52
C SER A 129 -34.72 17.77 -35.77
N SER A 130 -35.71 18.65 -35.59
CA SER A 130 -36.36 19.33 -36.71
C SER A 130 -36.80 20.74 -36.32
N GLY A 131 -36.11 21.35 -35.35
CA GLY A 131 -36.44 22.68 -34.87
C GLY A 131 -35.23 23.41 -34.29
N ASP A 132 -35.43 24.67 -33.93
CA ASP A 132 -34.39 25.55 -33.41
C ASP A 132 -33.96 25.18 -31.99
N VAL A 133 -34.67 24.23 -31.37
CA VAL A 133 -34.40 23.81 -29.99
C VAL A 133 -33.01 23.21 -29.83
N SER A 134 -32.35 22.88 -30.94
CA SER A 134 -31.00 22.31 -30.92
C SER A 134 -29.96 23.33 -30.48
N LEU A 135 -30.33 24.62 -30.46
CA LEU A 135 -29.46 25.75 -30.11
C LEU A 135 -28.07 25.70 -30.75
N SER A 136 -27.88 24.91 -31.81
CA SER A 136 -26.59 24.75 -32.46
C SER A 136 -26.72 24.70 -33.99
N ALA A 137 -27.93 24.93 -34.50
CA ALA A 137 -28.19 24.92 -35.93
C ALA A 137 -29.33 25.88 -36.26
N SER A 138 -29.52 26.18 -37.55
CA SER A 138 -30.52 27.14 -37.99
C SER A 138 -31.07 26.72 -39.36
N PRO A 139 -32.28 27.17 -39.70
CA PRO A 139 -32.89 26.89 -40.98
C PRO A 139 -32.16 27.64 -42.09
N VAL A 140 -32.53 27.36 -43.34
CA VAL A 140 -31.91 27.93 -44.54
C VAL A 140 -30.39 27.99 -44.43
N PRO A 141 -29.73 26.83 -44.27
CA PRO A 141 -28.28 26.71 -44.14
C PRO A 141 -27.58 26.91 -45.48
N ALA A 142 -28.33 27.32 -46.52
CA ALA A 142 -27.82 27.52 -47.87
C ALA A 142 -26.84 28.69 -47.97
N SER A 143 -26.33 29.21 -46.85
CA SER A 143 -25.38 30.31 -46.82
C SER A 143 -24.14 29.95 -45.99
N LEU A 144 -24.09 28.73 -45.46
CA LEU A 144 -22.97 28.21 -44.68
C LEU A 144 -22.52 29.15 -43.56
N THR A 145 -23.46 29.94 -43.02
CA THR A 145 -23.17 30.88 -41.94
C THR A 145 -24.35 31.00 -40.98
N GLN A 146 -24.21 31.81 -39.92
CA GLN A 146 -25.21 31.98 -38.89
C GLN A 146 -25.18 33.40 -38.35
N PRO A 147 -26.28 33.88 -37.73
CA PRO A 147 -26.33 35.20 -37.15
C PRO A 147 -25.46 35.28 -35.90
N PRO A 148 -25.12 36.49 -35.45
CA PRO A 148 -24.33 36.72 -34.25
C PRO A 148 -25.15 36.40 -33.01
N LEU A 149 -24.46 36.30 -31.85
CA LEU A 149 -25.10 35.99 -30.58
C LEU A 149 -24.27 36.58 -29.43
N PRO A 150 -24.87 36.70 -28.23
CA PRO A 150 -24.19 37.18 -27.03
C PRO A 150 -22.92 36.39 -26.71
N ILE A 151 -22.07 36.95 -25.85
CA ILE A 151 -20.85 36.28 -25.40
C ILE A 151 -21.23 34.99 -24.65
N PRO A 152 -20.29 34.02 -24.60
CA PRO A 152 -20.48 32.77 -23.87
C PRO A 152 -20.87 32.99 -22.41
N PRO A 153 -21.39 31.96 -21.74
CA PRO A 153 -21.72 31.98 -20.31
C PRO A 153 -20.52 32.45 -19.47
N PRO A 154 -20.75 32.86 -18.22
CA PRO A 154 -19.69 33.34 -17.34
C PRO A 154 -18.74 32.21 -16.99
N PHE A 155 -17.46 32.53 -16.86
CA PHE A 155 -16.41 31.56 -16.57
C PHE A 155 -16.56 31.01 -15.15
N PRO A 156 -16.08 29.78 -14.90
CA PRO A 156 -16.12 29.15 -13.59
C PRO A 156 -15.08 29.78 -12.66
N PRO A 157 -15.22 29.60 -11.35
CA PRO A 157 -14.27 30.11 -10.36
C PRO A 157 -12.95 29.35 -10.41
N PRO A 158 -11.89 29.89 -9.79
CA PRO A 158 -10.59 29.26 -9.72
C PRO A 158 -10.60 28.11 -8.71
N SER A 159 -9.47 27.40 -8.59
CA SER A 159 -9.34 26.28 -7.66
C SER A 159 -7.89 26.16 -7.16
N GLY A 160 -7.65 25.22 -6.25
CA GLY A 160 -6.33 25.04 -5.64
C GLY A 160 -6.22 23.68 -4.93
N LYS A 161 -7.11 22.74 -5.24
CA LYS A 161 -7.16 21.42 -4.60
C LYS A 161 -7.50 20.36 -5.62
N ASN A 162 -7.38 19.08 -5.24
CA ASN A 162 -7.61 17.97 -6.16
C ASN A 162 -8.13 16.74 -5.41
N PRO A 163 -8.71 15.77 -6.12
CA PRO A 163 -9.15 14.50 -5.55
C PRO A 163 -7.95 13.58 -5.33
N VAL A 164 -6.78 13.94 -5.87
CA VAL A 164 -5.59 13.12 -5.76
C VAL A 164 -5.12 13.05 -4.31
N MET A 165 -5.11 14.19 -3.62
CA MET A 165 -4.62 14.24 -2.24
C MET A 165 -5.60 13.55 -1.30
N ILE A 166 -6.90 13.86 -1.41
CA ILE A 166 -7.86 13.25 -0.52
C ILE A 166 -7.78 11.72 -0.62
N LEU A 167 -7.62 11.18 -1.82
CA LEU A 167 -7.43 9.74 -1.97
C LEU A 167 -6.13 9.34 -1.28
N ASN A 168 -5.06 10.06 -1.62
CA ASN A 168 -3.71 9.85 -1.09
C ASN A 168 -3.59 10.24 0.39
N GLU A 169 -4.71 10.49 1.06
CA GLU A 169 -4.71 10.81 2.48
C GLU A 169 -5.89 10.16 3.21
N LEU A 170 -6.74 9.40 2.50
CA LEU A 170 -7.83 8.65 3.13
C LEU A 170 -7.54 7.15 3.06
N ARG A 171 -6.94 6.69 1.95
CA ARG A 171 -6.66 5.28 1.77
C ARG A 171 -5.54 5.06 0.75
N PRO A 172 -4.28 5.34 1.12
CA PRO A 172 -3.12 5.09 0.29
C PRO A 172 -2.93 3.57 0.13
N GLY A 173 -1.88 3.15 -0.59
CA GLY A 173 -1.65 1.74 -0.85
C GLY A 173 -1.93 1.35 -2.29
N LEU A 174 -1.63 2.26 -3.24
CA LEU A 174 -1.94 2.06 -4.63
C LEU A 174 -0.72 2.34 -5.52
N LYS A 175 -0.94 2.22 -6.82
CA LYS A 175 0.07 2.51 -7.83
C LYS A 175 -0.61 3.22 -9.00
N TYR A 176 0.15 4.00 -9.78
CA TYR A 176 -0.39 4.73 -10.91
C TYR A 176 0.48 4.49 -12.14
N ASP A 177 -0.15 4.64 -13.31
CA ASP A 177 0.56 4.56 -14.57
C ASP A 177 0.10 5.67 -15.52
N PHE A 178 0.85 5.90 -16.59
CA PHE A 178 0.54 6.95 -17.54
C PHE A 178 0.38 6.31 -18.92
N LEU A 179 -0.59 6.84 -19.69
CA LEU A 179 -0.94 6.27 -20.97
C LEU A 179 -0.89 7.33 -22.05
N SER A 180 -0.65 6.86 -23.26
CA SER A 180 -0.29 7.61 -24.47
C SER A 180 -1.18 8.80 -24.81
N GLU A 181 -0.73 9.52 -25.83
CA GLU A 181 -1.39 10.74 -26.29
C GLU A 181 -1.65 10.65 -27.80
N SER A 182 -2.50 11.55 -28.33
CA SER A 182 -2.96 11.46 -29.71
C SER A 182 -3.34 12.83 -30.31
N GLY A 183 -2.69 13.92 -29.90
CA GLY A 183 -3.04 15.23 -30.45
C GLY A 183 -1.85 16.15 -30.65
N GLU A 184 -2.11 17.27 -31.35
CA GLU A 184 -1.11 18.28 -31.63
C GLU A 184 -0.83 19.13 -30.39
N SER A 185 0.34 19.77 -30.35
CA SER A 185 0.83 20.48 -29.17
C SER A 185 -0.08 21.60 -28.67
N HIS A 186 -1.12 21.97 -29.43
CA HIS A 186 -2.00 23.07 -29.04
C HIS A 186 -3.40 22.58 -28.71
N ALA A 187 -3.62 21.26 -28.77
CA ALA A 187 -4.90 20.67 -28.43
C ALA A 187 -4.69 19.26 -27.87
N LYS A 188 -3.47 18.98 -27.41
CA LYS A 188 -3.03 17.65 -26.97
C LYS A 188 -3.86 17.12 -25.81
N SER A 189 -3.84 15.80 -25.65
CA SER A 189 -4.55 15.12 -24.57
C SER A 189 -3.69 13.94 -24.13
N PHE A 190 -3.89 13.50 -22.88
CA PHE A 190 -3.11 12.45 -22.29
C PHE A 190 -4.00 11.66 -21.35
N VAL A 191 -3.52 10.56 -20.79
CA VAL A 191 -4.30 9.78 -19.83
C VAL A 191 -3.41 9.12 -18.79
N MET A 192 -4.03 8.71 -17.69
CA MET A 192 -3.38 8.00 -16.62
C MET A 192 -4.23 6.79 -16.28
N SER A 193 -3.62 5.77 -15.70
CA SER A 193 -4.36 4.68 -15.08
C SER A 193 -3.86 4.49 -13.66
N VAL A 194 -4.55 3.63 -12.90
CA VAL A 194 -4.21 3.39 -11.51
C VAL A 194 -4.56 1.96 -11.15
N VAL A 195 -4.04 1.50 -10.01
CA VAL A 195 -4.40 0.22 -9.45
C VAL A 195 -4.57 0.43 -7.96
N VAL A 196 -5.75 0.08 -7.44
CA VAL A 196 -6.10 0.37 -6.05
C VAL A 196 -6.89 -0.80 -5.48
N ASP A 197 -6.43 -1.37 -4.37
CA ASP A 197 -7.08 -2.54 -3.75
C ASP A 197 -7.19 -3.72 -4.73
N GLY A 198 -6.56 -3.62 -5.90
CA GLY A 198 -6.58 -4.69 -6.90
C GLY A 198 -7.39 -4.29 -8.11
N GLN A 199 -8.21 -3.25 -7.95
CA GLN A 199 -9.04 -2.71 -9.01
C GLN A 199 -8.16 -1.94 -10.00
N PHE A 200 -8.74 -1.44 -11.09
CA PHE A 200 -8.00 -0.70 -12.10
C PHE A 200 -8.85 0.47 -12.58
N PHE A 201 -8.21 1.63 -12.74
CA PHE A 201 -8.89 2.85 -13.17
C PHE A 201 -8.13 3.56 -14.27
N GLU A 202 -8.78 4.54 -14.92
CA GLU A 202 -8.18 5.28 -16.01
C GLU A 202 -8.83 6.68 -16.06
N GLY A 203 -8.15 7.67 -16.65
CA GLY A 203 -8.69 9.01 -16.78
C GLY A 203 -7.84 9.86 -17.72
N SER A 204 -8.49 10.58 -18.63
CA SER A 204 -7.80 11.41 -19.60
C SER A 204 -7.93 12.90 -19.25
N GLY A 205 -7.15 13.73 -19.95
CA GLY A 205 -7.17 15.17 -19.73
C GLY A 205 -6.23 15.90 -20.68
N ARG A 206 -6.33 17.24 -20.72
CA ARG A 206 -5.49 18.10 -21.54
C ARG A 206 -4.03 18.12 -21.06
N ASN A 207 -3.79 17.65 -19.83
CA ASN A 207 -2.46 17.60 -19.26
C ASN A 207 -2.39 16.45 -18.25
N LYS A 208 -1.18 16.03 -17.90
CA LYS A 208 -0.99 14.89 -17.00
C LYS A 208 -1.61 15.13 -15.63
N LYS A 209 -1.71 16.39 -15.20
CA LYS A 209 -2.27 16.74 -13.89
C LYS A 209 -3.77 16.49 -13.84
N LEU A 210 -4.47 16.83 -14.94
CA LEU A 210 -5.90 16.68 -15.05
C LEU A 210 -6.23 15.21 -15.27
N ALA A 211 -5.40 14.52 -16.07
CA ALA A 211 -5.58 13.11 -16.33
C ALA A 211 -5.54 12.31 -15.02
N LYS A 212 -4.59 12.63 -14.13
CA LYS A 212 -4.52 11.96 -12.84
C LYS A 212 -5.67 12.37 -11.96
N ALA A 213 -6.13 13.62 -12.09
CA ALA A 213 -7.26 14.10 -11.29
C ALA A 213 -8.53 13.34 -11.65
N ARG A 214 -8.61 12.79 -12.87
CA ARG A 214 -9.77 12.03 -13.30
C ARG A 214 -9.62 10.54 -12.96
N ALA A 215 -8.44 9.99 -13.26
CA ALA A 215 -8.13 8.60 -12.94
C ALA A 215 -8.19 8.38 -11.41
N ALA A 216 -7.77 9.39 -10.64
CA ALA A 216 -7.81 9.31 -9.19
C ALA A 216 -9.26 9.47 -8.71
N GLN A 217 -9.92 10.57 -9.09
CA GLN A 217 -11.35 10.75 -8.86
C GLN A 217 -12.15 9.46 -9.10
N SER A 218 -11.81 8.69 -10.13
CA SER A 218 -12.49 7.43 -10.39
C SER A 218 -12.12 6.36 -9.36
N ALA A 219 -10.82 6.26 -9.04
CA ALA A 219 -10.33 5.30 -8.07
C ALA A 219 -10.93 5.59 -6.69
N LEU A 220 -11.00 6.88 -6.34
CA LEU A 220 -11.60 7.31 -5.09
C LEU A 220 -13.06 6.88 -5.04
N ALA A 221 -13.85 7.27 -6.03
CA ALA A 221 -15.28 7.00 -6.01
C ALA A 221 -15.58 5.53 -5.78
N THR A 222 -15.05 4.63 -6.61
CA THR A 222 -15.36 3.22 -6.51
C THR A 222 -14.81 2.56 -5.25
N VAL A 223 -13.58 2.85 -4.84
CA VAL A 223 -12.97 2.14 -3.72
C VAL A 223 -13.48 2.69 -2.39
N PHE A 224 -13.89 3.96 -2.36
CA PHE A 224 -14.35 4.61 -1.13
C PHE A 224 -15.86 4.54 -1.01
N ASN A 225 -16.55 3.91 -1.99
CA ASN A 225 -18.00 3.80 -2.00
C ASN A 225 -18.68 5.18 -2.02
N LEU A 226 -18.06 6.16 -2.68
CA LEU A 226 -18.50 7.53 -2.72
C LEU A 226 -18.38 8.08 -4.14
N HIS A 227 -18.48 9.39 -4.31
CA HIS A 227 -18.37 10.06 -5.60
C HIS A 227 -17.80 11.47 -5.39
N LEU A 228 -17.86 12.34 -6.40
CA LEU A 228 -17.29 13.67 -6.32
C LEU A 228 -18.22 14.72 -6.93
N LEU A 229 -19.47 14.35 -7.21
CA LEU A 229 -20.46 15.29 -7.74
C LEU A 229 -20.67 16.45 -6.77
N GLU A 230 -21.10 17.60 -7.30
CA GLU A 230 -21.28 18.81 -6.50
C GLU A 230 -22.47 19.62 -7.04
N HIS A 231 -23.34 18.97 -7.81
CA HIS A 231 -24.49 19.62 -8.42
C HIS A 231 -25.72 18.72 -8.35
N HIS A 232 -26.88 19.26 -8.78
CA HIS A 232 -28.14 18.54 -8.75
C HIS A 232 -28.94 18.80 -10.03
N HIS A 233 -28.37 19.56 -10.97
CA HIS A 233 -28.96 19.88 -12.26
C HIS A 233 -30.46 20.20 -12.18
N HIS A 234 -30.87 20.94 -11.15
CA HIS A 234 -32.25 21.37 -10.99
C HIS A 234 -32.73 22.22 -12.16
N HIS A 235 -34.03 22.54 -12.15
CA HIS A 235 -34.66 23.32 -13.19
C HIS A 235 -35.69 24.30 -12.62
N HIS A 236 -35.76 24.43 -11.30
CA HIS A 236 -36.72 25.31 -10.64
C HIS A 236 -36.16 25.78 -9.28
N PRO A 1 4.66 -11.70 12.55
CA PRO A 1 5.52 -10.53 12.87
C PRO A 1 6.50 -10.81 14.00
N GLY A 2 5.99 -11.24 15.17
CA GLY A 2 6.84 -11.55 16.31
C GLY A 2 6.01 -11.98 17.52
N PRO A 3 6.69 -12.29 18.63
CA PRO A 3 6.05 -12.67 19.89
C PRO A 3 5.02 -11.65 20.39
N VAL A 4 4.28 -12.02 21.43
CA VAL A 4 3.26 -11.19 22.05
C VAL A 4 3.38 -11.28 23.57
N LEU A 5 2.69 -10.39 24.28
CA LEU A 5 2.79 -10.26 25.74
C LEU A 5 4.26 -10.28 26.20
N PRO A 6 5.08 -9.33 25.74
CA PRO A 6 6.53 -9.31 25.97
C PRO A 6 6.92 -9.49 27.43
N LYS A 7 6.07 -9.05 28.36
CA LYS A 7 6.39 -9.12 29.78
C LYS A 7 6.78 -10.53 30.19
N ASN A 8 6.26 -11.55 29.49
CA ASN A 8 6.65 -12.92 29.73
C ASN A 8 8.17 -13.10 29.53
N ALA A 9 8.66 -12.93 28.29
CA ALA A 9 10.07 -13.06 27.98
C ALA A 9 10.92 -12.10 28.80
N LEU A 10 10.36 -10.95 29.17
CA LEU A 10 11.10 -9.92 29.88
C LEU A 10 11.37 -10.37 31.32
N MET A 11 10.32 -10.78 32.03
CA MET A 11 10.44 -11.25 33.40
C MET A 11 11.16 -12.57 33.48
N GLN A 12 10.85 -13.50 32.57
CA GLN A 12 11.52 -14.78 32.52
C GLN A 12 13.01 -14.57 32.31
N LEU A 13 13.38 -13.66 31.41
CA LEU A 13 14.77 -13.28 31.21
C LEU A 13 15.36 -12.78 32.52
N ASN A 14 14.70 -11.80 33.17
CA ASN A 14 15.22 -11.23 34.39
C ASN A 14 15.45 -12.30 35.44
N GLU A 15 14.55 -13.29 35.50
CA GLU A 15 14.65 -14.42 36.40
C GLU A 15 15.89 -15.28 36.13
N ILE A 16 16.05 -15.74 34.88
CA ILE A 16 17.13 -16.66 34.51
C ILE A 16 18.49 -15.99 34.34
N LYS A 17 18.50 -14.67 34.15
CA LYS A 17 19.68 -13.98 33.68
C LYS A 17 20.32 -12.99 34.68
N PRO A 18 21.03 -13.48 35.70
CA PRO A 18 21.68 -12.66 36.71
C PRO A 18 22.87 -11.85 36.17
N GLY A 19 23.14 -11.87 34.87
CA GLY A 19 24.28 -11.15 34.31
C GLY A 19 24.60 -11.64 32.91
N LEU A 20 24.63 -10.73 31.93
CA LEU A 20 24.87 -11.06 30.52
C LEU A 20 25.14 -9.81 29.69
N GLN A 21 25.28 -9.93 28.36
CA GLN A 21 25.48 -8.75 27.54
C GLN A 21 24.53 -8.67 26.35
N TYR A 22 23.94 -7.48 26.10
CA TYR A 22 23.16 -7.23 24.90
C TYR A 22 23.96 -6.34 23.96
N MET A 23 23.98 -6.68 22.67
CA MET A 23 24.68 -5.89 21.67
C MET A 23 23.81 -5.70 20.42
N LEU A 24 23.87 -4.53 19.81
CA LEU A 24 23.06 -4.14 18.66
C LEU A 24 23.90 -4.19 17.40
N LEU A 25 23.26 -4.61 16.30
CA LEU A 25 23.92 -4.95 15.07
C LEU A 25 23.06 -4.42 13.97
N SER A 26 23.70 -4.32 12.79
CA SER A 26 23.00 -3.99 11.59
C SER A 26 22.47 -2.58 11.69
N GLN A 27 21.16 -2.42 11.85
CA GLN A 27 20.56 -1.12 12.10
C GLN A 27 20.56 -0.31 10.80
N THR A 28 19.73 -0.72 9.85
CA THR A 28 19.77 -0.18 8.52
C THR A 28 18.48 -0.53 7.78
N GLY A 29 18.12 0.27 6.78
CA GLY A 29 16.87 0.10 6.05
C GLY A 29 16.36 1.48 5.66
N PRO A 30 15.10 1.58 5.22
CA PRO A 30 14.48 2.86 4.96
C PRO A 30 14.25 3.56 6.30
N VAL A 31 13.98 4.86 6.24
CA VAL A 31 13.88 5.70 7.42
C VAL A 31 12.58 5.47 8.19
N HIS A 32 11.75 4.53 7.73
CA HIS A 32 10.47 4.25 8.37
C HIS A 32 10.27 2.75 8.59
N ALA A 33 11.25 1.93 8.19
CA ALA A 33 11.30 0.51 8.54
C ALA A 33 12.75 0.09 8.76
N PRO A 34 13.45 0.72 9.72
CA PRO A 34 14.83 0.47 10.01
C PRO A 34 14.99 -0.87 10.70
N LEU A 35 15.99 -1.66 10.30
CA LEU A 35 16.17 -3.01 10.84
C LEU A 35 17.32 -3.10 11.83
N PHE A 36 16.92 -3.33 13.08
CA PHE A 36 17.84 -3.36 14.20
C PHE A 36 18.05 -4.81 14.61
N VAL A 37 19.30 -5.14 14.93
CA VAL A 37 19.58 -6.53 15.25
C VAL A 37 20.20 -6.69 16.61
N MET A 38 19.42 -7.15 17.58
CA MET A 38 19.91 -7.29 18.93
C MET A 38 20.29 -8.73 19.17
N SER A 39 21.50 -8.92 19.71
CA SER A 39 22.02 -10.25 19.94
C SER A 39 22.49 -10.29 21.37
N VAL A 40 22.17 -11.37 22.07
CA VAL A 40 22.44 -11.46 23.50
C VAL A 40 23.43 -12.56 23.80
N GLU A 41 24.38 -12.27 24.69
CA GLU A 41 25.48 -13.17 24.99
C GLU A 41 25.46 -13.60 26.44
N VAL A 42 25.41 -14.92 26.64
CA VAL A 42 25.41 -15.61 27.93
C VAL A 42 26.31 -16.83 27.84
N ASN A 43 27.18 -17.06 28.83
CA ASN A 43 28.08 -18.21 28.88
C ASN A 43 28.95 -18.38 27.60
N GLY A 44 28.95 -17.39 26.70
CA GLY A 44 29.72 -17.48 25.47
C GLY A 44 28.86 -17.91 24.27
N GLN A 45 27.55 -18.02 24.49
CA GLN A 45 26.60 -18.31 23.45
C GLN A 45 25.88 -17.02 23.13
N VAL A 46 25.76 -16.71 21.84
CA VAL A 46 25.14 -15.48 21.42
C VAL A 46 23.98 -15.80 20.51
N PHE A 47 22.84 -15.14 20.73
CA PHE A 47 21.65 -15.39 19.94
C PHE A 47 21.12 -14.07 19.40
N GLU A 48 20.77 -14.06 18.12
CA GLU A 48 20.51 -12.83 17.39
C GLU A 48 19.06 -12.73 16.93
N GLY A 49 18.47 -11.54 17.12
CA GLY A 49 17.10 -11.27 16.73
C GLY A 49 17.03 -9.94 15.98
N SER A 50 16.28 -9.91 14.88
CA SER A 50 16.24 -8.76 13.99
C SER A 50 14.82 -8.27 13.81
N GLY A 51 14.57 -7.03 14.27
CA GLY A 51 13.26 -6.42 14.18
C GLY A 51 13.31 -4.90 14.01
N PRO A 52 12.17 -4.29 13.64
CA PRO A 52 12.01 -2.86 13.63
C PRO A 52 12.00 -2.39 15.09
N THR A 53 12.73 -1.28 15.36
CA THR A 53 12.95 -0.80 16.72
C THR A 53 13.59 -1.84 17.65
N LYS A 54 14.25 -1.37 18.71
CA LYS A 54 15.05 -2.21 19.59
C LYS A 54 14.19 -3.19 20.41
N LYS A 55 12.91 -2.87 20.63
CA LYS A 55 12.04 -3.65 21.50
C LYS A 55 11.96 -5.12 21.04
N LYS A 56 11.33 -5.35 19.89
CA LYS A 56 11.13 -6.68 19.32
C LYS A 56 12.46 -7.41 19.13
N ALA A 57 13.50 -6.71 18.69
CA ALA A 57 14.82 -7.30 18.51
C ALA A 57 15.32 -7.97 19.79
N LYS A 58 15.50 -7.19 20.87
CA LYS A 58 15.89 -7.72 22.16
C LYS A 58 14.93 -8.80 22.65
N LEU A 59 13.62 -8.61 22.44
CA LEU A 59 12.62 -9.58 22.88
C LEU A 59 12.89 -10.96 22.30
N HIS A 60 12.94 -11.04 20.97
CA HIS A 60 13.24 -12.26 20.25
C HIS A 60 14.57 -12.84 20.68
N ALA A 61 15.60 -12.00 20.81
CA ALA A 61 16.90 -12.43 21.32
C ALA A 61 16.77 -13.07 22.70
N ALA A 62 16.01 -12.44 23.61
CA ALA A 62 15.77 -12.94 24.96
C ALA A 62 15.19 -14.33 24.92
N GLU A 63 14.13 -14.52 24.15
CA GLU A 63 13.45 -15.80 23.94
C GLU A 63 14.39 -16.89 23.45
N LYS A 64 15.10 -16.61 22.35
CA LYS A 64 16.04 -17.55 21.75
C LYS A 64 17.07 -17.96 22.79
N ALA A 65 17.76 -16.95 23.34
CA ALA A 65 18.78 -17.19 24.34
C ALA A 65 18.22 -17.87 25.58
N LEU A 66 16.98 -17.58 25.97
CA LEU A 66 16.32 -18.29 27.06
C LEU A 66 16.37 -19.79 26.77
N ARG A 67 15.75 -20.20 25.66
CA ARG A 67 15.63 -21.62 25.37
C ARG A 67 17.00 -22.29 25.24
N SER A 68 17.97 -21.60 24.64
CA SER A 68 19.31 -22.15 24.47
C SER A 68 20.08 -22.21 25.80
N PHE A 69 20.13 -21.08 26.51
CA PHE A 69 20.83 -20.92 27.77
C PHE A 69 20.35 -21.92 28.82
N VAL A 70 19.05 -22.25 28.83
CA VAL A 70 18.50 -23.27 29.73
C VAL A 70 19.21 -24.61 29.57
N GLN A 71 19.97 -24.79 28.47
CA GLN A 71 20.69 -26.02 28.23
C GLN A 71 22.19 -25.86 28.54
N PHE A 72 22.62 -24.62 28.83
CA PHE A 72 24.01 -24.33 29.18
C PHE A 72 24.08 -23.14 30.15
N PRO A 73 23.38 -23.20 31.29
CA PRO A 73 23.34 -22.13 32.27
C PRO A 73 24.65 -21.99 33.06
N ASN A 74 25.44 -23.06 33.14
CA ASN A 74 26.69 -23.05 33.91
C ASN A 74 27.64 -24.16 33.46
N ALA A 75 27.43 -24.72 32.26
CA ALA A 75 28.23 -25.83 31.78
C ALA A 75 28.42 -25.77 30.26
N SER A 76 29.18 -26.73 29.72
CA SER A 76 29.48 -26.80 28.30
C SER A 76 29.78 -28.24 27.88
N GLU A 77 29.36 -29.22 28.68
CA GLU A 77 29.63 -30.63 28.43
C GLU A 77 28.43 -31.46 28.89
N ALA A 78 28.34 -32.72 28.42
CA ALA A 78 27.23 -33.60 28.72
C ALA A 78 27.70 -35.06 28.74
N HIS A 79 26.76 -36.00 28.89
CA HIS A 79 27.06 -37.42 28.97
C HIS A 79 25.99 -38.25 28.24
N LEU A 80 26.15 -39.59 28.28
CA LEU A 80 25.22 -40.52 27.68
C LEU A 80 25.03 -41.73 28.59
N ALA A 81 23.81 -42.29 28.61
CA ALA A 81 23.45 -43.42 29.45
C ALA A 81 22.19 -44.10 28.90
N MET A 82 21.66 -45.06 29.67
CA MET A 82 20.45 -45.77 29.31
C MET A 82 19.57 -46.02 30.53
N GLY A 83 18.32 -46.41 30.29
CA GLY A 83 17.34 -46.66 31.34
C GLY A 83 15.95 -46.85 30.76
N ARG A 84 14.94 -46.91 31.64
CA ARG A 84 13.56 -47.10 31.22
C ARG A 84 12.60 -46.37 32.17
N THR A 85 11.39 -46.10 31.70
CA THR A 85 10.38 -45.39 32.47
C THR A 85 8.98 -45.70 31.92
N LEU A 86 7.94 -45.16 32.56
CA LEU A 86 6.54 -45.40 32.23
C LEU A 86 6.11 -44.76 30.91
N SER A 87 7.06 -44.22 30.14
CA SER A 87 6.76 -43.57 28.87
C SER A 87 6.08 -44.50 27.88
N VAL A 88 5.50 -43.91 26.83
CA VAL A 88 4.80 -44.64 25.77
C VAL A 88 5.75 -45.53 24.97
N ASN A 89 5.21 -46.28 24.01
CA ASN A 89 5.98 -47.22 23.20
C ASN A 89 5.41 -47.27 21.79
N THR A 90 6.06 -48.01 20.88
CA THR A 90 5.69 -48.05 19.48
C THR A 90 5.79 -49.44 18.87
N ASP A 91 5.93 -50.47 19.71
CA ASP A 91 5.99 -51.86 19.26
C ASP A 91 4.61 -52.34 18.77
N PHE A 92 3.65 -51.43 18.65
CA PHE A 92 2.29 -51.75 18.22
C PHE A 92 1.73 -50.60 17.39
N THR A 93 0.50 -50.77 16.88
CA THR A 93 -0.14 -49.81 15.99
C THR A 93 -1.65 -49.73 16.25
N SER A 94 -2.32 -48.82 15.51
CA SER A 94 -3.74 -48.54 15.70
C SER A 94 -4.39 -48.23 14.34
N ASP A 95 -5.64 -47.76 14.37
CA ASP A 95 -6.41 -47.46 13.18
C ASP A 95 -7.23 -46.20 13.38
N GLN A 96 -7.82 -45.67 12.29
CA GLN A 96 -8.60 -44.44 12.33
C GLN A 96 -9.79 -44.54 11.37
N ALA A 97 -10.56 -43.45 11.25
CA ALA A 97 -11.74 -43.41 10.39
C ALA A 97 -11.88 -42.02 9.79
N ASP A 98 -12.79 -41.86 8.83
CA ASP A 98 -13.00 -40.61 8.12
C ASP A 98 -14.43 -40.52 7.58
N PHE A 99 -14.81 -39.37 7.02
CA PHE A 99 -16.15 -39.12 6.52
C PHE A 99 -16.06 -38.28 5.26
N PRO A 100 -17.06 -38.37 4.36
CA PRO A 100 -17.07 -37.64 3.12
C PRO A 100 -17.28 -36.15 3.36
N ASP A 101 -17.11 -35.36 2.29
CA ASP A 101 -17.28 -33.91 2.35
C ASP A 101 -17.88 -33.39 1.02
N THR A 102 -18.42 -34.30 0.21
CA THR A 102 -18.99 -33.97 -1.10
C THR A 102 -20.27 -34.76 -1.35
N LEU A 103 -20.74 -35.51 -0.34
CA LEU A 103 -21.95 -36.30 -0.44
C LEU A 103 -23.19 -35.40 -0.44
N PHE A 104 -24.39 -35.99 -0.67
CA PHE A 104 -25.64 -35.27 -0.74
C PHE A 104 -26.69 -35.89 0.18
N ASN A 105 -26.26 -36.72 1.14
CA ASN A 105 -27.11 -37.45 2.08
C ASN A 105 -28.28 -38.16 1.38
N GLY A 106 -28.11 -38.53 0.11
CA GLY A 106 -29.15 -39.21 -0.64
C GLY A 106 -28.65 -39.57 -2.04
N PHE A 107 -29.48 -40.30 -2.79
CA PHE A 107 -29.15 -40.73 -4.15
C PHE A 107 -30.41 -40.75 -5.03
N GLU A 108 -31.53 -40.24 -4.52
CA GLU A 108 -32.78 -40.10 -5.24
C GLU A 108 -33.46 -38.76 -4.92
N THR A 109 -32.87 -37.98 -4.02
CA THR A 109 -33.36 -36.65 -3.66
C THR A 109 -32.26 -35.93 -2.86
N PRO A 110 -32.15 -34.60 -3.00
CA PRO A 110 -31.25 -33.79 -2.20
C PRO A 110 -31.78 -33.67 -0.77
N ASP A 111 -30.98 -33.09 0.12
CA ASP A 111 -31.37 -32.93 1.52
C ASP A 111 -30.72 -31.70 2.16
N LYS A 112 -29.52 -31.33 1.75
CA LYS A 112 -28.83 -30.16 2.29
C LYS A 112 -27.76 -29.60 1.36
N SER A 113 -27.51 -30.27 0.23
CA SER A 113 -26.49 -29.83 -0.73
C SER A 113 -26.80 -30.40 -2.12
N GLU A 114 -26.13 -29.86 -3.13
CA GLU A 114 -26.29 -30.29 -4.51
C GLU A 114 -24.98 -30.03 -5.27
N PRO A 115 -24.75 -30.74 -6.39
CA PRO A 115 -23.55 -30.56 -7.20
C PRO A 115 -23.58 -29.18 -7.86
N PRO A 116 -22.41 -28.64 -8.20
CA PRO A 116 -22.26 -27.33 -8.82
C PRO A 116 -22.71 -27.33 -10.28
N PHE A 117 -22.73 -26.14 -10.89
CA PHE A 117 -23.06 -25.97 -12.30
C PHE A 117 -22.28 -24.80 -12.91
N TYR A 118 -21.56 -24.03 -12.08
CA TYR A 118 -20.75 -22.92 -12.54
C TYR A 118 -19.65 -22.68 -11.50
N VAL A 119 -18.47 -22.23 -11.96
CA VAL A 119 -17.34 -22.01 -11.07
C VAL A 119 -16.31 -21.07 -11.73
N GLY A 120 -15.38 -20.54 -10.93
CA GLY A 120 -14.31 -19.68 -11.41
C GLY A 120 -13.37 -19.27 -10.29
N SER A 121 -13.88 -19.24 -9.05
CA SER A 121 -13.15 -18.87 -7.84
C SER A 121 -12.52 -17.47 -7.91
N ASN A 122 -11.99 -17.03 -6.77
CA ASN A 122 -11.36 -15.72 -6.60
C ASN A 122 -12.13 -14.56 -7.24
N GLY A 123 -13.44 -14.73 -7.42
CA GLY A 123 -14.28 -13.74 -8.08
C GLY A 123 -15.77 -14.03 -7.93
N ASP A 124 -16.11 -14.88 -6.96
CA ASP A 124 -17.50 -15.27 -6.72
C ASP A 124 -17.72 -15.52 -5.22
N ASP A 125 -18.59 -14.72 -4.61
CA ASP A 125 -18.92 -14.85 -3.19
C ASP A 125 -20.32 -14.30 -2.91
N SER A 126 -20.95 -13.70 -3.91
CA SER A 126 -22.29 -13.14 -3.81
C SER A 126 -22.89 -13.01 -5.22
N PHE A 127 -24.22 -12.90 -5.31
CA PHE A 127 -24.90 -12.84 -6.59
C PHE A 127 -26.30 -12.23 -6.45
N SER A 128 -26.96 -12.00 -7.58
CA SER A 128 -28.31 -11.43 -7.65
C SER A 128 -29.14 -12.12 -8.73
N SER A 129 -28.63 -13.24 -9.27
CA SER A 129 -29.30 -14.01 -10.32
C SER A 129 -28.81 -15.46 -10.26
N SER A 130 -29.46 -16.34 -11.02
CA SER A 130 -29.15 -17.77 -11.02
C SER A 130 -29.28 -18.38 -12.43
N GLY A 131 -29.56 -17.57 -13.45
CA GLY A 131 -29.69 -18.07 -14.80
C GLY A 131 -30.39 -17.08 -15.75
N ASP A 132 -30.93 -16.00 -15.20
CA ASP A 132 -31.67 -14.99 -15.97
C ASP A 132 -31.61 -13.62 -15.28
N VAL A 133 -32.11 -12.59 -15.95
CA VAL A 133 -32.09 -11.22 -15.45
C VAL A 133 -33.36 -10.48 -15.89
N SER A 134 -33.72 -9.42 -15.16
CA SER A 134 -34.92 -8.65 -15.44
C SER A 134 -34.78 -7.17 -15.08
N LEU A 135 -33.54 -6.70 -14.88
CA LEU A 135 -33.26 -5.32 -14.49
C LEU A 135 -31.91 -4.90 -15.07
N SER A 136 -31.69 -3.60 -15.23
CA SER A 136 -30.45 -3.06 -15.77
C SER A 136 -29.26 -3.41 -14.90
N ALA A 137 -28.05 -3.26 -15.44
CA ALA A 137 -26.82 -3.54 -14.71
C ALA A 137 -25.69 -2.58 -15.10
N SER A 138 -25.98 -1.60 -15.96
CA SER A 138 -24.99 -0.63 -16.41
C SER A 138 -25.70 0.65 -16.88
N PRO A 139 -25.00 1.79 -16.92
CA PRO A 139 -25.54 3.04 -17.40
C PRO A 139 -25.70 3.01 -18.92
N VAL A 140 -26.47 3.98 -19.46
CA VAL A 140 -26.71 4.08 -20.88
C VAL A 140 -27.00 5.55 -21.24
N PRO A 141 -26.44 6.05 -22.36
CA PRO A 141 -26.65 7.40 -22.82
C PRO A 141 -28.05 7.64 -23.42
N ALA A 142 -28.95 6.65 -23.31
CA ALA A 142 -30.30 6.71 -23.89
C ALA A 142 -30.27 7.11 -25.37
N SER A 143 -29.15 6.84 -26.04
CA SER A 143 -28.91 7.17 -27.45
C SER A 143 -29.13 8.64 -27.77
N LEU A 144 -29.15 9.52 -26.74
CA LEU A 144 -29.34 10.96 -26.94
C LEU A 144 -28.06 11.59 -27.51
N THR A 145 -28.17 12.86 -27.91
CA THR A 145 -27.05 13.65 -28.42
C THR A 145 -27.09 15.07 -27.88
N GLN A 146 -28.04 15.36 -26.98
CA GLN A 146 -28.21 16.67 -26.38
C GLN A 146 -27.02 17.00 -25.48
N PRO A 147 -26.77 18.28 -25.22
CA PRO A 147 -25.74 18.72 -24.31
C PRO A 147 -26.11 18.38 -22.87
N PRO A 148 -25.16 18.44 -21.93
CA PRO A 148 -25.39 18.15 -20.53
C PRO A 148 -26.19 19.27 -19.87
N LEU A 149 -26.75 18.99 -18.68
CA LEU A 149 -27.55 19.97 -17.94
C LEU A 149 -26.69 21.19 -17.61
N PRO A 150 -27.18 22.42 -17.84
CA PRO A 150 -26.43 23.62 -17.55
C PRO A 150 -26.36 23.85 -16.03
N ILE A 151 -25.19 24.29 -15.57
CA ILE A 151 -24.94 24.56 -14.16
C ILE A 151 -23.71 25.46 -14.07
N PRO A 152 -23.67 26.45 -13.16
CA PRO A 152 -22.50 27.30 -12.99
C PRO A 152 -21.35 26.49 -12.39
N PRO A 153 -20.09 26.85 -12.71
CA PRO A 153 -18.90 26.19 -12.19
C PRO A 153 -18.90 26.10 -10.67
N PRO A 154 -18.28 25.04 -10.11
CA PRO A 154 -18.10 24.87 -8.68
C PRO A 154 -16.93 25.73 -8.21
N PHE A 155 -16.79 25.85 -6.88
CA PHE A 155 -15.71 26.61 -6.25
C PHE A 155 -15.36 25.97 -4.91
N PRO A 156 -14.11 26.11 -4.46
CA PRO A 156 -13.66 25.61 -3.18
C PRO A 156 -14.23 26.45 -2.04
N PRO A 157 -14.18 25.91 -0.80
CA PRO A 157 -14.63 26.63 0.38
C PRO A 157 -13.99 28.01 0.49
N PRO A 158 -14.75 29.01 0.96
CA PRO A 158 -14.30 30.39 1.11
C PRO A 158 -13.45 30.59 2.35
N SER A 159 -13.21 29.51 3.11
CA SER A 159 -12.46 29.57 4.36
C SER A 159 -11.62 28.31 4.54
N GLY A 160 -11.28 27.65 3.43
CA GLY A 160 -10.58 26.37 3.44
C GLY A 160 -9.50 26.31 2.36
N LYS A 161 -9.08 25.08 2.01
CA LYS A 161 -8.00 24.88 1.06
C LYS A 161 -8.37 23.77 0.07
N ASN A 162 -7.50 23.47 -0.89
CA ASN A 162 -7.73 22.46 -1.91
C ASN A 162 -8.14 21.12 -1.29
N PRO A 163 -9.02 20.36 -1.97
CA PRO A 163 -9.57 19.11 -1.46
C PRO A 163 -8.51 18.00 -1.44
N VAL A 164 -7.42 18.19 -2.18
CA VAL A 164 -6.34 17.22 -2.22
C VAL A 164 -5.67 17.08 -0.86
N MET A 165 -5.53 18.19 -0.14
CA MET A 165 -4.84 18.17 1.14
C MET A 165 -5.75 17.67 2.25
N ILE A 166 -6.96 18.21 2.36
CA ILE A 166 -7.86 17.77 3.41
C ILE A 166 -8.07 16.26 3.30
N LEU A 167 -8.17 15.72 2.08
CA LEU A 167 -8.27 14.29 1.92
C LEU A 167 -6.98 13.65 2.45
N ASN A 168 -5.84 14.15 1.96
CA ASN A 168 -4.52 13.65 2.35
C ASN A 168 -4.16 14.06 3.78
N GLU A 169 -5.13 14.54 4.57
CA GLU A 169 -4.89 14.88 5.97
C GLU A 169 -6.05 14.36 6.83
N LEU A 170 -7.04 13.70 6.25
CA LEU A 170 -8.12 13.07 7.00
C LEU A 170 -8.15 11.55 6.77
N ARG A 171 -7.70 11.11 5.60
CA ARG A 171 -7.69 9.70 5.23
C ARG A 171 -6.67 9.47 4.11
N PRO A 172 -5.38 9.59 4.42
CA PRO A 172 -4.30 9.31 3.49
C PRO A 172 -4.25 7.80 3.25
N GLY A 173 -3.26 7.32 2.48
CA GLY A 173 -3.16 5.90 2.19
C GLY A 173 -3.84 5.57 0.86
N LEU A 174 -3.63 6.39 -0.15
CA LEU A 174 -4.25 6.25 -1.45
C LEU A 174 -3.19 6.33 -2.53
N LYS A 175 -3.65 6.27 -3.79
CA LYS A 175 -2.76 6.36 -4.94
C LYS A 175 -3.44 7.22 -6.00
N TYR A 176 -2.65 7.83 -6.90
CA TYR A 176 -3.19 8.68 -7.95
C TYR A 176 -2.54 8.32 -9.28
N ASP A 177 -3.27 8.53 -10.37
CA ASP A 177 -2.76 8.27 -11.70
C ASP A 177 -3.20 9.37 -12.64
N PHE A 178 -2.25 10.06 -13.29
CA PHE A 178 -2.58 11.10 -14.25
C PHE A 178 -2.95 10.47 -15.59
N LEU A 179 -3.87 11.12 -16.32
CA LEU A 179 -4.34 10.62 -17.61
C LEU A 179 -4.25 11.72 -18.67
N SER A 180 -4.25 11.25 -19.92
CA SER A 180 -3.94 11.99 -21.15
C SER A 180 -4.64 13.34 -21.30
N GLU A 181 -4.25 14.06 -22.35
CA GLU A 181 -4.71 15.42 -22.59
C GLU A 181 -5.26 15.61 -24.00
N SER A 182 -5.88 16.76 -24.25
CA SER A 182 -6.47 17.12 -25.53
C SER A 182 -6.48 18.64 -25.71
N GLY A 183 -6.64 19.10 -26.95
CA GLY A 183 -6.69 20.52 -27.28
C GLY A 183 -5.40 20.98 -27.93
N GLU A 184 -5.37 22.24 -28.37
CA GLU A 184 -4.20 22.84 -28.97
C GLU A 184 -3.17 23.25 -27.89
N SER A 185 -3.15 24.53 -27.50
CA SER A 185 -2.29 25.03 -26.44
C SER A 185 -2.93 26.21 -25.71
N HIS A 186 -4.14 26.60 -26.15
CA HIS A 186 -4.83 27.77 -25.60
C HIS A 186 -6.21 27.39 -25.09
N ALA A 187 -6.52 26.09 -25.14
CA ALA A 187 -7.79 25.56 -24.64
C ALA A 187 -7.54 24.14 -24.11
N LYS A 188 -6.28 23.86 -23.75
CA LYS A 188 -5.82 22.53 -23.36
C LYS A 188 -6.58 21.97 -22.16
N SER A 189 -6.62 20.65 -22.05
CA SER A 189 -7.27 19.96 -20.94
C SER A 189 -6.51 18.70 -20.57
N PHE A 190 -6.64 18.29 -19.32
CA PHE A 190 -5.92 17.13 -18.80
C PHE A 190 -6.85 16.37 -17.86
N VAL A 191 -6.45 15.18 -17.39
CA VAL A 191 -7.25 14.47 -16.42
C VAL A 191 -6.36 13.71 -15.44
N MET A 192 -6.96 13.39 -14.30
CA MET A 192 -6.24 12.77 -13.20
C MET A 192 -7.21 11.82 -12.52
N SER A 193 -6.72 10.68 -12.06
CA SER A 193 -7.54 9.70 -11.38
C SER A 193 -6.89 9.28 -10.08
N VAL A 194 -7.61 8.46 -9.30
CA VAL A 194 -7.17 8.08 -7.97
C VAL A 194 -7.66 6.68 -7.64
N VAL A 195 -7.05 6.10 -6.60
CA VAL A 195 -7.53 4.86 -6.01
C VAL A 195 -7.37 5.01 -4.51
N VAL A 196 -8.43 4.76 -3.77
CA VAL A 196 -8.43 4.91 -2.33
C VAL A 196 -9.39 3.89 -1.70
N ASP A 197 -8.94 3.21 -0.64
CA ASP A 197 -9.71 2.15 0.01
C ASP A 197 -10.14 1.03 -0.97
N GLY A 198 -9.71 1.13 -2.23
CA GLY A 198 -10.05 0.14 -3.24
C GLY A 198 -10.96 0.73 -4.31
N GLN A 199 -11.56 1.88 -4.01
CA GLN A 199 -12.45 2.60 -4.91
C GLN A 199 -11.62 3.33 -5.98
N PHE A 200 -12.29 3.90 -6.98
CA PHE A 200 -11.61 4.58 -8.07
C PHE A 200 -12.35 5.86 -8.43
N PHE A 201 -11.58 6.93 -8.61
CA PHE A 201 -12.14 8.22 -8.99
C PHE A 201 -11.34 8.85 -10.11
N GLU A 202 -11.93 9.85 -10.79
CA GLU A 202 -11.28 10.53 -11.90
C GLU A 202 -11.83 11.96 -11.98
N GLY A 203 -11.08 12.86 -12.62
CA GLY A 203 -11.50 14.24 -12.78
C GLY A 203 -10.61 14.94 -13.82
N SER A 204 -11.23 15.64 -14.78
CA SER A 204 -10.51 16.41 -15.78
C SER A 204 -10.40 17.87 -15.38
N GLY A 205 -9.62 18.65 -16.13
CA GLY A 205 -9.41 20.05 -15.81
C GLY A 205 -8.53 20.74 -16.85
N ARG A 206 -8.34 22.07 -16.70
CA ARG A 206 -7.50 22.83 -17.62
C ARG A 206 -6.01 22.61 -17.37
N ASN A 207 -5.67 22.04 -16.21
CA ASN A 207 -4.29 21.80 -15.82
C ASN A 207 -4.26 20.63 -14.83
N LYS A 208 -3.08 20.06 -14.60
CA LYS A 208 -2.94 18.88 -13.75
C LYS A 208 -3.38 19.11 -12.31
N LYS A 209 -3.23 20.32 -11.77
CA LYS A 209 -3.59 20.59 -10.38
C LYS A 209 -5.11 20.63 -10.24
N LEU A 210 -5.82 21.10 -11.27
CA LEU A 210 -7.26 21.25 -11.27
C LEU A 210 -7.90 19.88 -11.47
N ALA A 211 -7.26 19.05 -12.29
CA ALA A 211 -7.70 17.67 -12.49
C ALA A 211 -7.68 16.90 -11.17
N LYS A 212 -6.57 16.98 -10.42
CA LYS A 212 -6.44 16.31 -9.13
C LYS A 212 -7.43 16.88 -8.12
N ALA A 213 -7.69 18.20 -8.18
CA ALA A 213 -8.61 18.83 -7.24
C ALA A 213 -10.02 18.30 -7.48
N ARG A 214 -10.35 17.89 -8.71
CA ARG A 214 -11.67 17.36 -9.00
C ARG A 214 -11.76 15.89 -8.61
N ALA A 215 -10.81 15.09 -9.11
CA ALA A 215 -10.76 13.66 -8.79
C ALA A 215 -10.65 13.43 -7.28
N ALA A 216 -9.91 14.27 -6.56
CA ALA A 216 -9.76 14.16 -5.13
C ALA A 216 -11.06 14.57 -4.43
N GLN A 217 -11.57 15.75 -4.75
CA GLN A 217 -12.90 16.16 -4.30
C GLN A 217 -13.94 15.04 -4.42
N SER A 218 -13.90 14.25 -5.50
CA SER A 218 -14.82 13.12 -5.64
C SER A 218 -14.46 11.97 -4.71
N ALA A 219 -13.16 11.69 -4.57
CA ALA A 219 -12.70 10.61 -3.71
C ALA A 219 -13.02 10.92 -2.25
N LEU A 220 -12.80 12.16 -1.84
CA LEU A 220 -13.12 12.61 -0.49
C LEU A 220 -14.59 12.38 -0.21
N ALA A 221 -15.47 12.98 -1.01
CA ALA A 221 -16.90 12.92 -0.77
C ALA A 221 -17.37 11.48 -0.57
N THR A 222 -17.03 10.58 -1.49
CA THR A 222 -17.51 9.21 -1.43
C THR A 222 -16.90 8.41 -0.29
N VAL A 223 -15.58 8.49 -0.08
CA VAL A 223 -14.92 7.64 0.91
C VAL A 223 -15.13 8.19 2.32
N PHE A 224 -15.45 9.49 2.45
CA PHE A 224 -15.62 10.12 3.75
C PHE A 224 -17.10 10.20 4.11
N ASN A 225 -17.99 9.72 3.22
CA ASN A 225 -19.43 9.78 3.44
C ASN A 225 -19.91 11.22 3.62
N LEU A 226 -19.28 12.15 2.89
CA LEU A 226 -19.53 13.58 3.00
C LEU A 226 -19.57 14.22 1.60
N HIS A 227 -19.50 15.56 1.53
CA HIS A 227 -19.54 16.30 0.27
C HIS A 227 -18.68 17.55 0.39
N LEU A 228 -18.62 18.39 -0.65
CA LEU A 228 -17.75 19.55 -0.66
C LEU A 228 -18.38 20.74 -1.40
N LEU A 229 -19.64 20.64 -1.81
CA LEU A 229 -20.29 21.69 -2.58
C LEU A 229 -21.71 21.96 -2.08
N GLU A 230 -22.27 23.10 -2.48
CA GLU A 230 -23.60 23.54 -2.06
C GLU A 230 -24.31 24.24 -3.21
N HIS A 231 -25.61 24.54 -3.03
CA HIS A 231 -26.43 25.23 -4.01
C HIS A 231 -27.61 25.88 -3.31
N HIS A 232 -28.39 26.70 -4.03
CA HIS A 232 -29.57 27.35 -3.46
C HIS A 232 -30.57 26.32 -2.97
N HIS A 233 -31.48 26.73 -2.08
CA HIS A 233 -32.47 25.83 -1.48
C HIS A 233 -33.74 26.61 -1.13
N HIS A 234 -34.70 25.91 -0.51
CA HIS A 234 -36.01 26.46 -0.19
C HIS A 234 -36.54 25.88 1.12
N HIS A 235 -37.75 26.27 1.51
CA HIS A 235 -38.36 25.82 2.74
C HIS A 235 -39.87 25.64 2.57
N HIS A 236 -40.53 25.02 3.54
CA HIS A 236 -41.96 24.78 3.52
C HIS A 236 -42.51 24.67 4.93
N PRO A 1 -4.25 -10.25 29.61
CA PRO A 1 -3.31 -11.38 29.47
C PRO A 1 -3.68 -12.31 28.32
N GLY A 2 -2.94 -13.42 28.18
CA GLY A 2 -3.17 -14.39 27.13
C GLY A 2 -2.19 -15.56 27.25
N PRO A 3 -2.30 -16.55 26.36
CA PRO A 3 -1.44 -17.71 26.33
C PRO A 3 0.04 -17.36 26.36
N VAL A 4 0.41 -16.18 25.88
CA VAL A 4 1.79 -15.71 25.91
C VAL A 4 1.84 -14.19 25.72
N LEU A 5 2.88 -13.56 26.24
CA LEU A 5 3.12 -12.14 26.09
C LEU A 5 4.60 -11.84 26.36
N PRO A 6 5.13 -10.72 25.86
CA PRO A 6 6.54 -10.35 25.99
C PRO A 6 7.07 -10.36 27.42
N LYS A 7 6.24 -9.99 28.40
CA LYS A 7 6.66 -9.97 29.80
C LYS A 7 7.23 -11.32 30.23
N ASN A 8 6.74 -12.40 29.62
CA ASN A 8 7.26 -13.73 29.86
C ASN A 8 8.75 -13.76 29.53
N ALA A 9 9.12 -13.48 28.29
CA ALA A 9 10.52 -13.47 27.87
C ALA A 9 11.36 -12.52 28.71
N LEU A 10 10.79 -11.35 29.04
CA LEU A 10 11.53 -10.32 29.77
C LEU A 10 11.90 -10.84 31.16
N MET A 11 10.89 -11.18 31.96
CA MET A 11 11.07 -11.64 33.33
C MET A 11 11.87 -12.94 33.37
N GLN A 12 11.53 -13.90 32.50
CA GLN A 12 12.21 -15.16 32.46
C GLN A 12 13.70 -14.97 32.19
N LEU A 13 14.07 -14.16 31.21
CA LEU A 13 15.47 -13.84 30.97
C LEU A 13 16.09 -13.23 32.22
N ASN A 14 15.43 -12.24 32.83
CA ASN A 14 15.96 -11.57 34.02
C ASN A 14 16.26 -12.58 35.14
N GLU A 15 15.39 -13.58 35.30
CA GLU A 15 15.57 -14.64 36.28
C GLU A 15 16.75 -15.56 35.94
N ILE A 16 16.77 -16.14 34.74
CA ILE A 16 17.79 -17.12 34.35
C ILE A 16 19.20 -16.55 34.33
N LYS A 17 19.36 -15.34 33.79
CA LYS A 17 20.68 -14.75 33.59
C LYS A 17 21.47 -14.55 34.89
N PRO A 18 22.80 -14.60 34.82
CA PRO A 18 23.69 -14.22 35.89
C PRO A 18 24.09 -12.74 35.83
N GLY A 19 23.92 -12.12 34.66
CA GLY A 19 24.40 -10.76 34.40
C GLY A 19 24.67 -10.58 32.90
N LEU A 20 23.71 -11.02 32.07
CA LEU A 20 23.86 -11.09 30.63
C LEU A 20 24.16 -9.77 29.94
N GLN A 21 24.35 -9.82 28.61
CA GLN A 21 24.64 -8.63 27.83
C GLN A 21 23.79 -8.54 26.57
N TYR A 22 23.26 -7.34 26.30
CA TYR A 22 22.55 -7.07 25.05
C TYR A 22 23.44 -6.19 24.17
N MET A 23 23.53 -6.53 22.89
CA MET A 23 24.27 -5.75 21.92
C MET A 23 23.47 -5.57 20.64
N LEU A 24 23.66 -4.43 19.98
CA LEU A 24 22.85 -4.04 18.82
C LEU A 24 23.69 -4.15 17.56
N LEU A 25 23.04 -4.59 16.47
CA LEU A 25 23.71 -4.90 15.22
C LEU A 25 22.79 -4.43 14.09
N SER A 26 23.23 -4.59 12.84
CA SER A 26 22.60 -3.97 11.69
C SER A 26 22.37 -2.49 11.93
N GLN A 27 21.09 -2.12 11.84
CA GLN A 27 20.57 -0.78 11.89
C GLN A 27 20.93 -0.04 10.61
N THR A 28 20.07 -0.21 9.62
CA THR A 28 20.12 0.42 8.31
C THR A 28 18.74 0.25 7.67
N GLY A 29 18.43 0.97 6.59
CA GLY A 29 17.11 0.92 5.98
C GLY A 29 16.80 2.23 5.28
N PRO A 30 15.55 2.38 4.79
CA PRO A 30 15.06 3.58 4.13
C PRO A 30 14.84 4.71 5.11
N VAL A 31 15.21 4.48 6.37
CA VAL A 31 15.12 5.43 7.45
C VAL A 31 13.69 5.60 7.95
N HIS A 32 12.76 4.79 7.44
CA HIS A 32 11.39 4.74 7.93
C HIS A 32 10.90 3.29 8.03
N ALA A 33 11.74 2.34 7.62
CA ALA A 33 11.53 0.92 7.87
C ALA A 33 12.88 0.29 8.21
N PRO A 34 13.53 0.79 9.26
CA PRO A 34 14.89 0.41 9.65
C PRO A 34 14.93 -0.97 10.29
N LEU A 35 15.98 -1.74 9.97
CA LEU A 35 16.15 -3.08 10.54
C LEU A 35 17.24 -3.09 11.59
N PHE A 36 16.85 -3.48 12.81
CA PHE A 36 17.77 -3.57 13.93
C PHE A 36 17.87 -5.03 14.33
N VAL A 37 19.11 -5.50 14.58
CA VAL A 37 19.27 -6.85 15.07
C VAL A 37 19.94 -6.82 16.41
N MET A 38 19.19 -7.17 17.43
CA MET A 38 19.70 -7.19 18.78
C MET A 38 20.09 -8.62 19.09
N SER A 39 21.26 -8.79 19.69
CA SER A 39 21.75 -10.11 20.03
C SER A 39 22.08 -10.10 21.50
N VAL A 40 21.67 -11.16 22.17
CA VAL A 40 21.77 -11.26 23.61
C VAL A 40 22.75 -12.37 23.95
N GLU A 41 23.53 -12.16 25.02
CA GLU A 41 24.65 -13.03 25.33
C GLU A 41 24.59 -13.51 26.79
N VAL A 42 24.55 -14.82 26.97
CA VAL A 42 24.55 -15.46 28.28
C VAL A 42 25.52 -16.63 28.26
N ASN A 43 26.38 -16.75 29.29
CA ASN A 43 27.38 -17.82 29.44
C ASN A 43 28.34 -17.99 28.25
N GLY A 44 28.19 -17.17 27.19
CA GLY A 44 29.05 -17.26 26.01
C GLY A 44 28.26 -17.65 24.77
N GLN A 45 26.94 -17.77 24.91
CA GLN A 45 26.06 -18.06 23.82
C GLN A 45 25.36 -16.78 23.45
N VAL A 46 25.33 -16.50 22.15
CA VAL A 46 24.76 -15.26 21.64
C VAL A 46 23.68 -15.60 20.64
N PHE A 47 22.54 -14.92 20.75
CA PHE A 47 21.38 -15.19 19.88
C PHE A 47 20.83 -13.87 19.37
N GLU A 48 20.54 -13.80 18.08
CA GLU A 48 20.24 -12.55 17.40
C GLU A 48 18.81 -12.51 16.87
N GLY A 49 18.15 -11.37 17.08
CA GLY A 49 16.77 -11.18 16.67
C GLY A 49 16.63 -9.89 15.86
N SER A 50 15.89 -9.97 14.75
CA SER A 50 15.79 -8.92 13.75
C SER A 50 14.40 -8.29 13.71
N GLY A 51 14.28 -7.06 14.23
CA GLY A 51 13.03 -6.33 14.21
C GLY A 51 13.20 -4.84 13.94
N PRO A 52 12.12 -4.18 13.54
CA PRO A 52 12.03 -2.73 13.47
C PRO A 52 11.98 -2.23 14.92
N THR A 53 12.74 -1.18 15.22
CA THR A 53 12.92 -0.68 16.59
C THR A 53 13.47 -1.75 17.55
N LYS A 54 14.20 -1.29 18.57
CA LYS A 54 14.94 -2.16 19.47
C LYS A 54 14.05 -3.05 20.35
N LYS A 55 12.77 -2.70 20.48
CA LYS A 55 11.85 -3.40 21.38
C LYS A 55 11.76 -4.90 21.03
N LYS A 56 11.05 -5.20 19.95
CA LYS A 56 10.81 -6.56 19.47
C LYS A 56 12.11 -7.31 19.18
N ALA A 57 13.14 -6.63 18.68
CA ALA A 57 14.41 -7.27 18.39
C ALA A 57 14.97 -7.97 19.64
N LYS A 58 15.18 -7.19 20.71
CA LYS A 58 15.74 -7.73 21.94
C LYS A 58 14.82 -8.80 22.52
N LEU A 59 13.51 -8.65 22.33
CA LEU A 59 12.51 -9.61 22.78
C LEU A 59 12.77 -10.98 22.16
N HIS A 60 12.76 -11.04 20.83
CA HIS A 60 13.01 -12.30 20.13
C HIS A 60 14.36 -12.88 20.54
N ALA A 61 15.38 -12.01 20.64
CA ALA A 61 16.69 -12.44 21.10
C ALA A 61 16.59 -13.13 22.46
N ALA A 62 15.85 -12.52 23.40
CA ALA A 62 15.62 -13.07 24.72
C ALA A 62 14.99 -14.46 24.64
N GLU A 63 13.96 -14.62 23.82
CA GLU A 63 13.28 -15.90 23.63
C GLU A 63 14.27 -16.99 23.18
N LYS A 64 15.04 -16.70 22.12
CA LYS A 64 16.04 -17.64 21.62
C LYS A 64 17.04 -18.02 22.71
N ALA A 65 17.71 -17.01 23.27
CA ALA A 65 18.72 -17.22 24.28
C ALA A 65 18.16 -17.91 25.51
N LEU A 66 16.91 -17.65 25.87
CA LEU A 66 16.22 -18.38 26.93
C LEU A 66 16.22 -19.87 26.60
N ARG A 67 15.56 -20.26 25.50
CA ARG A 67 15.38 -21.67 25.19
C ARG A 67 16.71 -22.37 24.91
N SER A 68 17.73 -21.61 24.54
CA SER A 68 19.05 -22.19 24.37
C SER A 68 19.79 -22.34 25.70
N PHE A 69 19.81 -21.25 26.48
CA PHE A 69 20.52 -21.16 27.76
C PHE A 69 19.96 -22.11 28.81
N VAL A 70 18.67 -22.49 28.75
CA VAL A 70 18.15 -23.50 29.67
C VAL A 70 18.95 -24.81 29.60
N GLN A 71 19.76 -24.98 28.53
CA GLN A 71 20.60 -26.16 28.38
C GLN A 71 21.97 -25.96 29.04
N PHE A 72 22.34 -24.72 29.35
CA PHE A 72 23.63 -24.42 29.98
C PHE A 72 23.56 -23.22 30.94
N PRO A 73 22.64 -23.25 31.92
CA PRO A 73 22.44 -22.19 32.88
C PRO A 73 23.59 -22.06 33.87
N ASN A 74 24.44 -23.08 33.98
CA ASN A 74 25.60 -23.04 34.86
C ASN A 74 26.65 -24.08 34.44
N ALA A 75 26.25 -25.04 33.60
CA ALA A 75 27.11 -26.11 33.10
C ALA A 75 27.95 -26.77 34.20
N SER A 76 27.45 -26.78 35.44
CA SER A 76 28.18 -27.30 36.59
C SER A 76 27.26 -28.03 37.58
N GLU A 77 26.09 -28.47 37.11
CA GLU A 77 25.08 -29.09 37.95
C GLU A 77 24.51 -30.36 37.32
N ALA A 78 25.17 -30.89 36.30
CA ALA A 78 24.80 -32.13 35.64
C ALA A 78 26.02 -32.81 35.05
N HIS A 79 25.91 -34.11 34.76
CA HIS A 79 27.00 -34.89 34.21
C HIS A 79 26.49 -36.01 33.29
N LEU A 80 25.18 -36.00 32.98
CA LEU A 80 24.59 -37.00 32.10
C LEU A 80 23.42 -36.40 31.34
N ALA A 81 22.96 -37.09 30.29
CA ALA A 81 21.86 -36.65 29.45
C ALA A 81 21.26 -37.84 28.69
N MET A 82 20.10 -37.65 28.07
CA MET A 82 19.48 -38.68 27.24
C MET A 82 20.31 -38.92 25.98
N GLY A 83 19.97 -39.98 25.22
CA GLY A 83 20.70 -40.32 24.02
C GLY A 83 20.04 -41.47 23.24
N ARG A 84 18.71 -41.58 23.32
CA ARG A 84 17.96 -42.66 22.68
C ARG A 84 16.73 -42.09 21.97
N THR A 85 16.11 -42.90 21.10
CA THR A 85 14.95 -42.51 20.32
C THR A 85 14.03 -43.72 20.17
N LEU A 86 12.75 -43.48 19.84
CA LEU A 86 11.77 -44.53 19.64
C LEU A 86 12.17 -45.45 18.47
N SER A 87 11.61 -46.65 18.44
CA SER A 87 11.87 -47.64 17.41
C SER A 87 11.14 -47.31 16.10
N VAL A 88 10.41 -46.20 16.06
CA VAL A 88 9.64 -45.79 14.89
C VAL A 88 9.69 -44.28 14.71
N ASN A 89 9.10 -43.78 13.62
CA ASN A 89 9.05 -42.36 13.33
C ASN A 89 7.79 -42.04 12.53
N THR A 90 7.54 -40.74 12.32
CA THR A 90 6.36 -40.26 11.62
C THR A 90 6.72 -39.09 10.71
N ASP A 91 5.73 -38.59 9.97
CA ASP A 91 5.90 -37.47 9.05
C ASP A 91 4.63 -36.63 9.00
N PHE A 92 4.67 -35.52 8.26
CA PHE A 92 3.54 -34.60 8.14
C PHE A 92 3.47 -33.98 6.75
N THR A 93 2.35 -33.36 6.43
CA THR A 93 2.11 -32.73 5.14
C THR A 93 1.10 -31.60 5.30
N SER A 94 0.76 -30.92 4.20
CA SER A 94 -0.17 -29.80 4.17
C SER A 94 -0.96 -29.78 2.87
N ASP A 95 -2.00 -28.95 2.80
CA ASP A 95 -2.84 -28.84 1.62
C ASP A 95 -3.47 -27.46 1.53
N GLN A 96 -4.05 -27.14 0.37
CA GLN A 96 -4.69 -25.86 0.10
C GLN A 96 -5.86 -26.10 -0.84
N ALA A 97 -6.62 -25.05 -1.15
CA ALA A 97 -7.75 -25.12 -2.05
C ALA A 97 -7.92 -23.80 -2.80
N ASP A 98 -8.64 -23.83 -3.92
CA ASP A 98 -8.88 -22.65 -4.73
C ASP A 98 -10.19 -22.76 -5.53
N PHE A 99 -10.93 -23.85 -5.36
CA PHE A 99 -12.18 -24.06 -6.07
C PHE A 99 -13.13 -24.92 -5.21
N PRO A 100 -14.44 -24.65 -5.27
CA PRO A 100 -15.45 -25.41 -4.54
C PRO A 100 -15.42 -26.92 -4.84
N ASP A 101 -16.14 -27.68 -4.02
CA ASP A 101 -16.28 -29.13 -4.18
C ASP A 101 -17.65 -29.57 -3.66
N THR A 102 -18.52 -28.60 -3.37
CA THR A 102 -19.86 -28.84 -2.85
C THR A 102 -20.76 -27.65 -3.20
N LEU A 103 -22.00 -27.66 -2.71
CA LEU A 103 -23.00 -26.62 -2.98
C LEU A 103 -23.73 -26.26 -1.69
N PHE A 104 -24.72 -25.35 -1.79
CA PHE A 104 -25.47 -24.87 -0.64
C PHE A 104 -26.96 -24.83 -0.98
N ASN A 105 -27.80 -24.58 0.03
CA ASN A 105 -29.25 -24.62 -0.13
C ASN A 105 -29.94 -23.50 0.66
N GLY A 106 -29.19 -22.45 1.02
CA GLY A 106 -29.74 -21.34 1.76
C GLY A 106 -28.78 -20.15 1.78
N PHE A 107 -29.26 -19.03 2.35
CA PHE A 107 -28.54 -17.76 2.43
C PHE A 107 -28.90 -17.03 3.72
N GLU A 108 -28.43 -15.79 3.88
CA GLU A 108 -28.65 -15.01 5.09
C GLU A 108 -29.13 -13.59 4.74
N THR A 109 -29.42 -13.34 3.47
CA THR A 109 -29.92 -12.06 2.99
C THR A 109 -30.96 -12.29 1.87
N PRO A 110 -31.97 -11.42 1.79
CA PRO A 110 -33.03 -11.54 0.82
C PRO A 110 -32.59 -11.04 -0.55
N ASP A 111 -33.24 -11.54 -1.60
CA ASP A 111 -33.05 -11.11 -2.98
C ASP A 111 -34.25 -11.53 -3.80
N LYS A 112 -35.01 -10.54 -4.32
CA LYS A 112 -36.23 -10.78 -5.08
C LYS A 112 -37.13 -11.80 -4.40
N SER A 113 -37.20 -11.74 -3.07
CA SER A 113 -38.01 -12.64 -2.26
C SER A 113 -38.87 -11.87 -1.26
N GLU A 114 -38.94 -10.54 -1.41
CA GLU A 114 -39.75 -9.68 -0.57
C GLU A 114 -40.39 -8.51 -1.35
N PRO A 115 -40.66 -8.61 -2.65
CA PRO A 115 -41.20 -7.51 -3.43
C PRO A 115 -42.65 -7.21 -3.04
N PRO A 116 -43.11 -5.98 -3.32
CA PRO A 116 -44.47 -5.55 -3.04
C PRO A 116 -45.47 -6.17 -4.03
N PHE A 117 -46.75 -5.85 -3.85
CA PHE A 117 -47.83 -6.30 -4.72
C PHE A 117 -48.81 -5.15 -4.99
N TYR A 118 -48.37 -3.91 -4.67
CA TYR A 118 -49.15 -2.70 -4.83
C TYR A 118 -48.17 -1.52 -5.00
N VAL A 119 -48.71 -0.32 -5.24
CA VAL A 119 -47.92 0.88 -5.48
C VAL A 119 -46.86 1.08 -4.41
N GLY A 120 -45.65 1.45 -4.82
CA GLY A 120 -44.54 1.69 -3.90
C GLY A 120 -43.21 1.79 -4.65
N SER A 121 -43.13 1.27 -5.87
CA SER A 121 -41.93 1.37 -6.70
C SER A 121 -41.66 2.81 -7.13
N ASN A 122 -40.43 3.09 -7.58
CA ASN A 122 -40.03 4.41 -8.03
C ASN A 122 -38.89 4.31 -9.06
N GLY A 123 -38.80 3.17 -9.75
CA GLY A 123 -37.72 2.89 -10.68
C GLY A 123 -38.23 2.58 -12.08
N ASP A 124 -39.46 3.01 -12.39
CA ASP A 124 -40.08 2.76 -13.68
C ASP A 124 -40.85 3.99 -14.17
N ASP A 125 -40.56 5.16 -13.60
CA ASP A 125 -41.19 6.42 -13.95
C ASP A 125 -40.18 7.56 -13.87
N SER A 126 -40.52 8.70 -14.46
CA SER A 126 -39.66 9.88 -14.47
C SER A 126 -40.50 11.14 -14.63
N PHE A 127 -39.92 12.29 -14.26
CA PHE A 127 -40.56 13.59 -14.36
C PHE A 127 -39.53 14.72 -14.51
N SER A 128 -38.26 14.36 -14.71
CA SER A 128 -37.19 15.34 -14.86
C SER A 128 -36.04 14.83 -15.72
N SER A 129 -36.23 13.67 -16.36
CA SER A 129 -35.20 13.04 -17.18
C SER A 129 -35.81 12.13 -18.24
N SER A 130 -34.97 11.67 -19.16
CA SER A 130 -35.38 10.77 -20.24
C SER A 130 -35.53 9.31 -19.78
N GLY A 131 -35.57 9.07 -18.48
CA GLY A 131 -35.68 7.73 -17.91
C GLY A 131 -36.97 7.01 -18.31
N ASP A 132 -37.94 7.73 -18.86
CA ASP A 132 -39.18 7.16 -19.37
C ASP A 132 -39.77 8.08 -20.44
N VAL A 133 -40.68 7.55 -21.26
CA VAL A 133 -41.31 8.29 -22.34
C VAL A 133 -42.78 7.92 -22.48
N SER A 134 -43.28 7.01 -21.63
CA SER A 134 -44.68 6.60 -21.67
C SER A 134 -45.57 7.68 -21.04
N LEU A 135 -44.99 8.49 -20.13
CA LEU A 135 -45.71 9.54 -19.44
C LEU A 135 -44.69 10.57 -18.94
N SER A 136 -45.15 11.74 -18.51
CA SER A 136 -44.29 12.79 -17.97
C SER A 136 -45.10 13.74 -17.10
N ALA A 137 -44.42 14.53 -16.28
CA ALA A 137 -45.04 15.50 -15.39
C ALA A 137 -44.07 16.65 -15.09
N SER A 138 -44.59 17.75 -14.52
CA SER A 138 -43.80 18.92 -14.18
C SER A 138 -44.41 19.65 -12.98
N PRO A 139 -43.57 20.34 -12.19
CA PRO A 139 -43.99 21.21 -11.11
C PRO A 139 -44.51 22.55 -11.63
N VAL A 140 -44.60 22.69 -12.96
CA VAL A 140 -45.00 23.92 -13.64
C VAL A 140 -45.90 23.57 -14.83
N PRO A 141 -46.59 24.57 -15.42
CA PRO A 141 -47.43 24.38 -16.60
C PRO A 141 -46.71 23.63 -17.74
N ALA A 142 -47.48 23.23 -18.74
CA ALA A 142 -47.00 22.44 -19.86
C ALA A 142 -47.49 23.01 -21.19
N SER A 143 -47.94 24.27 -21.19
CA SER A 143 -48.41 24.96 -22.38
C SER A 143 -47.80 26.35 -22.48
N LEU A 144 -46.87 26.67 -21.57
CA LEU A 144 -46.15 27.93 -21.54
C LEU A 144 -44.73 27.72 -20.97
N THR A 145 -44.44 26.48 -20.54
CA THR A 145 -43.18 26.10 -19.91
C THR A 145 -42.90 24.65 -20.26
N GLN A 146 -41.75 24.11 -19.86
CA GLN A 146 -41.35 22.74 -20.17
C GLN A 146 -40.75 22.07 -18.95
N PRO A 147 -40.69 20.72 -18.95
CA PRO A 147 -40.11 19.95 -17.86
C PRO A 147 -38.74 20.44 -17.42
N PRO A 148 -38.38 20.18 -16.16
CA PRO A 148 -37.09 20.55 -15.60
C PRO A 148 -35.98 19.67 -16.18
N LEU A 149 -34.73 20.07 -15.98
CA LEU A 149 -33.57 19.36 -16.52
C LEU A 149 -32.34 19.65 -15.65
N PRO A 150 -31.33 18.76 -15.68
CA PRO A 150 -30.08 18.96 -14.96
C PRO A 150 -29.25 20.05 -15.63
N ILE A 151 -28.11 20.37 -15.00
CA ILE A 151 -27.20 21.39 -15.50
C ILE A 151 -25.76 20.99 -15.19
N PRO A 152 -24.79 21.30 -16.08
CA PRO A 152 -23.39 21.02 -15.86
C PRO A 152 -22.87 21.49 -14.49
N PRO A 153 -21.82 20.86 -13.98
CA PRO A 153 -21.20 21.20 -12.71
C PRO A 153 -20.45 22.54 -12.81
N PRO A 154 -20.06 23.10 -11.66
CA PRO A 154 -19.30 24.35 -11.60
C PRO A 154 -17.87 24.17 -12.12
N PHE A 155 -17.11 25.26 -12.15
CA PHE A 155 -15.75 25.26 -12.69
C PHE A 155 -14.73 26.07 -11.89
N PRO A 156 -15.12 27.13 -11.16
CA PRO A 156 -14.19 27.91 -10.34
C PRO A 156 -13.35 27.04 -9.39
N PRO A 157 -12.17 27.52 -9.01
CA PRO A 157 -11.26 26.82 -8.12
C PRO A 157 -11.79 26.84 -6.68
N PRO A 158 -11.18 26.07 -5.78
CA PRO A 158 -11.55 26.01 -4.37
C PRO A 158 -11.55 27.38 -3.69
N SER A 159 -10.91 28.38 -4.31
CA SER A 159 -10.75 29.73 -3.75
C SER A 159 -10.32 29.70 -2.29
N GLY A 160 -9.54 28.68 -1.92
CA GLY A 160 -9.14 28.44 -0.55
C GLY A 160 -8.23 27.21 -0.47
N LYS A 161 -8.16 26.58 0.71
CA LYS A 161 -7.37 25.36 0.91
C LYS A 161 -7.73 24.32 -0.14
N ASN A 162 -6.75 23.49 -0.53
CA ASN A 162 -6.95 22.45 -1.53
C ASN A 162 -7.57 21.20 -0.89
N PRO A 163 -8.39 20.47 -1.64
CA PRO A 163 -9.03 19.24 -1.18
C PRO A 163 -8.11 18.03 -1.31
N VAL A 164 -6.97 18.19 -1.99
CA VAL A 164 -6.04 17.09 -2.23
C VAL A 164 -5.38 16.66 -0.92
N MET A 165 -4.93 17.61 -0.11
CA MET A 165 -4.21 17.30 1.11
C MET A 165 -5.15 16.83 2.22
N ILE A 166 -6.28 17.51 2.40
CA ILE A 166 -7.23 17.10 3.43
C ILE A 166 -7.68 15.66 3.16
N LEU A 167 -7.90 15.28 1.89
CA LEU A 167 -8.24 13.90 1.58
C LEU A 167 -7.04 13.02 1.95
N ASN A 168 -5.85 13.42 1.49
CA ASN A 168 -4.60 12.73 1.74
C ASN A 168 -4.17 12.74 3.20
N GLU A 169 -4.95 13.32 4.13
CA GLU A 169 -4.60 13.34 5.54
C GLU A 169 -5.79 12.91 6.41
N LEU A 170 -6.95 12.64 5.81
CA LEU A 170 -8.12 12.16 6.55
C LEU A 170 -8.42 10.70 6.18
N ARG A 171 -8.04 10.31 4.96
CA ARG A 171 -8.29 8.96 4.49
C ARG A 171 -7.32 8.61 3.35
N PRO A 172 -6.00 8.67 3.60
CA PRO A 172 -5.00 8.29 2.61
C PRO A 172 -5.08 6.79 2.35
N GLY A 173 -4.23 6.27 1.45
CA GLY A 173 -4.33 4.88 1.03
C GLY A 173 -5.04 4.74 -0.30
N LEU A 174 -4.81 5.68 -1.22
CA LEU A 174 -5.48 5.72 -2.51
C LEU A 174 -4.45 5.74 -3.63
N LYS A 175 -4.93 5.87 -4.86
CA LYS A 175 -4.06 5.99 -6.02
C LYS A 175 -4.68 7.05 -6.95
N TYR A 176 -3.82 7.74 -7.71
CA TYR A 176 -4.28 8.74 -8.67
C TYR A 176 -3.70 8.38 -10.02
N ASP A 177 -4.40 8.77 -11.08
CA ASP A 177 -3.91 8.60 -12.43
C ASP A 177 -4.14 9.87 -13.22
N PHE A 178 -3.45 10.02 -14.36
CA PHE A 178 -3.55 11.20 -15.18
C PHE A 178 -4.02 10.78 -16.55
N LEU A 179 -4.91 11.61 -17.13
CA LEU A 179 -5.56 11.29 -18.38
C LEU A 179 -5.36 12.43 -19.39
N SER A 180 -5.56 12.07 -20.66
CA SER A 180 -5.20 12.84 -21.84
C SER A 180 -5.56 14.32 -21.85
N GLU A 181 -4.98 15.02 -22.83
CA GLU A 181 -5.15 16.47 -22.99
C GLU A 181 -5.77 16.81 -24.33
N SER A 182 -6.11 18.08 -24.52
CA SER A 182 -6.62 18.62 -25.77
C SER A 182 -6.10 20.04 -25.94
N GLY A 183 -6.22 20.59 -27.15
CA GLY A 183 -5.66 21.89 -27.47
C GLY A 183 -4.18 21.72 -27.82
N GLU A 184 -3.47 22.84 -28.03
CA GLU A 184 -2.05 22.78 -28.38
C GLU A 184 -1.21 23.71 -27.52
N SER A 185 -1.58 24.99 -27.47
CA SER A 185 -0.89 25.98 -26.64
C SER A 185 -1.70 27.27 -26.52
N HIS A 186 -2.45 27.63 -27.58
CA HIS A 186 -3.35 28.77 -27.55
C HIS A 186 -4.46 28.52 -26.52
N ALA A 187 -4.70 27.23 -26.25
CA ALA A 187 -5.61 26.79 -25.22
C ALA A 187 -5.23 25.36 -24.87
N LYS A 188 -5.54 24.90 -23.66
CA LYS A 188 -5.13 23.57 -23.25
C LYS A 188 -6.05 23.03 -22.15
N SER A 189 -6.08 21.71 -21.99
CA SER A 189 -6.82 21.05 -20.92
C SER A 189 -6.18 19.71 -20.58
N PHE A 190 -6.48 19.21 -19.38
CA PHE A 190 -5.92 17.96 -18.90
C PHE A 190 -6.94 17.31 -17.98
N VAL A 191 -6.72 16.07 -17.55
CA VAL A 191 -7.60 15.45 -16.55
C VAL A 191 -6.84 14.46 -15.68
N MET A 192 -7.44 14.19 -14.52
CA MET A 192 -6.90 13.23 -13.57
C MET A 192 -8.04 12.28 -13.18
N SER A 193 -7.68 11.09 -12.75
CA SER A 193 -8.62 10.19 -12.10
C SER A 193 -8.03 9.69 -10.80
N VAL A 194 -8.82 8.99 -10.01
CA VAL A 194 -8.38 8.49 -8.72
C VAL A 194 -9.10 7.19 -8.41
N VAL A 195 -8.55 6.42 -7.47
CA VAL A 195 -9.22 5.25 -6.93
C VAL A 195 -9.07 5.34 -5.44
N VAL A 196 -10.19 5.24 -4.72
CA VAL A 196 -10.20 5.46 -3.28
C VAL A 196 -11.19 4.50 -2.64
N ASP A 197 -10.72 3.72 -1.66
CA ASP A 197 -11.53 2.68 -1.03
C ASP A 197 -12.13 1.66 -2.04
N GLY A 198 -11.87 1.84 -3.33
CA GLY A 198 -12.35 0.92 -4.36
C GLY A 198 -13.16 1.68 -5.40
N GLN A 199 -13.64 2.87 -5.03
CA GLN A 199 -14.39 3.73 -5.92
C GLN A 199 -13.48 4.36 -6.97
N PHE A 200 -14.05 5.08 -7.93
CA PHE A 200 -13.26 5.70 -8.99
C PHE A 200 -13.79 7.10 -9.28
N PHE A 201 -12.87 8.06 -9.40
CA PHE A 201 -13.23 9.44 -9.67
C PHE A 201 -12.43 10.05 -10.82
N GLU A 202 -12.84 11.24 -11.27
CA GLU A 202 -12.22 11.90 -12.40
C GLU A 202 -12.48 13.41 -12.34
N GLY A 203 -11.58 14.22 -12.92
CA GLY A 203 -11.75 15.66 -12.95
C GLY A 203 -10.79 16.30 -13.96
N SER A 204 -11.30 17.25 -14.75
CA SER A 204 -10.51 17.92 -15.77
C SER A 204 -10.25 19.37 -15.41
N GLY A 205 -9.28 19.99 -16.08
CA GLY A 205 -8.93 21.37 -15.83
C GLY A 205 -7.93 21.89 -16.86
N ARG A 206 -7.72 23.22 -16.88
CA ARG A 206 -6.78 23.82 -17.81
C ARG A 206 -5.33 23.55 -17.45
N ASN A 207 -5.10 23.00 -16.24
CA ASN A 207 -3.76 22.67 -15.77
C ASN A 207 -3.87 21.47 -14.81
N LYS A 208 -2.73 20.85 -14.51
CA LYS A 208 -2.70 19.63 -13.73
C LYS A 208 -3.10 19.82 -12.27
N LYS A 209 -2.86 20.98 -11.68
CA LYS A 209 -3.22 21.24 -10.28
C LYS A 209 -4.73 21.35 -10.14
N LEU A 210 -5.38 21.97 -11.13
CA LEU A 210 -6.82 22.19 -11.10
C LEU A 210 -7.54 20.88 -11.36
N ALA A 211 -7.03 20.08 -12.30
CA ALA A 211 -7.59 18.78 -12.61
C ALA A 211 -7.57 17.82 -11.43
N LYS A 212 -6.49 17.80 -10.64
CA LYS A 212 -6.40 16.94 -9.47
C LYS A 212 -7.28 17.47 -8.35
N ALA A 213 -7.34 18.81 -8.18
CA ALA A 213 -8.17 19.42 -7.16
C ALA A 213 -9.64 19.08 -7.41
N ARG A 214 -10.01 18.83 -8.67
CA ARG A 214 -11.38 18.52 -9.03
C ARG A 214 -11.68 17.03 -8.80
N ALA A 215 -10.84 16.15 -9.35
CA ALA A 215 -10.99 14.72 -9.14
C ALA A 215 -10.85 14.37 -7.65
N ALA A 216 -10.03 15.12 -6.92
CA ALA A 216 -9.82 14.88 -5.49
C ALA A 216 -11.06 15.31 -4.71
N GLN A 217 -11.46 16.57 -4.84
CA GLN A 217 -12.73 17.04 -4.32
C GLN A 217 -13.89 16.06 -4.56
N SER A 218 -13.94 15.40 -5.73
CA SER A 218 -15.01 14.43 -5.96
C SER A 218 -14.80 13.19 -5.11
N ALA A 219 -13.55 12.70 -5.05
CA ALA A 219 -13.23 11.54 -4.24
C ALA A 219 -13.49 11.80 -2.76
N LEU A 220 -13.17 13.00 -2.30
CA LEU A 220 -13.37 13.37 -0.90
C LEU A 220 -14.86 13.39 -0.57
N ALA A 221 -15.64 14.19 -1.30
CA ALA A 221 -17.06 14.35 -1.02
C ALA A 221 -17.79 13.02 -0.95
N THR A 222 -17.54 12.11 -1.90
CA THR A 222 -18.25 10.85 -1.96
C THR A 222 -17.77 9.84 -0.91
N VAL A 223 -16.46 9.74 -0.69
CA VAL A 223 -15.92 8.71 0.20
C VAL A 223 -16.00 9.15 1.65
N PHE A 224 -16.02 10.47 1.88
CA PHE A 224 -16.05 11.01 3.23
C PHE A 224 -17.50 11.32 3.62
N ASN A 225 -18.46 11.17 2.70
CA ASN A 225 -19.85 11.52 2.95
C ASN A 225 -20.00 12.99 3.36
N LEU A 226 -19.17 13.87 2.78
CA LEU A 226 -19.12 15.28 3.12
C LEU A 226 -19.01 16.14 1.87
N HIS A 227 -18.66 17.41 2.04
CA HIS A 227 -18.56 18.38 0.95
C HIS A 227 -17.34 19.28 1.16
N LEU A 228 -17.24 20.35 0.37
CA LEU A 228 -16.09 21.25 0.41
C LEU A 228 -16.56 22.71 0.58
N LEU A 229 -15.63 23.63 0.83
CA LEU A 229 -15.93 25.02 1.03
C LEU A 229 -16.73 25.59 -0.12
N GLU A 230 -17.84 26.28 0.19
CA GLU A 230 -18.70 26.92 -0.80
C GLU A 230 -19.45 28.09 -0.16
N HIS A 231 -19.03 28.52 1.04
CA HIS A 231 -19.72 29.56 1.79
C HIS A 231 -18.74 30.50 2.50
N HIS A 232 -17.44 30.30 2.28
CA HIS A 232 -16.40 31.13 2.88
C HIS A 232 -16.30 32.47 2.14
N HIS A 233 -17.17 32.71 1.16
CA HIS A 233 -17.21 33.97 0.41
C HIS A 233 -17.48 35.15 1.33
N HIS A 234 -17.12 36.35 0.89
CA HIS A 234 -17.28 37.56 1.68
C HIS A 234 -17.32 38.79 0.75
N HIS A 235 -17.55 39.97 1.34
CA HIS A 235 -17.62 41.22 0.60
C HIS A 235 -17.21 42.37 1.52
N HIS A 236 -16.87 43.51 0.91
CA HIS A 236 -16.46 44.71 1.62
C HIS A 236 -16.76 45.96 0.80
N PRO A 1 -10.17 -9.38 26.94
CA PRO A 1 -8.98 -9.71 26.13
C PRO A 1 -8.02 -8.52 26.01
N GLY A 2 -6.85 -8.75 25.41
CA GLY A 2 -5.87 -7.70 25.20
C GLY A 2 -4.65 -8.19 24.42
N PRO A 3 -3.72 -7.27 24.11
CA PRO A 3 -2.47 -7.53 23.41
C PRO A 3 -1.61 -8.61 24.04
N VAL A 4 -0.55 -9.00 23.33
CA VAL A 4 0.43 -9.97 23.82
C VAL A 4 1.16 -9.41 25.05
N LEU A 5 2.07 -10.20 25.64
CA LEU A 5 2.75 -9.84 26.87
C LEU A 5 4.24 -10.23 26.84
N PRO A 6 5.08 -9.43 26.15
CA PRO A 6 6.52 -9.60 26.12
C PRO A 6 7.12 -9.71 27.53
N LYS A 7 6.40 -9.17 28.52
CA LYS A 7 6.80 -9.23 29.91
C LYS A 7 7.17 -10.66 30.29
N ASN A 8 6.48 -11.65 29.75
CA ASN A 8 6.79 -13.05 29.98
C ASN A 8 8.23 -13.40 29.61
N ALA A 9 8.61 -13.29 28.32
CA ALA A 9 9.96 -13.59 27.88
C ALA A 9 10.97 -12.75 28.65
N LEU A 10 10.57 -11.52 28.98
CA LEU A 10 11.48 -10.56 29.56
C LEU A 10 11.77 -10.88 31.02
N MET A 11 10.73 -11.22 31.81
CA MET A 11 10.89 -11.62 33.20
C MET A 11 11.66 -12.93 33.27
N GLN A 12 11.34 -13.85 32.36
CA GLN A 12 11.98 -15.14 32.32
C GLN A 12 13.48 -14.92 32.16
N LEU A 13 13.88 -14.09 31.18
CA LEU A 13 15.27 -13.72 31.03
C LEU A 13 15.81 -13.06 32.30
N ASN A 14 15.06 -12.13 32.89
CA ASN A 14 15.49 -11.44 34.09
C ASN A 14 15.76 -12.41 35.24
N GLU A 15 14.99 -13.50 35.31
CA GLU A 15 15.18 -14.53 36.32
C GLU A 15 16.44 -15.33 36.04
N ILE A 16 16.55 -15.90 34.84
CA ILE A 16 17.68 -16.76 34.47
C ILE A 16 19.00 -15.98 34.38
N LYS A 17 18.92 -14.65 34.22
CA LYS A 17 20.02 -13.70 34.09
C LYS A 17 21.17 -13.95 35.09
N PRO A 18 22.27 -14.56 34.65
CA PRO A 18 23.47 -14.68 35.48
C PRO A 18 24.28 -13.37 35.39
N GLY A 19 23.86 -12.47 34.49
CA GLY A 19 24.58 -11.23 34.24
C GLY A 19 24.75 -11.00 32.74
N LEU A 20 23.71 -11.35 31.98
CA LEU A 20 23.76 -11.38 30.52
C LEU A 20 24.02 -10.03 29.88
N GLN A 21 24.23 -10.04 28.56
CA GLN A 21 24.52 -8.81 27.82
C GLN A 21 23.69 -8.71 26.54
N TYR A 22 23.10 -7.52 26.32
CA TYR A 22 22.40 -7.22 25.07
C TYR A 22 23.31 -6.31 24.23
N MET A 23 23.41 -6.61 22.92
CA MET A 23 24.17 -5.77 21.99
C MET A 23 23.36 -5.57 20.70
N LEU A 24 23.46 -4.38 20.11
CA LEU A 24 22.67 -3.98 18.94
C LEU A 24 23.53 -4.00 17.68
N LEU A 25 22.94 -4.55 16.62
CA LEU A 25 23.62 -4.79 15.36
C LEU A 25 22.69 -4.34 14.21
N SER A 26 23.16 -4.46 12.97
CA SER A 26 22.53 -3.82 11.81
C SER A 26 22.25 -2.36 12.11
N GLN A 27 20.96 -2.03 12.11
CA GLN A 27 20.43 -0.71 12.23
C GLN A 27 20.82 0.13 11.02
N THR A 28 20.07 -0.06 9.94
CA THR A 28 20.22 0.64 8.68
C THR A 28 18.96 0.41 7.87
N GLY A 29 18.79 1.16 6.78
CA GLY A 29 17.61 1.05 5.96
C GLY A 29 17.28 2.40 5.31
N PRO A 30 16.11 2.51 4.69
CA PRO A 30 15.63 3.72 4.03
C PRO A 30 15.21 4.79 5.02
N VAL A 31 15.47 4.53 6.30
CA VAL A 31 15.22 5.44 7.40
C VAL A 31 13.72 5.51 7.74
N HIS A 32 12.90 4.72 7.06
CA HIS A 32 11.48 4.60 7.37
C HIS A 32 11.06 3.14 7.40
N ALA A 33 12.01 2.25 7.11
CA ALA A 33 11.86 0.82 7.31
C ALA A 33 13.20 0.27 7.81
N PRO A 34 13.67 0.78 8.97
CA PRO A 34 14.98 0.47 9.53
C PRO A 34 14.96 -0.93 10.14
N LEU A 35 16.02 -1.71 9.89
CA LEU A 35 16.16 -3.05 10.46
C LEU A 35 17.19 -3.05 11.58
N PHE A 36 16.77 -3.53 12.76
CA PHE A 36 17.64 -3.59 13.92
C PHE A 36 17.81 -5.05 14.27
N VAL A 37 19.02 -5.48 14.58
CA VAL A 37 19.19 -6.84 15.06
C VAL A 37 19.86 -6.82 16.41
N MET A 38 19.14 -7.25 17.44
CA MET A 38 19.68 -7.26 18.78
C MET A 38 20.09 -8.66 19.09
N SER A 39 21.32 -8.83 19.57
CA SER A 39 21.83 -10.12 19.93
C SER A 39 22.13 -10.11 21.41
N VAL A 40 21.73 -11.18 22.08
CA VAL A 40 21.83 -11.30 23.51
C VAL A 40 22.85 -12.40 23.80
N GLU A 41 23.59 -12.29 24.89
CA GLU A 41 24.69 -13.18 25.16
C GLU A 41 24.63 -13.65 26.60
N VAL A 42 24.69 -14.98 26.76
CA VAL A 42 24.70 -15.64 28.05
C VAL A 42 25.76 -16.73 28.00
N ASN A 43 26.61 -16.82 29.03
CA ASN A 43 27.67 -17.82 29.17
C ASN A 43 28.67 -17.86 28.00
N GLY A 44 28.46 -17.05 26.94
CA GLY A 44 29.34 -17.03 25.79
C GLY A 44 28.60 -17.46 24.53
N GLN A 45 27.30 -17.68 24.65
CA GLN A 45 26.42 -18.02 23.54
C GLN A 45 25.63 -16.79 23.20
N VAL A 46 25.57 -16.47 21.90
CA VAL A 46 24.96 -15.24 21.45
C VAL A 46 23.85 -15.60 20.45
N PHE A 47 22.70 -14.95 20.59
CA PHE A 47 21.55 -15.21 19.73
C PHE A 47 20.97 -13.89 19.27
N GLU A 48 20.64 -13.79 17.97
CA GLU A 48 20.30 -12.52 17.34
C GLU A 48 18.86 -12.51 16.85
N GLY A 49 18.16 -11.39 17.06
CA GLY A 49 16.78 -11.23 16.63
C GLY A 49 16.63 -9.96 15.80
N SER A 50 15.89 -10.05 14.69
CA SER A 50 15.75 -8.98 13.70
C SER A 50 14.33 -8.44 13.66
N GLY A 51 14.19 -7.14 13.94
CA GLY A 51 12.92 -6.47 13.82
C GLY A 51 13.07 -4.97 13.60
N PRO A 52 11.99 -4.30 13.15
CA PRO A 52 11.90 -2.86 13.17
C PRO A 52 11.77 -2.46 14.65
N THR A 53 12.44 -1.36 15.03
CA THR A 53 12.50 -0.91 16.43
C THR A 53 13.13 -1.93 17.38
N LYS A 54 13.80 -1.43 18.42
CA LYS A 54 14.61 -2.23 19.33
C LYS A 54 13.78 -3.18 20.19
N LYS A 55 12.48 -2.94 20.31
CA LYS A 55 11.60 -3.69 21.18
C LYS A 55 11.63 -5.19 20.87
N LYS A 56 10.96 -5.57 19.78
CA LYS A 56 10.79 -6.94 19.34
C LYS A 56 12.11 -7.66 19.11
N ALA A 57 13.13 -6.95 18.63
CA ALA A 57 14.44 -7.53 18.37
C ALA A 57 14.99 -8.20 19.63
N LYS A 58 15.21 -7.39 20.67
CA LYS A 58 15.76 -7.88 21.93
C LYS A 58 14.88 -8.99 22.50
N LEU A 59 13.56 -8.85 22.35
CA LEU A 59 12.58 -9.81 22.84
C LEU A 59 12.85 -11.20 22.28
N HIS A 60 12.79 -11.30 20.96
CA HIS A 60 13.05 -12.53 20.24
C HIS A 60 14.42 -13.08 20.60
N ALA A 61 15.43 -12.22 20.68
CA ALA A 61 16.76 -12.63 21.11
C ALA A 61 16.68 -13.32 22.49
N ALA A 62 15.99 -12.69 23.45
CA ALA A 62 15.84 -13.22 24.79
C ALA A 62 15.23 -14.63 24.76
N GLU A 63 14.13 -14.79 24.02
CA GLU A 63 13.46 -16.08 23.87
C GLU A 63 14.44 -17.14 23.38
N LYS A 64 15.13 -16.83 22.27
CA LYS A 64 16.09 -17.74 21.65
C LYS A 64 17.15 -18.15 22.66
N ALA A 65 17.89 -17.17 23.20
CA ALA A 65 18.95 -17.44 24.14
C ALA A 65 18.45 -18.22 25.35
N LEU A 66 17.24 -17.92 25.84
CA LEU A 66 16.64 -18.68 26.95
C LEU A 66 16.63 -20.15 26.55
N ARG A 67 15.94 -20.50 25.45
CA ARG A 67 15.81 -21.90 25.08
C ARG A 67 17.19 -22.53 24.96
N SER A 68 18.11 -21.80 24.34
CA SER A 68 19.47 -22.27 24.10
C SER A 68 20.26 -22.49 25.40
N PHE A 69 20.61 -21.40 26.08
CA PHE A 69 21.47 -21.49 27.26
C PHE A 69 20.82 -22.22 28.45
N VAL A 70 19.51 -22.45 28.48
CA VAL A 70 18.96 -23.33 29.51
C VAL A 70 19.67 -24.69 29.49
N GLN A 71 20.32 -25.05 28.38
CA GLN A 71 21.08 -26.29 28.28
C GLN A 71 22.53 -26.11 28.75
N PHE A 72 22.94 -24.85 29.01
CA PHE A 72 24.28 -24.53 29.47
C PHE A 72 24.28 -23.31 30.40
N PRO A 73 23.63 -23.41 31.56
CA PRO A 73 23.58 -22.36 32.55
C PRO A 73 24.91 -22.23 33.31
N ASN A 74 25.86 -23.13 33.04
CA ASN A 74 27.17 -23.14 33.68
C ASN A 74 28.18 -23.84 32.77
N ALA A 75 29.48 -23.66 33.04
CA ALA A 75 30.54 -24.25 32.22
C ALA A 75 31.84 -24.43 33.02
N SER A 76 31.78 -24.38 34.35
CA SER A 76 32.99 -24.44 35.17
C SER A 76 32.83 -25.31 36.43
N GLU A 77 31.64 -25.85 36.66
CA GLU A 77 31.39 -26.75 37.79
C GLU A 77 30.22 -27.70 37.50
N ALA A 78 29.65 -27.63 36.30
CA ALA A 78 28.53 -28.50 35.92
C ALA A 78 29.00 -29.94 35.71
N HIS A 79 30.32 -30.16 35.65
CA HIS A 79 30.95 -31.44 35.37
C HIS A 79 30.35 -32.17 34.17
N LEU A 80 29.75 -31.41 33.24
CA LEU A 80 29.11 -31.94 32.04
C LEU A 80 29.31 -30.96 30.88
N ALA A 81 28.91 -31.38 29.68
CA ALA A 81 29.03 -30.59 28.47
C ALA A 81 27.87 -30.88 27.51
N MET A 82 26.75 -31.37 28.06
CA MET A 82 25.58 -31.73 27.28
C MET A 82 24.29 -31.48 28.09
N GLY A 83 23.14 -31.77 27.50
CA GLY A 83 21.85 -31.54 28.14
C GLY A 83 20.74 -32.41 27.54
N ARG A 84 19.50 -32.17 28.00
CA ARG A 84 18.32 -32.93 27.60
C ARG A 84 17.85 -32.59 26.18
N THR A 85 18.71 -32.01 25.35
CA THR A 85 18.37 -31.61 23.98
C THR A 85 17.86 -32.80 23.17
N LEU A 86 17.26 -32.50 22.01
CA LEU A 86 16.67 -33.51 21.13
C LEU A 86 16.70 -33.02 19.68
N SER A 87 16.08 -33.78 18.77
CA SER A 87 16.02 -33.43 17.36
C SER A 87 14.68 -33.88 16.75
N VAL A 88 14.44 -33.46 15.51
CA VAL A 88 13.20 -33.73 14.79
C VAL A 88 13.47 -33.74 13.28
N ASN A 89 12.50 -34.21 12.49
CA ASN A 89 12.66 -34.34 11.04
C ASN A 89 11.35 -34.05 10.30
N THR A 90 10.38 -33.44 11.00
CA THR A 90 9.07 -33.10 10.46
C THR A 90 9.09 -31.87 9.58
N ASP A 91 10.26 -31.50 9.04
CA ASP A 91 10.41 -30.29 8.25
C ASP A 91 11.34 -30.53 7.05
N PHE A 92 11.24 -29.68 6.03
CA PHE A 92 12.01 -29.84 4.80
C PHE A 92 12.24 -28.46 4.17
N THR A 93 13.09 -28.41 3.13
CA THR A 93 13.41 -27.16 2.47
C THR A 93 13.87 -27.43 1.03
N SER A 94 14.01 -26.36 0.24
CA SER A 94 14.37 -26.46 -1.16
C SER A 94 15.27 -25.30 -1.60
N ASP A 95 15.74 -25.37 -2.85
CA ASP A 95 16.61 -24.35 -3.42
C ASP A 95 16.38 -24.26 -4.93
N GLN A 96 16.91 -23.21 -5.56
CA GLN A 96 16.74 -22.96 -6.98
C GLN A 96 17.21 -24.14 -7.82
N ALA A 97 16.53 -24.41 -8.93
CA ALA A 97 16.85 -25.49 -9.84
C ALA A 97 16.45 -25.18 -11.28
N ASP A 98 16.18 -23.90 -11.58
CA ASP A 98 15.73 -23.41 -12.88
C ASP A 98 14.36 -24.00 -13.31
N PHE A 99 13.76 -24.81 -12.44
CA PHE A 99 12.44 -25.41 -12.62
C PHE A 99 12.10 -25.69 -14.09
N PRO A 100 12.86 -26.58 -14.74
CA PRO A 100 12.72 -26.89 -16.15
C PRO A 100 11.44 -27.69 -16.45
N ASP A 101 10.64 -27.98 -15.42
CA ASP A 101 9.38 -28.70 -15.59
C ASP A 101 8.37 -27.87 -16.39
N THR A 102 8.73 -26.65 -16.79
CA THR A 102 7.90 -25.76 -17.60
C THR A 102 8.77 -24.93 -18.54
N LEU A 103 8.14 -24.13 -19.40
CA LEU A 103 8.85 -23.32 -20.39
C LEU A 103 8.30 -21.89 -20.46
N PHE A 104 7.27 -21.59 -19.66
CA PHE A 104 6.62 -20.29 -19.60
C PHE A 104 6.25 -19.74 -20.99
N ASN A 105 6.11 -20.62 -21.97
CA ASN A 105 5.75 -20.22 -23.33
C ASN A 105 4.92 -21.31 -24.03
N GLY A 106 4.42 -22.27 -23.24
CA GLY A 106 3.61 -23.36 -23.77
C GLY A 106 2.95 -24.17 -22.65
N PHE A 107 2.07 -25.09 -23.03
CA PHE A 107 1.36 -25.94 -22.09
C PHE A 107 0.90 -27.22 -22.79
N GLU A 108 0.08 -28.02 -22.09
CA GLU A 108 -0.47 -29.27 -22.60
C GLU A 108 -1.38 -29.04 -23.82
N THR A 109 -1.70 -27.77 -24.12
CA THR A 109 -2.53 -27.42 -25.27
C THR A 109 -1.89 -27.88 -26.58
N PRO A 110 -2.71 -28.07 -27.62
CA PRO A 110 -2.24 -28.48 -28.94
C PRO A 110 -1.54 -27.34 -29.67
N ASP A 111 -1.03 -27.63 -30.87
CA ASP A 111 -0.34 -26.65 -31.71
C ASP A 111 -0.59 -26.98 -33.18
N LYS A 112 -0.21 -26.07 -34.09
CA LYS A 112 -0.47 -26.25 -35.52
C LYS A 112 0.69 -25.75 -36.37
N SER A 113 0.72 -26.20 -37.63
CA SER A 113 1.73 -25.78 -38.59
C SER A 113 1.20 -25.90 -40.02
N GLU A 114 -0.03 -26.38 -40.18
CA GLU A 114 -0.70 -26.52 -41.46
C GLU A 114 -1.04 -25.17 -42.10
N PRO A 115 -1.53 -24.16 -41.34
CA PRO A 115 -1.88 -22.87 -41.91
C PRO A 115 -0.63 -22.04 -42.20
N PRO A 116 -0.76 -21.00 -43.04
CA PRO A 116 0.32 -20.09 -43.38
C PRO A 116 0.66 -19.16 -42.22
N PHE A 117 1.72 -18.35 -42.38
CA PHE A 117 2.14 -17.39 -41.39
C PHE A 117 2.66 -16.12 -42.04
N TYR A 118 2.41 -15.97 -43.35
CA TYR A 118 2.81 -14.80 -44.12
C TYR A 118 1.81 -14.57 -45.25
N VAL A 119 1.65 -13.31 -45.68
CA VAL A 119 0.69 -12.94 -46.72
C VAL A 119 1.21 -11.74 -47.52
N GLY A 120 0.48 -11.38 -48.58
CA GLY A 120 0.85 -10.26 -49.44
C GLY A 120 -0.27 -9.89 -50.41
N SER A 121 -1.49 -10.42 -50.20
CA SER A 121 -2.64 -10.21 -51.05
C SER A 121 -2.37 -10.59 -52.51
N ASN A 122 -3.37 -10.39 -53.38
CA ASN A 122 -3.27 -10.70 -54.80
C ASN A 122 -4.18 -9.77 -55.61
N GLY A 123 -4.69 -8.71 -54.99
CA GLY A 123 -5.57 -7.76 -55.66
C GLY A 123 -5.89 -6.52 -54.81
N ASP A 124 -5.22 -6.37 -53.66
CA ASP A 124 -5.47 -5.26 -52.76
C ASP A 124 -4.17 -4.96 -51.97
N ASP A 125 -4.19 -3.94 -51.12
CA ASP A 125 -3.03 -3.54 -50.32
C ASP A 125 -3.45 -3.05 -48.92
N SER A 126 -4.75 -3.01 -48.65
CA SER A 126 -5.29 -2.60 -47.37
C SER A 126 -6.57 -3.36 -47.07
N PHE A 127 -7.04 -3.28 -45.81
CA PHE A 127 -8.25 -3.95 -45.36
C PHE A 127 -8.78 -3.29 -44.08
N SER A 128 -10.04 -3.55 -43.74
CA SER A 128 -10.68 -3.03 -42.56
C SER A 128 -11.90 -3.87 -42.19
N SER A 129 -12.47 -3.61 -41.02
CA SER A 129 -13.63 -4.33 -40.53
C SER A 129 -14.41 -3.46 -39.53
N SER A 130 -15.58 -3.95 -39.11
CA SER A 130 -16.48 -3.25 -38.20
C SER A 130 -16.70 -1.78 -38.57
N GLY A 131 -16.60 -1.47 -39.87
CA GLY A 131 -16.79 -0.13 -40.38
C GLY A 131 -16.99 -0.14 -41.89
N ASP A 132 -17.19 1.04 -42.47
CA ASP A 132 -17.44 1.20 -43.90
C ASP A 132 -16.87 2.53 -44.39
N VAL A 133 -16.79 2.67 -45.72
CA VAL A 133 -16.30 3.89 -46.36
C VAL A 133 -17.14 5.09 -45.96
N SER A 134 -16.50 6.25 -45.83
CA SER A 134 -17.14 7.52 -45.46
C SER A 134 -18.08 7.41 -44.26
N LEU A 135 -17.85 6.44 -43.37
CA LEU A 135 -18.70 6.24 -42.20
C LEU A 135 -17.88 5.82 -40.98
N SER A 136 -16.55 5.79 -41.13
CA SER A 136 -15.65 5.37 -40.05
C SER A 136 -14.37 6.21 -40.06
N ALA A 137 -14.38 7.35 -40.75
CA ALA A 137 -13.22 8.22 -40.87
C ALA A 137 -13.64 9.68 -41.00
N SER A 138 -14.91 10.00 -40.71
CA SER A 138 -15.41 11.36 -40.79
C SER A 138 -14.62 12.29 -39.88
N PRO A 139 -14.44 13.57 -40.26
CA PRO A 139 -13.70 14.56 -39.47
C PRO A 139 -14.24 14.73 -38.04
N VAL A 140 -15.53 14.45 -37.83
CA VAL A 140 -16.18 14.61 -36.54
C VAL A 140 -17.31 13.58 -36.39
N PRO A 141 -17.66 13.22 -35.15
CA PRO A 141 -18.74 12.32 -34.83
C PRO A 141 -20.10 13.01 -34.92
N ALA A 142 -20.11 14.30 -35.27
CA ALA A 142 -21.32 15.13 -35.32
C ALA A 142 -22.09 15.13 -34.00
N SER A 143 -23.28 15.73 -33.98
CA SER A 143 -24.12 15.82 -32.79
C SER A 143 -25.59 15.91 -33.19
N LEU A 144 -26.49 15.92 -32.21
CA LEU A 144 -27.93 15.98 -32.41
C LEU A 144 -28.58 16.96 -31.43
N THR A 145 -27.77 17.69 -30.65
CA THR A 145 -28.28 18.67 -29.69
C THR A 145 -27.20 19.73 -29.44
N GLN A 146 -27.63 20.97 -29.12
CA GLN A 146 -26.69 22.06 -28.89
C GLN A 146 -27.28 23.23 -28.07
N PRO A 147 -28.15 22.98 -27.08
CA PRO A 147 -28.76 24.06 -26.31
C PRO A 147 -27.72 24.78 -25.46
N PRO A 148 -28.05 26.00 -24.98
CA PRO A 148 -27.19 26.81 -24.14
C PRO A 148 -26.59 26.05 -22.95
N LEU A 149 -25.44 26.51 -22.47
CA LEU A 149 -24.73 25.91 -21.35
C LEU A 149 -23.86 26.99 -20.69
N PRO A 150 -24.48 28.00 -20.05
CA PRO A 150 -23.78 29.08 -19.39
C PRO A 150 -23.09 28.58 -18.12
N ILE A 151 -22.19 29.41 -17.56
CA ILE A 151 -21.42 29.05 -16.38
C ILE A 151 -21.21 30.29 -15.50
N PRO A 152 -20.94 30.09 -14.20
CA PRO A 152 -20.64 31.17 -13.26
C PRO A 152 -19.51 32.09 -13.73
N PRO A 153 -19.40 33.29 -13.14
CA PRO A 153 -18.36 34.26 -13.42
C PRO A 153 -16.96 33.64 -13.33
N PRO A 154 -15.97 34.28 -13.97
CA PRO A 154 -14.59 33.83 -13.96
C PRO A 154 -13.95 34.08 -12.59
N PHE A 155 -12.74 33.54 -12.39
CA PHE A 155 -12.00 33.65 -11.13
C PHE A 155 -12.89 33.45 -9.89
N PRO A 156 -13.69 32.38 -9.83
CA PRO A 156 -14.61 32.12 -8.72
C PRO A 156 -13.84 31.75 -7.44
N PRO A 157 -14.49 31.85 -6.27
CA PRO A 157 -13.88 31.50 -5.00
C PRO A 157 -13.73 29.98 -4.90
N PRO A 158 -12.87 29.50 -3.99
CA PRO A 158 -12.62 28.09 -3.77
C PRO A 158 -13.81 27.44 -3.06
N SER A 159 -13.97 26.12 -3.26
CA SER A 159 -15.07 25.36 -2.66
C SER A 159 -14.60 23.93 -2.35
N GLY A 160 -13.30 23.67 -2.48
CA GLY A 160 -12.75 22.35 -2.23
C GLY A 160 -11.25 22.31 -2.53
N LYS A 161 -10.68 21.11 -2.58
CA LYS A 161 -9.27 20.89 -2.85
C LYS A 161 -9.11 19.67 -3.76
N ASN A 162 -7.89 19.46 -4.29
CA ASN A 162 -7.62 18.37 -5.20
C ASN A 162 -7.92 17.03 -4.51
N PRO A 163 -8.47 16.05 -5.25
CA PRO A 163 -8.84 14.76 -4.73
C PRO A 163 -7.64 13.87 -4.50
N VAL A 164 -6.47 14.29 -4.99
CA VAL A 164 -5.25 13.53 -4.88
C VAL A 164 -4.82 13.35 -3.43
N MET A 165 -4.86 14.42 -2.61
CA MET A 165 -4.47 14.34 -1.21
C MET A 165 -5.52 13.62 -0.38
N ILE A 166 -6.79 14.02 -0.52
CA ILE A 166 -7.85 13.41 0.28
C ILE A 166 -7.88 11.90 0.06
N LEU A 167 -7.61 11.42 -1.16
CA LEU A 167 -7.50 9.98 -1.40
C LEU A 167 -6.21 9.47 -0.75
N ASN A 168 -5.10 10.17 -0.99
CA ASN A 168 -3.80 9.85 -0.42
C ASN A 168 -3.77 10.03 1.11
N GLU A 169 -4.93 10.25 1.75
CA GLU A 169 -5.01 10.32 3.20
C GLU A 169 -6.24 9.54 3.68
N LEU A 170 -7.09 9.09 2.76
CA LEU A 170 -8.26 8.29 3.07
C LEU A 170 -7.94 6.81 3.04
N ARG A 171 -7.05 6.37 2.13
CA ARG A 171 -6.53 5.01 2.10
C ARG A 171 -5.38 4.92 1.10
N PRO A 172 -4.15 5.21 1.52
CA PRO A 172 -2.95 5.14 0.69
C PRO A 172 -2.63 3.68 0.36
N GLY A 173 -1.45 3.42 -0.21
CA GLY A 173 -1.07 2.06 -0.57
C GLY A 173 -1.41 1.70 -2.01
N LEU A 174 -1.19 2.64 -2.94
CA LEU A 174 -1.49 2.47 -4.35
C LEU A 174 -0.31 2.87 -5.22
N LYS A 175 -0.51 2.79 -6.52
CA LYS A 175 0.46 3.19 -7.51
C LYS A 175 -0.25 3.93 -8.64
N TYR A 176 0.47 4.82 -9.33
CA TYR A 176 -0.09 5.59 -10.43
C TYR A 176 0.82 5.45 -11.64
N ASP A 177 0.23 5.57 -12.83
CA ASP A 177 0.99 5.56 -14.07
C ASP A 177 0.52 6.67 -14.99
N PHE A 178 1.33 7.00 -16.00
CA PHE A 178 1.02 8.05 -16.94
C PHE A 178 0.92 7.45 -18.32
N LEU A 179 -0.04 7.94 -19.11
CA LEU A 179 -0.32 7.41 -20.43
C LEU A 179 -0.30 8.54 -21.46
N SER A 180 -0.05 8.13 -22.70
CA SER A 180 0.29 8.94 -23.86
C SER A 180 -0.58 10.17 -24.10
N GLU A 181 -0.13 10.99 -25.05
CA GLU A 181 -0.73 12.26 -25.34
C GLU A 181 -1.12 12.37 -26.81
N SER A 182 -1.84 13.43 -27.15
CA SER A 182 -2.28 13.69 -28.52
C SER A 182 -2.62 15.17 -28.69
N GLY A 183 -2.66 15.64 -29.94
CA GLY A 183 -3.01 17.02 -30.25
C GLY A 183 -1.76 17.86 -30.48
N GLU A 184 -1.96 19.10 -30.94
CA GLU A 184 -0.88 20.04 -31.16
C GLU A 184 -0.44 20.68 -29.85
N SER A 185 0.67 21.42 -29.87
CA SER A 185 1.23 22.07 -28.69
C SER A 185 0.30 23.14 -28.11
N HIS A 186 -0.86 23.37 -28.72
CA HIS A 186 -1.79 24.39 -28.27
C HIS A 186 -3.20 23.81 -28.11
N ALA A 187 -3.30 22.47 -28.16
CA ALA A 187 -4.56 21.76 -27.98
C ALA A 187 -4.28 20.41 -27.33
N LYS A 188 -3.11 20.29 -26.69
CA LYS A 188 -2.57 19.06 -26.14
C LYS A 188 -3.46 18.44 -25.07
N SER A 189 -3.31 17.13 -24.86
CA SER A 189 -4.00 16.39 -23.82
C SER A 189 -3.12 15.24 -23.35
N PHE A 190 -3.42 14.74 -22.14
CA PHE A 190 -2.64 13.69 -21.53
C PHE A 190 -3.56 12.81 -20.70
N VAL A 191 -3.07 11.69 -20.17
CA VAL A 191 -3.85 10.84 -19.29
C VAL A 191 -2.99 10.16 -18.24
N MET A 192 -3.63 9.78 -17.13
CA MET A 192 -3.00 9.03 -16.07
C MET A 192 -3.85 7.80 -15.80
N SER A 193 -3.23 6.77 -15.24
CA SER A 193 -3.96 5.63 -14.69
C SER A 193 -3.50 5.38 -13.27
N VAL A 194 -4.14 4.43 -12.59
CA VAL A 194 -3.80 4.12 -11.20
C VAL A 194 -4.09 2.64 -10.95
N VAL A 195 -3.52 2.12 -9.87
CA VAL A 195 -3.85 0.79 -9.41
C VAL A 195 -3.92 0.89 -7.89
N VAL A 196 -5.03 0.42 -7.31
CA VAL A 196 -5.26 0.54 -5.88
C VAL A 196 -6.10 -0.65 -5.42
N ASP A 197 -5.67 -1.27 -4.32
CA ASP A 197 -6.33 -2.48 -3.81
C ASP A 197 -6.46 -3.60 -4.87
N GLY A 198 -5.84 -3.39 -6.04
CA GLY A 198 -5.88 -4.37 -7.12
C GLY A 198 -6.79 -3.89 -8.26
N GLN A 199 -7.59 -2.87 -8.00
CA GLN A 199 -8.46 -2.28 -9.01
C GLN A 199 -7.64 -1.39 -9.94
N PHE A 200 -8.26 -0.85 -10.99
CA PHE A 200 -7.55 -0.01 -11.95
C PHE A 200 -8.41 1.18 -12.35
N PHE A 201 -7.78 2.35 -12.46
CA PHE A 201 -8.49 3.57 -12.86
C PHE A 201 -7.70 4.36 -13.90
N GLU A 202 -8.38 5.33 -14.53
CA GLU A 202 -7.77 6.15 -15.58
C GLU A 202 -8.46 7.51 -15.67
N GLY A 203 -7.76 8.52 -16.19
CA GLY A 203 -8.31 9.87 -16.30
C GLY A 203 -7.45 10.75 -17.20
N SER A 204 -8.09 11.49 -18.11
CA SER A 204 -7.40 12.37 -19.04
C SER A 204 -7.60 13.84 -18.68
N GLY A 205 -6.83 14.71 -19.35
CA GLY A 205 -6.91 16.14 -19.10
C GLY A 205 -5.98 16.93 -20.02
N ARG A 206 -6.04 18.26 -19.95
CA ARG A 206 -5.18 19.15 -20.73
C ARG A 206 -3.75 19.18 -20.20
N ASN A 207 -3.54 18.67 -18.99
CA ASN A 207 -2.23 18.62 -18.36
C ASN A 207 -2.17 17.44 -17.38
N LYS A 208 -0.97 17.07 -16.95
CA LYS A 208 -0.79 15.90 -16.07
C LYS A 208 -1.50 16.05 -14.73
N LYS A 209 -1.60 17.27 -14.21
CA LYS A 209 -2.23 17.52 -12.92
C LYS A 209 -3.72 17.20 -12.96
N LEU A 210 -4.38 17.65 -14.03
CA LEU A 210 -5.81 17.49 -14.22
C LEU A 210 -6.15 16.03 -14.47
N ALA A 211 -5.31 15.35 -15.27
CA ALA A 211 -5.49 13.95 -15.59
C ALA A 211 -5.43 13.06 -14.35
N LYS A 212 -4.49 13.35 -13.43
CA LYS A 212 -4.39 12.61 -12.18
C LYS A 212 -5.55 12.92 -11.24
N ALA A 213 -6.01 14.17 -11.23
CA ALA A 213 -7.10 14.56 -10.35
C ALA A 213 -8.36 13.81 -10.75
N ARG A 214 -8.50 13.45 -12.03
CA ARG A 214 -9.66 12.72 -12.53
C ARG A 214 -9.53 11.24 -12.24
N ALA A 215 -8.37 10.64 -12.56
CA ALA A 215 -8.13 9.23 -12.32
C ALA A 215 -8.14 8.92 -10.83
N ALA A 216 -7.74 9.89 -10.01
CA ALA A 216 -7.68 9.74 -8.57
C ALA A 216 -9.10 9.79 -8.00
N GLN A 217 -9.82 10.90 -8.19
CA GLN A 217 -11.23 10.97 -7.85
C GLN A 217 -12.03 9.73 -8.29
N SER A 218 -11.71 9.10 -9.43
CA SER A 218 -12.42 7.88 -9.81
C SER A 218 -12.04 6.72 -8.87
N ALA A 219 -10.76 6.66 -8.49
CA ALA A 219 -10.26 5.64 -7.58
C ALA A 219 -10.94 5.81 -6.22
N LEU A 220 -11.12 7.05 -5.77
CA LEU A 220 -11.76 7.32 -4.49
C LEU A 220 -13.19 6.77 -4.52
N ALA A 221 -13.97 7.19 -5.49
CA ALA A 221 -15.39 6.84 -5.52
C ALA A 221 -15.63 5.34 -5.51
N THR A 222 -14.81 4.55 -6.22
CA THR A 222 -15.03 3.12 -6.33
C THR A 222 -14.40 2.32 -5.19
N VAL A 223 -13.22 2.70 -4.69
CA VAL A 223 -12.51 1.88 -3.71
C VAL A 223 -12.98 2.21 -2.30
N PHE A 224 -13.74 3.29 -2.15
CA PHE A 224 -14.21 3.73 -0.85
C PHE A 224 -15.72 3.65 -0.75
N ASN A 225 -16.41 3.16 -1.79
CA ASN A 225 -17.87 3.08 -1.83
C ASN A 225 -18.55 4.44 -1.60
N LEU A 226 -17.83 5.53 -1.91
CA LEU A 226 -18.25 6.90 -1.67
C LEU A 226 -18.25 7.70 -2.98
N HIS A 227 -18.37 9.02 -2.87
CA HIS A 227 -18.38 9.92 -4.02
C HIS A 227 -17.64 11.20 -3.65
N LEU A 228 -17.62 12.19 -4.56
CA LEU A 228 -16.85 13.42 -4.34
C LEU A 228 -17.64 14.66 -4.75
N LEU A 229 -18.96 14.54 -4.88
CA LEU A 229 -19.86 15.64 -5.23
C LEU A 229 -19.39 16.35 -6.50
N GLU A 230 -19.78 17.63 -6.64
CA GLU A 230 -19.46 18.45 -7.81
C GLU A 230 -18.81 19.77 -7.39
N HIS A 231 -18.34 19.84 -6.13
CA HIS A 231 -17.71 21.01 -5.53
C HIS A 231 -18.55 22.29 -5.67
N HIS A 232 -19.86 22.16 -5.89
CA HIS A 232 -20.76 23.30 -5.96
C HIS A 232 -20.73 24.08 -4.65
N HIS A 233 -21.04 25.38 -4.72
CA HIS A 233 -21.01 26.24 -3.54
C HIS A 233 -22.19 25.97 -2.60
N HIS A 234 -22.11 26.49 -1.37
CA HIS A 234 -23.16 26.37 -0.38
C HIS A 234 -24.35 27.27 -0.69
N HIS A 235 -24.44 27.75 -1.93
CA HIS A 235 -25.50 28.64 -2.38
C HIS A 235 -26.88 27.97 -2.36
N HIS A 236 -26.92 26.66 -2.08
CA HIS A 236 -28.16 25.90 -2.03
C HIS A 236 -28.04 24.74 -1.05
N PRO A 1 -1.90 -23.34 26.25
CA PRO A 1 -2.07 -21.89 26.45
C PRO A 1 -0.73 -21.17 26.59
N GLY A 2 -0.75 -19.84 26.66
CA GLY A 2 0.48 -19.05 26.77
C GLY A 2 0.21 -17.56 26.95
N PRO A 3 1.27 -16.76 27.06
CA PRO A 3 1.20 -15.32 27.23
C PRO A 3 0.85 -14.64 25.90
N VAL A 4 0.76 -13.31 25.93
CA VAL A 4 0.38 -12.50 24.76
C VAL A 4 1.17 -11.19 24.68
N LEU A 5 2.23 -11.04 25.49
CA LEU A 5 3.00 -9.82 25.52
C LEU A 5 4.45 -10.07 25.94
N PRO A 6 5.38 -9.21 25.50
CA PRO A 6 6.82 -9.36 25.76
C PRO A 6 7.20 -9.50 27.24
N LYS A 7 6.39 -8.98 28.17
CA LYS A 7 6.79 -9.01 29.59
C LYS A 7 7.12 -10.43 30.02
N ASN A 8 6.51 -11.43 29.38
CA ASN A 8 6.81 -12.83 29.65
C ASN A 8 8.30 -13.10 29.46
N ALA A 9 8.79 -12.97 28.22
CA ALA A 9 10.18 -13.21 27.91
C ALA A 9 11.09 -12.27 28.72
N LEU A 10 10.60 -11.07 29.05
CA LEU A 10 11.40 -10.09 29.76
C LEU A 10 11.60 -10.48 31.23
N MET A 11 10.50 -10.72 31.97
CA MET A 11 10.59 -11.20 33.34
C MET A 11 11.41 -12.48 33.40
N GLN A 12 11.09 -13.44 32.53
CA GLN A 12 11.77 -14.71 32.48
C GLN A 12 13.27 -14.51 32.29
N LEU A 13 13.67 -13.64 31.36
CA LEU A 13 15.06 -13.32 31.11
C LEU A 13 15.72 -12.78 32.37
N ASN A 14 15.07 -11.83 33.04
CA ASN A 14 15.60 -11.23 34.26
C ASN A 14 15.88 -12.33 35.30
N GLU A 15 14.94 -13.25 35.49
CA GLU A 15 15.08 -14.36 36.41
C GLU A 15 16.24 -15.29 36.05
N ILE A 16 16.27 -15.80 34.80
CA ILE A 16 17.30 -16.75 34.40
C ILE A 16 18.69 -16.12 34.39
N LYS A 17 18.77 -14.81 34.10
CA LYS A 17 20.03 -14.17 33.85
C LYS A 17 20.13 -12.76 34.42
N PRO A 18 20.40 -12.63 35.73
CA PRO A 18 20.56 -11.33 36.37
C PRO A 18 21.79 -10.58 35.87
N GLY A 19 22.69 -11.24 35.12
CA GLY A 19 23.84 -10.58 34.54
C GLY A 19 24.27 -11.27 33.25
N LEU A 20 24.20 -10.52 32.15
CA LEU A 20 24.56 -10.97 30.80
C LEU A 20 24.78 -9.75 29.92
N GLN A 21 24.91 -9.93 28.60
CA GLN A 21 25.12 -8.74 27.79
C GLN A 21 24.16 -8.61 26.61
N TYR A 22 23.63 -7.41 26.40
CA TYR A 22 22.83 -7.10 25.22
C TYR A 22 23.63 -6.15 24.32
N MET A 23 23.63 -6.44 23.02
CA MET A 23 24.30 -5.59 22.04
C MET A 23 23.41 -5.41 20.82
N LEU A 24 23.49 -4.22 20.19
CA LEU A 24 22.66 -3.85 19.05
C LEU A 24 23.49 -3.92 17.77
N LEU A 25 22.90 -4.51 16.74
CA LEU A 25 23.56 -4.75 15.47
C LEU A 25 22.62 -4.30 14.34
N SER A 26 23.08 -4.48 13.09
CA SER A 26 22.45 -3.88 11.93
C SER A 26 22.20 -2.40 12.17
N GLN A 27 20.92 -2.04 12.11
CA GLN A 27 20.39 -0.70 12.18
C GLN A 27 20.79 0.08 10.93
N THR A 28 20.01 -0.17 9.87
CA THR A 28 20.15 0.48 8.58
C THR A 28 18.86 0.22 7.79
N GLY A 29 18.62 1.00 6.74
CA GLY A 29 17.42 0.84 5.93
C GLY A 29 17.03 2.16 5.29
N PRO A 30 15.83 2.22 4.69
CA PRO A 30 15.27 3.41 4.07
C PRO A 30 14.80 4.42 5.10
N VAL A 31 15.06 4.15 6.37
CA VAL A 31 14.79 5.04 7.49
C VAL A 31 13.31 5.10 7.83
N HIS A 32 12.47 4.34 7.12
CA HIS A 32 11.06 4.20 7.44
C HIS A 32 10.70 2.70 7.50
N ALA A 33 11.67 1.86 7.20
CA ALA A 33 11.62 0.43 7.44
C ALA A 33 13.01 -0.03 7.94
N PRO A 34 13.46 0.56 9.05
CA PRO A 34 14.79 0.34 9.60
C PRO A 34 14.86 -1.04 10.25
N LEU A 35 15.94 -1.78 10.00
CA LEU A 35 16.09 -3.09 10.59
C LEU A 35 17.14 -3.06 11.70
N PHE A 36 16.73 -3.47 12.90
CA PHE A 36 17.60 -3.51 14.05
C PHE A 36 17.75 -4.97 14.44
N VAL A 37 18.97 -5.42 14.80
CA VAL A 37 19.12 -6.79 15.29
C VAL A 37 19.84 -6.76 16.62
N MET A 38 19.13 -7.11 17.68
CA MET A 38 19.69 -7.11 19.01
C MET A 38 20.10 -8.54 19.31
N SER A 39 21.29 -8.72 19.86
CA SER A 39 21.81 -10.04 20.15
C SER A 39 22.25 -10.07 21.60
N VAL A 40 21.90 -11.16 22.28
CA VAL A 40 22.17 -11.31 23.69
C VAL A 40 23.22 -12.40 23.90
N GLU A 41 24.19 -12.13 24.78
CA GLU A 41 25.26 -13.08 25.07
C GLU A 41 25.18 -13.52 26.52
N VAL A 42 25.10 -14.85 26.68
CA VAL A 42 25.05 -15.57 27.96
C VAL A 42 25.98 -16.78 27.88
N ASN A 43 26.79 -17.00 28.92
CA ASN A 43 27.72 -18.11 29.04
C ASN A 43 28.71 -18.24 27.86
N GLY A 44 28.65 -17.32 26.87
CA GLY A 44 29.53 -17.39 25.71
C GLY A 44 28.75 -17.76 24.45
N GLN A 45 27.43 -17.92 24.58
CA GLN A 45 26.54 -18.15 23.46
C GLN A 45 25.81 -16.85 23.21
N VAL A 46 25.71 -16.46 21.94
CA VAL A 46 25.06 -15.22 21.58
C VAL A 46 23.98 -15.50 20.53
N PHE A 47 22.81 -14.90 20.74
CA PHE A 47 21.65 -15.14 19.90
C PHE A 47 21.06 -13.82 19.44
N GLU A 48 20.72 -13.74 18.15
CA GLU A 48 20.35 -12.48 17.52
C GLU A 48 18.88 -12.48 17.12
N GLY A 49 18.21 -11.35 17.34
CA GLY A 49 16.79 -11.20 17.04
C GLY A 49 16.56 -9.89 16.29
N SER A 50 15.69 -9.93 15.26
CA SER A 50 15.49 -8.79 14.36
C SER A 50 14.10 -8.18 14.52
N GLY A 51 14.05 -6.85 14.58
CA GLY A 51 12.79 -6.13 14.65
C GLY A 51 12.89 -4.77 13.97
N PRO A 52 11.76 -4.19 13.56
CA PRO A 52 11.71 -2.85 13.01
C PRO A 52 11.90 -1.80 14.11
N THR A 53 12.01 -2.26 15.36
CA THR A 53 12.30 -1.40 16.49
C THR A 53 13.02 -2.23 17.55
N LYS A 54 13.76 -1.58 18.45
CA LYS A 54 14.63 -2.24 19.40
C LYS A 54 13.90 -3.22 20.32
N LYS A 55 12.63 -2.94 20.66
CA LYS A 55 11.88 -3.77 21.60
C LYS A 55 11.78 -5.22 21.11
N LYS A 56 11.11 -5.40 19.97
CA LYS A 56 10.89 -6.71 19.36
C LYS A 56 12.22 -7.43 19.10
N ALA A 57 13.24 -6.70 18.66
CA ALA A 57 14.53 -7.29 18.41
C ALA A 57 15.05 -7.98 19.68
N LYS A 58 15.20 -7.22 20.77
CA LYS A 58 15.61 -7.74 22.07
C LYS A 58 14.67 -8.84 22.58
N LEU A 59 13.37 -8.70 22.35
CA LEU A 59 12.37 -9.69 22.75
C LEU A 59 12.69 -11.06 22.16
N HIS A 60 12.70 -11.11 20.83
CA HIS A 60 13.00 -12.32 20.09
C HIS A 60 14.36 -12.87 20.51
N ALA A 61 15.37 -12.00 20.69
CA ALA A 61 16.67 -12.42 21.19
C ALA A 61 16.57 -13.09 22.56
N ALA A 62 15.82 -12.49 23.49
CA ALA A 62 15.61 -13.05 24.81
C ALA A 62 15.07 -14.48 24.72
N GLU A 63 14.00 -14.63 23.94
CA GLU A 63 13.34 -15.91 23.73
C GLU A 63 14.33 -16.97 23.22
N LYS A 64 15.03 -16.65 22.12
CA LYS A 64 15.99 -17.56 21.51
C LYS A 64 17.01 -18.01 22.54
N ALA A 65 17.71 -17.03 23.11
CA ALA A 65 18.75 -17.27 24.09
C ALA A 65 18.23 -18.07 25.28
N LEU A 66 17.02 -17.78 25.77
CA LEU A 66 16.42 -18.53 26.83
C LEU A 66 16.40 -20.00 26.43
N ARG A 67 15.58 -20.33 25.42
CA ARG A 67 15.38 -21.72 25.05
C ARG A 67 16.67 -22.40 24.66
N SER A 68 17.67 -21.61 24.25
CA SER A 68 18.98 -22.14 23.92
C SER A 68 19.83 -22.41 25.16
N PHE A 69 20.25 -21.34 25.86
CA PHE A 69 21.16 -21.48 26.98
C PHE A 69 20.57 -22.26 28.17
N VAL A 70 19.26 -22.49 28.26
CA VAL A 70 18.74 -23.37 29.31
C VAL A 70 19.44 -24.73 29.33
N GLN A 71 20.16 -25.09 28.27
CA GLN A 71 20.93 -26.33 28.22
C GLN A 71 22.32 -26.17 28.84
N PHE A 72 22.73 -24.92 29.11
CA PHE A 72 24.04 -24.60 29.67
C PHE A 72 23.97 -23.34 30.52
N PRO A 73 23.20 -23.35 31.62
CA PRO A 73 23.00 -22.20 32.47
C PRO A 73 24.23 -21.87 33.34
N ASN A 74 25.11 -22.85 33.58
CA ASN A 74 26.29 -22.63 34.40
C ASN A 74 27.34 -23.74 34.26
N ALA A 75 26.96 -24.89 33.69
CA ALA A 75 27.83 -26.05 33.61
C ALA A 75 27.43 -26.96 32.46
N SER A 76 28.21 -28.04 32.26
CA SER A 76 28.01 -29.03 31.22
C SER A 76 28.29 -30.44 31.75
N GLU A 77 28.59 -30.57 33.04
CA GLU A 77 28.93 -31.84 33.68
C GLU A 77 28.36 -31.89 35.09
N ALA A 78 28.39 -33.08 35.71
CA ALA A 78 27.86 -33.28 37.05
C ALA A 78 28.55 -34.44 37.78
N HIS A 79 29.70 -34.90 37.25
CA HIS A 79 30.43 -36.02 37.84
C HIS A 79 31.93 -35.81 37.70
N LEU A 80 32.73 -36.59 38.44
CA LEU A 80 34.18 -36.49 38.42
C LEU A 80 34.77 -37.82 38.87
N ALA A 81 36.01 -38.09 38.47
CA ALA A 81 36.73 -39.30 38.84
C ALA A 81 38.24 -39.03 38.89
N MET A 82 39.01 -40.05 39.29
CA MET A 82 40.47 -39.96 39.39
C MET A 82 41.13 -41.15 38.71
N GLY A 83 40.36 -41.94 37.96
CA GLY A 83 40.85 -43.13 37.29
C GLY A 83 39.76 -43.75 36.42
N ARG A 84 40.12 -44.80 35.68
CA ARG A 84 39.21 -45.49 34.77
C ARG A 84 39.46 -46.99 34.82
N THR A 85 38.54 -47.76 34.22
CA THR A 85 38.61 -49.21 34.16
C THR A 85 38.04 -49.71 32.82
N LEU A 86 37.81 -48.78 31.89
CA LEU A 86 37.23 -49.09 30.59
C LEU A 86 37.71 -48.10 29.53
N SER A 87 37.22 -48.27 28.30
CA SER A 87 37.57 -47.43 27.17
C SER A 87 36.32 -47.17 26.32
N VAL A 88 36.44 -46.23 25.37
CA VAL A 88 35.34 -45.81 24.51
C VAL A 88 35.83 -45.51 23.10
N ASN A 89 34.89 -45.32 22.17
CA ASN A 89 35.17 -45.08 20.76
C ASN A 89 33.99 -44.34 20.12
N THR A 90 34.19 -43.82 18.91
CA THR A 90 33.12 -43.15 18.17
C THR A 90 32.07 -44.16 17.72
N ASP A 91 30.84 -43.67 17.53
CA ASP A 91 29.71 -44.50 17.11
C ASP A 91 28.61 -43.63 16.50
N PHE A 92 27.64 -44.25 15.82
CA PHE A 92 26.51 -43.54 15.22
C PHE A 92 25.28 -44.46 15.13
N THR A 93 24.17 -43.91 14.65
CA THR A 93 22.91 -44.64 14.54
C THR A 93 22.09 -44.12 13.36
N SER A 94 20.93 -44.73 13.12
CA SER A 94 20.02 -44.37 12.02
C SER A 94 18.57 -44.40 12.51
N ASP A 95 18.38 -44.52 13.83
CA ASP A 95 17.06 -44.53 14.45
C ASP A 95 16.34 -43.18 14.34
N GLN A 96 16.94 -42.23 13.60
CA GLN A 96 16.41 -40.88 13.45
C GLN A 96 16.51 -40.42 11.99
N ALA A 97 16.65 -41.37 11.05
CA ALA A 97 16.76 -41.07 9.63
C ALA A 97 16.12 -42.16 8.77
N ASP A 98 16.02 -41.91 7.46
CA ASP A 98 15.40 -42.83 6.51
C ASP A 98 15.94 -42.58 5.11
N PHE A 99 15.78 -43.55 4.21
CA PHE A 99 16.22 -43.42 2.83
C PHE A 99 15.35 -44.33 1.96
N PRO A 100 14.50 -43.75 1.12
CA PRO A 100 13.64 -44.51 0.21
C PRO A 100 14.46 -45.03 -0.98
N ASP A 101 13.92 -46.05 -1.66
CA ASP A 101 14.58 -46.66 -2.80
C ASP A 101 13.55 -47.36 -3.71
N THR A 102 12.31 -46.87 -3.68
CA THR A 102 11.19 -47.50 -4.37
C THR A 102 10.41 -46.49 -5.22
N LEU A 103 11.05 -45.38 -5.61
CA LEU A 103 10.43 -44.33 -6.40
C LEU A 103 11.39 -43.77 -7.45
N PHE A 104 10.88 -42.91 -8.34
CA PHE A 104 11.64 -42.30 -9.41
C PHE A 104 11.11 -40.90 -9.70
N ASN A 105 11.79 -40.18 -10.59
CA ASN A 105 11.44 -38.81 -10.94
C ASN A 105 11.61 -38.54 -12.45
N GLY A 106 11.84 -39.60 -13.23
CA GLY A 106 12.03 -39.49 -14.67
C GLY A 106 10.72 -39.20 -15.40
N PHE A 107 9.60 -39.09 -14.68
CA PHE A 107 8.30 -38.82 -15.28
C PHE A 107 8.18 -37.37 -15.77
N GLU A 108 9.25 -36.59 -15.69
CA GLU A 108 9.26 -35.20 -16.09
C GLU A 108 10.61 -34.83 -16.72
N THR A 109 10.57 -34.06 -17.82
CA THR A 109 11.77 -33.68 -18.56
C THR A 109 11.56 -32.33 -19.25
N PRO A 110 12.63 -31.67 -19.70
CA PRO A 110 12.56 -30.42 -20.44
C PRO A 110 11.68 -30.50 -21.70
N ASP A 111 11.31 -31.71 -22.11
CA ASP A 111 10.47 -31.93 -23.29
C ASP A 111 9.00 -31.61 -22.99
N LYS A 112 8.66 -31.31 -21.74
CA LYS A 112 7.27 -31.06 -21.35
C LYS A 112 7.13 -29.89 -20.38
N SER A 113 8.24 -29.25 -20.01
CA SER A 113 8.25 -28.06 -19.16
C SER A 113 9.54 -27.30 -19.35
N GLU A 114 9.48 -25.96 -19.27
CA GLU A 114 10.62 -25.05 -19.42
C GLU A 114 11.64 -25.53 -20.46
N PRO A 115 11.22 -25.71 -21.74
CA PRO A 115 12.11 -26.16 -22.79
C PRO A 115 13.38 -25.31 -22.90
N PRO A 116 14.46 -25.88 -23.45
CA PRO A 116 15.72 -25.19 -23.64
C PRO A 116 15.62 -24.18 -24.79
N PHE A 117 16.67 -23.37 -24.95
CA PHE A 117 16.70 -22.35 -26.01
C PHE A 117 16.62 -22.97 -27.41
N TYR A 118 16.89 -24.27 -27.53
CA TYR A 118 16.78 -24.97 -28.81
C TYR A 118 15.32 -25.15 -29.23
N VAL A 119 14.39 -24.65 -28.42
CA VAL A 119 12.94 -24.78 -28.64
C VAL A 119 12.28 -23.44 -28.28
N GLY A 120 13.08 -22.36 -28.24
CA GLY A 120 12.61 -21.02 -27.88
C GLY A 120 13.00 -19.98 -28.94
N SER A 121 13.50 -20.43 -30.10
CA SER A 121 13.91 -19.56 -31.19
C SER A 121 13.79 -20.30 -32.52
N ASN A 122 13.91 -19.57 -33.64
CA ASN A 122 13.81 -20.14 -34.98
C ASN A 122 14.73 -19.40 -35.93
N GLY A 123 14.81 -19.88 -37.18
CA GLY A 123 15.70 -19.32 -38.18
C GLY A 123 15.53 -20.03 -39.52
N ASP A 124 14.28 -20.36 -39.87
CA ASP A 124 13.98 -21.12 -41.08
C ASP A 124 12.80 -20.51 -41.83
N ASP A 125 12.61 -20.91 -43.08
CA ASP A 125 11.57 -20.38 -43.95
C ASP A 125 11.10 -21.47 -44.93
N SER A 126 9.97 -21.21 -45.62
CA SER A 126 9.37 -22.17 -46.53
C SER A 126 8.60 -21.45 -47.65
N PHE A 127 7.98 -22.21 -48.55
CA PHE A 127 7.23 -21.69 -49.68
C PHE A 127 6.07 -22.63 -50.02
N SER A 128 5.16 -22.18 -50.88
CA SER A 128 3.97 -22.94 -51.25
C SER A 128 3.42 -22.52 -52.62
N SER A 129 2.32 -23.15 -53.03
CA SER A 129 1.64 -22.87 -54.29
C SER A 129 0.13 -22.91 -54.11
N SER A 130 -0.31 -22.82 -52.85
CA SER A 130 -1.72 -22.85 -52.47
C SER A 130 -1.93 -21.96 -51.25
N GLY A 131 -3.18 -21.80 -50.83
CA GLY A 131 -3.51 -20.97 -49.67
C GLY A 131 -4.95 -21.14 -49.21
N ASP A 132 -5.67 -22.13 -49.74
CA ASP A 132 -7.05 -22.42 -49.34
C ASP A 132 -7.11 -22.89 -47.90
N VAL A 133 -8.30 -22.75 -47.28
CA VAL A 133 -8.54 -23.13 -45.90
C VAL A 133 -9.99 -23.60 -45.74
N SER A 134 -10.29 -24.23 -44.60
CA SER A 134 -11.64 -24.71 -44.31
C SER A 134 -11.92 -24.74 -42.81
N LEU A 135 -10.98 -24.22 -42.00
CA LEU A 135 -11.10 -24.22 -40.55
C LEU A 135 -10.28 -23.06 -39.97
N SER A 136 -10.70 -22.56 -38.80
CA SER A 136 -9.99 -21.47 -38.13
C SER A 136 -10.28 -21.54 -36.63
N ALA A 137 -9.52 -20.77 -35.83
CA ALA A 137 -9.69 -20.68 -34.39
C ALA A 137 -9.35 -19.28 -33.87
N SER A 138 -9.09 -18.35 -34.79
CA SER A 138 -8.74 -16.97 -34.48
C SER A 138 -9.91 -16.23 -33.85
N PRO A 139 -9.67 -15.04 -33.27
CA PRO A 139 -10.68 -14.13 -32.74
C PRO A 139 -11.75 -13.77 -33.76
N VAL A 140 -12.68 -12.90 -33.34
CA VAL A 140 -13.79 -12.46 -34.18
C VAL A 140 -13.93 -10.94 -34.10
N PRO A 141 -14.28 -10.26 -35.21
CA PRO A 141 -14.49 -8.82 -35.25
C PRO A 141 -15.44 -8.31 -34.17
N ALA A 142 -15.33 -7.01 -33.87
CA ALA A 142 -16.17 -6.35 -32.88
C ALA A 142 -16.33 -4.86 -33.19
N SER A 143 -16.01 -4.47 -34.43
CA SER A 143 -16.06 -3.08 -34.87
C SER A 143 -16.62 -3.01 -36.30
N LEU A 144 -16.68 -1.79 -36.85
CA LEU A 144 -17.25 -1.52 -38.17
C LEU A 144 -18.70 -2.03 -38.31
N THR A 145 -19.34 -2.35 -37.17
CA THR A 145 -20.71 -2.82 -37.12
C THR A 145 -21.43 -2.24 -35.89
N GLN A 146 -20.74 -1.41 -35.10
CA GLN A 146 -21.29 -0.78 -33.92
C GLN A 146 -22.18 0.39 -34.34
N PRO A 147 -23.02 0.91 -33.42
CA PRO A 147 -23.84 2.09 -33.65
C PRO A 147 -23.03 3.28 -34.17
N PRO A 148 -23.70 4.29 -34.74
CA PRO A 148 -23.04 5.47 -35.30
C PRO A 148 -22.49 6.40 -34.22
N LEU A 149 -22.81 6.12 -32.95
CA LEU A 149 -22.36 6.88 -31.78
C LEU A 149 -22.19 8.38 -32.08
N PRO A 150 -23.29 9.08 -32.39
CA PRO A 150 -23.27 10.48 -32.76
C PRO A 150 -22.92 11.39 -31.59
N ILE A 151 -22.79 10.82 -30.38
CA ILE A 151 -22.44 11.58 -29.18
C ILE A 151 -21.55 10.73 -28.28
N PRO A 152 -20.65 11.37 -27.51
CA PRO A 152 -19.74 10.68 -26.62
C PRO A 152 -20.47 10.23 -25.35
N PRO A 153 -19.86 9.30 -24.60
CA PRO A 153 -20.38 8.84 -23.32
C PRO A 153 -20.15 9.91 -22.26
N PRO A 154 -20.77 9.76 -21.08
CA PRO A 154 -20.58 10.68 -19.97
C PRO A 154 -19.18 10.55 -19.39
N PHE A 155 -18.74 11.56 -18.65
CA PHE A 155 -17.41 11.61 -18.08
C PHE A 155 -17.41 12.48 -16.82
N PRO A 156 -16.40 12.34 -15.95
CA PRO A 156 -16.24 13.13 -14.73
C PRO A 156 -16.35 14.63 -14.97
N PRO A 157 -16.78 15.39 -13.96
CA PRO A 157 -16.92 16.83 -14.05
C PRO A 157 -15.56 17.52 -14.05
N PRO A 158 -15.53 18.82 -14.39
CA PRO A 158 -14.31 19.63 -14.32
C PRO A 158 -13.93 19.88 -12.86
N SER A 159 -12.80 20.55 -12.63
CA SER A 159 -12.33 20.81 -11.28
C SER A 159 -11.58 22.13 -11.20
N GLY A 160 -11.24 22.54 -9.98
CA GLY A 160 -10.58 23.80 -9.68
C GLY A 160 -10.05 23.79 -8.24
N LYS A 161 -9.72 22.59 -7.73
CA LYS A 161 -9.28 22.37 -6.36
C LYS A 161 -8.10 21.40 -6.37
N ASN A 162 -7.74 20.90 -5.21
CA ASN A 162 -6.64 19.96 -5.06
C ASN A 162 -7.09 18.75 -4.23
N PRO A 163 -7.76 17.81 -4.90
CA PRO A 163 -8.35 16.63 -4.33
C PRO A 163 -7.31 15.52 -4.18
N VAL A 164 -6.15 15.70 -4.79
CA VAL A 164 -5.07 14.72 -4.73
C VAL A 164 -4.54 14.62 -3.31
N MET A 165 -4.40 15.76 -2.61
CA MET A 165 -3.91 15.78 -1.25
C MET A 165 -4.95 15.21 -0.28
N ILE A 166 -6.21 15.60 -0.44
CA ILE A 166 -7.28 15.15 0.44
C ILE A 166 -7.28 13.64 0.45
N LEU A 167 -7.27 13.06 -0.75
CA LEU A 167 -7.24 11.62 -0.94
C LEU A 167 -5.90 11.07 -0.42
N ASN A 168 -4.80 11.78 -0.65
CA ASN A 168 -3.47 11.39 -0.18
C ASN A 168 -3.29 11.67 1.31
N GLU A 169 -4.37 12.05 2.02
CA GLU A 169 -4.32 12.17 3.47
C GLU A 169 -5.42 11.32 4.12
N LEU A 170 -6.52 11.07 3.39
CA LEU A 170 -7.61 10.27 3.89
C LEU A 170 -7.42 8.79 3.52
N ARG A 171 -6.80 8.51 2.37
CA ARG A 171 -6.61 7.14 1.92
C ARG A 171 -5.50 7.05 0.86
N PRO A 172 -4.26 7.40 1.23
CA PRO A 172 -3.10 7.36 0.34
C PRO A 172 -2.71 5.93 -0.04
N GLY A 173 -3.54 4.96 0.32
CA GLY A 173 -3.28 3.55 0.02
C GLY A 173 -3.73 3.17 -1.38
N LEU A 174 -3.25 3.92 -2.38
CA LEU A 174 -3.65 3.75 -3.77
C LEU A 174 -2.44 3.71 -4.66
N LYS A 175 -2.72 3.67 -5.98
CA LYS A 175 -1.71 3.66 -7.02
C LYS A 175 -2.21 4.53 -8.16
N TYR A 176 -1.30 5.13 -8.94
CA TYR A 176 -1.67 5.99 -10.06
C TYR A 176 -0.88 5.60 -11.29
N ASP A 177 -1.48 5.85 -12.46
CA ASP A 177 -0.80 5.64 -13.72
C ASP A 177 -1.07 6.83 -14.64
N PHE A 178 -0.29 6.94 -15.71
CA PHE A 178 -0.42 8.03 -16.65
C PHE A 178 -0.64 7.44 -18.03
N LEU A 179 -1.49 8.10 -18.81
CA LEU A 179 -1.88 7.62 -20.12
C LEU A 179 -1.65 8.70 -21.18
N SER A 180 -1.46 8.23 -22.42
CA SER A 180 -0.99 9.00 -23.55
C SER A 180 -1.82 10.24 -23.88
N GLU A 181 -1.34 10.99 -24.87
CA GLU A 181 -1.93 12.27 -25.23
C GLU A 181 -1.90 12.49 -26.75
N SER A 182 -2.60 13.52 -27.21
CA SER A 182 -2.62 13.90 -28.61
C SER A 182 -2.99 15.38 -28.74
N GLY A 183 -2.71 15.96 -29.91
CA GLY A 183 -3.05 17.37 -30.20
C GLY A 183 -1.81 18.23 -30.41
N GLU A 184 -2.02 19.50 -30.73
CA GLU A 184 -0.94 20.47 -30.88
C GLU A 184 -0.41 20.87 -29.52
N SER A 185 0.78 21.49 -29.47
CA SER A 185 1.48 21.86 -28.25
C SER A 185 0.70 22.89 -27.40
N HIS A 186 -0.50 23.26 -27.81
CA HIS A 186 -1.32 24.24 -27.08
C HIS A 186 -2.78 23.77 -27.06
N ALA A 187 -2.98 22.48 -27.34
CA ALA A 187 -4.30 21.87 -27.35
C ALA A 187 -4.21 20.42 -26.90
N LYS A 188 -3.12 20.07 -26.19
CA LYS A 188 -2.89 18.72 -25.71
C LYS A 188 -4.04 18.24 -24.81
N SER A 189 -4.07 16.93 -24.54
CA SER A 189 -5.10 16.32 -23.70
C SER A 189 -4.57 15.06 -23.02
N PHE A 190 -3.57 15.24 -22.13
CA PHE A 190 -2.98 14.12 -21.41
C PHE A 190 -4.01 13.49 -20.48
N VAL A 191 -3.72 12.30 -19.92
CA VAL A 191 -4.64 11.69 -18.97
C VAL A 191 -3.89 10.88 -17.90
N MET A 192 -4.58 10.69 -16.77
CA MET A 192 -4.07 9.88 -15.69
C MET A 192 -5.14 8.85 -15.39
N SER A 193 -4.72 7.72 -14.81
CA SER A 193 -5.65 6.77 -14.22
C SER A 193 -5.22 6.47 -12.79
N VAL A 194 -6.05 5.77 -12.03
CA VAL A 194 -5.73 5.46 -10.65
C VAL A 194 -6.34 4.12 -10.27
N VAL A 195 -5.89 3.56 -9.15
CA VAL A 195 -6.50 2.37 -8.58
C VAL A 195 -6.59 2.62 -7.08
N VAL A 196 -7.79 2.48 -6.52
CA VAL A 196 -8.02 2.80 -5.13
C VAL A 196 -9.03 1.81 -4.56
N ASP A 197 -8.70 1.19 -3.43
CA ASP A 197 -9.58 0.19 -2.81
C ASP A 197 -9.95 -0.96 -3.76
N GLY A 198 -9.28 -1.04 -4.92
CA GLY A 198 -9.57 -2.07 -5.93
C GLY A 198 -10.32 -1.50 -7.14
N GLN A 199 -10.93 -0.33 -7.00
CA GLN A 199 -11.64 0.34 -8.07
C GLN A 199 -10.63 0.96 -9.04
N PHE A 200 -11.12 1.49 -10.17
CA PHE A 200 -10.25 2.08 -11.18
C PHE A 200 -10.88 3.36 -11.70
N PHE A 201 -10.03 4.40 -11.82
CA PHE A 201 -10.49 5.71 -12.28
C PHE A 201 -9.59 6.28 -13.37
N GLU A 202 -10.06 7.35 -14.03
CA GLU A 202 -9.33 7.97 -15.13
C GLU A 202 -9.72 9.43 -15.23
N GLY A 203 -8.87 10.28 -15.80
CA GLY A 203 -9.15 11.71 -15.91
C GLY A 203 -8.17 12.39 -16.85
N SER A 204 -8.70 13.12 -17.83
CA SER A 204 -7.87 13.81 -18.81
C SER A 204 -7.75 15.29 -18.50
N GLY A 205 -6.87 16.00 -19.22
CA GLY A 205 -6.66 17.42 -19.01
C GLY A 205 -5.64 18.01 -19.97
N ARG A 206 -5.64 19.33 -20.06
CA ARG A 206 -4.72 20.08 -20.92
C ARG A 206 -3.28 20.01 -20.41
N ASN A 207 -3.09 19.53 -19.18
CA ASN A 207 -1.79 19.36 -18.58
C ASN A 207 -1.85 18.19 -17.59
N LYS A 208 -0.69 17.65 -17.22
CA LYS A 208 -0.62 16.46 -16.37
C LYS A 208 -1.19 16.69 -14.97
N LYS A 209 -1.11 17.92 -14.45
CA LYS A 209 -1.60 18.25 -13.12
C LYS A 209 -3.13 18.21 -13.07
N LEU A 210 -3.77 18.71 -14.12
CA LEU A 210 -5.23 18.80 -14.21
C LEU A 210 -5.78 17.39 -14.40
N ALA A 211 -5.07 16.58 -15.19
CA ALA A 211 -5.44 15.20 -15.43
C ALA A 211 -5.50 14.39 -14.12
N LYS A 212 -4.52 14.58 -13.22
CA LYS A 212 -4.51 13.88 -11.95
C LYS A 212 -5.57 14.46 -11.01
N ALA A 213 -5.81 15.78 -11.08
CA ALA A 213 -6.83 16.41 -10.25
C ALA A 213 -8.23 15.93 -10.64
N ARG A 214 -8.39 15.42 -11.86
CA ARG A 214 -9.68 14.93 -12.35
C ARG A 214 -9.82 13.44 -12.05
N ALA A 215 -8.78 12.64 -12.31
CA ALA A 215 -8.80 11.22 -12.00
C ALA A 215 -8.88 10.97 -10.49
N ALA A 216 -8.25 11.87 -9.72
CA ALA A 216 -8.29 11.80 -8.26
C ALA A 216 -9.65 12.28 -7.74
N GLN A 217 -10.09 13.46 -8.17
CA GLN A 217 -11.45 13.92 -7.91
C GLN A 217 -12.49 12.82 -8.15
N SER A 218 -12.29 11.97 -9.17
CA SER A 218 -13.23 10.87 -9.43
C SER A 218 -13.06 9.75 -8.41
N ALA A 219 -11.81 9.42 -8.06
CA ALA A 219 -11.52 8.36 -7.10
C ALA A 219 -12.00 8.73 -5.71
N LEU A 220 -11.76 9.98 -5.30
CA LEU A 220 -12.20 10.46 -4.00
C LEU A 220 -13.73 10.40 -3.91
N ALA A 221 -14.43 11.05 -4.85
CA ALA A 221 -15.87 11.13 -4.79
C ALA A 221 -16.52 9.76 -4.70
N THR A 222 -16.05 8.79 -5.48
CA THR A 222 -16.65 7.47 -5.48
C THR A 222 -16.27 6.63 -4.27
N VAL A 223 -14.99 6.53 -3.94
CA VAL A 223 -14.53 5.61 -2.89
C VAL A 223 -14.82 6.18 -1.51
N PHE A 224 -14.91 7.51 -1.36
CA PHE A 224 -15.15 8.13 -0.08
C PHE A 224 -16.64 8.41 0.11
N ASN A 225 -17.48 8.07 -0.87
CA ASN A 225 -18.91 8.37 -0.86
C ASN A 225 -19.17 9.85 -0.60
N LEU A 226 -18.18 10.69 -0.89
CA LEU A 226 -18.22 12.12 -0.59
C LEU A 226 -17.74 12.91 -1.81
N HIS A 227 -18.72 13.49 -2.53
CA HIS A 227 -18.47 14.25 -3.74
C HIS A 227 -17.66 15.52 -3.47
N LEU A 228 -17.46 16.35 -4.49
CA LEU A 228 -16.57 17.51 -4.38
C LEU A 228 -17.20 18.79 -4.95
N LEU A 229 -18.49 18.75 -5.29
CA LEU A 229 -19.18 19.91 -5.86
C LEU A 229 -20.53 20.18 -5.17
N GLU A 230 -20.81 19.49 -4.05
CA GLU A 230 -22.03 19.74 -3.28
C GLU A 230 -21.96 21.11 -2.60
N HIS A 231 -23.04 21.54 -1.96
CA HIS A 231 -23.10 22.83 -1.28
C HIS A 231 -24.00 22.73 -0.06
N HIS A 232 -23.89 23.74 0.83
CA HIS A 232 -24.63 23.82 2.08
C HIS A 232 -26.05 24.38 1.88
N HIS A 233 -26.46 24.61 0.62
CA HIS A 233 -27.77 25.17 0.32
C HIS A 233 -28.35 24.47 -0.92
N HIS A 234 -29.69 24.47 -1.03
CA HIS A 234 -30.39 23.75 -2.08
C HIS A 234 -31.66 24.49 -2.52
N HIS A 235 -31.73 25.80 -2.28
CA HIS A 235 -32.90 26.61 -2.63
C HIS A 235 -32.48 27.89 -3.32
N HIS A 236 -31.30 27.86 -3.97
CA HIS A 236 -30.74 28.99 -4.70
C HIS A 236 -31.78 29.66 -5.60
N PRO A 1 0.65 -18.20 26.56
CA PRO A 1 0.96 -17.17 25.55
C PRO A 1 2.44 -16.78 25.54
N GLY A 2 2.83 -15.95 24.57
CA GLY A 2 4.21 -15.51 24.41
C GLY A 2 4.35 -14.56 23.22
N PRO A 3 4.10 -15.05 22.00
CA PRO A 3 4.17 -14.28 20.76
C PRO A 3 3.29 -13.02 20.77
N VAL A 4 2.47 -12.84 21.81
CA VAL A 4 1.55 -11.73 21.93
C VAL A 4 1.56 -11.17 23.36
N LEU A 5 2.55 -11.57 24.16
CA LEU A 5 2.69 -11.13 25.54
C LEU A 5 4.16 -11.15 25.92
N PRO A 6 4.97 -10.24 25.34
CA PRO A 6 6.40 -10.13 25.58
C PRO A 6 6.78 -10.12 27.06
N LYS A 7 5.85 -9.70 27.93
CA LYS A 7 6.12 -9.66 29.36
C LYS A 7 6.65 -11.01 29.83
N ASN A 8 6.17 -12.09 29.21
CA ASN A 8 6.66 -13.44 29.47
C ASN A 8 8.17 -13.51 29.26
N ALA A 9 8.65 -13.28 28.03
CA ALA A 9 10.08 -13.30 27.74
C ALA A 9 10.84 -12.31 28.64
N LEU A 10 10.19 -11.21 29.02
CA LEU A 10 10.84 -10.14 29.75
C LEU A 10 11.10 -10.61 31.20
N MET A 11 10.04 -11.00 31.92
CA MET A 11 10.18 -11.50 33.29
C MET A 11 11.08 -12.71 33.34
N GLN A 12 10.80 -13.70 32.48
CA GLN A 12 11.55 -14.94 32.46
C GLN A 12 13.02 -14.61 32.28
N LEU A 13 13.35 -13.74 31.32
CA LEU A 13 14.72 -13.32 31.10
C LEU A 13 15.32 -12.75 32.38
N ASN A 14 14.66 -11.75 32.98
CA ASN A 14 15.23 -11.11 34.16
C ASN A 14 15.52 -12.11 35.27
N GLU A 15 14.61 -13.04 35.49
CA GLU A 15 14.77 -14.10 36.48
C GLU A 15 15.96 -15.00 36.16
N ILE A 16 16.05 -15.54 34.93
CA ILE A 16 17.09 -16.50 34.57
C ILE A 16 18.43 -15.87 34.25
N LYS A 17 18.44 -14.55 34.04
CA LYS A 17 19.60 -13.85 33.53
C LYS A 17 20.16 -12.77 34.47
N PRO A 18 20.63 -13.12 35.67
CA PRO A 18 21.19 -12.17 36.61
C PRO A 18 22.16 -11.15 35.98
N GLY A 19 22.91 -11.56 34.94
CA GLY A 19 23.75 -10.64 34.21
C GLY A 19 24.23 -11.27 32.90
N LEU A 20 24.40 -10.45 31.86
CA LEU A 20 24.76 -10.90 30.51
C LEU A 20 25.11 -9.70 29.64
N GLN A 21 25.28 -9.88 28.32
CA GLN A 21 25.52 -8.74 27.46
C GLN A 21 24.59 -8.67 26.25
N TYR A 22 24.09 -7.47 25.94
CA TYR A 22 23.29 -7.22 24.73
C TYR A 22 24.13 -6.37 23.79
N MET A 23 24.13 -6.71 22.50
CA MET A 23 24.84 -5.92 21.51
C MET A 23 23.96 -5.74 20.27
N LEU A 24 23.96 -4.54 19.68
CA LEU A 24 23.06 -4.20 18.60
C LEU A 24 23.80 -4.18 17.25
N LEU A 25 23.29 -5.00 16.33
CA LEU A 25 23.81 -5.09 14.99
C LEU A 25 22.77 -4.56 13.99
N SER A 26 23.09 -4.63 12.70
CA SER A 26 22.36 -3.93 11.65
C SER A 26 22.12 -2.49 12.03
N GLN A 27 20.84 -2.14 12.11
CA GLN A 27 20.32 -0.82 12.29
C GLN A 27 20.60 0.02 11.06
N THR A 28 19.71 -0.12 10.07
CA THR A 28 19.74 0.60 8.81
C THR A 28 18.39 0.39 8.13
N GLY A 29 18.08 1.22 7.12
CA GLY A 29 16.81 1.12 6.42
C GLY A 29 16.45 2.43 5.73
N PRO A 30 15.21 2.54 5.26
CA PRO A 30 14.65 3.72 4.62
C PRO A 30 14.37 4.85 5.60
N VAL A 31 14.83 4.67 6.83
CA VAL A 31 14.72 5.65 7.90
C VAL A 31 13.30 5.72 8.48
N HIS A 32 12.39 4.89 7.99
CA HIS A 32 11.04 4.81 8.54
C HIS A 32 10.62 3.34 8.69
N ALA A 33 11.47 2.41 8.23
CA ALA A 33 11.32 0.98 8.48
C ALA A 33 12.70 0.38 8.78
N PRO A 34 13.34 0.86 9.85
CA PRO A 34 14.68 0.47 10.25
C PRO A 34 14.71 -0.93 10.83
N LEU A 35 15.71 -1.72 10.42
CA LEU A 35 15.89 -3.08 10.93
C LEU A 35 17.04 -3.14 11.92
N PHE A 36 16.73 -3.63 13.12
CA PHE A 36 17.72 -3.77 14.17
C PHE A 36 17.92 -5.25 14.41
N VAL A 37 19.17 -5.70 14.62
CA VAL A 37 19.37 -7.09 15.01
C VAL A 37 20.17 -7.16 16.28
N MET A 38 19.48 -7.47 17.36
CA MET A 38 20.08 -7.49 18.67
C MET A 38 20.53 -8.90 18.95
N SER A 39 21.78 -9.07 19.39
CA SER A 39 22.30 -10.37 19.70
C SER A 39 22.75 -10.34 21.16
N VAL A 40 22.39 -11.41 21.87
CA VAL A 40 22.64 -11.46 23.31
C VAL A 40 23.61 -12.59 23.66
N GLU A 41 24.60 -12.25 24.50
CA GLU A 41 25.64 -13.18 24.89
C GLU A 41 25.51 -13.55 26.36
N VAL A 42 25.48 -14.88 26.59
CA VAL A 42 25.46 -15.52 27.90
C VAL A 42 26.34 -16.77 27.85
N ASN A 43 27.20 -16.98 28.84
CA ASN A 43 28.06 -18.16 28.90
C ASN A 43 28.88 -18.40 27.61
N GLY A 44 29.01 -17.38 26.74
CA GLY A 44 29.76 -17.51 25.51
C GLY A 44 28.89 -17.98 24.35
N GLN A 45 27.58 -18.08 24.58
CA GLN A 45 26.63 -18.39 23.54
C GLN A 45 25.93 -17.09 23.18
N VAL A 46 25.84 -16.82 21.88
CA VAL A 46 25.24 -15.57 21.42
C VAL A 46 24.08 -15.88 20.48
N PHE A 47 22.95 -15.20 20.69
CA PHE A 47 21.77 -15.44 19.89
C PHE A 47 21.23 -14.13 19.33
N GLU A 48 20.92 -14.12 18.03
CA GLU A 48 20.61 -12.90 17.29
C GLU A 48 19.12 -12.84 16.94
N GLY A 49 18.51 -11.66 17.10
CA GLY A 49 17.09 -11.47 16.81
C GLY A 49 16.86 -10.18 16.05
N SER A 50 16.03 -10.25 15.01
CA SER A 50 15.75 -9.12 14.12
C SER A 50 14.35 -8.57 14.36
N GLY A 51 14.23 -7.25 14.41
CA GLY A 51 12.95 -6.59 14.56
C GLY A 51 13.05 -5.12 14.20
N PRO A 52 11.93 -4.50 13.80
CA PRO A 52 11.85 -3.06 13.64
C PRO A 52 11.85 -2.45 15.04
N THR A 53 12.63 -1.39 15.25
CA THR A 53 12.83 -0.82 16.57
C THR A 53 13.49 -1.83 17.54
N LYS A 54 14.20 -1.31 18.55
CA LYS A 54 15.04 -2.14 19.41
C LYS A 54 14.23 -3.13 20.27
N LYS A 55 12.95 -2.86 20.54
CA LYS A 55 12.16 -3.68 21.44
C LYS A 55 12.10 -5.14 20.97
N LYS A 56 11.43 -5.37 19.83
CA LYS A 56 11.22 -6.71 19.28
C LYS A 56 12.54 -7.45 19.06
N ALA A 57 13.60 -6.75 18.65
CA ALA A 57 14.89 -7.36 18.42
C ALA A 57 15.39 -8.05 19.69
N LYS A 58 15.58 -7.28 20.77
CA LYS A 58 15.96 -7.82 22.07
C LYS A 58 14.95 -8.87 22.56
N LEU A 59 13.66 -8.69 22.30
CA LEU A 59 12.63 -9.64 22.70
C LEU A 59 12.92 -11.03 22.12
N HIS A 60 12.94 -11.14 20.79
CA HIS A 60 13.21 -12.39 20.12
C HIS A 60 14.55 -12.96 20.56
N ALA A 61 15.58 -12.12 20.64
CA ALA A 61 16.89 -12.56 21.11
C ALA A 61 16.79 -13.18 22.50
N ALA A 62 16.07 -12.51 23.41
CA ALA A 62 15.86 -12.99 24.78
C ALA A 62 15.24 -14.38 24.77
N GLU A 63 14.16 -14.57 24.00
CA GLU A 63 13.49 -15.85 23.85
C GLU A 63 14.47 -16.95 23.41
N LYS A 64 15.17 -16.72 22.28
CA LYS A 64 16.13 -17.68 21.75
C LYS A 64 17.19 -18.03 22.79
N ALA A 65 17.89 -17.00 23.25
CA ALA A 65 18.94 -17.15 24.25
C ALA A 65 18.43 -17.83 25.52
N LEU A 66 17.21 -17.53 25.96
CA LEU A 66 16.60 -18.19 27.09
C LEU A 66 16.56 -19.70 26.84
N ARG A 67 15.87 -20.13 25.78
CA ARG A 67 15.64 -21.54 25.54
C ARG A 67 16.94 -22.30 25.30
N SER A 68 17.97 -21.60 24.77
CA SER A 68 19.28 -22.21 24.66
C SER A 68 19.97 -22.32 26.02
N PHE A 69 20.11 -21.16 26.68
CA PHE A 69 20.83 -20.96 27.92
C PHE A 69 20.36 -21.85 29.05
N VAL A 70 19.06 -22.20 29.10
CA VAL A 70 18.57 -23.14 30.11
C VAL A 70 19.28 -24.49 30.07
N GLN A 71 20.04 -24.77 28.99
CA GLN A 71 20.80 -26.01 28.87
C GLN A 71 22.29 -25.77 29.05
N PHE A 72 22.71 -24.50 29.18
CA PHE A 72 24.11 -24.13 29.37
C PHE A 72 24.21 -22.89 30.27
N PRO A 73 23.67 -22.96 31.49
CA PRO A 73 23.61 -21.85 32.43
C PRO A 73 24.96 -21.49 33.06
N ASN A 74 25.97 -22.35 32.97
CA ASN A 74 27.27 -22.06 33.56
C ASN A 74 28.40 -22.83 32.88
N ALA A 75 28.08 -23.84 32.07
CA ALA A 75 29.09 -24.63 31.37
C ALA A 75 28.48 -25.21 30.09
N SER A 76 29.31 -25.82 29.23
CA SER A 76 28.83 -26.40 27.99
C SER A 76 29.80 -27.46 27.47
N GLU A 77 29.30 -28.31 26.58
CA GLU A 77 30.06 -29.35 25.92
C GLU A 77 29.47 -29.63 24.53
N ALA A 78 28.60 -28.73 24.05
CA ALA A 78 27.87 -28.85 22.80
C ALA A 78 27.64 -27.46 22.19
N HIS A 79 26.96 -27.43 21.04
CA HIS A 79 26.69 -26.18 20.32
C HIS A 79 25.34 -26.26 19.61
N LEU A 80 24.96 -25.16 18.95
CA LEU A 80 23.70 -25.05 18.24
C LEU A 80 23.86 -24.09 17.05
N ALA A 81 23.00 -24.21 16.04
CA ALA A 81 23.07 -23.40 14.83
C ALA A 81 21.68 -23.20 14.23
N MET A 82 21.59 -22.47 13.11
CA MET A 82 20.33 -22.16 12.45
C MET A 82 20.52 -22.18 10.92
N GLY A 83 19.42 -21.96 10.18
CA GLY A 83 19.44 -21.97 8.73
C GLY A 83 20.13 -20.74 8.14
N ARG A 84 20.20 -20.67 6.80
CA ARG A 84 20.88 -19.59 6.08
C ARG A 84 20.03 -19.17 4.88
N THR A 85 20.42 -18.05 4.26
CA THR A 85 19.74 -17.50 3.10
C THR A 85 20.69 -16.62 2.30
N LEU A 86 20.22 -16.05 1.19
CA LEU A 86 21.03 -15.21 0.32
C LEU A 86 20.19 -14.06 -0.25
N SER A 87 20.83 -13.18 -1.03
CA SER A 87 20.17 -12.00 -1.57
C SER A 87 20.87 -11.53 -2.84
N VAL A 88 20.40 -10.40 -3.39
CA VAL A 88 20.94 -9.84 -4.62
C VAL A 88 21.03 -8.32 -4.50
N ASN A 89 21.90 -7.69 -5.27
CA ASN A 89 22.14 -6.26 -5.20
C ASN A 89 22.53 -5.70 -6.58
N THR A 90 22.19 -6.43 -7.64
CA THR A 90 22.52 -6.04 -9.01
C THR A 90 21.41 -6.47 -9.97
N ASP A 91 21.52 -6.10 -11.24
CA ASP A 91 20.53 -6.40 -12.26
C ASP A 91 21.19 -6.61 -13.62
N PHE A 92 20.38 -6.96 -14.62
CA PHE A 92 20.85 -7.25 -15.98
C PHE A 92 19.75 -6.90 -17.00
N THR A 93 20.03 -7.14 -18.28
CA THR A 93 19.10 -6.83 -19.36
C THR A 93 19.06 -7.97 -20.38
N SER A 94 18.20 -7.84 -21.39
CA SER A 94 18.01 -8.86 -22.41
C SER A 94 17.77 -8.22 -23.78
N ASP A 95 17.52 -9.07 -24.78
CA ASP A 95 17.28 -8.66 -26.16
C ASP A 95 16.16 -7.62 -26.26
N GLN A 96 16.16 -6.84 -27.35
CA GLN A 96 15.25 -5.72 -27.55
C GLN A 96 14.67 -5.77 -28.96
N ALA A 97 13.87 -4.75 -29.32
CA ALA A 97 13.25 -4.67 -30.63
C ALA A 97 13.14 -3.21 -31.09
N ASP A 98 12.74 -3.02 -32.34
CA ASP A 98 12.62 -1.70 -32.94
C ASP A 98 11.57 -1.70 -34.05
N PHE A 99 11.22 -0.52 -34.56
CA PHE A 99 10.22 -0.39 -35.61
C PHE A 99 10.63 0.71 -36.59
N PRO A 100 10.18 0.62 -37.85
CA PRO A 100 10.50 1.59 -38.89
C PRO A 100 9.72 2.88 -38.73
N ASP A 101 10.04 3.89 -39.56
CA ASP A 101 9.34 5.16 -39.56
C ASP A 101 9.34 5.75 -40.96
N THR A 102 8.26 6.45 -41.31
CA THR A 102 8.11 7.08 -42.61
C THR A 102 7.00 8.13 -42.57
N LEU A 103 6.77 8.82 -43.69
CA LEU A 103 5.76 9.85 -43.85
C LEU A 103 4.36 9.25 -43.69
N PHE A 104 3.32 10.08 -43.88
CA PHE A 104 1.94 9.67 -43.72
C PHE A 104 1.10 10.21 -44.88
N ASN A 105 -0.11 9.67 -45.06
CA ASN A 105 -0.95 10.00 -46.20
C ASN A 105 -2.42 9.96 -45.81
N GLY A 106 -3.31 10.24 -46.77
CA GLY A 106 -4.74 10.25 -46.54
C GLY A 106 -5.53 10.19 -47.84
N PHE A 107 -6.86 10.31 -47.72
CA PHE A 107 -7.77 10.22 -48.85
C PHE A 107 -8.92 11.22 -48.69
N GLU A 108 -8.69 12.27 -47.91
CA GLU A 108 -9.68 13.30 -47.64
C GLU A 108 -9.05 14.68 -47.75
N THR A 109 -9.86 15.73 -47.68
CA THR A 109 -9.40 17.11 -47.82
C THR A 109 -10.16 18.01 -46.84
N PRO A 110 -9.59 19.18 -46.50
CA PRO A 110 -10.20 20.15 -45.62
C PRO A 110 -11.34 20.89 -46.31
N ASP A 111 -12.16 21.58 -45.52
CA ASP A 111 -13.32 22.33 -45.99
C ASP A 111 -12.90 23.75 -46.42
N LYS A 112 -11.63 23.94 -46.75
CA LYS A 112 -11.08 25.25 -47.08
C LYS A 112 -10.71 25.36 -48.56
N SER A 113 -11.02 24.34 -49.36
CA SER A 113 -10.77 24.35 -50.80
C SER A 113 -11.66 25.35 -51.51
N GLU A 114 -11.40 25.57 -52.80
CA GLU A 114 -12.19 26.50 -53.61
C GLU A 114 -12.11 26.10 -55.08
N PRO A 115 -13.14 26.44 -55.88
CA PRO A 115 -13.19 26.14 -57.30
C PRO A 115 -12.26 27.06 -58.11
N PRO A 116 -11.96 26.68 -59.36
CA PRO A 116 -11.15 27.46 -60.27
C PRO A 116 -11.94 28.63 -60.85
N PHE A 117 -11.27 29.49 -61.62
CA PHE A 117 -11.90 30.65 -62.21
C PHE A 117 -11.31 30.96 -63.60
N TYR A 118 -10.87 29.91 -64.30
CA TYR A 118 -10.30 30.03 -65.63
C TYR A 118 -10.97 29.04 -66.58
N VAL A 119 -10.83 29.27 -67.89
CA VAL A 119 -11.43 28.43 -68.92
C VAL A 119 -10.56 28.42 -70.18
N GLY A 120 -9.37 29.02 -70.11
CA GLY A 120 -8.45 29.09 -71.23
C GLY A 120 -7.08 29.62 -70.78
N SER A 121 -6.15 29.74 -71.73
CA SER A 121 -4.80 30.20 -71.48
C SER A 121 -4.80 31.63 -70.93
N ASN A 122 -3.73 31.99 -70.21
CA ASN A 122 -3.60 33.29 -69.58
C ASN A 122 -2.13 33.63 -69.33
N GLY A 123 -1.86 34.85 -68.82
CA GLY A 123 -0.51 35.28 -68.50
C GLY A 123 -0.52 36.59 -67.72
N ASP A 124 0.64 36.96 -67.17
CA ASP A 124 0.78 38.17 -66.36
C ASP A 124 2.25 38.60 -66.31
N ASP A 125 2.55 39.69 -65.60
CA ASP A 125 3.89 40.24 -65.48
C ASP A 125 4.19 40.60 -64.01
N SER A 126 3.38 40.07 -63.08
CA SER A 126 3.51 40.31 -61.65
C SER A 126 3.20 39.02 -60.88
N PHE A 127 3.26 39.08 -59.54
CA PHE A 127 2.98 37.91 -58.71
C PHE A 127 2.40 38.31 -57.37
N SER A 128 1.94 37.32 -56.61
CA SER A 128 1.35 37.50 -55.29
C SER A 128 1.55 36.24 -54.44
N SER A 129 1.08 36.28 -53.19
CA SER A 129 1.23 35.15 -52.27
C SER A 129 0.64 33.87 -52.87
N SER A 130 1.31 32.75 -52.65
CA SER A 130 0.92 31.45 -53.18
C SER A 130 1.57 30.34 -52.34
N GLY A 131 1.28 29.08 -52.68
CA GLY A 131 1.87 27.94 -51.96
C GLY A 131 1.52 26.61 -52.63
N ASP A 132 2.04 25.52 -52.05
CA ASP A 132 1.81 24.17 -52.56
C ASP A 132 1.68 23.17 -51.42
N VAL A 133 1.56 23.68 -50.18
CA VAL A 133 1.44 22.85 -48.98
C VAL A 133 0.21 21.94 -49.09
N SER A 134 0.22 20.83 -48.34
CA SER A 134 -0.87 19.84 -48.36
C SER A 134 -1.19 19.32 -46.96
N LEU A 135 -0.53 19.87 -45.94
CA LEU A 135 -0.83 19.55 -44.55
C LEU A 135 -2.27 19.95 -44.23
N SER A 136 -3.07 19.01 -43.71
CA SER A 136 -4.47 19.27 -43.40
C SER A 136 -5.02 18.21 -42.44
N ALA A 137 -6.29 18.35 -42.06
CA ALA A 137 -6.97 17.42 -41.17
C ALA A 137 -8.47 17.44 -41.46
N SER A 138 -9.23 16.56 -40.78
CA SER A 138 -10.67 16.48 -40.93
C SER A 138 -11.33 17.80 -40.53
N PRO A 139 -12.53 18.08 -41.04
CA PRO A 139 -13.30 19.27 -40.70
C PRO A 139 -13.45 19.47 -39.19
N VAL A 140 -13.73 20.73 -38.79
CA VAL A 140 -13.90 21.11 -37.40
C VAL A 140 -15.08 20.36 -36.78
N PRO A 141 -15.13 20.24 -35.45
CA PRO A 141 -16.25 19.64 -34.73
C PRO A 141 -17.47 20.55 -34.76
N ALA A 142 -18.62 20.05 -34.30
CA ALA A 142 -19.88 20.79 -34.31
C ALA A 142 -20.77 20.32 -33.16
N SER A 143 -21.85 21.06 -32.90
CA SER A 143 -22.80 20.75 -31.85
C SER A 143 -23.72 19.58 -32.23
N LEU A 144 -23.46 18.95 -33.38
CA LEU A 144 -24.29 17.86 -33.89
C LEU A 144 -23.41 16.75 -34.44
N THR A 145 -23.92 15.51 -34.42
CA THR A 145 -23.20 14.31 -34.82
C THR A 145 -21.92 14.07 -34.01
N GLN A 146 -21.63 14.97 -33.05
CA GLN A 146 -20.43 14.91 -32.22
C GLN A 146 -20.76 15.50 -30.84
N PRO A 147 -19.96 15.20 -29.81
CA PRO A 147 -20.14 15.74 -28.47
C PRO A 147 -20.25 17.27 -28.49
N PRO A 148 -21.21 17.83 -27.74
CA PRO A 148 -21.44 19.26 -27.68
C PRO A 148 -20.42 19.95 -26.76
N LEU A 149 -19.64 19.15 -26.01
CA LEU A 149 -18.68 19.65 -25.04
C LEU A 149 -17.58 18.60 -24.83
N PRO A 150 -16.71 18.41 -25.83
CA PRO A 150 -15.63 17.43 -25.77
C PRO A 150 -14.79 17.52 -24.51
N ILE A 151 -14.66 18.74 -23.95
CA ILE A 151 -13.91 18.99 -22.72
C ILE A 151 -14.56 20.17 -21.99
N PRO A 152 -14.89 20.04 -20.70
CA PRO A 152 -15.44 21.12 -19.89
C PRO A 152 -14.54 22.37 -19.92
N PRO A 153 -15.12 23.56 -19.76
CA PRO A 153 -14.37 24.80 -19.73
C PRO A 153 -13.69 24.99 -18.37
N PRO A 154 -12.65 25.83 -18.32
CA PRO A 154 -11.99 26.24 -17.08
C PRO A 154 -12.98 26.86 -16.07
N PHE A 155 -12.52 27.05 -14.83
CA PHE A 155 -13.33 27.67 -13.79
C PHE A 155 -12.40 28.38 -12.78
N PRO A 156 -12.96 29.29 -11.97
CA PRO A 156 -12.22 30.09 -11.00
C PRO A 156 -11.31 29.26 -10.09
N PRO A 157 -10.25 29.87 -9.54
CA PRO A 157 -9.30 29.21 -8.66
C PRO A 157 -9.91 28.98 -7.28
N PRO A 158 -9.30 28.11 -6.46
CA PRO A 158 -9.74 27.80 -5.11
C PRO A 158 -9.44 28.96 -4.15
N SER A 159 -9.85 28.79 -2.89
CA SER A 159 -9.68 29.80 -1.84
C SER A 159 -9.15 29.17 -0.56
N GLY A 160 -8.60 27.96 -0.66
CA GLY A 160 -8.06 27.21 0.47
C GLY A 160 -7.33 25.97 -0.03
N LYS A 161 -6.85 25.12 0.89
CA LYS A 161 -6.12 23.91 0.50
C LYS A 161 -6.95 23.06 -0.47
N ASN A 162 -6.28 22.42 -1.43
CA ASN A 162 -6.92 21.51 -2.36
C ASN A 162 -7.38 20.28 -1.59
N PRO A 163 -8.29 19.46 -2.14
CA PRO A 163 -8.87 18.34 -1.44
C PRO A 163 -7.82 17.23 -1.26
N VAL A 164 -6.70 17.35 -1.97
CA VAL A 164 -5.58 16.44 -1.85
C VAL A 164 -4.97 16.54 -0.46
N MET A 165 -4.98 17.74 0.13
CA MET A 165 -4.31 17.96 1.40
C MET A 165 -5.25 17.66 2.57
N ILE A 166 -6.47 18.17 2.52
CA ILE A 166 -7.40 17.93 3.60
C ILE A 166 -7.60 16.43 3.76
N LEU A 167 -7.62 15.68 2.66
CA LEU A 167 -7.67 14.23 2.75
C LEU A 167 -6.38 13.74 3.42
N ASN A 168 -5.23 14.12 2.86
CA ASN A 168 -3.91 13.73 3.34
C ASN A 168 -3.56 14.41 4.67
N GLU A 169 -4.54 14.99 5.36
CA GLU A 169 -4.33 15.58 6.67
C GLU A 169 -5.48 15.23 7.63
N LEU A 170 -6.53 14.55 7.16
CA LEU A 170 -7.62 14.10 8.03
C LEU A 170 -7.59 12.58 8.19
N ARG A 171 -7.24 11.85 7.12
CA ARG A 171 -7.23 10.40 7.16
C ARG A 171 -6.35 9.85 6.04
N PRO A 172 -5.03 9.98 6.18
CA PRO A 172 -4.05 9.40 5.27
C PRO A 172 -4.20 7.87 5.20
N GLY A 173 -3.29 7.17 4.50
CA GLY A 173 -3.35 5.72 4.38
C GLY A 173 -3.83 5.25 3.01
N LEU A 174 -3.44 5.96 1.96
CA LEU A 174 -3.90 5.67 0.62
C LEU A 174 -2.73 5.59 -0.35
N LYS A 175 -3.05 5.32 -1.61
CA LYS A 175 -2.08 5.22 -2.68
C LYS A 175 -2.69 5.87 -3.91
N TYR A 176 -1.86 6.39 -4.80
CA TYR A 176 -2.35 7.06 -6.00
C TYR A 176 -1.61 6.51 -7.21
N ASP A 177 -2.27 6.56 -8.36
CA ASP A 177 -1.66 6.24 -9.63
C ASP A 177 -2.01 7.30 -10.67
N PHE A 178 -1.33 7.31 -11.80
CA PHE A 178 -1.53 8.32 -12.83
C PHE A 178 -1.85 7.62 -14.14
N LEU A 179 -2.86 8.12 -14.84
CA LEU A 179 -3.34 7.48 -16.05
C LEU A 179 -3.20 8.39 -17.27
N SER A 180 -3.20 7.72 -18.42
CA SER A 180 -2.82 8.21 -19.73
C SER A 180 -3.29 9.62 -20.11
N GLU A 181 -2.62 10.13 -21.15
CA GLU A 181 -2.84 11.48 -21.64
C GLU A 181 -2.99 11.48 -23.17
N SER A 182 -3.75 12.45 -23.68
CA SER A 182 -3.95 12.60 -25.11
C SER A 182 -4.57 13.97 -25.39
N GLY A 183 -4.51 14.40 -26.65
CA GLY A 183 -5.06 15.66 -27.11
C GLY A 183 -4.00 16.54 -27.74
N GLU A 184 -4.42 17.70 -28.28
CA GLU A 184 -3.52 18.67 -28.87
C GLU A 184 -2.75 19.38 -27.76
N SER A 185 -1.64 20.05 -28.10
CA SER A 185 -0.80 20.72 -27.10
C SER A 185 -1.54 21.82 -26.34
N HIS A 186 -2.72 22.23 -26.83
CA HIS A 186 -3.51 23.28 -26.19
C HIS A 186 -4.88 22.78 -25.77
N ALA A 187 -5.05 21.44 -25.75
CA ALA A 187 -6.30 20.80 -25.34
C ALA A 187 -5.98 19.48 -24.66
N LYS A 188 -4.73 19.31 -24.25
CA LYS A 188 -4.22 18.09 -23.62
C LYS A 188 -5.00 17.75 -22.36
N SER A 189 -5.04 16.47 -22.00
CA SER A 189 -5.74 15.99 -20.83
C SER A 189 -4.96 14.88 -20.15
N PHE A 190 -5.19 14.73 -18.85
CA PHE A 190 -4.52 13.72 -18.04
C PHE A 190 -5.50 13.21 -17.00
N VAL A 191 -5.17 12.10 -16.31
CA VAL A 191 -6.03 11.61 -15.24
C VAL A 191 -5.19 10.96 -14.15
N MET A 192 -5.80 10.83 -12.97
CA MET A 192 -5.16 10.19 -11.82
C MET A 192 -6.17 9.19 -11.27
N SER A 193 -5.69 8.15 -10.63
CA SER A 193 -6.55 7.24 -9.87
C SER A 193 -6.00 7.12 -8.46
N VAL A 194 -6.75 6.48 -7.57
CA VAL A 194 -6.37 6.35 -6.19
C VAL A 194 -6.95 5.06 -5.62
N VAL A 195 -6.41 4.64 -4.47
CA VAL A 195 -6.98 3.55 -3.70
C VAL A 195 -6.96 3.99 -2.25
N VAL A 196 -8.12 3.93 -1.59
CA VAL A 196 -8.26 4.43 -0.24
C VAL A 196 -9.16 3.50 0.55
N ASP A 197 -8.65 3.00 1.67
CA ASP A 197 -9.40 2.05 2.52
C ASP A 197 -9.87 0.81 1.76
N GLY A 198 -9.40 0.62 0.53
CA GLY A 198 -9.79 -0.52 -0.30
C GLY A 198 -10.64 -0.09 -1.48
N GLN A 199 -11.25 1.10 -1.39
CA GLN A 199 -12.05 1.64 -2.48
C GLN A 199 -11.13 2.13 -3.58
N PHE A 200 -11.71 2.57 -4.70
CA PHE A 200 -10.97 3.06 -5.84
C PHE A 200 -11.63 4.30 -6.43
N PHE A 201 -10.80 5.27 -6.83
CA PHE A 201 -11.28 6.52 -7.39
C PHE A 201 -10.44 6.96 -8.59
N GLU A 202 -10.96 7.93 -9.37
CA GLU A 202 -10.27 8.42 -10.56
C GLU A 202 -10.72 9.85 -10.83
N GLY A 203 -9.96 10.62 -11.62
CA GLY A 203 -10.30 11.99 -11.95
C GLY A 203 -9.43 12.51 -13.08
N SER A 204 -10.04 13.15 -14.09
CA SER A 204 -9.33 13.69 -15.23
C SER A 204 -9.35 15.21 -15.27
N GLY A 205 -8.28 15.80 -15.80
CA GLY A 205 -8.19 17.25 -15.94
C GLY A 205 -7.14 17.64 -16.97
N ARG A 206 -7.13 18.94 -17.31
CA ARG A 206 -6.20 19.49 -18.29
C ARG A 206 -4.75 19.46 -17.82
N ASN A 207 -4.53 19.17 -16.54
CA ASN A 207 -3.19 19.06 -15.97
C ASN A 207 -3.23 18.11 -14.78
N LYS A 208 -2.06 17.79 -14.24
CA LYS A 208 -1.93 16.80 -13.18
C LYS A 208 -2.55 17.25 -11.86
N LYS A 209 -2.55 18.56 -11.57
CA LYS A 209 -3.09 19.07 -10.32
C LYS A 209 -4.61 18.93 -10.32
N LEU A 210 -5.24 19.28 -11.44
CA LEU A 210 -6.68 19.28 -11.59
C LEU A 210 -7.20 17.84 -11.57
N ALA A 211 -6.45 16.93 -12.21
CA ALA A 211 -6.79 15.52 -12.23
C ALA A 211 -6.79 14.92 -10.83
N LYS A 212 -5.74 15.18 -10.04
CA LYS A 212 -5.67 14.66 -8.67
C LYS A 212 -6.67 15.38 -7.77
N ALA A 213 -6.93 16.66 -8.01
CA ALA A 213 -7.92 17.41 -7.24
C ALA A 213 -9.31 16.80 -7.43
N ARG A 214 -9.54 16.15 -8.57
CA ARG A 214 -10.82 15.53 -8.85
C ARG A 214 -10.88 14.11 -8.30
N ALA A 215 -9.80 13.34 -8.51
CA ALA A 215 -9.68 12.00 -7.99
C ALA A 215 -9.68 11.98 -6.47
N ALA A 216 -9.10 13.00 -5.83
CA ALA A 216 -9.02 13.10 -4.39
C ALA A 216 -10.31 13.71 -3.83
N GLN A 217 -10.90 14.64 -4.58
CA GLN A 217 -12.20 15.20 -4.24
C GLN A 217 -13.24 14.08 -4.13
N SER A 218 -13.16 13.08 -5.04
CA SER A 218 -14.07 11.95 -4.98
C SER A 218 -13.69 11.01 -3.84
N ALA A 219 -12.39 10.83 -3.60
CA ALA A 219 -11.93 9.92 -2.57
C ALA A 219 -12.31 10.44 -1.18
N LEU A 220 -12.08 11.72 -0.93
CA LEU A 220 -12.44 12.35 0.33
C LEU A 220 -13.93 12.23 0.58
N ALA A 221 -14.76 12.72 -0.35
CA ALA A 221 -16.20 12.72 -0.14
C ALA A 221 -16.72 11.33 0.25
N THR A 222 -16.46 10.34 -0.59
CA THR A 222 -16.93 8.98 -0.33
C THR A 222 -16.37 8.40 0.97
N VAL A 223 -15.05 8.32 1.13
CA VAL A 223 -14.45 7.64 2.28
C VAL A 223 -14.71 8.40 3.58
N PHE A 224 -14.87 9.73 3.54
CA PHE A 224 -15.07 10.49 4.76
C PHE A 224 -16.55 10.65 5.07
N ASN A 225 -17.43 10.06 4.25
CA ASN A 225 -18.88 10.19 4.43
C ASN A 225 -19.31 11.65 4.41
N LEU A 226 -18.64 12.47 3.59
CA LEU A 226 -18.86 13.91 3.52
C LEU A 226 -18.83 14.36 2.06
N HIS A 227 -18.70 15.67 1.83
CA HIS A 227 -18.71 16.24 0.49
C HIS A 227 -17.78 17.45 0.44
N LEU A 228 -17.86 18.25 -0.62
CA LEU A 228 -16.95 19.38 -0.80
C LEU A 228 -17.68 20.61 -1.36
N LEU A 229 -19.00 20.54 -1.45
CA LEU A 229 -19.82 21.63 -2.00
C LEU A 229 -21.22 21.61 -1.38
N GLU A 230 -21.39 20.90 -0.24
CA GLU A 230 -22.67 20.75 0.44
C GLU A 230 -22.51 20.84 1.96
N HIS A 231 -21.45 21.52 2.41
CA HIS A 231 -21.18 21.70 3.84
C HIS A 231 -22.27 22.52 4.55
N HIS A 232 -23.28 23.01 3.84
CA HIS A 232 -24.32 23.84 4.41
C HIS A 232 -25.62 23.62 3.65
N HIS A 233 -26.76 23.89 4.31
CA HIS A 233 -28.07 23.73 3.72
C HIS A 233 -29.14 24.60 4.39
N HIS A 234 -28.82 25.21 5.53
CA HIS A 234 -29.79 26.03 6.24
C HIS A 234 -30.07 27.33 5.48
N HIS A 235 -31.28 27.87 5.63
CA HIS A 235 -31.68 29.08 4.93
C HIS A 235 -32.83 29.80 5.65
N HIS A 236 -33.49 29.14 6.61
CA HIS A 236 -34.63 29.71 7.31
C HIS A 236 -34.81 29.03 8.66
N PRO A 1 -4.07 -11.44 25.73
CA PRO A 1 -3.27 -10.31 26.25
C PRO A 1 -2.63 -9.49 25.13
N GLY A 2 -1.87 -10.12 24.24
CA GLY A 2 -1.24 -9.45 23.11
C GLY A 2 -0.62 -10.46 22.14
N PRO A 3 -0.06 -9.97 21.02
CA PRO A 3 0.56 -10.78 19.99
C PRO A 3 1.64 -11.75 20.49
N VAL A 4 2.36 -11.37 21.55
CA VAL A 4 3.43 -12.21 22.09
C VAL A 4 3.67 -11.94 23.58
N LEU A 5 3.05 -10.90 24.15
CA LEU A 5 3.21 -10.50 25.53
C LEU A 5 4.68 -10.55 25.97
N PRO A 6 5.50 -9.61 25.47
CA PRO A 6 6.93 -9.53 25.74
C PRO A 6 7.29 -9.59 27.23
N LYS A 7 6.35 -9.20 28.10
CA LYS A 7 6.54 -9.22 29.54
C LYS A 7 7.05 -10.58 30.00
N ASN A 8 6.50 -11.65 29.39
CA ASN A 8 6.92 -13.00 29.64
C ASN A 8 8.41 -13.20 29.39
N ALA A 9 8.86 -13.06 28.13
CA ALA A 9 10.27 -13.26 27.77
C ALA A 9 11.20 -12.37 28.59
N LEU A 10 10.74 -11.16 28.93
CA LEU A 10 11.57 -10.18 29.60
C LEU A 10 11.83 -10.63 31.04
N MET A 11 10.76 -10.90 31.80
CA MET A 11 10.88 -11.38 33.17
C MET A 11 11.60 -12.72 33.23
N GLN A 12 11.25 -13.64 32.34
CA GLN A 12 11.84 -14.96 32.30
C GLN A 12 13.35 -14.84 32.16
N LEU A 13 13.81 -14.08 31.16
CA LEU A 13 15.23 -13.83 30.98
C LEU A 13 15.85 -13.22 32.25
N ASN A 14 15.21 -12.19 32.81
CA ASN A 14 15.72 -11.51 33.98
C ASN A 14 15.95 -12.48 35.13
N GLU A 15 15.02 -13.44 35.31
CA GLU A 15 15.12 -14.48 36.32
C GLU A 15 16.29 -15.42 36.05
N ILE A 16 16.34 -16.03 34.85
CA ILE A 16 17.37 -17.02 34.56
C ILE A 16 18.79 -16.49 34.45
N LYS A 17 19.01 -15.29 33.90
CA LYS A 17 20.37 -14.83 33.66
C LYS A 17 21.12 -14.62 34.98
N PRO A 18 22.44 -14.91 35.02
CA PRO A 18 23.31 -14.58 36.13
C PRO A 18 23.92 -13.18 35.95
N GLY A 19 23.70 -12.63 34.77
CA GLY A 19 24.30 -11.38 34.35
C GLY A 19 24.63 -11.60 32.88
N LEU A 20 24.42 -10.59 32.02
CA LEU A 20 24.56 -10.83 30.60
C LEU A 20 24.80 -9.56 29.80
N GLN A 21 24.89 -9.70 28.47
CA GLN A 21 25.13 -8.53 27.62
C GLN A 21 24.19 -8.49 26.42
N TYR A 22 23.65 -7.30 26.15
CA TYR A 22 22.86 -7.06 24.94
C TYR A 22 23.68 -6.18 24.00
N MET A 23 23.70 -6.54 22.72
CA MET A 23 24.42 -5.77 21.72
C MET A 23 23.56 -5.60 20.46
N LEU A 24 23.69 -4.45 19.80
CA LEU A 24 22.92 -4.06 18.63
C LEU A 24 23.83 -4.14 17.40
N LEU A 25 23.21 -4.55 16.29
CA LEU A 25 23.91 -4.92 15.09
C LEU A 25 23.09 -4.42 13.94
N SER A 26 23.75 -4.32 12.79
CA SER A 26 23.06 -4.02 11.56
C SER A 26 22.56 -2.58 11.63
N GLN A 27 21.24 -2.39 11.72
CA GLN A 27 20.65 -1.08 11.86
C GLN A 27 20.72 -0.38 10.50
N THR A 28 19.80 -0.74 9.62
CA THR A 28 19.81 -0.26 8.24
C THR A 28 18.39 0.11 7.84
N GLY A 29 18.24 0.45 6.56
CA GLY A 29 16.94 0.56 5.97
C GLY A 29 16.63 1.96 5.45
N PRO A 30 15.37 2.17 5.02
CA PRO A 30 14.87 3.40 4.44
C PRO A 30 14.57 4.47 5.47
N VAL A 31 14.94 4.20 6.72
CA VAL A 31 14.84 5.14 7.82
C VAL A 31 13.39 5.31 8.31
N HIS A 32 12.46 4.57 7.71
CA HIS A 32 11.06 4.54 8.13
C HIS A 32 10.58 3.10 8.25
N ALA A 33 11.42 2.15 7.86
CA ALA A 33 11.25 0.72 8.11
C ALA A 33 12.63 0.14 8.44
N PRO A 34 13.26 0.67 9.48
CA PRO A 34 14.63 0.36 9.81
C PRO A 34 14.79 -1.05 10.37
N LEU A 35 15.97 -1.63 10.18
CA LEU A 35 16.24 -2.99 10.66
C LEU A 35 17.38 -3.06 11.66
N PHE A 36 16.96 -3.26 12.91
CA PHE A 36 17.87 -3.28 14.05
C PHE A 36 18.04 -4.71 14.46
N VAL A 37 19.27 -5.08 14.83
CA VAL A 37 19.51 -6.45 15.15
C VAL A 37 20.11 -6.61 16.52
N MET A 38 19.31 -7.05 17.48
CA MET A 38 19.78 -7.16 18.84
C MET A 38 20.13 -8.61 19.10
N SER A 39 21.30 -8.83 19.68
CA SER A 39 21.78 -10.15 19.99
C SER A 39 22.20 -10.14 21.44
N VAL A 40 21.81 -11.18 22.16
CA VAL A 40 22.03 -11.26 23.59
C VAL A 40 23.06 -12.35 23.88
N GLU A 41 23.90 -12.12 24.87
CA GLU A 41 25.05 -12.99 25.15
C GLU A 41 25.04 -13.39 26.61
N VAL A 42 24.94 -14.70 26.85
CA VAL A 42 24.93 -15.30 28.17
C VAL A 42 25.82 -16.54 28.18
N ASN A 43 26.68 -16.66 29.19
CA ASN A 43 27.62 -17.77 29.38
C ASN A 43 28.51 -18.09 28.15
N GLY A 44 28.38 -17.33 27.05
CA GLY A 44 29.20 -17.53 25.87
C GLY A 44 28.35 -17.91 24.66
N GLN A 45 27.03 -17.98 24.83
CA GLN A 45 26.09 -18.26 23.76
C GLN A 45 25.45 -16.93 23.42
N VAL A 46 25.36 -16.65 22.13
CA VAL A 46 24.81 -15.39 21.66
C VAL A 46 23.71 -15.71 20.66
N PHE A 47 22.58 -15.01 20.78
CA PHE A 47 21.42 -15.28 19.95
C PHE A 47 20.90 -13.96 19.41
N GLU A 48 20.59 -13.96 18.11
CA GLU A 48 20.34 -12.73 17.37
C GLU A 48 18.90 -12.63 16.90
N GLY A 49 18.32 -11.43 17.05
CA GLY A 49 16.96 -11.16 16.61
C GLY A 49 16.95 -9.85 15.84
N SER A 50 16.26 -9.82 14.70
CA SER A 50 16.26 -8.69 13.78
C SER A 50 14.85 -8.20 13.54
N GLY A 51 14.58 -6.96 13.96
CA GLY A 51 13.27 -6.36 13.83
C GLY A 51 13.33 -4.84 13.77
N PRO A 52 12.22 -4.19 13.45
CA PRO A 52 12.08 -2.76 13.52
C PRO A 52 12.09 -2.34 14.99
N THR A 53 12.82 -1.27 15.30
CA THR A 53 13.02 -0.81 16.68
C THR A 53 13.63 -1.88 17.61
N LYS A 54 14.20 -1.43 18.74
CA LYS A 54 14.97 -2.31 19.62
C LYS A 54 14.10 -3.32 20.36
N LYS A 55 12.84 -2.98 20.64
CA LYS A 55 11.97 -3.80 21.49
C LYS A 55 11.85 -5.23 20.97
N LYS A 56 11.22 -5.37 19.79
CA LYS A 56 11.00 -6.66 19.15
C LYS A 56 12.31 -7.40 18.91
N ALA A 57 13.37 -6.70 18.49
CA ALA A 57 14.66 -7.33 18.26
C ALA A 57 15.16 -8.04 19.52
N LYS A 58 15.36 -7.25 20.60
CA LYS A 58 15.79 -7.77 21.88
C LYS A 58 14.82 -8.84 22.42
N LEU A 59 13.52 -8.66 22.21
CA LEU A 59 12.51 -9.61 22.63
C LEU A 59 12.79 -11.00 22.03
N HIS A 60 12.80 -11.09 20.70
CA HIS A 60 13.08 -12.35 20.02
C HIS A 60 14.43 -12.93 20.45
N ALA A 61 15.45 -12.07 20.58
CA ALA A 61 16.76 -12.50 21.07
C ALA A 61 16.64 -13.14 22.45
N ALA A 62 15.90 -12.50 23.36
CA ALA A 62 15.66 -12.99 24.71
C ALA A 62 15.08 -14.40 24.67
N GLU A 63 14.02 -14.56 23.86
CA GLU A 63 13.35 -15.85 23.70
C GLU A 63 14.33 -16.94 23.27
N LYS A 64 15.06 -16.70 22.18
CA LYS A 64 16.02 -17.66 21.69
C LYS A 64 17.03 -18.01 22.77
N ALA A 65 17.72 -16.99 23.30
CA ALA A 65 18.74 -17.18 24.30
C ALA A 65 18.21 -17.93 25.52
N LEU A 66 17.10 -17.47 26.11
CA LEU A 66 16.57 -18.12 27.29
C LEU A 66 16.34 -19.59 26.99
N ARG A 67 15.61 -19.92 25.90
CA ARG A 67 15.32 -21.32 25.59
C ARG A 67 16.59 -22.09 25.32
N SER A 68 17.65 -21.42 24.86
CA SER A 68 18.93 -22.08 24.67
C SER A 68 19.66 -22.25 26.00
N PHE A 69 20.19 -21.16 26.55
CA PHE A 69 21.03 -21.16 27.74
C PHE A 69 20.32 -21.65 29.00
N VAL A 70 19.00 -21.83 29.00
CA VAL A 70 18.33 -22.47 30.15
C VAL A 70 18.98 -23.83 30.47
N GLN A 71 19.69 -24.42 29.51
CA GLN A 71 20.39 -25.69 29.71
C GLN A 71 21.81 -25.48 30.26
N PHE A 72 22.28 -24.22 30.27
CA PHE A 72 23.60 -23.88 30.76
C PHE A 72 23.61 -22.50 31.43
N PRO A 73 22.84 -22.33 32.52
CA PRO A 73 22.73 -21.08 33.26
C PRO A 73 23.98 -20.77 34.08
N ASN A 74 24.78 -21.80 34.42
CA ASN A 74 26.01 -21.65 35.17
C ASN A 74 26.93 -22.85 34.95
N ALA A 75 26.57 -23.72 33.99
CA ALA A 75 27.33 -24.92 33.70
C ALA A 75 28.70 -24.58 33.11
N SER A 76 29.56 -25.59 32.97
CA SER A 76 30.93 -25.44 32.48
C SER A 76 31.09 -26.03 31.08
N GLU A 77 30.02 -26.62 30.53
CA GLU A 77 30.00 -27.19 29.19
C GLU A 77 29.91 -26.10 28.13
N ALA A 78 30.21 -24.85 28.50
CA ALA A 78 30.16 -23.69 27.62
C ALA A 78 31.43 -22.86 27.75
N HIS A 79 32.46 -23.45 28.38
CA HIS A 79 33.77 -22.82 28.56
C HIS A 79 34.85 -23.89 28.52
N LEU A 80 36.12 -23.48 28.49
CA LEU A 80 37.23 -24.42 28.39
C LEU A 80 38.51 -23.84 29.02
N ALA A 81 39.42 -24.72 29.44
CA ALA A 81 40.67 -24.30 30.07
C ALA A 81 41.79 -25.28 29.73
N MET A 82 41.59 -26.10 28.68
CA MET A 82 42.55 -27.11 28.26
C MET A 82 42.47 -27.23 26.74
N GLY A 83 43.46 -27.87 26.11
CA GLY A 83 43.48 -28.00 24.67
C GLY A 83 44.63 -28.87 24.18
N ARG A 84 44.87 -28.82 22.86
CA ARG A 84 45.89 -29.60 22.18
C ARG A 84 46.59 -28.71 21.17
N THR A 85 47.49 -29.28 20.35
CA THR A 85 48.23 -28.51 19.36
C THR A 85 48.37 -29.28 18.04
N LEU A 86 48.75 -28.54 17.00
CA LEU A 86 48.89 -29.05 15.64
C LEU A 86 49.90 -28.21 14.87
N SER A 87 50.10 -28.50 13.57
CA SER A 87 51.05 -27.78 12.73
C SER A 87 50.50 -27.54 11.32
N VAL A 88 49.27 -28.01 11.06
CA VAL A 88 48.63 -27.81 9.76
C VAL A 88 48.36 -26.32 9.57
N ASN A 89 48.51 -25.84 8.32
CA ASN A 89 48.25 -24.45 7.97
C ASN A 89 47.93 -24.35 6.48
N THR A 90 47.22 -23.30 6.07
CA THR A 90 46.86 -23.07 4.68
C THR A 90 46.45 -21.61 4.49
N ASP A 91 46.16 -21.21 3.25
CA ASP A 91 45.77 -19.84 2.93
C ASP A 91 44.49 -19.46 3.68
N PHE A 92 44.24 -18.16 3.85
CA PHE A 92 43.09 -17.66 4.59
C PHE A 92 42.68 -16.26 4.15
N THR A 93 43.29 -15.72 3.09
CA THR A 93 43.00 -14.36 2.65
C THR A 93 43.05 -14.28 1.11
N SER A 94 42.54 -13.16 0.58
CA SER A 94 42.43 -12.94 -0.86
C SER A 94 42.24 -11.46 -1.15
N ASP A 95 41.96 -11.13 -2.42
CA ASP A 95 41.71 -9.76 -2.84
C ASP A 95 40.34 -9.64 -3.52
N GLN A 96 39.54 -10.70 -3.46
CA GLN A 96 38.19 -10.77 -4.01
C GLN A 96 38.10 -10.19 -5.42
N ALA A 97 39.13 -10.40 -6.24
CA ALA A 97 39.12 -9.95 -7.62
C ALA A 97 37.94 -10.56 -8.39
N ASP A 98 37.67 -10.02 -9.58
CA ASP A 98 36.54 -10.45 -10.39
C ASP A 98 36.85 -10.25 -11.87
N PHE A 99 35.98 -10.76 -12.73
CA PHE A 99 36.10 -10.69 -14.19
C PHE A 99 34.71 -10.49 -14.80
N PRO A 100 34.63 -9.89 -15.99
CA PRO A 100 33.38 -9.62 -16.67
C PRO A 100 32.74 -10.90 -17.20
N ASP A 101 31.50 -10.78 -17.69
CA ASP A 101 30.72 -11.93 -18.17
C ASP A 101 29.73 -11.49 -19.25
N THR A 102 30.07 -10.42 -19.98
CA THR A 102 29.22 -9.85 -21.01
C THR A 102 29.97 -9.69 -22.34
N LEU A 103 31.22 -10.16 -22.40
CA LEU A 103 32.04 -10.14 -23.59
C LEU A 103 33.04 -11.28 -23.60
N PHE A 104 33.75 -11.45 -24.71
CA PHE A 104 34.72 -12.52 -24.88
C PHE A 104 35.96 -12.04 -25.64
N ASN A 105 36.21 -10.73 -25.63
CA ASN A 105 37.32 -10.10 -26.34
C ASN A 105 37.31 -10.51 -27.82
N GLY A 106 36.12 -10.83 -28.36
CA GLY A 106 35.97 -11.26 -29.74
C GLY A 106 34.49 -11.32 -30.13
N PHE A 107 34.22 -11.81 -31.35
CA PHE A 107 32.86 -11.89 -31.89
C PHE A 107 32.67 -13.19 -32.67
N GLU A 108 31.47 -13.37 -33.25
CA GLU A 108 31.13 -14.57 -34.00
C GLU A 108 30.38 -14.21 -35.28
N THR A 109 30.20 -12.90 -35.54
CA THR A 109 29.49 -12.42 -36.71
C THR A 109 30.31 -12.66 -37.97
N PRO A 110 29.66 -12.71 -39.14
CA PRO A 110 30.33 -12.89 -40.42
C PRO A 110 31.09 -11.64 -40.84
N ASP A 111 31.77 -11.69 -41.99
CA ASP A 111 32.51 -10.56 -42.52
C ASP A 111 32.51 -10.61 -44.05
N LYS A 112 32.85 -9.48 -44.69
CA LYS A 112 32.81 -9.31 -46.15
C LYS A 112 31.47 -9.74 -46.76
N SER A 113 30.44 -9.86 -45.92
CA SER A 113 29.11 -10.28 -46.31
C SER A 113 28.11 -9.79 -45.25
N GLU A 114 26.82 -10.03 -45.48
CA GLU A 114 25.72 -9.63 -44.61
C GLU A 114 25.90 -8.23 -44.03
N PRO A 115 26.05 -7.20 -44.88
CA PRO A 115 26.24 -5.82 -44.44
C PRO A 115 24.98 -5.28 -43.76
N PRO A 116 25.15 -4.26 -42.91
CA PRO A 116 24.07 -3.66 -42.13
C PRO A 116 23.20 -2.71 -42.97
N PHE A 117 23.51 -2.54 -44.26
CA PHE A 117 22.76 -1.64 -45.12
C PHE A 117 22.81 -2.09 -46.57
N TYR A 118 21.82 -1.66 -47.35
CA TYR A 118 21.70 -2.00 -48.76
C TYR A 118 20.77 -1.01 -49.46
N VAL A 119 20.66 -1.11 -50.78
CA VAL A 119 19.81 -0.24 -51.58
C VAL A 119 19.38 -0.98 -52.86
N GLY A 120 18.27 -0.56 -53.46
CA GLY A 120 17.76 -1.20 -54.67
C GLY A 120 16.37 -0.64 -55.03
N SER A 121 15.71 -1.25 -56.01
CA SER A 121 14.38 -0.87 -56.47
C SER A 121 13.29 -1.16 -55.44
N ASN A 122 13.67 -1.31 -54.17
CA ASN A 122 12.77 -1.66 -53.08
C ASN A 122 13.06 -0.81 -51.84
N GLY A 123 13.74 0.33 -52.06
CA GLY A 123 14.17 1.24 -51.00
C GLY A 123 14.49 2.61 -51.57
N ASP A 124 15.25 3.42 -50.83
CA ASP A 124 15.62 4.77 -51.24
C ASP A 124 17.04 5.08 -50.78
N ASP A 125 17.67 6.08 -51.42
CA ASP A 125 19.03 6.48 -51.12
C ASP A 125 19.15 7.23 -49.78
N SER A 126 18.01 7.54 -49.15
CA SER A 126 17.96 8.28 -47.89
C SER A 126 18.76 9.59 -47.97
N PHE A 127 18.93 10.11 -49.19
CA PHE A 127 19.65 11.33 -49.48
C PHE A 127 18.94 12.55 -48.86
N SER A 128 19.54 13.74 -49.00
CA SER A 128 19.01 15.00 -48.49
C SER A 128 17.74 15.44 -49.23
N SER A 129 17.07 14.51 -49.92
CA SER A 129 15.87 14.77 -50.72
C SER A 129 14.90 13.61 -50.60
N SER A 130 13.83 13.62 -51.40
CA SER A 130 12.78 12.60 -51.37
C SER A 130 12.41 12.15 -52.78
N GLY A 131 13.23 12.51 -53.77
CA GLY A 131 13.01 12.11 -55.15
C GLY A 131 14.07 12.72 -56.08
N ASP A 132 13.99 12.39 -57.37
CA ASP A 132 14.91 12.89 -58.40
C ASP A 132 14.14 13.15 -59.69
N VAL A 133 12.81 13.26 -59.59
CA VAL A 133 11.93 13.45 -60.75
C VAL A 133 10.86 14.50 -60.45
N SER A 134 11.06 15.27 -59.37
CA SER A 134 10.11 16.27 -58.92
C SER A 134 10.85 17.49 -58.33
N LEU A 135 10.10 18.54 -58.00
CA LEU A 135 10.65 19.76 -57.45
C LEU A 135 11.31 19.51 -56.10
N SER A 136 12.10 20.47 -55.62
CA SER A 136 12.81 20.43 -54.35
C SER A 136 12.99 21.85 -53.82
N ALA A 137 13.63 21.98 -52.64
CA ALA A 137 13.89 23.27 -52.04
C ALA A 137 14.73 24.17 -52.94
N SER A 138 14.67 25.49 -52.72
CA SER A 138 15.40 26.49 -53.51
C SER A 138 15.59 27.76 -52.69
N PRO A 139 16.48 28.65 -53.12
CA PRO A 139 16.76 29.92 -52.45
C PRO A 139 15.50 30.75 -52.20
N VAL A 140 15.61 31.72 -51.29
CA VAL A 140 14.48 32.58 -50.94
C VAL A 140 15.02 33.92 -50.42
N PRO A 141 14.36 35.05 -50.70
CA PRO A 141 14.77 36.38 -50.24
C PRO A 141 14.98 36.52 -48.73
N ALA A 142 14.48 35.57 -47.93
CA ALA A 142 14.63 35.61 -46.49
C ALA A 142 16.09 35.40 -46.06
N SER A 143 16.36 35.63 -44.78
CA SER A 143 17.71 35.49 -44.24
C SER A 143 17.71 35.08 -42.77
N LEU A 144 16.52 34.86 -42.18
CA LEU A 144 16.40 34.42 -40.80
C LEU A 144 16.87 32.97 -40.67
N THR A 145 17.22 32.56 -39.45
CA THR A 145 17.70 31.20 -39.19
C THR A 145 17.20 30.64 -37.86
N GLN A 146 16.35 31.38 -37.14
CA GLN A 146 15.84 30.93 -35.85
C GLN A 146 14.37 31.38 -35.71
N PRO A 147 13.56 30.57 -35.00
CA PRO A 147 12.16 30.86 -34.75
C PRO A 147 12.01 31.89 -33.63
N PRO A 148 10.79 32.42 -33.45
CA PRO A 148 10.43 33.27 -32.32
C PRO A 148 10.76 32.63 -30.97
N LEU A 149 10.73 33.44 -29.90
CA LEU A 149 11.04 32.98 -28.55
C LEU A 149 10.12 33.63 -27.50
N PRO A 150 8.79 33.65 -27.72
CA PRO A 150 7.86 34.22 -26.76
C PRO A 150 7.81 33.35 -25.50
N ILE A 151 7.55 33.99 -24.34
CA ILE A 151 7.60 33.33 -23.04
C ILE A 151 6.58 33.91 -22.07
N PRO A 152 5.30 34.05 -22.44
CA PRO A 152 4.28 34.61 -21.57
C PRO A 152 4.02 33.66 -20.38
N PRO A 153 3.48 34.19 -19.27
CA PRO A 153 3.31 33.45 -18.04
C PRO A 153 2.25 32.36 -18.20
N PRO A 154 2.61 31.09 -17.92
CA PRO A 154 1.73 29.95 -18.00
C PRO A 154 0.94 29.75 -16.70
N PHE A 155 1.00 30.71 -15.76
CA PHE A 155 0.39 30.58 -14.44
C PHE A 155 -1.10 30.24 -14.54
N PRO A 156 -1.56 29.23 -13.77
CA PRO A 156 -2.96 28.83 -13.72
C PRO A 156 -3.76 29.79 -12.84
N PRO A 157 -5.09 29.71 -12.88
CA PRO A 157 -5.97 30.48 -12.02
C PRO A 157 -5.85 29.99 -10.57
N PRO A 158 -6.33 30.78 -9.60
CA PRO A 158 -6.23 30.46 -8.20
C PRO A 158 -7.16 29.28 -7.84
N SER A 159 -6.90 28.67 -6.69
CA SER A 159 -7.65 27.52 -6.20
C SER A 159 -7.65 27.50 -4.68
N GLY A 160 -8.39 26.56 -4.10
CA GLY A 160 -8.46 26.43 -2.64
C GLY A 160 -9.32 25.24 -2.21
N LYS A 161 -9.47 24.24 -3.08
CA LYS A 161 -10.31 23.07 -2.81
C LYS A 161 -9.67 21.78 -3.32
N ASN A 162 -8.36 21.79 -3.56
CA ASN A 162 -7.63 20.64 -4.10
C ASN A 162 -7.94 19.35 -3.33
N PRO A 163 -8.61 18.39 -3.97
CA PRO A 163 -9.09 17.19 -3.35
C PRO A 163 -8.02 16.12 -3.25
N VAL A 164 -6.88 16.30 -3.93
CA VAL A 164 -5.79 15.33 -3.92
C VAL A 164 -5.21 15.19 -2.51
N MET A 165 -4.98 16.30 -1.83
CA MET A 165 -4.38 16.27 -0.50
C MET A 165 -5.37 15.73 0.52
N ILE A 166 -6.64 16.14 0.43
CA ILE A 166 -7.64 15.69 1.38
C ILE A 166 -7.66 14.17 1.37
N LEU A 167 -7.73 13.57 0.17
CA LEU A 167 -7.76 12.14 0.00
C LEU A 167 -6.44 11.55 0.53
N ASN A 168 -5.33 12.17 0.12
CA ASN A 168 -3.98 11.76 0.50
C ASN A 168 -3.67 12.04 1.97
N GLU A 169 -4.64 12.51 2.77
CA GLU A 169 -4.43 12.75 4.18
C GLU A 169 -5.57 12.21 5.04
N LEU A 170 -6.76 11.99 4.48
CA LEU A 170 -7.85 11.38 5.22
C LEU A 170 -7.75 9.86 5.16
N ARG A 171 -7.35 9.32 4.00
CA ARG A 171 -7.31 7.88 3.79
C ARG A 171 -6.34 7.56 2.64
N PRO A 172 -5.04 7.74 2.86
CA PRO A 172 -4.01 7.39 1.88
C PRO A 172 -3.96 5.87 1.72
N GLY A 173 -2.94 5.35 1.02
CA GLY A 173 -2.86 3.93 0.75
C GLY A 173 -3.36 3.55 -0.63
N LEU A 174 -3.12 4.42 -1.62
CA LEU A 174 -3.59 4.24 -2.98
C LEU A 174 -2.42 4.38 -3.94
N LYS A 175 -2.73 4.29 -5.23
CA LYS A 175 -1.76 4.47 -6.29
C LYS A 175 -2.41 5.27 -7.40
N TYR A 176 -1.63 6.02 -8.17
CA TYR A 176 -2.15 6.81 -9.27
C TYR A 176 -1.37 6.48 -10.54
N ASP A 177 -2.01 6.66 -11.68
CA ASP A 177 -1.36 6.48 -12.96
C ASP A 177 -1.71 7.62 -13.90
N PHE A 178 -0.89 7.83 -14.93
CA PHE A 178 -1.11 8.87 -15.92
C PHE A 178 -1.37 8.22 -17.27
N LEU A 179 -2.29 8.82 -18.02
CA LEU A 179 -2.74 8.26 -19.29
C LEU A 179 -2.62 9.33 -20.38
N SER A 180 -2.53 8.82 -21.62
CA SER A 180 -2.19 9.52 -22.85
C SER A 180 -2.80 10.91 -23.06
N GLU A 181 -2.29 11.60 -24.09
CA GLU A 181 -2.70 12.96 -24.40
C GLU A 181 -2.91 13.14 -25.90
N SER A 182 -3.51 14.28 -26.28
CA SER A 182 -3.73 14.66 -27.67
C SER A 182 -3.75 16.18 -27.77
N GLY A 183 -3.28 16.73 -28.89
CA GLY A 183 -3.29 18.17 -29.09
C GLY A 183 -2.10 18.63 -29.91
N GLU A 184 -1.95 19.96 -30.06
CA GLU A 184 -0.86 20.58 -30.79
C GLU A 184 -0.28 21.78 -30.02
N SER A 185 -0.67 21.90 -28.74
CA SER A 185 -0.20 22.88 -27.74
C SER A 185 -1.23 23.97 -27.47
N HIS A 186 -2.31 24.01 -28.25
CA HIS A 186 -3.38 24.98 -28.06
C HIS A 186 -4.72 24.30 -27.83
N ALA A 187 -4.71 22.97 -27.72
CA ALA A 187 -5.91 22.19 -27.46
C ALA A 187 -5.53 20.94 -26.65
N LYS A 188 -4.33 20.98 -26.05
CA LYS A 188 -3.71 19.87 -25.34
C LYS A 188 -4.60 19.41 -24.19
N SER A 189 -4.62 18.09 -23.95
CA SER A 189 -5.36 17.47 -22.86
C SER A 189 -4.63 16.23 -22.37
N PHE A 190 -4.91 15.82 -21.13
CA PHE A 190 -4.24 14.70 -20.51
C PHE A 190 -5.24 13.95 -19.64
N VAL A 191 -4.85 12.81 -19.07
CA VAL A 191 -5.70 12.11 -18.12
C VAL A 191 -4.88 11.38 -17.08
N MET A 192 -5.55 11.09 -15.95
CA MET A 192 -4.96 10.33 -14.86
C MET A 192 -5.94 9.23 -14.50
N SER A 193 -5.45 8.14 -13.91
CA SER A 193 -6.28 7.17 -13.28
C SER A 193 -5.76 6.92 -11.87
N VAL A 194 -6.49 6.13 -11.08
CA VAL A 194 -6.12 5.86 -9.70
C VAL A 194 -6.63 4.49 -9.31
N VAL A 195 -6.05 3.96 -8.24
CA VAL A 195 -6.53 2.74 -7.62
C VAL A 195 -6.51 2.98 -6.12
N VAL A 196 -7.64 2.70 -5.47
CA VAL A 196 -7.77 2.96 -4.03
C VAL A 196 -8.75 1.95 -3.43
N ASP A 197 -8.35 1.34 -2.32
CA ASP A 197 -9.12 0.27 -1.68
C ASP A 197 -9.39 -0.91 -2.63
N GLY A 198 -8.92 -0.83 -3.88
CA GLY A 198 -9.14 -1.88 -4.86
C GLY A 198 -10.00 -1.39 -6.02
N GLN A 199 -10.67 -0.25 -5.82
CA GLN A 199 -11.48 0.38 -6.84
C GLN A 199 -10.58 1.07 -7.87
N PHE A 200 -11.16 1.56 -8.96
CA PHE A 200 -10.39 2.25 -10.00
C PHE A 200 -11.14 3.48 -10.48
N PHE A 201 -10.39 4.59 -10.65
CA PHE A 201 -10.96 5.85 -11.13
C PHE A 201 -10.15 6.45 -12.28
N GLU A 202 -10.71 7.47 -12.92
CA GLU A 202 -10.07 8.13 -14.05
C GLU A 202 -10.56 9.57 -14.13
N GLY A 203 -9.79 10.45 -14.75
CA GLY A 203 -10.16 11.85 -14.92
C GLY A 203 -9.24 12.56 -15.89
N SER A 204 -9.82 13.26 -16.86
CA SER A 204 -9.06 14.02 -17.85
C SER A 204 -9.05 15.51 -17.52
N GLY A 205 -8.21 16.27 -18.22
CA GLY A 205 -8.10 17.71 -18.02
C GLY A 205 -7.12 18.32 -18.98
N ARG A 206 -7.14 19.65 -19.13
CA ARG A 206 -6.22 20.35 -20.01
C ARG A 206 -4.78 20.35 -19.51
N ASN A 207 -4.58 19.96 -18.25
CA ASN A 207 -3.27 19.87 -17.62
C ASN A 207 -3.32 18.75 -16.57
N LYS A 208 -2.14 18.29 -16.12
CA LYS A 208 -2.04 17.17 -15.20
C LYS A 208 -2.58 17.49 -13.81
N LYS A 209 -2.60 18.78 -13.41
CA LYS A 209 -3.11 19.18 -12.11
C LYS A 209 -4.63 19.00 -12.07
N LEU A 210 -5.30 19.34 -13.17
CA LEU A 210 -6.75 19.28 -13.28
C LEU A 210 -7.19 17.84 -13.48
N ALA A 211 -6.44 17.07 -14.28
CA ALA A 211 -6.73 15.68 -14.52
C ALA A 211 -6.67 14.87 -13.23
N LYS A 212 -5.67 15.13 -12.37
CA LYS A 212 -5.56 14.44 -11.09
C LYS A 212 -6.61 14.94 -10.11
N ALA A 213 -6.96 16.22 -10.17
CA ALA A 213 -7.97 16.77 -9.29
C ALA A 213 -9.35 16.19 -9.60
N ARG A 214 -9.52 15.71 -10.84
CA ARG A 214 -10.77 15.09 -11.25
C ARG A 214 -10.79 13.60 -10.90
N ALA A 215 -9.73 12.88 -11.26
CA ALA A 215 -9.59 11.47 -10.92
C ALA A 215 -9.56 11.27 -9.40
N ALA A 216 -8.98 12.22 -8.67
CA ALA A 216 -8.88 12.14 -7.22
C ALA A 216 -10.25 12.45 -6.60
N GLN A 217 -10.81 13.63 -6.91
CA GLN A 217 -12.20 13.95 -6.57
C GLN A 217 -13.15 12.76 -6.78
N SER A 218 -12.98 12.00 -7.87
CA SER A 218 -13.85 10.84 -8.11
C SER A 218 -13.54 9.72 -7.11
N ALA A 219 -12.25 9.48 -6.89
CA ALA A 219 -11.80 8.46 -5.95
C ALA A 219 -12.24 8.79 -4.53
N LEU A 220 -12.11 10.06 -4.13
CA LEU A 220 -12.54 10.51 -2.80
C LEU A 220 -14.03 10.32 -2.64
N ALA A 221 -14.83 10.85 -3.59
CA ALA A 221 -16.28 10.83 -3.46
C ALA A 221 -16.82 9.42 -3.26
N THR A 222 -16.34 8.45 -4.04
CA THR A 222 -16.83 7.09 -3.95
C THR A 222 -16.28 6.32 -2.75
N VAL A 223 -15.01 6.52 -2.36
CA VAL A 223 -14.39 5.71 -1.33
C VAL A 223 -14.66 6.30 0.05
N PHE A 224 -14.96 7.60 0.11
CA PHE A 224 -15.21 8.30 1.35
C PHE A 224 -16.72 8.47 1.56
N ASN A 225 -17.55 8.02 0.62
CA ASN A 225 -19.00 8.18 0.72
C ASN A 225 -19.41 9.65 0.86
N LEU A 226 -18.75 10.54 0.11
CA LEU A 226 -18.96 11.98 0.18
C LEU A 226 -19.05 12.59 -1.22
N HIS A 227 -19.12 13.92 -1.28
CA HIS A 227 -19.33 14.63 -2.54
C HIS A 227 -18.48 15.90 -2.64
N LEU A 228 -17.43 15.99 -1.82
CA LEU A 228 -16.53 17.15 -1.80
C LEU A 228 -17.28 18.46 -1.57
N LEU A 229 -18.42 18.39 -0.85
CA LEU A 229 -19.24 19.56 -0.56
C LEU A 229 -19.92 19.37 0.79
N GLU A 230 -19.95 20.43 1.61
CA GLU A 230 -20.54 20.38 2.93
C GLU A 230 -21.21 21.71 3.29
N HIS A 231 -21.20 22.68 2.36
CA HIS A 231 -21.80 23.98 2.58
C HIS A 231 -23.31 23.86 2.74
N HIS A 232 -23.93 24.88 3.33
CA HIS A 232 -25.36 24.94 3.59
C HIS A 232 -25.85 26.38 3.72
N HIS A 233 -27.17 26.56 3.82
CA HIS A 233 -27.77 27.90 3.92
C HIS A 233 -29.02 27.83 4.79
N HIS A 234 -29.56 29.01 5.14
CA HIS A 234 -30.76 29.16 5.93
C HIS A 234 -31.55 30.40 5.51
N HIS A 235 -31.13 31.03 4.41
CA HIS A 235 -31.74 32.25 3.91
C HIS A 235 -31.55 32.37 2.40
N HIS A 236 -32.17 33.38 1.80
CA HIS A 236 -32.08 33.65 0.37
C HIS A 236 -32.32 35.13 0.11
N PRO A 1 3.46 -16.52 24.78
CA PRO A 1 4.77 -15.84 24.76
C PRO A 1 5.10 -15.25 23.39
N GLY A 2 5.34 -13.94 23.35
CA GLY A 2 5.67 -13.24 22.12
C GLY A 2 5.58 -11.73 22.31
N PRO A 3 5.81 -10.96 21.24
CA PRO A 3 5.72 -9.51 21.22
C PRO A 3 4.39 -8.96 21.75
N VAL A 4 3.37 -9.81 21.90
CA VAL A 4 2.07 -9.40 22.41
C VAL A 4 2.12 -9.20 23.92
N LEU A 5 3.12 -9.80 24.58
CA LEU A 5 3.30 -9.72 26.03
C LEU A 5 4.79 -9.95 26.37
N PRO A 6 5.66 -9.04 25.92
CA PRO A 6 7.11 -9.19 26.03
C PRO A 6 7.59 -9.44 27.46
N LYS A 7 6.82 -8.98 28.45
CA LYS A 7 7.19 -9.15 29.84
C LYS A 7 7.46 -10.60 30.17
N ASN A 8 6.81 -11.52 29.46
CA ASN A 8 7.07 -12.94 29.61
C ASN A 8 8.54 -13.26 29.39
N ALA A 9 9.03 -13.07 28.15
CA ALA A 9 10.42 -13.33 27.80
C ALA A 9 11.40 -12.46 28.60
N LEU A 10 10.98 -11.25 28.95
CA LEU A 10 11.86 -10.29 29.59
C LEU A 10 12.11 -10.72 31.03
N MET A 11 11.05 -11.05 31.77
CA MET A 11 11.17 -11.52 33.15
C MET A 11 11.82 -12.90 33.22
N GLN A 12 11.46 -13.80 32.30
CA GLN A 12 12.06 -15.12 32.25
C GLN A 12 13.57 -15.00 32.06
N LEU A 13 13.99 -14.12 31.13
CA LEU A 13 15.40 -13.84 30.97
C LEU A 13 15.99 -13.26 32.25
N ASN A 14 15.27 -12.35 32.89
CA ASN A 14 15.72 -11.75 34.14
C ASN A 14 15.92 -12.82 35.23
N GLU A 15 15.08 -13.86 35.23
CA GLU A 15 15.24 -14.98 36.15
C GLU A 15 16.51 -15.77 35.82
N ILE A 16 16.63 -16.27 34.58
CA ILE A 16 17.80 -17.06 34.18
C ILE A 16 19.12 -16.27 34.22
N LYS A 17 19.02 -14.93 34.11
CA LYS A 17 20.15 -13.99 34.06
C LYS A 17 21.26 -14.25 35.08
N PRO A 18 22.39 -14.81 34.64
CA PRO A 18 23.58 -14.93 35.46
C PRO A 18 24.38 -13.62 35.42
N GLY A 19 23.97 -12.71 34.53
CA GLY A 19 24.68 -11.45 34.33
C GLY A 19 24.82 -11.18 32.83
N LEU A 20 23.78 -11.51 32.06
CA LEU A 20 23.81 -11.48 30.60
C LEU A 20 24.13 -10.12 30.01
N GLN A 21 24.38 -10.09 28.69
CA GLN A 21 24.67 -8.85 27.99
C GLN A 21 23.85 -8.71 26.71
N TYR A 22 23.31 -7.51 26.47
CA TYR A 22 22.61 -7.18 25.23
C TYR A 22 23.50 -6.29 24.37
N MET A 23 23.58 -6.58 23.06
CA MET A 23 24.32 -5.74 22.12
C MET A 23 23.49 -5.53 20.85
N LEU A 24 23.58 -4.34 20.27
CA LEU A 24 22.77 -3.93 19.12
C LEU A 24 23.65 -3.98 17.86
N LEU A 25 23.04 -4.41 16.76
CA LEU A 25 23.74 -4.70 15.51
C LEU A 25 22.82 -4.25 14.36
N SER A 26 23.29 -4.39 13.11
CA SER A 26 22.65 -3.78 11.95
C SER A 26 22.34 -2.31 12.19
N GLN A 27 21.06 -1.99 12.06
CA GLN A 27 20.48 -0.68 12.06
C GLN A 27 20.85 0.03 10.77
N THR A 28 20.08 -0.29 9.74
CA THR A 28 20.19 0.25 8.39
C THR A 28 18.93 -0.15 7.65
N GLY A 29 18.69 0.43 6.47
CA GLY A 29 17.45 0.20 5.73
C GLY A 29 16.77 1.55 5.51
N PRO A 30 15.52 1.54 5.02
CA PRO A 30 14.72 2.75 4.93
C PRO A 30 14.60 3.44 6.27
N VAL A 31 14.21 4.72 6.24
CA VAL A 31 14.07 5.54 7.43
C VAL A 31 12.70 5.35 8.08
N HIS A 32 11.88 4.46 7.50
CA HIS A 32 10.54 4.16 8.00
C HIS A 32 10.32 2.65 8.08
N ALA A 33 11.31 1.86 7.63
CA ALA A 33 11.33 0.42 7.81
C ALA A 33 12.76 -0.04 8.15
N PRO A 34 13.33 0.49 9.23
CA PRO A 34 14.68 0.20 9.66
C PRO A 34 14.80 -1.21 10.23
N LEU A 35 15.97 -1.84 10.04
CA LEU A 35 16.20 -3.16 10.60
C LEU A 35 17.28 -3.12 11.67
N PHE A 36 16.88 -3.53 12.88
CA PHE A 36 17.78 -3.57 14.03
C PHE A 36 17.95 -5.02 14.43
N VAL A 37 19.18 -5.45 14.71
CA VAL A 37 19.38 -6.82 15.21
C VAL A 37 20.02 -6.75 16.58
N MET A 38 19.26 -7.19 17.57
CA MET A 38 19.75 -7.20 18.93
C MET A 38 20.16 -8.62 19.23
N SER A 39 21.31 -8.79 19.84
CA SER A 39 21.82 -10.11 20.15
C SER A 39 22.17 -10.14 21.62
N VAL A 40 21.77 -11.22 22.27
CA VAL A 40 21.87 -11.35 23.71
C VAL A 40 22.84 -12.47 24.03
N GLU A 41 23.64 -12.29 25.08
CA GLU A 41 24.76 -13.18 25.37
C GLU A 41 24.64 -13.70 26.79
N VAL A 42 24.61 -15.04 26.92
CA VAL A 42 24.56 -15.69 28.22
C VAL A 42 25.56 -16.85 28.23
N ASN A 43 26.39 -16.94 29.27
CA ASN A 43 27.42 -17.99 29.42
C ASN A 43 28.37 -18.15 28.22
N GLY A 44 28.23 -17.33 27.16
CA GLY A 44 29.10 -17.43 25.99
C GLY A 44 28.29 -17.80 24.74
N GLN A 45 26.98 -17.95 24.90
CA GLN A 45 26.07 -18.23 23.80
C GLN A 45 25.36 -16.93 23.44
N VAL A 46 25.44 -16.56 22.17
CA VAL A 46 24.89 -15.31 21.69
C VAL A 46 23.80 -15.65 20.69
N PHE A 47 22.67 -14.95 20.80
CA PHE A 47 21.52 -15.22 19.95
C PHE A 47 20.94 -13.90 19.45
N GLU A 48 20.69 -13.82 18.14
CA GLU A 48 20.39 -12.57 17.48
C GLU A 48 18.94 -12.53 16.99
N GLY A 49 18.28 -11.38 17.18
CA GLY A 49 16.90 -11.21 16.75
C GLY A 49 16.79 -9.93 15.91
N SER A 50 16.05 -10.02 14.80
CA SER A 50 15.99 -9.00 13.76
C SER A 50 14.59 -8.40 13.67
N GLY A 51 14.42 -7.18 14.16
CA GLY A 51 13.14 -6.50 14.11
C GLY A 51 13.25 -5.01 13.82
N PRO A 52 12.15 -4.39 13.34
CA PRO A 52 12.04 -2.96 13.25
C PRO A 52 11.83 -2.44 14.67
N THR A 53 12.54 -1.37 15.03
CA THR A 53 12.58 -0.85 16.39
C THR A 53 13.22 -1.88 17.35
N LYS A 54 13.83 -1.39 18.42
CA LYS A 54 14.65 -2.20 19.33
C LYS A 54 13.87 -3.28 20.08
N LYS A 55 12.59 -3.04 20.39
CA LYS A 55 11.81 -3.90 21.27
C LYS A 55 11.80 -5.35 20.79
N LYS A 56 11.18 -5.59 19.64
CA LYS A 56 11.02 -6.90 19.05
C LYS A 56 12.36 -7.61 18.86
N ALA A 57 13.40 -6.87 18.48
CA ALA A 57 14.73 -7.44 18.31
C ALA A 57 15.20 -8.11 19.59
N LYS A 58 15.36 -7.31 20.66
CA LYS A 58 15.76 -7.80 21.97
C LYS A 58 14.83 -8.90 22.49
N LEU A 59 13.53 -8.75 22.25
CA LEU A 59 12.52 -9.73 22.64
C LEU A 59 12.84 -11.11 22.09
N HIS A 60 12.84 -11.20 20.76
CA HIS A 60 13.09 -12.46 20.08
C HIS A 60 14.46 -13.02 20.47
N ALA A 61 15.47 -12.15 20.59
CA ALA A 61 16.79 -12.57 21.04
C ALA A 61 16.70 -13.26 22.40
N ALA A 62 16.03 -12.65 23.37
CA ALA A 62 15.85 -13.19 24.69
C ALA A 62 15.19 -14.57 24.62
N GLU A 63 14.14 -14.70 23.82
CA GLU A 63 13.42 -15.95 23.62
C GLU A 63 14.38 -17.06 23.17
N LYS A 64 15.08 -16.84 22.06
CA LYS A 64 16.01 -17.84 21.54
C LYS A 64 17.05 -18.21 22.59
N ALA A 65 17.67 -17.18 23.17
CA ALA A 65 18.70 -17.39 24.19
C ALA A 65 18.18 -18.23 25.34
N LEU A 66 16.93 -18.01 25.79
CA LEU A 66 16.29 -18.89 26.76
C LEU A 66 16.29 -20.32 26.22
N ARG A 67 15.77 -20.52 25.01
CA ARG A 67 15.60 -21.86 24.45
C ARG A 67 16.92 -22.63 24.43
N SER A 68 18.02 -21.93 24.14
CA SER A 68 19.32 -22.58 24.18
C SER A 68 19.88 -22.71 25.60
N PHE A 69 19.93 -21.60 26.32
CA PHE A 69 20.53 -21.50 27.64
C PHE A 69 19.95 -22.47 28.66
N VAL A 70 18.67 -22.87 28.54
CA VAL A 70 18.13 -23.89 29.45
C VAL A 70 18.97 -25.17 29.43
N GLN A 71 19.84 -25.35 28.44
CA GLN A 71 20.70 -26.54 28.35
C GLN A 71 22.08 -26.26 28.96
N PHE A 72 22.41 -25.00 29.26
CA PHE A 72 23.69 -24.63 29.85
C PHE A 72 23.57 -23.44 30.80
N PRO A 73 22.62 -23.48 31.75
CA PRO A 73 22.34 -22.39 32.68
C PRO A 73 23.44 -22.18 33.71
N ASN A 74 24.23 -23.22 34.02
CA ASN A 74 25.27 -23.12 35.03
C ASN A 74 26.32 -24.23 34.89
N ALA A 75 26.28 -24.97 33.77
CA ALA A 75 27.14 -26.11 33.56
C ALA A 75 27.45 -26.30 32.07
N SER A 76 28.39 -27.20 31.78
CA SER A 76 28.84 -27.50 30.42
C SER A 76 29.07 -29.00 30.27
N GLU A 77 28.39 -29.79 31.11
CA GLU A 77 28.54 -31.24 31.17
C GLU A 77 27.19 -31.92 30.92
N ALA A 78 26.23 -31.18 30.35
CA ALA A 78 24.91 -31.71 30.05
C ALA A 78 24.94 -32.82 29.00
N HIS A 79 26.12 -33.12 28.44
CA HIS A 79 26.31 -34.18 27.45
C HIS A 79 26.14 -35.57 28.09
N LEU A 80 25.71 -35.63 29.35
CA LEU A 80 25.53 -36.87 30.10
C LEU A 80 24.15 -36.85 30.76
N ALA A 81 23.28 -35.93 30.31
CA ALA A 81 21.93 -35.77 30.82
C ALA A 81 20.98 -35.39 29.67
N MET A 82 19.70 -35.18 29.97
CA MET A 82 18.71 -34.80 28.97
C MET A 82 17.64 -33.90 29.58
N GLY A 83 16.78 -33.35 28.72
CA GLY A 83 15.71 -32.44 29.12
C GLY A 83 14.95 -31.96 27.89
N ARG A 84 14.01 -31.04 28.09
CA ARG A 84 13.18 -30.50 27.01
C ARG A 84 12.74 -29.08 27.35
N THR A 85 12.12 -28.42 26.36
CA THR A 85 11.64 -27.05 26.48
C THR A 85 10.38 -26.88 25.62
N LEU A 86 9.77 -25.71 25.65
CA LEU A 86 8.53 -25.43 24.94
C LEU A 86 8.74 -24.34 23.90
N SER A 87 7.77 -24.19 23.00
CA SER A 87 7.82 -23.21 21.93
C SER A 87 6.38 -22.81 21.57
N VAL A 88 6.23 -21.91 20.59
CA VAL A 88 4.93 -21.37 20.21
C VAL A 88 4.80 -21.27 18.69
N ASN A 89 3.57 -21.01 18.23
CA ASN A 89 3.22 -20.90 16.83
C ASN A 89 1.99 -20.00 16.69
N THR A 90 1.48 -19.88 15.46
CA THR A 90 0.29 -19.09 15.18
C THR A 90 -0.72 -19.92 14.39
N ASP A 91 -1.93 -19.40 14.26
CA ASP A 91 -3.01 -20.09 13.56
C ASP A 91 -3.99 -19.08 12.99
N PHE A 92 -4.86 -19.54 12.09
CA PHE A 92 -5.86 -18.70 11.45
C PHE A 92 -7.08 -19.53 11.05
N THR A 93 -8.12 -18.85 10.54
CA THR A 93 -9.36 -19.48 10.12
C THR A 93 -9.97 -18.69 8.97
N SER A 94 -11.15 -19.10 8.51
CA SER A 94 -11.84 -18.48 7.40
C SER A 94 -13.34 -18.41 7.67
N ASP A 95 -14.07 -17.68 6.83
CA ASP A 95 -15.50 -17.49 7.00
C ASP A 95 -16.16 -17.22 5.65
N GLN A 96 -17.49 -17.27 5.60
CA GLN A 96 -18.25 -17.02 4.40
C GLN A 96 -19.59 -16.39 4.76
N ALA A 97 -20.11 -15.56 3.86
CA ALA A 97 -21.38 -14.86 4.04
C ALA A 97 -21.93 -14.46 2.66
N ASP A 98 -23.08 -13.77 2.65
CA ASP A 98 -23.71 -13.31 1.42
C ASP A 98 -24.50 -12.03 1.68
N PHE A 99 -24.59 -11.16 0.68
CA PHE A 99 -25.30 -9.89 0.77
C PHE A 99 -25.76 -9.46 -0.62
N PRO A 100 -26.93 -8.82 -0.75
CA PRO A 100 -27.44 -8.36 -2.03
C PRO A 100 -26.62 -7.20 -2.60
N ASP A 101 -26.90 -6.82 -3.85
CA ASP A 101 -26.18 -5.76 -4.53
C ASP A 101 -27.10 -5.06 -5.54
N THR A 102 -26.64 -3.93 -6.07
CA THR A 102 -27.41 -3.13 -7.03
C THR A 102 -27.60 -3.85 -8.36
N LEU A 103 -26.98 -5.02 -8.53
CA LEU A 103 -27.08 -5.81 -9.75
C LEU A 103 -26.87 -7.29 -9.42
N PHE A 104 -27.54 -8.17 -10.16
CA PHE A 104 -27.43 -9.61 -9.96
C PHE A 104 -27.76 -10.37 -11.26
N ASN A 105 -27.77 -9.65 -12.39
CA ASN A 105 -28.14 -10.24 -13.68
C ASN A 105 -29.46 -11.00 -13.59
N GLY A 106 -30.38 -10.51 -12.75
CA GLY A 106 -31.67 -11.14 -12.54
C GLY A 106 -32.77 -10.09 -12.40
N PHE A 107 -33.99 -10.52 -12.09
CA PHE A 107 -35.16 -9.66 -12.06
C PHE A 107 -36.12 -10.08 -10.95
N GLU A 108 -37.23 -9.35 -10.82
CA GLU A 108 -38.26 -9.62 -9.83
C GLU A 108 -39.62 -9.19 -10.40
N THR A 109 -40.71 -9.69 -9.81
CA THR A 109 -42.07 -9.43 -10.26
C THR A 109 -42.98 -9.19 -9.06
N PRO A 110 -42.85 -8.02 -8.41
CA PRO A 110 -43.53 -7.68 -7.17
C PRO A 110 -45.02 -7.36 -7.36
N ASP A 111 -45.57 -7.60 -8.56
CA ASP A 111 -46.97 -7.31 -8.86
C ASP A 111 -47.61 -8.40 -9.71
N LYS A 112 -48.94 -8.41 -9.75
CA LYS A 112 -49.70 -9.42 -10.48
C LYS A 112 -49.61 -9.24 -12.01
N SER A 113 -48.85 -8.24 -12.46
CA SER A 113 -48.65 -7.97 -13.87
C SER A 113 -48.03 -9.16 -14.60
N GLU A 114 -48.10 -9.17 -15.93
CA GLU A 114 -47.54 -10.23 -16.76
C GLU A 114 -46.02 -10.31 -16.52
N PRO A 115 -45.47 -11.53 -16.37
CA PRO A 115 -44.05 -11.73 -16.16
C PRO A 115 -43.18 -11.01 -17.19
N PRO A 116 -41.96 -10.61 -16.79
CA PRO A 116 -41.01 -9.93 -17.64
C PRO A 116 -40.32 -10.87 -18.64
N PHE A 117 -40.72 -12.15 -18.64
CA PHE A 117 -40.15 -13.14 -19.54
C PHE A 117 -40.48 -12.83 -21.00
N TYR A 118 -39.54 -13.15 -21.90
CA TYR A 118 -39.68 -12.94 -23.33
C TYR A 118 -38.88 -13.99 -24.09
N VAL A 119 -38.81 -13.86 -25.42
CA VAL A 119 -38.05 -14.76 -26.29
C VAL A 119 -36.57 -14.83 -25.92
N GLY A 120 -35.82 -15.74 -26.55
CA GLY A 120 -34.42 -15.96 -26.26
C GLY A 120 -33.68 -16.46 -27.51
N SER A 121 -32.46 -16.98 -27.31
CA SER A 121 -31.61 -17.43 -28.40
C SER A 121 -31.03 -18.82 -28.14
N ASN A 122 -31.64 -19.60 -27.23
CA ASN A 122 -31.18 -20.93 -26.86
C ASN A 122 -29.68 -20.96 -26.52
N GLY A 123 -29.16 -19.84 -26.04
CA GLY A 123 -27.74 -19.69 -25.71
C GLY A 123 -27.54 -18.58 -24.68
N ASP A 124 -28.56 -18.35 -23.83
CA ASP A 124 -28.54 -17.29 -22.83
C ASP A 124 -29.22 -17.79 -21.54
N ASP A 125 -29.02 -17.05 -20.45
CA ASP A 125 -29.59 -17.43 -19.15
C ASP A 125 -29.75 -16.18 -18.26
N SER A 126 -30.46 -16.36 -17.15
CA SER A 126 -30.73 -15.29 -16.20
C SER A 126 -31.05 -15.88 -14.82
N PHE A 127 -31.39 -15.02 -13.86
CA PHE A 127 -31.70 -15.43 -12.50
C PHE A 127 -32.90 -14.64 -11.98
N SER A 128 -33.45 -15.05 -10.83
CA SER A 128 -34.61 -14.39 -10.24
C SER A 128 -34.62 -14.48 -8.71
N SER A 129 -33.51 -14.96 -8.11
CA SER A 129 -33.42 -15.09 -6.67
C SER A 129 -33.46 -13.72 -5.97
N SER A 130 -33.18 -12.65 -6.73
CA SER A 130 -33.22 -11.29 -6.23
C SER A 130 -33.32 -10.32 -7.40
N GLY A 131 -33.63 -9.06 -7.10
CA GLY A 131 -33.77 -8.02 -8.11
C GLY A 131 -34.18 -6.70 -7.46
N ASP A 132 -34.61 -5.74 -8.28
CA ASP A 132 -35.10 -4.45 -7.79
C ASP A 132 -36.33 -4.65 -6.90
N VAL A 133 -36.78 -3.58 -6.24
CA VAL A 133 -37.86 -3.63 -5.27
C VAL A 133 -38.87 -2.49 -5.48
N SER A 134 -38.81 -1.82 -6.64
CA SER A 134 -39.70 -0.72 -6.97
C SER A 134 -40.12 -0.79 -8.43
N LEU A 135 -41.18 -0.05 -8.79
CA LEU A 135 -41.72 -0.04 -10.14
C LEU A 135 -42.39 1.31 -10.43
N SER A 136 -42.16 2.31 -9.56
CA SER A 136 -42.77 3.63 -9.68
C SER A 136 -42.35 4.32 -10.98
N ALA A 137 -43.11 5.34 -11.37
CA ALA A 137 -42.88 6.07 -12.61
C ALA A 137 -43.45 7.49 -12.49
N SER A 138 -43.35 8.27 -13.57
CA SER A 138 -43.82 9.64 -13.61
C SER A 138 -44.23 9.99 -15.04
N PRO A 139 -45.27 10.82 -15.22
CA PRO A 139 -45.74 11.24 -16.52
C PRO A 139 -44.78 12.20 -17.22
N VAL A 140 -43.70 12.61 -16.54
CA VAL A 140 -42.71 13.52 -17.10
C VAL A 140 -41.31 13.17 -16.56
N PRO A 141 -40.25 13.61 -17.26
CA PRO A 141 -38.87 13.44 -16.83
C PRO A 141 -38.57 13.98 -15.42
N ALA A 142 -39.49 14.75 -14.84
CA ALA A 142 -39.32 15.41 -13.55
C ALA A 142 -38.09 16.32 -13.52
N SER A 143 -37.86 16.94 -12.35
CA SER A 143 -36.74 17.86 -12.17
C SER A 143 -36.11 17.76 -10.79
N LEU A 144 -36.53 16.78 -9.97
CA LEU A 144 -35.98 16.56 -8.64
C LEU A 144 -34.50 16.14 -8.69
N THR A 145 -33.98 15.85 -9.89
CA THR A 145 -32.59 15.43 -10.10
C THR A 145 -31.75 16.60 -10.61
N GLN A 146 -32.35 17.77 -10.76
CA GLN A 146 -31.67 18.98 -11.22
C GLN A 146 -32.31 20.27 -10.69
N PRO A 147 -32.82 20.30 -9.45
CA PRO A 147 -33.49 21.48 -8.91
C PRO A 147 -32.47 22.57 -8.61
N PRO A 148 -32.92 23.81 -8.34
CA PRO A 148 -32.03 24.88 -7.96
C PRO A 148 -31.44 24.60 -6.58
N LEU A 149 -30.16 24.91 -6.40
CA LEU A 149 -29.42 24.62 -5.19
C LEU A 149 -28.36 25.69 -4.94
N PRO A 150 -27.91 25.84 -3.69
CA PRO A 150 -26.86 26.77 -3.31
C PRO A 150 -25.50 26.29 -3.83
N ILE A 151 -24.47 27.12 -3.67
CA ILE A 151 -23.12 26.82 -4.12
C ILE A 151 -22.11 27.34 -3.09
N PRO A 152 -20.89 26.79 -3.07
CA PRO A 152 -19.84 27.23 -2.17
C PRO A 152 -19.37 28.65 -2.51
N PRO A 153 -18.57 29.26 -1.63
CA PRO A 153 -17.98 30.58 -1.83
C PRO A 153 -17.30 30.73 -3.20
N PRO A 154 -17.08 31.98 -3.63
CA PRO A 154 -16.47 32.28 -4.92
C PRO A 154 -14.99 31.90 -4.97
N PHE A 155 -14.45 31.36 -3.87
CA PHE A 155 -13.05 30.93 -3.81
C PHE A 155 -12.95 29.64 -2.99
N PRO A 156 -12.05 28.72 -3.36
CA PRO A 156 -11.86 27.46 -2.66
C PRO A 156 -11.60 27.64 -1.16
N PRO A 157 -12.00 26.67 -0.32
CA PRO A 157 -11.74 26.68 1.11
C PRO A 157 -10.26 26.89 1.45
N PRO A 158 -9.96 27.45 2.63
CA PRO A 158 -8.61 27.72 3.08
C PRO A 158 -7.91 26.45 3.55
N SER A 159 -8.57 25.30 3.46
CA SER A 159 -8.03 24.01 3.89
C SER A 159 -8.54 22.90 2.99
N GLY A 160 -9.02 23.26 1.80
CA GLY A 160 -9.62 22.34 0.86
C GLY A 160 -9.55 22.90 -0.55
N LYS A 161 -8.45 23.58 -0.90
CA LYS A 161 -8.25 24.21 -2.20
C LYS A 161 -8.44 23.21 -3.35
N ASN A 162 -8.28 21.90 -3.07
CA ASN A 162 -8.47 20.85 -4.05
C ASN A 162 -8.98 19.58 -3.36
N PRO A 163 -9.75 18.75 -4.07
CA PRO A 163 -10.28 17.50 -3.57
C PRO A 163 -9.18 16.44 -3.52
N VAL A 164 -8.05 16.66 -4.20
CA VAL A 164 -6.94 15.73 -4.20
C VAL A 164 -6.36 15.58 -2.79
N MET A 165 -6.25 16.66 -2.03
CA MET A 165 -5.62 16.60 -0.71
C MET A 165 -6.59 16.10 0.36
N ILE A 166 -7.80 16.65 0.41
CA ILE A 166 -8.76 16.18 1.40
C ILE A 166 -8.96 14.68 1.27
N LEU A 167 -9.05 14.16 0.04
CA LEU A 167 -9.13 12.74 -0.18
C LEU A 167 -7.83 12.07 0.30
N ASN A 168 -6.68 12.63 -0.11
CA ASN A 168 -5.38 12.11 0.27
C ASN A 168 -5.04 12.40 1.74
N GLU A 169 -6.00 12.84 2.56
CA GLU A 169 -5.79 13.01 4.00
C GLU A 169 -6.98 12.47 4.80
N LEU A 170 -8.00 11.94 4.11
CA LEU A 170 -9.12 11.27 4.78
C LEU A 170 -9.15 9.78 4.41
N ARG A 171 -8.59 9.43 3.24
CA ARG A 171 -8.56 8.05 2.78
C ARG A 171 -7.47 7.87 1.72
N PRO A 172 -6.20 8.17 2.05
CA PRO A 172 -5.07 8.08 1.13
C PRO A 172 -4.69 6.65 0.73
N GLY A 173 -5.56 5.68 1.04
CA GLY A 173 -5.29 4.28 0.76
C GLY A 173 -5.73 3.90 -0.65
N LEU A 174 -5.27 4.65 -1.66
CA LEU A 174 -5.71 4.47 -3.03
C LEU A 174 -4.53 4.45 -4.00
N LYS A 175 -4.87 4.40 -5.29
CA LYS A 175 -3.88 4.41 -6.36
C LYS A 175 -4.44 5.26 -7.48
N TYR A 176 -3.56 5.86 -8.29
CA TYR A 176 -3.98 6.72 -9.39
C TYR A 176 -3.27 6.29 -10.67
N ASP A 177 -3.89 6.61 -11.81
CA ASP A 177 -3.27 6.42 -13.11
C ASP A 177 -3.58 7.62 -14.00
N PHE A 178 -2.80 7.75 -15.08
CA PHE A 178 -2.94 8.86 -16.00
C PHE A 178 -3.22 8.32 -17.37
N LEU A 179 -4.07 9.04 -18.13
CA LEU A 179 -4.53 8.59 -19.41
C LEU A 179 -4.28 9.67 -20.47
N SER A 180 -4.13 9.20 -21.71
CA SER A 180 -3.63 9.91 -22.87
C SER A 180 -4.33 11.23 -23.22
N GLU A 181 -3.79 11.86 -24.27
CA GLU A 181 -4.27 13.15 -24.76
C GLU A 181 -4.69 13.02 -26.22
N SER A 182 -5.37 14.03 -26.77
CA SER A 182 -5.98 13.92 -28.10
C SER A 182 -6.09 15.26 -28.82
N GLY A 183 -5.18 16.20 -28.59
CA GLY A 183 -5.28 17.51 -29.23
C GLY A 183 -3.95 18.23 -29.40
N GLU A 184 -3.97 19.31 -30.19
CA GLU A 184 -2.80 20.13 -30.46
C GLU A 184 -2.43 20.98 -29.24
N SER A 185 -1.22 21.55 -29.24
CA SER A 185 -0.67 22.33 -28.14
C SER A 185 -1.50 23.57 -27.78
N HIS A 186 -2.59 23.86 -28.50
CA HIS A 186 -3.41 25.04 -28.23
C HIS A 186 -4.87 24.66 -27.98
N ALA A 187 -5.14 23.35 -27.91
CA ALA A 187 -6.48 22.86 -27.61
C ALA A 187 -6.36 21.52 -26.87
N LYS A 188 -5.18 21.25 -26.32
CA LYS A 188 -4.81 20.00 -25.70
C LYS A 188 -5.69 19.66 -24.49
N SER A 189 -5.79 18.36 -24.19
CA SER A 189 -6.53 17.85 -23.04
C SER A 189 -5.91 16.55 -22.55
N PHE A 190 -6.20 16.19 -21.30
CA PHE A 190 -5.60 15.02 -20.67
C PHE A 190 -6.60 14.38 -19.72
N VAL A 191 -6.31 13.22 -19.15
CA VAL A 191 -7.20 12.60 -18.18
C VAL A 191 -6.43 11.77 -17.15
N MET A 192 -7.12 11.52 -16.04
CA MET A 192 -6.59 10.71 -14.95
C MET A 192 -7.66 9.68 -14.61
N SER A 193 -7.21 8.57 -14.03
CA SER A 193 -8.11 7.62 -13.39
C SER A 193 -7.61 7.30 -11.99
N VAL A 194 -8.41 6.58 -11.20
CA VAL A 194 -8.03 6.25 -9.82
C VAL A 194 -8.65 4.91 -9.46
N VAL A 195 -8.17 4.34 -8.36
CA VAL A 195 -8.76 3.14 -7.79
C VAL A 195 -8.77 3.34 -6.29
N VAL A 196 -9.93 3.18 -5.65
CA VAL A 196 -10.09 3.49 -4.23
C VAL A 196 -11.06 2.49 -3.62
N ASP A 197 -10.64 1.83 -2.51
CA ASP A 197 -11.44 0.80 -1.87
C ASP A 197 -11.85 -0.34 -2.82
N GLY A 198 -11.38 -0.29 -4.08
CA GLY A 198 -11.66 -1.32 -5.06
C GLY A 198 -12.46 -0.75 -6.22
N GLN A 199 -13.03 0.44 -6.02
CA GLN A 199 -13.79 1.16 -7.02
C GLN A 199 -12.83 1.77 -8.05
N PHE A 200 -13.37 2.37 -9.10
CA PHE A 200 -12.55 2.98 -10.14
C PHE A 200 -13.17 4.29 -10.60
N PHE A 201 -12.33 5.32 -10.76
CA PHE A 201 -12.78 6.64 -11.16
C PHE A 201 -11.97 7.22 -12.31
N GLU A 202 -12.42 8.36 -12.85
CA GLU A 202 -11.79 9.00 -14.00
C GLU A 202 -12.15 10.48 -14.04
N GLY A 203 -11.33 11.29 -14.73
CA GLY A 203 -11.59 12.70 -14.90
C GLY A 203 -10.63 13.33 -15.90
N SER A 204 -11.15 14.15 -16.81
CA SER A 204 -10.36 14.82 -17.83
C SER A 204 -10.21 16.31 -17.53
N GLY A 205 -9.36 16.98 -18.30
CA GLY A 205 -9.11 18.42 -18.12
C GLY A 205 -8.12 18.94 -19.15
N ARG A 206 -7.95 20.25 -19.22
CA ARG A 206 -7.01 20.87 -20.15
C ARG A 206 -5.56 20.70 -19.69
N ASN A 207 -5.36 20.26 -18.46
CA ASN A 207 -4.04 20.03 -17.88
C ASN A 207 -4.13 18.91 -16.85
N LYS A 208 -2.97 18.33 -16.49
CA LYS A 208 -2.93 17.17 -15.60
C LYS A 208 -3.48 17.46 -14.21
N LYS A 209 -3.35 18.70 -13.71
CA LYS A 209 -3.81 19.08 -12.38
C LYS A 209 -5.33 19.06 -12.31
N LEU A 210 -5.96 19.63 -13.33
CA LEU A 210 -7.40 19.77 -13.42
C LEU A 210 -8.03 18.39 -13.63
N ALA A 211 -7.37 17.55 -14.43
CA ALA A 211 -7.83 16.20 -14.67
C ALA A 211 -7.87 15.38 -13.37
N LYS A 212 -6.82 15.47 -12.54
CA LYS A 212 -6.80 14.78 -11.25
C LYS A 212 -7.84 15.36 -10.31
N ALA A 213 -8.18 16.63 -10.47
CA ALA A 213 -9.21 17.23 -9.62
C ALA A 213 -10.59 16.64 -9.93
N ARG A 214 -10.86 16.21 -11.17
CA ARG A 214 -12.11 15.54 -11.48
C ARG A 214 -12.06 14.08 -11.00
N ALA A 215 -10.98 13.38 -11.36
CA ALA A 215 -10.83 11.98 -11.01
C ALA A 215 -10.84 11.77 -9.50
N ALA A 216 -10.25 12.72 -8.76
CA ALA A 216 -10.21 12.68 -7.31
C ALA A 216 -11.58 13.07 -6.75
N GLN A 217 -12.08 14.26 -7.08
CA GLN A 217 -13.43 14.66 -6.73
C GLN A 217 -14.46 13.53 -6.92
N SER A 218 -14.37 12.77 -8.02
CA SER A 218 -15.29 11.68 -8.22
C SER A 218 -15.04 10.58 -7.19
N ALA A 219 -13.77 10.24 -6.99
CA ALA A 219 -13.39 9.20 -6.04
C ALA A 219 -13.79 9.60 -4.61
N LEU A 220 -13.62 10.88 -4.25
CA LEU A 220 -14.02 11.36 -2.94
C LEU A 220 -15.54 11.25 -2.80
N ALA A 221 -16.28 11.80 -3.77
CA ALA A 221 -17.72 11.87 -3.68
C ALA A 221 -18.35 10.50 -3.42
N THR A 222 -18.00 9.47 -4.19
CA THR A 222 -18.61 8.17 -4.04
C THR A 222 -18.10 7.40 -2.83
N VAL A 223 -16.81 7.50 -2.49
CA VAL A 223 -16.23 6.68 -1.42
C VAL A 223 -16.46 7.34 -0.06
N PHE A 224 -16.74 8.65 -0.03
CA PHE A 224 -16.93 9.40 1.21
C PHE A 224 -18.41 9.73 1.40
N ASN A 225 -19.30 9.22 0.53
CA ASN A 225 -20.74 9.45 0.60
C ASN A 225 -21.12 10.94 0.54
N LEU A 226 -20.33 11.73 -0.17
CA LEU A 226 -20.50 13.19 -0.25
C LEU A 226 -20.49 13.65 -1.70
N HIS A 227 -20.46 14.97 -1.91
CA HIS A 227 -20.48 15.56 -3.25
C HIS A 227 -19.58 16.79 -3.34
N LEU A 228 -18.61 16.90 -2.41
CA LEU A 228 -17.70 18.02 -2.31
C LEU A 228 -18.41 19.34 -2.00
N LEU A 229 -19.70 19.28 -1.62
CA LEU A 229 -20.46 20.47 -1.23
C LEU A 229 -21.51 20.13 -0.17
N GLU A 230 -22.23 21.14 0.30
CA GLU A 230 -23.28 20.99 1.29
C GLU A 230 -24.37 22.05 1.08
N HIS A 231 -25.43 21.98 1.91
CA HIS A 231 -26.50 22.97 1.88
C HIS A 231 -27.03 23.27 3.28
N HIS A 232 -26.37 22.72 4.31
CA HIS A 232 -26.75 22.96 5.69
C HIS A 232 -26.17 24.27 6.21
N HIS A 233 -25.20 24.84 5.49
CA HIS A 233 -24.54 26.10 5.84
C HIS A 233 -24.16 26.20 7.32
N HIS A 234 -23.96 25.06 7.98
CA HIS A 234 -23.64 24.99 9.40
C HIS A 234 -22.18 25.42 9.67
N HIS A 235 -21.47 25.91 8.65
CA HIS A 235 -20.08 26.30 8.79
C HIS A 235 -19.80 27.60 8.04
N HIS A 236 -20.86 28.34 7.69
CA HIS A 236 -20.76 29.57 6.92
C HIS A 236 -21.74 30.62 7.43
N PRO A 1 -8.13 -18.83 27.27
CA PRO A 1 -8.18 -17.73 26.30
C PRO A 1 -7.73 -16.41 26.91
N GLY A 2 -6.80 -15.71 26.23
CA GLY A 2 -6.30 -14.43 26.73
C GLY A 2 -5.24 -13.85 25.80
N PRO A 3 -4.80 -12.63 26.08
CA PRO A 3 -3.79 -11.91 25.32
C PRO A 3 -2.39 -12.45 25.61
N VAL A 4 -1.39 -11.86 24.96
CA VAL A 4 0.02 -12.20 25.14
C VAL A 4 0.85 -10.92 25.18
N LEU A 5 1.99 -10.96 25.88
CA LEU A 5 2.85 -9.79 26.03
C LEU A 5 4.31 -10.21 26.26
N PRO A 6 5.28 -9.36 25.89
CA PRO A 6 6.69 -9.67 25.96
C PRO A 6 7.23 -9.72 27.41
N LYS A 7 6.46 -9.25 28.39
CA LYS A 7 6.89 -9.28 29.78
C LYS A 7 7.28 -10.71 30.17
N ASN A 8 6.66 -11.71 29.53
CA ASN A 8 7.03 -13.10 29.72
C ASN A 8 8.53 -13.32 29.45
N ALA A 9 8.97 -13.13 28.19
CA ALA A 9 10.37 -13.28 27.83
C ALA A 9 11.27 -12.37 28.64
N LEU A 10 10.78 -11.17 28.99
CA LEU A 10 11.59 -10.19 29.70
C LEU A 10 11.90 -10.69 31.10
N MET A 11 10.86 -11.00 31.88
CA MET A 11 11.01 -11.49 33.25
C MET A 11 11.75 -12.82 33.27
N GLN A 12 11.38 -13.75 32.38
CA GLN A 12 12.01 -15.05 32.31
C GLN A 12 13.52 -14.88 32.12
N LEU A 13 13.93 -14.07 31.13
CA LEU A 13 15.34 -13.75 30.96
C LEU A 13 15.93 -13.12 32.23
N ASN A 14 15.22 -12.16 32.84
CA ASN A 14 15.69 -11.51 34.06
C ASN A 14 15.98 -12.52 35.16
N GLU A 15 15.15 -13.57 35.26
CA GLU A 15 15.34 -14.63 36.23
C GLU A 15 16.53 -15.53 35.90
N ILE A 16 16.59 -16.07 34.68
CA ILE A 16 17.64 -17.02 34.30
C ILE A 16 19.05 -16.42 34.28
N LYS A 17 19.18 -15.18 33.78
CA LYS A 17 20.49 -14.59 33.56
C LYS A 17 21.27 -14.37 34.86
N PRO A 18 22.60 -14.53 34.82
CA PRO A 18 23.49 -14.19 35.92
C PRO A 18 24.01 -12.75 35.83
N GLY A 19 23.98 -12.16 34.63
CA GLY A 19 24.54 -10.84 34.39
C GLY A 19 24.86 -10.68 32.91
N LEU A 20 23.90 -11.05 32.07
CA LEU A 20 24.03 -11.13 30.61
C LEU A 20 24.46 -9.84 29.91
N GLN A 21 24.57 -9.90 28.57
CA GLN A 21 24.89 -8.72 27.77
C GLN A 21 24.02 -8.61 26.52
N TYR A 22 23.52 -7.40 26.27
CA TYR A 22 22.82 -7.10 25.02
C TYR A 22 23.74 -6.26 24.14
N MET A 23 23.77 -6.58 22.84
CA MET A 23 24.52 -5.79 21.87
C MET A 23 23.67 -5.56 20.61
N LEU A 24 23.80 -4.37 20.00
CA LEU A 24 22.97 -3.95 18.89
C LEU A 24 23.76 -4.02 17.58
N LEU A 25 23.09 -4.49 16.53
CA LEU A 25 23.71 -4.80 15.26
C LEU A 25 22.75 -4.33 14.15
N SER A 26 23.17 -4.49 12.89
CA SER A 26 22.53 -3.86 11.74
C SER A 26 22.29 -2.39 11.99
N GLN A 27 21.00 -2.04 11.98
CA GLN A 27 20.48 -0.72 12.04
C GLN A 27 20.85 0.07 10.79
N THR A 28 20.05 -0.17 9.75
CA THR A 28 20.12 0.49 8.46
C THR A 28 18.82 0.23 7.73
N GLY A 29 18.47 1.06 6.75
CA GLY A 29 17.20 0.93 6.05
C GLY A 29 16.81 2.26 5.42
N PRO A 30 15.59 2.35 4.89
CA PRO A 30 15.06 3.54 4.25
C PRO A 30 14.69 4.63 5.24
N VAL A 31 15.02 4.38 6.52
CA VAL A 31 14.85 5.34 7.60
C VAL A 31 13.39 5.46 8.04
N HIS A 32 12.50 4.65 7.45
CA HIS A 32 11.11 4.56 7.86
C HIS A 32 10.69 3.10 8.00
N ALA A 33 11.55 2.18 7.57
CA ALA A 33 11.42 0.76 7.83
C ALA A 33 12.81 0.19 8.19
N PRO A 34 13.42 0.70 9.26
CA PRO A 34 14.76 0.38 9.68
C PRO A 34 14.81 -1.03 10.27
N LEU A 35 15.92 -1.73 10.05
CA LEU A 35 16.11 -3.05 10.63
C LEU A 35 17.20 -3.06 11.68
N PHE A 36 16.82 -3.43 12.90
CA PHE A 36 17.73 -3.51 14.02
C PHE A 36 17.87 -4.97 14.39
N VAL A 37 19.10 -5.41 14.67
CA VAL A 37 19.26 -6.78 15.15
C VAL A 37 19.97 -6.74 16.48
N MET A 38 19.27 -7.17 17.52
CA MET A 38 19.84 -7.19 18.86
C MET A 38 20.24 -8.62 19.15
N SER A 39 21.45 -8.80 19.69
CA SER A 39 21.94 -10.12 20.01
C SER A 39 22.26 -10.12 21.49
N VAL A 40 21.84 -11.19 22.15
CA VAL A 40 21.92 -11.28 23.60
C VAL A 40 22.86 -12.42 23.95
N GLU A 41 23.71 -12.20 24.96
CA GLU A 41 24.78 -13.13 25.27
C GLU A 41 24.68 -13.57 26.73
N VAL A 42 24.65 -14.89 26.93
CA VAL A 42 24.63 -15.51 28.26
C VAL A 42 25.62 -16.66 28.28
N ASN A 43 26.52 -16.68 29.26
CA ASN A 43 27.51 -17.74 29.45
C ASN A 43 28.34 -18.09 28.21
N GLY A 44 28.26 -17.29 27.14
CA GLY A 44 29.06 -17.51 25.94
C GLY A 44 28.22 -17.89 24.74
N GLN A 45 26.90 -17.96 24.92
CA GLN A 45 26.00 -18.26 23.84
C GLN A 45 25.32 -16.94 23.47
N VAL A 46 25.25 -16.66 22.16
CA VAL A 46 24.72 -15.40 21.69
C VAL A 46 23.63 -15.69 20.67
N PHE A 47 22.52 -14.96 20.77
CA PHE A 47 21.38 -15.18 19.89
C PHE A 47 20.86 -13.85 19.38
N GLU A 48 20.58 -13.79 18.08
CA GLU A 48 20.31 -12.54 17.39
C GLU A 48 18.85 -12.49 16.93
N GLY A 49 18.21 -11.33 17.14
CA GLY A 49 16.81 -11.13 16.77
C GLY A 49 16.67 -9.85 15.95
N SER A 50 15.90 -9.94 14.86
CA SER A 50 15.80 -8.89 13.84
C SER A 50 14.40 -8.28 13.81
N GLY A 51 14.29 -7.05 14.30
CA GLY A 51 13.03 -6.32 14.27
C GLY A 51 13.23 -4.84 13.98
N PRO A 52 12.17 -4.16 13.52
CA PRO A 52 12.15 -2.71 13.43
C PRO A 52 12.06 -2.18 14.85
N THR A 53 12.87 -1.16 15.18
CA THR A 53 13.01 -0.65 16.53
C THR A 53 13.55 -1.74 17.48
N LYS A 54 14.23 -1.30 18.55
CA LYS A 54 14.98 -2.19 19.42
C LYS A 54 14.10 -3.10 20.28
N LYS A 55 12.84 -2.74 20.53
CA LYS A 55 11.97 -3.46 21.45
C LYS A 55 11.85 -4.93 21.06
N LYS A 56 11.12 -5.19 19.97
CA LYS A 56 10.87 -6.54 19.45
C LYS A 56 12.18 -7.29 19.16
N ALA A 57 13.22 -6.59 18.71
CA ALA A 57 14.51 -7.23 18.43
C ALA A 57 15.05 -7.96 19.65
N LYS A 58 15.31 -7.22 20.73
CA LYS A 58 15.89 -7.79 21.94
C LYS A 58 14.95 -8.86 22.51
N LEU A 59 13.64 -8.65 22.35
CA LEU A 59 12.61 -9.58 22.78
C LEU A 59 12.84 -10.95 22.17
N HIS A 60 12.80 -11.01 20.82
CA HIS A 60 13.01 -12.25 20.10
C HIS A 60 14.36 -12.87 20.44
N ALA A 61 15.39 -12.04 20.51
CA ALA A 61 16.72 -12.50 20.90
C ALA A 61 16.68 -13.20 22.27
N ALA A 62 16.05 -12.56 23.26
CA ALA A 62 15.91 -13.11 24.59
C ALA A 62 15.20 -14.47 24.56
N GLU A 63 14.12 -14.58 23.78
CA GLU A 63 13.39 -15.84 23.63
C GLU A 63 14.35 -16.93 23.15
N LYS A 64 15.01 -16.72 22.01
CA LYS A 64 15.93 -17.72 21.50
C LYS A 64 17.01 -18.07 22.53
N ALA A 65 17.62 -17.06 23.12
CA ALA A 65 18.65 -17.25 24.10
C ALA A 65 18.16 -18.10 25.28
N LEU A 66 16.93 -17.89 25.75
CA LEU A 66 16.30 -18.74 26.76
C LEU A 66 16.26 -20.19 26.25
N ARG A 67 15.75 -20.40 25.02
CA ARG A 67 15.60 -21.74 24.46
C ARG A 67 16.93 -22.48 24.48
N SER A 68 18.03 -21.79 24.16
CA SER A 68 19.33 -22.41 24.21
C SER A 68 19.85 -22.58 25.64
N PHE A 69 19.82 -21.48 26.40
CA PHE A 69 20.40 -21.37 27.73
C PHE A 69 19.84 -22.39 28.71
N VAL A 70 18.56 -22.77 28.61
CA VAL A 70 18.02 -23.82 29.49
C VAL A 70 18.81 -25.12 29.42
N GLN A 71 19.67 -25.29 28.41
CA GLN A 71 20.49 -26.48 28.26
C GLN A 71 21.91 -26.24 28.80
N PHE A 72 22.28 -24.97 29.01
CA PHE A 72 23.59 -24.62 29.53
C PHE A 72 23.51 -23.39 30.44
N PRO A 73 22.71 -23.46 31.51
CA PRO A 73 22.51 -22.39 32.47
C PRO A 73 23.73 -22.14 33.35
N ASN A 74 24.75 -23.02 33.28
CA ASN A 74 25.95 -22.90 34.08
C ASN A 74 27.12 -23.59 33.38
N ALA A 75 28.33 -23.39 33.93
CA ALA A 75 29.56 -23.99 33.43
C ALA A 75 29.65 -25.49 33.73
N SER A 76 28.52 -26.14 34.02
CA SER A 76 28.48 -27.54 34.43
C SER A 76 27.30 -28.27 33.80
N GLU A 77 27.16 -29.57 34.11
CA GLU A 77 26.08 -30.41 33.57
C GLU A 77 24.71 -29.82 33.90
N ALA A 78 23.71 -30.13 33.06
CA ALA A 78 22.34 -29.65 33.19
C ALA A 78 21.37 -30.64 32.58
N HIS A 79 20.07 -30.33 32.65
CA HIS A 79 19.02 -31.23 32.16
C HIS A 79 17.90 -30.43 31.52
N LEU A 80 16.99 -31.13 30.82
CA LEU A 80 15.88 -30.50 30.10
C LEU A 80 14.65 -31.41 30.09
N ALA A 81 14.57 -32.32 31.08
CA ALA A 81 13.47 -33.27 31.22
C ALA A 81 12.14 -32.58 31.58
N MET A 82 12.06 -31.25 31.41
CA MET A 82 10.89 -30.47 31.75
C MET A 82 10.60 -29.41 30.69
N GLY A 83 11.26 -29.51 29.52
CA GLY A 83 11.07 -28.57 28.42
C GLY A 83 10.52 -29.27 27.19
N ARG A 84 10.21 -28.49 26.15
CA ARG A 84 9.61 -28.99 24.92
C ARG A 84 9.90 -27.99 23.79
N THR A 85 9.46 -28.30 22.57
CA THR A 85 9.61 -27.41 21.43
C THR A 85 8.41 -27.53 20.51
N LEU A 86 8.29 -26.59 19.57
CA LEU A 86 7.16 -26.54 18.64
C LEU A 86 7.57 -25.87 17.33
N SER A 87 6.64 -25.76 16.39
CA SER A 87 6.88 -25.11 15.10
C SER A 87 5.58 -24.54 14.55
N VAL A 88 5.70 -23.69 13.52
CA VAL A 88 4.56 -23.01 12.90
C VAL A 88 4.84 -22.85 11.40
N ASN A 89 3.92 -22.18 10.70
CA ASN A 89 4.05 -21.92 9.27
C ASN A 89 3.55 -20.54 8.90
N THR A 90 3.86 -20.10 7.67
CA THR A 90 3.47 -18.79 7.16
C THR A 90 3.08 -18.88 5.67
N ASP A 91 3.01 -20.09 5.12
CA ASP A 91 2.64 -20.31 3.73
C ASP A 91 1.98 -21.69 3.61
N PHE A 92 1.04 -21.83 2.66
CA PHE A 92 0.31 -23.06 2.47
C PHE A 92 -0.30 -23.11 1.08
N THR A 93 -0.91 -24.23 0.71
CA THR A 93 -1.55 -24.43 -0.59
C THR A 93 -2.92 -23.74 -0.68
N SER A 94 -3.24 -22.87 0.28
CA SER A 94 -4.52 -22.16 0.34
C SER A 94 -4.76 -21.36 -0.94
N ASP A 95 -6.02 -20.94 -1.14
CA ASP A 95 -6.42 -20.17 -2.31
C ASP A 95 -7.46 -19.10 -1.93
N GLN A 96 -7.76 -18.96 -0.64
CA GLN A 96 -8.73 -18.00 -0.14
C GLN A 96 -8.22 -16.56 -0.32
N ALA A 97 -7.00 -16.41 -0.85
CA ALA A 97 -6.37 -15.12 -1.09
C ALA A 97 -7.00 -14.35 -2.25
N ASP A 98 -8.13 -14.82 -2.79
CA ASP A 98 -8.81 -14.22 -3.92
C ASP A 98 -7.90 -14.07 -5.14
N PHE A 99 -8.34 -13.28 -6.14
CA PHE A 99 -7.61 -13.08 -7.39
C PHE A 99 -7.70 -11.62 -7.81
N PRO A 100 -6.74 -11.14 -8.60
CA PRO A 100 -6.70 -9.77 -9.08
C PRO A 100 -7.78 -9.51 -10.13
N ASP A 101 -7.93 -8.24 -10.54
CA ASP A 101 -8.92 -7.84 -11.52
C ASP A 101 -8.42 -6.66 -12.35
N THR A 102 -9.18 -6.25 -13.36
CA THR A 102 -8.80 -5.19 -14.29
C THR A 102 -10.01 -4.32 -14.68
N LEU A 103 -11.10 -4.43 -13.92
CA LEU A 103 -12.33 -3.69 -14.23
C LEU A 103 -12.05 -2.18 -14.26
N PHE A 104 -12.84 -1.44 -15.05
CA PHE A 104 -12.71 -0.01 -15.20
C PHE A 104 -14.07 0.60 -15.57
N ASN A 105 -14.23 1.93 -15.43
CA ASN A 105 -15.48 2.60 -15.71
C ASN A 105 -15.24 4.07 -16.08
N GLY A 106 -16.31 4.79 -16.37
CA GLY A 106 -16.24 6.19 -16.76
C GLY A 106 -17.65 6.78 -16.95
N PHE A 107 -17.72 7.99 -17.48
CA PHE A 107 -18.99 8.67 -17.68
C PHE A 107 -19.01 9.46 -18.97
N GLU A 108 -20.20 9.94 -19.35
CA GLU A 108 -20.40 10.74 -20.55
C GLU A 108 -21.62 11.64 -20.33
N THR A 109 -21.81 12.66 -21.19
CA THR A 109 -22.95 13.56 -21.08
C THR A 109 -24.27 12.77 -21.13
N PRO A 110 -25.33 13.33 -20.54
CA PRO A 110 -26.66 12.72 -20.54
C PRO A 110 -27.15 12.34 -21.93
N ASP A 111 -28.16 11.47 -21.96
CA ASP A 111 -28.76 10.99 -23.20
C ASP A 111 -30.22 10.63 -22.97
N LYS A 112 -31.02 10.62 -24.04
CA LYS A 112 -32.46 10.39 -23.97
C LYS A 112 -32.93 9.62 -25.20
N SER A 113 -34.25 9.40 -25.30
CA SER A 113 -34.84 8.63 -26.39
C SER A 113 -36.12 9.29 -26.92
N GLU A 114 -36.26 10.61 -26.73
CA GLU A 114 -37.39 11.35 -27.28
C GLU A 114 -37.47 11.20 -28.79
N PRO A 115 -38.66 11.33 -29.38
CA PRO A 115 -38.86 11.22 -30.82
C PRO A 115 -38.23 12.40 -31.57
N PRO A 116 -38.04 12.27 -32.89
CA PRO A 116 -37.44 13.28 -33.76
C PRO A 116 -38.02 14.68 -33.52
N PHE A 117 -37.16 15.61 -33.14
CA PHE A 117 -37.54 16.99 -32.90
C PHE A 117 -36.33 17.94 -33.07
N TYR A 118 -35.22 17.39 -33.56
CA TYR A 118 -33.97 18.10 -33.73
C TYR A 118 -33.17 17.48 -34.88
N VAL A 119 -32.04 18.09 -35.23
CA VAL A 119 -31.18 17.64 -36.33
C VAL A 119 -29.72 17.80 -35.94
N GLY A 120 -28.82 17.29 -36.79
CA GLY A 120 -27.38 17.33 -36.54
C GLY A 120 -26.59 16.92 -37.77
N SER A 121 -27.26 16.33 -38.77
CA SER A 121 -26.63 16.00 -40.05
C SER A 121 -26.35 17.26 -40.87
N ASN A 122 -26.71 18.44 -40.35
CA ASN A 122 -26.50 19.70 -41.02
C ASN A 122 -26.35 20.83 -39.99
N GLY A 123 -25.89 21.99 -40.44
CA GLY A 123 -25.69 23.17 -39.61
C GLY A 123 -24.98 24.30 -40.35
N ASP A 124 -24.60 24.06 -41.60
CA ASP A 124 -23.90 25.03 -42.41
C ASP A 124 -24.81 26.18 -42.84
N ASP A 125 -26.10 26.11 -42.52
CA ASP A 125 -27.06 27.15 -42.89
C ASP A 125 -26.64 28.48 -42.27
N SER A 126 -26.79 29.57 -43.02
CA SER A 126 -26.43 30.91 -42.56
C SER A 126 -27.63 31.59 -41.92
N PHE A 127 -28.79 30.93 -41.93
CA PHE A 127 -30.05 31.45 -41.40
C PHE A 127 -30.34 32.86 -41.89
N SER A 128 -29.82 33.18 -43.10
CA SER A 128 -29.96 34.50 -43.72
C SER A 128 -29.56 35.62 -42.76
N SER A 129 -28.71 35.33 -41.78
CA SER A 129 -28.27 36.29 -40.78
C SER A 129 -26.78 36.15 -40.46
N SER A 130 -26.07 35.33 -41.24
CA SER A 130 -24.65 35.03 -41.05
C SER A 130 -24.29 34.76 -39.58
N GLY A 131 -25.26 34.22 -38.83
CA GLY A 131 -25.12 33.92 -37.40
C GLY A 131 -26.25 33.02 -36.95
N ASP A 132 -26.40 32.86 -35.63
CA ASP A 132 -27.38 31.97 -35.04
C ASP A 132 -28.02 32.60 -33.80
N VAL A 133 -29.15 32.06 -33.38
CA VAL A 133 -29.92 32.57 -32.25
C VAL A 133 -29.16 32.42 -30.92
N SER A 134 -29.69 33.06 -29.88
CA SER A 134 -29.12 33.04 -28.54
C SER A 134 -30.23 33.22 -27.51
N LEU A 135 -31.47 32.90 -27.88
CA LEU A 135 -32.65 33.14 -27.06
C LEU A 135 -33.52 31.89 -26.98
N SER A 136 -33.05 30.77 -27.55
CA SER A 136 -33.76 29.50 -27.55
C SER A 136 -32.77 28.33 -27.59
N ALA A 137 -33.25 27.13 -27.25
CA ALA A 137 -32.41 25.94 -27.24
C ALA A 137 -33.25 24.67 -27.45
N SER A 138 -32.59 23.55 -27.69
CA SER A 138 -33.25 22.27 -27.94
C SER A 138 -32.40 21.13 -27.34
N PRO A 139 -32.99 19.94 -27.17
CA PRO A 139 -32.32 18.74 -26.72
C PRO A 139 -31.03 18.44 -27.50
N VAL A 140 -30.16 17.62 -26.90
CA VAL A 140 -28.87 17.25 -27.48
C VAL A 140 -28.52 15.76 -27.29
N PRO A 141 -29.47 14.81 -27.37
CA PRO A 141 -29.16 13.38 -27.34
C PRO A 141 -28.03 13.00 -28.29
N ALA A 142 -27.45 11.83 -28.08
CA ALA A 142 -26.32 11.36 -28.89
C ALA A 142 -26.42 9.87 -29.18
N SER A 143 -27.50 9.23 -28.71
CA SER A 143 -27.76 7.81 -28.95
C SER A 143 -29.26 7.55 -28.85
N LEU A 144 -29.67 6.29 -28.94
CA LEU A 144 -31.07 5.89 -28.88
C LEU A 144 -31.18 4.43 -28.43
N THR A 145 -32.40 3.98 -28.11
CA THR A 145 -32.68 2.61 -27.69
C THR A 145 -31.80 2.18 -26.52
N GLN A 146 -31.49 3.11 -25.60
CA GLN A 146 -30.73 2.80 -24.40
C GLN A 146 -31.20 3.66 -23.22
N PRO A 147 -30.95 3.22 -21.98
CA PRO A 147 -31.30 3.99 -20.79
C PRO A 147 -30.40 5.22 -20.67
N PRO A 148 -30.79 6.18 -19.83
CA PRO A 148 -30.03 7.39 -19.57
C PRO A 148 -28.79 7.07 -18.72
N LEU A 149 -27.99 8.11 -18.44
CA LEU A 149 -26.74 7.98 -17.69
C LEU A 149 -26.56 9.22 -16.82
N PRO A 150 -26.14 9.07 -15.55
CA PRO A 150 -25.89 10.19 -14.65
C PRO A 150 -24.96 11.24 -15.26
N ILE A 151 -25.06 12.48 -14.77
CA ILE A 151 -24.21 13.58 -15.21
C ILE A 151 -22.75 13.29 -14.83
N PRO A 152 -21.78 13.62 -15.71
CA PRO A 152 -20.36 13.56 -15.39
C PRO A 152 -20.06 14.39 -14.13
N PRO A 153 -18.86 14.23 -13.54
CA PRO A 153 -18.47 14.98 -12.36
C PRO A 153 -18.42 16.48 -12.68
N PRO A 154 -18.57 17.33 -11.65
CA PRO A 154 -18.59 18.78 -11.80
C PRO A 154 -17.22 19.33 -12.18
N PHE A 155 -17.11 20.66 -12.29
CA PHE A 155 -15.88 21.32 -12.68
C PHE A 155 -15.54 22.44 -11.68
N PRO A 156 -14.25 22.79 -11.54
CA PRO A 156 -13.80 23.82 -10.61
C PRO A 156 -14.59 25.12 -10.78
N PRO A 157 -15.02 25.75 -9.68
CA PRO A 157 -15.74 27.03 -9.70
C PRO A 157 -14.74 28.16 -9.96
N PRO A 158 -15.23 29.40 -10.14
CA PRO A 158 -14.44 30.62 -10.24
C PRO A 158 -13.48 30.87 -9.07
N SER A 159 -13.36 29.90 -8.16
CA SER A 159 -12.54 30.02 -6.95
C SER A 159 -11.97 28.66 -6.58
N GLY A 160 -11.26 28.56 -5.45
CA GLY A 160 -10.67 27.31 -5.04
C GLY A 160 -10.19 27.34 -3.60
N LYS A 161 -9.84 26.16 -3.06
CA LYS A 161 -9.39 26.03 -1.67
C LYS A 161 -8.27 24.98 -1.57
N ASN A 162 -7.65 24.60 -2.70
CA ASN A 162 -6.64 23.56 -2.77
C ASN A 162 -7.07 22.31 -2.01
N PRO A 163 -7.89 21.49 -2.68
CA PRO A 163 -8.60 20.37 -2.08
C PRO A 163 -7.66 19.16 -1.96
N VAL A 164 -6.50 19.21 -2.61
CA VAL A 164 -5.54 18.11 -2.53
C VAL A 164 -4.96 17.99 -1.14
N MET A 165 -4.64 19.11 -0.49
CA MET A 165 -3.97 19.09 0.80
C MET A 165 -4.97 18.80 1.92
N ILE A 166 -6.13 19.47 1.91
CA ILE A 166 -7.12 19.23 2.95
C ILE A 166 -7.50 17.75 2.94
N LEU A 167 -7.62 17.13 1.77
CA LEU A 167 -7.90 15.71 1.72
C LEU A 167 -6.69 14.98 2.32
N ASN A 168 -5.50 15.24 1.78
CA ASN A 168 -4.26 14.58 2.15
C ASN A 168 -3.77 14.96 3.56
N GLU A 169 -4.58 15.64 4.37
CA GLU A 169 -4.21 15.99 5.75
C GLU A 169 -5.38 15.80 6.71
N LEU A 170 -6.58 15.47 6.23
CA LEU A 170 -7.71 15.16 7.10
C LEU A 170 -7.91 13.65 7.15
N ARG A 171 -7.63 12.98 6.03
CA ARG A 171 -7.82 11.55 5.90
C ARG A 171 -6.88 10.97 4.85
N PRO A 172 -5.56 11.08 5.06
CA PRO A 172 -4.54 10.57 4.15
C PRO A 172 -4.57 9.04 4.14
N GLY A 173 -3.64 8.36 3.45
CA GLY A 173 -3.70 6.93 3.29
C GLY A 173 -4.28 6.52 1.93
N LEU A 174 -3.98 7.29 0.87
CA LEU A 174 -4.52 7.05 -0.45
C LEU A 174 -3.40 6.93 -1.46
N LYS A 175 -3.79 6.80 -2.73
CA LYS A 175 -2.85 6.69 -3.83
C LYS A 175 -3.40 7.49 -5.00
N TYR A 176 -2.52 8.02 -5.85
CA TYR A 176 -2.94 8.78 -7.01
C TYR A 176 -2.23 8.21 -8.24
N ASP A 177 -2.87 8.39 -9.39
CA ASP A 177 -2.29 8.02 -10.68
C ASP A 177 -2.54 9.12 -11.70
N PHE A 178 -1.77 9.11 -12.79
CA PHE A 178 -1.90 10.09 -13.84
C PHE A 178 -2.30 9.38 -15.12
N LEU A 179 -3.17 10.04 -15.89
CA LEU A 179 -3.71 9.46 -17.10
C LEU A 179 -3.50 10.41 -18.28
N SER A 180 -3.58 9.81 -19.48
CA SER A 180 -3.17 10.34 -20.78
C SER A 180 -3.64 11.76 -21.09
N GLU A 181 -3.10 12.30 -22.18
CA GLU A 181 -3.37 13.68 -22.59
C GLU A 181 -3.68 13.75 -24.08
N SER A 182 -4.17 14.92 -24.52
CA SER A 182 -4.48 15.20 -25.92
C SER A 182 -4.61 16.71 -26.14
N GLY A 183 -4.58 17.14 -27.41
CA GLY A 183 -4.73 18.54 -27.75
C GLY A 183 -3.50 19.07 -28.48
N GLU A 184 -3.33 20.40 -28.39
CA GLU A 184 -2.22 21.13 -28.99
C GLU A 184 -1.59 22.02 -27.92
N SER A 185 -0.45 22.65 -28.22
CA SER A 185 0.29 23.45 -27.25
C SER A 185 -0.51 24.63 -26.68
N HIS A 186 -1.69 24.89 -27.25
CA HIS A 186 -2.55 25.98 -26.82
C HIS A 186 -3.95 25.50 -26.46
N ALA A 187 -4.12 24.17 -26.36
CA ALA A 187 -5.41 23.57 -26.02
C ALA A 187 -5.20 22.21 -25.33
N LYS A 188 -3.98 21.98 -24.84
CA LYS A 188 -3.58 20.74 -24.21
C LYS A 188 -4.46 20.45 -22.98
N SER A 189 -4.59 19.16 -22.65
CA SER A 189 -5.35 18.71 -21.50
C SER A 189 -4.73 17.43 -20.95
N PHE A 190 -4.98 17.15 -19.67
CA PHE A 190 -4.38 16.01 -18.99
C PHE A 190 -5.40 15.47 -17.98
N VAL A 191 -5.13 14.33 -17.32
CA VAL A 191 -6.03 13.84 -16.29
C VAL A 191 -5.30 13.06 -15.21
N MET A 192 -5.96 12.95 -14.05
CA MET A 192 -5.43 12.21 -12.91
C MET A 192 -6.54 11.28 -12.43
N SER A 193 -6.15 10.25 -11.70
CA SER A 193 -7.09 9.44 -10.95
C SER A 193 -6.57 9.24 -9.53
N VAL A 194 -7.39 8.64 -8.67
CA VAL A 194 -7.01 8.42 -7.29
C VAL A 194 -7.67 7.13 -6.80
N VAL A 195 -7.16 6.60 -5.68
CA VAL A 195 -7.79 5.49 -5.00
C VAL A 195 -7.75 5.81 -3.52
N VAL A 196 -8.90 5.77 -2.85
CA VAL A 196 -9.02 6.20 -1.47
C VAL A 196 -10.01 5.30 -0.76
N ASP A 197 -9.61 4.71 0.37
CA ASP A 197 -10.47 3.78 1.10
C ASP A 197 -10.97 2.61 0.25
N GLY A 198 -10.49 2.50 -1.00
CA GLY A 198 -10.92 1.43 -1.89
C GLY A 198 -11.71 1.99 -3.06
N GLN A 199 -12.23 3.22 -2.90
CA GLN A 199 -12.98 3.89 -3.96
C GLN A 199 -12.02 4.35 -5.04
N PHE A 200 -12.56 4.85 -6.15
CA PHE A 200 -11.74 5.31 -7.26
C PHE A 200 -12.30 6.62 -7.83
N PHE A 201 -11.43 7.58 -8.10
CA PHE A 201 -11.83 8.87 -8.63
C PHE A 201 -10.99 9.28 -9.83
N GLU A 202 -11.44 10.32 -10.56
CA GLU A 202 -10.73 10.79 -11.74
C GLU A 202 -11.04 12.28 -11.95
N GLY A 203 -10.19 12.99 -12.69
CA GLY A 203 -10.39 14.40 -12.94
C GLY A 203 -9.41 14.91 -14.00
N SER A 204 -9.93 15.60 -15.02
CA SER A 204 -9.09 16.16 -16.07
C SER A 204 -8.83 17.65 -15.84
N GLY A 205 -7.94 18.25 -16.63
CA GLY A 205 -7.61 19.65 -16.50
C GLY A 205 -6.60 20.10 -17.56
N ARG A 206 -6.41 21.43 -17.69
CA ARG A 206 -5.49 22.01 -18.67
C ARG A 206 -4.02 21.80 -18.28
N ASN A 207 -3.78 21.38 -17.04
CA ASN A 207 -2.45 21.09 -16.54
C ASN A 207 -2.56 20.03 -15.42
N LYS A 208 -1.44 19.45 -15.00
CA LYS A 208 -1.46 18.38 -14.00
C LYS A 208 -2.04 18.85 -12.66
N LYS A 209 -1.89 20.13 -12.31
CA LYS A 209 -2.34 20.66 -11.03
C LYS A 209 -3.85 20.70 -10.97
N LEU A 210 -4.47 21.16 -12.05
CA LEU A 210 -5.90 21.36 -12.15
C LEU A 210 -6.59 20.00 -12.18
N ALA A 211 -5.98 19.05 -12.90
CA ALA A 211 -6.50 17.71 -13.00
C ALA A 211 -6.54 17.01 -11.63
N LYS A 212 -5.48 17.15 -10.83
CA LYS A 212 -5.45 16.56 -9.49
C LYS A 212 -6.40 17.31 -8.57
N ALA A 213 -6.55 18.63 -8.76
CA ALA A 213 -7.45 19.41 -7.94
C ALA A 213 -8.91 18.97 -8.15
N ARG A 214 -9.22 18.41 -9.34
CA ARG A 214 -10.57 17.95 -9.64
C ARG A 214 -10.76 16.50 -9.18
N ALA A 215 -9.80 15.62 -9.47
CA ALA A 215 -9.85 14.24 -9.01
C ALA A 215 -9.85 14.17 -7.48
N ALA A 216 -9.11 15.07 -6.83
CA ALA A 216 -9.03 15.10 -5.38
C ALA A 216 -10.31 15.67 -4.79
N GLN A 217 -10.70 16.87 -5.24
CA GLN A 217 -12.03 17.40 -4.95
C GLN A 217 -13.13 16.35 -4.98
N SER A 218 -13.11 15.45 -5.96
CA SER A 218 -14.11 14.41 -6.04
C SER A 218 -13.91 13.36 -4.94
N ALA A 219 -12.65 12.99 -4.70
CA ALA A 219 -12.32 12.01 -3.69
C ALA A 219 -12.69 12.51 -2.29
N LEU A 220 -12.39 13.78 -1.99
CA LEU A 220 -12.70 14.37 -0.70
C LEU A 220 -14.21 14.36 -0.45
N ALA A 221 -15.00 14.97 -1.34
CA ALA A 221 -16.43 15.08 -1.10
C ALA A 221 -17.05 13.72 -0.85
N THR A 222 -16.72 12.69 -1.66
CA THR A 222 -17.36 11.39 -1.53
C THR A 222 -16.87 10.59 -0.31
N VAL A 223 -15.58 10.61 0.01
CA VAL A 223 -15.04 9.75 1.06
C VAL A 223 -15.17 10.41 2.43
N PHE A 224 -15.21 11.75 2.48
CA PHE A 224 -15.35 12.46 3.74
C PHE A 224 -16.83 12.70 4.05
N ASN A 225 -17.73 12.23 3.19
CA ASN A 225 -19.17 12.42 3.36
C ASN A 225 -19.53 13.91 3.42
N LEU A 226 -18.91 14.72 2.55
CA LEU A 226 -19.05 16.16 2.54
C LEU A 226 -19.20 16.68 1.10
N HIS A 227 -19.10 18.00 0.94
CA HIS A 227 -19.25 18.66 -0.35
C HIS A 227 -18.17 19.72 -0.50
N LEU A 228 -17.91 20.18 -1.72
CA LEU A 228 -16.75 21.03 -1.97
C LEU A 228 -16.97 21.96 -3.17
N LEU A 229 -18.22 22.35 -3.40
CA LEU A 229 -18.61 23.23 -4.49
C LEU A 229 -19.68 24.20 -4.00
N GLU A 230 -19.96 25.26 -4.77
CA GLU A 230 -20.94 26.27 -4.36
C GLU A 230 -21.85 26.69 -5.52
N HIS A 231 -21.75 26.03 -6.67
CA HIS A 231 -22.61 26.32 -7.81
C HIS A 231 -24.06 26.02 -7.44
N HIS A 232 -25.02 26.69 -8.09
CA HIS A 232 -26.44 26.50 -7.77
C HIS A 232 -26.93 25.11 -8.17
N HIS A 233 -28.08 24.71 -7.63
CA HIS A 233 -28.66 23.40 -7.91
C HIS A 233 -30.17 23.41 -7.66
N HIS A 234 -30.83 22.30 -8.00
CA HIS A 234 -32.26 22.13 -7.80
C HIS A 234 -32.57 20.67 -7.54
N HIS A 235 -33.83 20.35 -7.20
CA HIS A 235 -34.22 19.00 -6.85
C HIS A 235 -35.69 18.74 -7.20
N HIS A 236 -36.11 17.48 -7.08
CA HIS A 236 -37.48 17.05 -7.37
C HIS A 236 -37.80 15.80 -6.55
N PRO A 1 -5.11 -20.65 26.38
CA PRO A 1 -4.25 -19.62 26.98
C PRO A 1 -2.83 -19.64 26.44
N GLY A 2 -2.19 -18.47 26.40
CA GLY A 2 -0.82 -18.34 25.93
C GLY A 2 -0.34 -16.90 26.03
N PRO A 3 0.93 -16.64 25.69
CA PRO A 3 1.53 -15.31 25.76
C PRO A 3 0.96 -14.38 24.69
N VAL A 4 1.00 -13.08 24.95
CA VAL A 4 0.52 -12.05 24.02
C VAL A 4 1.28 -10.74 24.24
N LEU A 5 2.33 -10.77 25.07
CA LEU A 5 3.12 -9.60 25.40
C LEU A 5 4.56 -10.04 25.75
N PRO A 6 5.54 -9.14 25.60
CA PRO A 6 6.95 -9.46 25.81
C PRO A 6 7.31 -9.62 27.28
N LYS A 7 6.42 -9.17 28.19
CA LYS A 7 6.68 -9.25 29.62
C LYS A 7 7.12 -10.66 30.04
N ASN A 8 6.62 -11.68 29.34
CA ASN A 8 7.03 -13.06 29.56
C ASN A 8 8.55 -13.24 29.45
N ALA A 9 9.07 -13.16 28.21
CA ALA A 9 10.49 -13.29 27.96
C ALA A 9 11.31 -12.24 28.72
N LEU A 10 10.68 -11.12 29.07
CA LEU A 10 11.36 -10.03 29.75
C LEU A 10 11.64 -10.44 31.20
N MET A 11 10.57 -10.74 31.96
CA MET A 11 10.69 -11.21 33.33
C MET A 11 11.52 -12.48 33.38
N GLN A 12 11.17 -13.45 32.51
CA GLN A 12 11.87 -14.72 32.49
C GLN A 12 13.36 -14.52 32.29
N LEU A 13 13.76 -13.67 31.33
CA LEU A 13 15.17 -13.39 31.14
C LEU A 13 15.78 -12.77 32.40
N ASN A 14 15.08 -11.81 33.00
CA ASN A 14 15.61 -11.19 34.21
C ASN A 14 15.82 -12.21 35.33
N GLU A 15 14.95 -13.21 35.42
CA GLU A 15 15.11 -14.27 36.40
C GLU A 15 16.34 -15.13 36.11
N ILE A 16 16.42 -15.68 34.89
CA ILE A 16 17.53 -16.56 34.51
C ILE A 16 18.86 -15.82 34.40
N LYS A 17 18.84 -14.49 34.25
CA LYS A 17 19.98 -13.59 34.11
C LYS A 17 21.11 -13.89 35.09
N PRO A 18 22.18 -14.55 34.64
CA PRO A 18 23.37 -14.73 35.45
C PRO A 18 24.23 -13.45 35.42
N GLY A 19 23.93 -12.56 34.47
CA GLY A 19 24.68 -11.33 34.28
C GLY A 19 24.84 -11.03 32.79
N LEU A 20 23.80 -11.36 32.00
CA LEU A 20 23.84 -11.35 30.55
C LEU A 20 24.13 -9.98 29.93
N GLN A 21 24.34 -9.97 28.60
CA GLN A 21 24.61 -8.74 27.88
C GLN A 21 23.79 -8.63 26.59
N TYR A 22 23.22 -7.46 26.30
CA TYR A 22 22.49 -7.21 25.05
C TYR A 22 23.39 -6.33 24.19
N MET A 23 23.49 -6.65 22.90
CA MET A 23 24.26 -5.85 21.96
C MET A 23 23.47 -5.66 20.67
N LEU A 24 23.60 -4.49 20.05
CA LEU A 24 22.81 -4.09 18.89
C LEU A 24 23.64 -4.17 17.63
N LEU A 25 23.02 -4.65 16.56
CA LEU A 25 23.69 -4.93 15.28
C LEU A 25 22.76 -4.48 14.16
N SER A 26 23.19 -4.61 12.90
CA SER A 26 22.55 -3.96 11.77
C SER A 26 22.29 -2.49 12.08
N GLN A 27 21.00 -2.15 12.10
CA GLN A 27 20.49 -0.82 12.18
C GLN A 27 20.92 -0.04 10.95
N THR A 28 20.19 -0.29 9.86
CA THR A 28 20.39 0.34 8.57
C THR A 28 19.17 0.06 7.70
N GLY A 29 18.97 0.88 6.67
CA GLY A 29 17.80 0.78 5.82
C GLY A 29 17.26 2.18 5.56
N PRO A 30 16.01 2.29 5.08
CA PRO A 30 15.36 3.57 4.93
C PRO A 30 15.04 4.12 6.31
N VAL A 31 14.77 5.43 6.38
CA VAL A 31 14.54 6.14 7.63
C VAL A 31 13.12 5.91 8.15
N HIS A 32 12.39 4.95 7.55
CA HIS A 32 11.02 4.63 7.96
C HIS A 32 10.76 3.13 8.01
N ALA A 33 11.73 2.31 7.58
CA ALA A 33 11.67 0.87 7.74
C ALA A 33 13.06 0.33 8.06
N PRO A 34 13.66 0.78 9.16
CA PRO A 34 15.00 0.40 9.59
C PRO A 34 14.99 -1.00 10.19
N LEU A 35 16.05 -1.78 9.96
CA LEU A 35 16.18 -3.11 10.52
C LEU A 35 17.24 -3.13 11.61
N PHE A 36 16.82 -3.56 12.80
CA PHE A 36 17.71 -3.66 13.95
C PHE A 36 17.86 -5.13 14.28
N VAL A 37 19.09 -5.58 14.58
CA VAL A 37 19.27 -6.95 15.05
C VAL A 37 19.97 -6.92 16.37
N MET A 38 19.25 -7.28 17.44
CA MET A 38 19.82 -7.29 18.77
C MET A 38 20.21 -8.72 19.06
N SER A 39 21.40 -8.92 19.62
CA SER A 39 21.87 -10.23 19.93
C SER A 39 22.19 -10.25 21.42
N VAL A 40 21.79 -11.34 22.06
CA VAL A 40 21.91 -11.45 23.51
C VAL A 40 22.91 -12.54 23.87
N GLU A 41 23.78 -12.22 24.84
CA GLU A 41 24.86 -13.10 25.26
C GLU A 41 24.66 -13.58 26.69
N VAL A 42 24.59 -14.91 26.83
CA VAL A 42 24.49 -15.60 28.11
C VAL A 42 25.44 -16.80 28.08
N ASN A 43 26.22 -17.02 29.15
CA ASN A 43 27.14 -18.15 29.25
C ASN A 43 28.08 -18.29 28.03
N GLY A 44 28.28 -17.20 27.30
CA GLY A 44 29.15 -17.21 26.12
C GLY A 44 28.43 -17.69 24.86
N GLN A 45 27.11 -17.85 24.94
CA GLN A 45 26.28 -18.19 23.80
C GLN A 45 25.55 -16.91 23.42
N VAL A 46 25.53 -16.62 22.13
CA VAL A 46 24.94 -15.39 21.66
C VAL A 46 23.88 -15.71 20.62
N PHE A 47 22.73 -15.06 20.73
CA PHE A 47 21.60 -15.33 19.85
C PHE A 47 21.03 -14.02 19.33
N GLU A 48 20.73 -13.97 18.02
CA GLU A 48 20.40 -12.71 17.34
C GLU A 48 18.93 -12.68 16.96
N GLY A 49 18.30 -11.50 17.10
CA GLY A 49 16.90 -11.33 16.76
C GLY A 49 16.72 -10.03 15.97
N SER A 50 15.92 -10.11 14.89
CA SER A 50 15.72 -9.01 13.97
C SER A 50 14.31 -8.45 14.06
N GLY A 51 14.19 -7.11 14.07
CA GLY A 51 12.89 -6.46 14.07
C GLY A 51 13.00 -4.98 13.73
N PRO A 52 11.85 -4.35 13.46
CA PRO A 52 11.75 -2.91 13.35
C PRO A 52 11.89 -2.34 14.75
N THR A 53 12.66 -1.25 14.91
CA THR A 53 13.01 -0.71 16.22
C THR A 53 13.61 -1.79 17.13
N LYS A 54 13.84 -1.47 18.41
CA LYS A 54 14.66 -2.30 19.30
C LYS A 54 13.87 -3.31 20.12
N LYS A 55 12.57 -3.10 20.33
CA LYS A 55 11.76 -3.94 21.21
C LYS A 55 11.78 -5.41 20.82
N LYS A 56 11.09 -5.74 19.73
CA LYS A 56 10.91 -7.09 19.23
C LYS A 56 12.24 -7.80 18.99
N ALA A 57 13.25 -7.08 18.51
CA ALA A 57 14.56 -7.66 18.29
C ALA A 57 15.12 -8.31 19.56
N LYS A 58 15.33 -7.51 20.61
CA LYS A 58 15.89 -8.01 21.85
C LYS A 58 15.01 -9.11 22.44
N LEU A 59 13.69 -8.98 22.27
CA LEU A 59 12.72 -9.95 22.75
C LEU A 59 13.04 -11.34 22.18
N HIS A 60 12.98 -11.45 20.86
CA HIS A 60 13.23 -12.70 20.16
C HIS A 60 14.62 -13.24 20.51
N ALA A 61 15.62 -12.35 20.58
CA ALA A 61 16.95 -12.75 20.99
C ALA A 61 16.93 -13.42 22.37
N ALA A 62 16.28 -12.79 23.35
CA ALA A 62 16.16 -13.32 24.70
C ALA A 62 15.55 -14.71 24.71
N GLU A 63 14.44 -14.87 23.99
CA GLU A 63 13.74 -16.14 23.87
C GLU A 63 14.70 -17.23 23.37
N LYS A 64 15.37 -16.96 22.25
CA LYS A 64 16.31 -17.91 21.67
C LYS A 64 17.37 -18.31 22.68
N ALA A 65 18.09 -17.32 23.23
CA ALA A 65 19.16 -17.58 24.18
C ALA A 65 18.66 -18.41 25.36
N LEU A 66 17.51 -18.04 25.92
CA LEU A 66 16.89 -18.77 27.03
C LEU A 66 16.81 -20.24 26.64
N ARG A 67 16.05 -20.54 25.57
CA ARG A 67 15.82 -21.92 25.18
C ARG A 67 17.14 -22.64 24.89
N SER A 68 18.17 -21.89 24.50
CA SER A 68 19.49 -22.48 24.31
C SER A 68 20.19 -22.75 25.65
N PHE A 69 20.66 -21.69 26.31
CA PHE A 69 21.47 -21.76 27.52
C PHE A 69 20.76 -22.42 28.71
N VAL A 70 19.45 -22.63 28.66
CA VAL A 70 18.72 -23.29 29.75
C VAL A 70 19.37 -24.63 30.15
N GLN A 71 20.16 -25.24 29.26
CA GLN A 71 20.84 -26.50 29.55
C GLN A 71 22.21 -26.28 30.20
N PHE A 72 22.66 -25.02 30.28
CA PHE A 72 23.93 -24.64 30.88
C PHE A 72 23.87 -23.26 31.53
N PRO A 73 23.04 -23.10 32.57
CA PRO A 73 22.85 -21.85 33.29
C PRO A 73 24.07 -21.51 34.16
N ASN A 74 25.05 -22.43 34.21
CA ASN A 74 26.23 -22.28 35.06
C ASN A 74 27.43 -23.00 34.44
N ALA A 75 27.47 -23.08 33.11
CA ALA A 75 28.53 -23.76 32.36
C ALA A 75 28.61 -25.27 32.66
N SER A 76 27.56 -25.83 33.26
CA SER A 76 27.48 -27.26 33.55
C SER A 76 26.05 -27.73 33.30
N GLU A 77 25.85 -29.04 33.27
CA GLU A 77 24.53 -29.63 33.07
C GLU A 77 23.59 -29.22 34.20
N ALA A 78 22.31 -28.99 33.88
CA ALA A 78 21.30 -28.60 34.85
C ALA A 78 19.89 -28.95 34.35
N HIS A 79 19.78 -29.69 33.25
CA HIS A 79 18.48 -30.03 32.67
C HIS A 79 18.57 -31.31 31.85
N LEU A 80 17.42 -31.86 31.47
CA LEU A 80 17.31 -33.04 30.62
C LEU A 80 17.74 -32.70 29.20
N ALA A 81 17.60 -33.66 28.28
CA ALA A 81 17.93 -33.46 26.89
C ALA A 81 16.85 -34.07 26.00
N MET A 82 16.75 -33.57 24.77
CA MET A 82 15.73 -34.01 23.82
C MET A 82 16.31 -33.91 22.41
N GLY A 83 15.62 -34.54 21.44
CA GLY A 83 16.05 -34.49 20.05
C GLY A 83 15.22 -35.46 19.20
N ARG A 84 15.51 -35.46 17.89
CA ARG A 84 14.87 -36.34 16.92
C ARG A 84 15.80 -36.60 15.74
N THR A 85 15.46 -37.59 14.91
CA THR A 85 16.27 -37.97 13.77
C THR A 85 15.40 -38.34 12.57
N LEU A 86 16.05 -38.68 11.45
CA LEU A 86 15.39 -39.06 10.21
C LEU A 86 16.24 -40.05 9.42
N SER A 87 15.77 -40.46 8.25
CA SER A 87 16.44 -41.47 7.41
C SER A 87 16.55 -41.01 5.96
N VAL A 88 16.55 -39.69 5.75
CA VAL A 88 16.66 -39.09 4.42
C VAL A 88 17.93 -39.57 3.71
N ASN A 89 17.93 -39.53 2.38
CA ASN A 89 19.05 -40.01 1.56
C ASN A 89 19.32 -39.07 0.38
N THR A 90 18.64 -37.92 0.33
CA THR A 90 18.86 -36.93 -0.71
C THR A 90 20.19 -36.19 -0.52
N ASP A 91 20.89 -36.48 0.58
CA ASP A 91 22.18 -35.86 0.91
C ASP A 91 22.12 -34.34 0.81
N PHE A 92 20.94 -33.75 1.04
CA PHE A 92 20.78 -32.31 0.95
C PHE A 92 19.77 -31.80 1.98
N THR A 93 19.83 -30.50 2.27
CA THR A 93 18.96 -29.84 3.24
C THR A 93 17.52 -29.77 2.75
N SER A 94 16.59 -29.43 3.64
CA SER A 94 15.18 -29.31 3.32
C SER A 94 14.55 -28.19 4.15
N ASP A 95 13.27 -27.90 3.91
CA ASP A 95 12.54 -26.85 4.62
C ASP A 95 11.02 -27.12 4.59
N GLN A 96 10.27 -26.38 5.40
CA GLN A 96 8.82 -26.54 5.48
C GLN A 96 8.12 -26.03 4.22
N ALA A 97 8.87 -25.46 3.28
CA ALA A 97 8.33 -24.93 2.03
C ALA A 97 7.65 -26.02 1.20
N ASP A 98 6.84 -25.60 0.22
CA ASP A 98 6.10 -26.51 -0.63
C ASP A 98 6.83 -26.79 -1.95
N PHE A 99 8.00 -26.16 -2.13
CA PHE A 99 8.84 -26.32 -3.31
C PHE A 99 8.03 -26.41 -4.61
N PRO A 100 7.23 -25.37 -4.93
CA PRO A 100 6.38 -25.34 -6.11
C PRO A 100 7.24 -25.24 -7.37
N ASP A 101 6.60 -25.35 -8.54
CA ASP A 101 7.31 -25.35 -9.81
C ASP A 101 6.44 -24.75 -10.91
N THR A 102 7.04 -24.60 -12.11
CA THR A 102 6.34 -24.07 -13.27
C THR A 102 6.94 -24.65 -14.55
N LEU A 103 6.27 -24.46 -15.68
CA LEU A 103 6.69 -25.01 -16.96
C LEU A 103 7.56 -24.02 -17.73
N PHE A 104 7.76 -22.81 -17.17
CA PHE A 104 8.53 -21.73 -17.77
C PHE A 104 8.13 -21.43 -19.24
N ASN A 105 6.95 -21.89 -19.67
CA ASN A 105 6.45 -21.71 -21.02
C ASN A 105 4.94 -21.54 -21.00
N GLY A 106 4.35 -21.12 -22.13
CA GLY A 106 2.92 -20.91 -22.23
C GLY A 106 2.56 -20.28 -23.58
N PHE A 107 1.31 -19.85 -23.72
CA PHE A 107 0.81 -19.24 -24.95
C PHE A 107 -0.20 -18.15 -24.62
N GLU A 108 -0.55 -17.29 -25.59
CA GLU A 108 -1.43 -16.16 -25.37
C GLU A 108 -2.23 -15.86 -26.64
N THR A 109 -3.32 -15.09 -26.50
CA THR A 109 -4.20 -14.72 -27.60
C THR A 109 -4.80 -13.34 -27.35
N PRO A 110 -5.01 -12.54 -28.40
CA PRO A 110 -5.61 -11.21 -28.32
C PRO A 110 -7.11 -11.29 -28.10
N ASP A 111 -7.67 -12.49 -27.88
CA ASP A 111 -9.10 -12.66 -27.64
C ASP A 111 -9.61 -11.77 -26.49
N LYS A 112 -10.84 -11.29 -26.61
CA LYS A 112 -11.46 -10.40 -25.64
C LYS A 112 -12.97 -10.48 -25.78
N SER A 113 -13.69 -10.20 -24.69
CA SER A 113 -15.15 -10.20 -24.69
C SER A 113 -15.71 -9.10 -23.80
N GLU A 114 -17.01 -8.82 -23.95
CA GLU A 114 -17.70 -7.76 -23.23
C GLU A 114 -19.14 -8.22 -22.98
N PRO A 115 -19.70 -7.98 -21.79
CA PRO A 115 -21.06 -8.41 -21.44
C PRO A 115 -22.10 -7.63 -22.23
N PRO A 116 -23.36 -8.09 -22.22
CA PRO A 116 -24.52 -7.45 -22.83
C PRO A 116 -24.74 -6.02 -22.33
N PHE A 117 -25.85 -5.43 -22.78
CA PHE A 117 -26.22 -4.07 -22.46
C PHE A 117 -27.68 -4.01 -22.00
N TYR A 118 -28.17 -2.81 -21.66
CA TYR A 118 -29.52 -2.64 -21.12
C TYR A 118 -30.26 -1.49 -21.80
N VAL A 119 -29.65 -0.91 -22.84
CA VAL A 119 -30.21 0.19 -23.61
C VAL A 119 -29.51 0.23 -24.98
N GLY A 120 -30.11 0.90 -25.95
CA GLY A 120 -29.52 1.02 -27.28
C GLY A 120 -30.45 1.66 -28.31
N SER A 121 -31.67 2.02 -27.91
CA SER A 121 -32.64 2.62 -28.80
C SER A 121 -33.61 3.50 -28.03
N ASN A 122 -34.36 4.34 -28.75
CA ASN A 122 -35.31 5.26 -28.17
C ASN A 122 -36.43 5.57 -29.18
N GLY A 123 -36.49 4.83 -30.29
CA GLY A 123 -37.50 5.08 -31.32
C GLY A 123 -37.61 3.92 -32.31
N ASP A 124 -37.19 2.71 -31.92
CA ASP A 124 -37.24 1.55 -32.81
C ASP A 124 -37.64 0.29 -32.04
N ASP A 125 -38.14 0.45 -30.82
CA ASP A 125 -38.57 -0.68 -29.98
C ASP A 125 -39.65 -0.20 -29.01
N SER A 126 -40.40 -1.16 -28.43
CA SER A 126 -41.48 -0.86 -27.51
C SER A 126 -41.66 -2.01 -26.52
N PHE A 127 -42.40 -1.76 -25.44
CA PHE A 127 -42.63 -2.73 -24.38
C PHE A 127 -43.93 -2.43 -23.63
N SER A 128 -44.32 -3.31 -22.71
CA SER A 128 -45.57 -3.21 -21.97
C SER A 128 -46.79 -2.92 -22.86
N SER A 129 -46.72 -3.34 -24.12
CA SER A 129 -47.78 -3.13 -25.09
C SER A 129 -47.93 -4.33 -26.01
N SER A 130 -48.90 -4.28 -26.92
CA SER A 130 -49.15 -5.35 -27.88
C SER A 130 -49.69 -4.76 -29.18
N GLY A 131 -49.89 -5.61 -30.19
CA GLY A 131 -50.31 -5.17 -31.50
C GLY A 131 -50.44 -6.35 -32.47
N ASP A 132 -50.65 -6.01 -33.75
CA ASP A 132 -50.76 -6.98 -34.85
C ASP A 132 -49.44 -7.70 -35.13
N VAL A 133 -48.55 -7.77 -34.14
CA VAL A 133 -47.23 -8.38 -34.28
C VAL A 133 -47.00 -9.49 -33.25
N SER A 134 -47.99 -9.73 -32.38
CA SER A 134 -48.00 -10.82 -31.40
C SER A 134 -46.66 -11.05 -30.69
N LEU A 135 -45.95 -9.98 -30.34
CA LEU A 135 -44.69 -10.06 -29.59
C LEU A 135 -44.87 -10.71 -28.21
N SER A 136 -46.12 -10.90 -27.77
CA SER A 136 -46.44 -11.55 -26.52
C SER A 136 -47.86 -12.09 -26.56
N ALA A 137 -48.23 -12.89 -25.56
CA ALA A 137 -49.55 -13.47 -25.46
C ALA A 137 -49.98 -13.60 -23.99
N SER A 138 -49.15 -13.11 -23.07
CA SER A 138 -49.41 -13.17 -21.63
C SER A 138 -48.87 -11.93 -20.91
N PRO A 139 -48.98 -10.72 -21.46
CA PRO A 139 -48.45 -9.51 -20.83
C PRO A 139 -49.35 -9.00 -19.71
N VAL A 140 -50.42 -9.72 -19.36
CA VAL A 140 -51.39 -9.25 -18.39
C VAL A 140 -50.78 -8.90 -17.02
N PRO A 141 -49.87 -9.71 -16.45
CA PRO A 141 -49.26 -9.42 -15.15
C PRO A 141 -48.14 -8.39 -15.28
N ALA A 142 -48.00 -7.74 -16.44
CA ALA A 142 -46.94 -6.78 -16.71
C ALA A 142 -47.47 -5.60 -17.51
N SER A 143 -48.79 -5.38 -17.50
CA SER A 143 -49.43 -4.26 -18.18
C SER A 143 -48.98 -2.90 -17.60
N LEU A 144 -48.18 -2.93 -16.53
CA LEU A 144 -47.64 -1.73 -15.91
C LEU A 144 -46.26 -2.05 -15.33
N THR A 145 -45.38 -1.06 -15.26
CA THR A 145 -44.01 -1.23 -14.79
C THR A 145 -43.55 0.04 -14.06
N GLN A 146 -42.36 -0.02 -13.45
CA GLN A 146 -41.80 1.10 -12.71
C GLN A 146 -40.27 1.20 -12.93
N PRO A 147 -39.82 1.42 -14.17
CA PRO A 147 -38.42 1.58 -14.50
C PRO A 147 -37.72 2.62 -13.62
N PRO A 148 -36.39 2.50 -13.49
CA PRO A 148 -35.57 3.44 -12.74
C PRO A 148 -35.46 4.76 -13.50
N LEU A 149 -34.87 5.78 -12.88
CA LEU A 149 -34.74 7.10 -13.50
C LEU A 149 -33.45 7.79 -13.07
N PRO A 150 -32.29 7.32 -13.57
CA PRO A 150 -31.00 7.96 -13.37
C PRO A 150 -31.05 9.44 -13.78
N ILE A 151 -30.06 10.22 -13.35
CA ILE A 151 -30.01 11.64 -13.64
C ILE A 151 -28.56 12.12 -13.75
N PRO A 152 -28.25 13.01 -14.71
CA PRO A 152 -26.95 13.66 -14.82
C PRO A 152 -26.53 14.35 -13.52
N PRO A 153 -25.25 14.73 -13.39
CA PRO A 153 -24.73 15.46 -12.25
C PRO A 153 -25.57 16.70 -11.92
N PRO A 154 -25.64 17.08 -10.64
CA PRO A 154 -26.39 18.24 -10.18
C PRO A 154 -25.65 19.53 -10.53
N PHE A 155 -26.29 20.67 -10.25
CA PHE A 155 -25.68 21.98 -10.46
C PHE A 155 -24.42 22.11 -9.61
N PRO A 156 -23.49 23.00 -9.96
CA PRO A 156 -22.27 23.24 -9.20
C PRO A 156 -22.53 23.49 -7.72
N PRO A 157 -21.63 23.05 -6.84
CA PRO A 157 -21.74 23.23 -5.40
C PRO A 157 -21.45 24.69 -5.02
N PRO A 158 -21.87 25.11 -3.82
CA PRO A 158 -21.66 26.45 -3.32
C PRO A 158 -20.21 26.67 -2.88
N SER A 159 -19.45 25.58 -2.73
CA SER A 159 -18.06 25.64 -2.32
C SER A 159 -17.31 24.39 -2.79
N GLY A 160 -16.00 24.33 -2.56
CA GLY A 160 -15.19 23.18 -2.91
C GLY A 160 -13.76 23.33 -2.42
N LYS A 161 -12.99 22.24 -2.52
CA LYS A 161 -11.60 22.20 -2.11
C LYS A 161 -10.84 21.08 -2.81
N ASN A 162 -9.51 21.14 -2.77
CA ASN A 162 -8.65 20.15 -3.40
C ASN A 162 -8.74 18.81 -2.66
N PRO A 163 -9.21 17.76 -3.35
CA PRO A 163 -9.53 16.46 -2.75
C PRO A 163 -8.28 15.60 -2.56
N VAL A 164 -7.15 15.98 -3.18
CA VAL A 164 -5.92 15.21 -3.07
C VAL A 164 -5.38 15.25 -1.64
N MET A 165 -5.51 16.38 -0.94
CA MET A 165 -4.93 16.48 0.38
C MET A 165 -5.88 15.91 1.43
N ILE A 166 -7.16 16.27 1.37
CA ILE A 166 -8.09 15.77 2.36
C ILE A 166 -8.09 14.24 2.36
N LEU A 167 -7.97 13.60 1.19
CA LEU A 167 -7.86 12.15 1.14
C LEU A 167 -6.52 11.74 1.78
N ASN A 168 -5.43 12.35 1.30
CA ASN A 168 -4.08 12.04 1.76
C ASN A 168 -3.82 12.58 3.18
N GLU A 169 -4.87 12.95 3.91
CA GLU A 169 -4.75 13.39 5.29
C GLU A 169 -5.85 12.76 6.17
N LEU A 170 -6.83 12.07 5.58
CA LEU A 170 -7.86 11.39 6.36
C LEU A 170 -7.62 9.88 6.36
N ARG A 171 -7.24 9.33 5.21
CA ARG A 171 -7.03 7.89 5.06
C ARG A 171 -5.99 7.61 3.96
N PRO A 172 -4.69 7.80 4.24
CA PRO A 172 -3.61 7.38 3.37
C PRO A 172 -3.57 5.84 3.33
N GLY A 173 -2.65 5.24 2.58
CA GLY A 173 -2.61 3.79 2.42
C GLY A 173 -3.04 3.35 1.03
N LEU A 174 -2.73 4.14 0.00
CA LEU A 174 -3.18 3.89 -1.37
C LEU A 174 -2.00 3.97 -2.32
N LYS A 175 -2.30 3.86 -3.62
CA LYS A 175 -1.33 3.94 -4.69
C LYS A 175 -1.95 4.69 -5.86
N TYR A 176 -1.16 5.43 -6.64
CA TYR A 176 -1.68 6.14 -7.80
C TYR A 176 -0.86 5.79 -9.02
N ASP A 177 -1.50 5.85 -10.18
CA ASP A 177 -0.83 5.70 -11.46
C ASP A 177 -1.23 6.82 -12.39
N PHE A 178 -0.56 6.95 -13.54
CA PHE A 178 -0.80 8.05 -14.44
C PHE A 178 -0.97 7.48 -15.84
N LEU A 179 -1.98 7.97 -16.55
CA LEU A 179 -2.34 7.44 -17.84
C LEU A 179 -2.19 8.51 -18.92
N SER A 180 -1.87 8.03 -20.12
CA SER A 180 -1.38 8.82 -21.24
C SER A 180 -2.26 9.98 -21.69
N GLU A 181 -1.61 10.95 -22.33
CA GLU A 181 -2.27 12.12 -22.88
C GLU A 181 -2.98 11.78 -24.19
N SER A 182 -3.68 12.77 -24.75
CA SER A 182 -4.47 12.61 -25.97
C SER A 182 -4.45 13.88 -26.82
N GLY A 183 -3.38 14.68 -26.72
CA GLY A 183 -3.25 15.93 -27.45
C GLY A 183 -1.80 16.20 -27.86
N GLU A 184 -1.53 17.40 -28.38
CA GLU A 184 -0.22 17.74 -28.93
C GLU A 184 0.24 19.15 -28.56
N SER A 185 -0.58 19.90 -27.79
CA SER A 185 -0.31 21.23 -27.21
C SER A 185 -1.22 22.29 -27.80
N HIS A 186 -1.96 21.95 -28.87
CA HIS A 186 -2.97 22.83 -29.44
C HIS A 186 -4.27 22.56 -28.68
N ALA A 187 -4.40 21.30 -28.27
CA ALA A 187 -5.40 20.88 -27.32
C ALA A 187 -4.72 19.78 -26.51
N LYS A 188 -5.12 19.59 -25.24
CA LYS A 188 -4.41 18.64 -24.40
C LYS A 188 -5.29 18.06 -23.30
N SER A 189 -5.01 16.80 -22.96
CA SER A 189 -5.72 16.07 -21.92
C SER A 189 -4.77 15.03 -21.32
N PHE A 190 -5.07 14.63 -20.08
CA PHE A 190 -4.31 13.61 -19.37
C PHE A 190 -5.25 12.87 -18.44
N VAL A 191 -4.76 11.82 -17.79
CA VAL A 191 -5.56 11.10 -16.80
C VAL A 191 -4.68 10.45 -15.74
N MET A 192 -5.29 10.14 -14.59
CA MET A 192 -4.65 9.47 -13.50
C MET A 192 -5.56 8.31 -13.11
N SER A 193 -4.99 7.28 -12.50
CA SER A 193 -5.78 6.25 -11.83
C SER A 193 -5.26 6.03 -10.42
N VAL A 194 -5.99 5.29 -9.62
CA VAL A 194 -5.62 5.07 -8.22
C VAL A 194 -6.12 3.70 -7.78
N VAL A 195 -5.56 3.18 -6.68
CA VAL A 195 -6.06 1.98 -6.05
C VAL A 195 -6.10 2.26 -4.56
N VAL A 196 -7.27 2.08 -3.95
CA VAL A 196 -7.47 2.43 -2.55
C VAL A 196 -8.34 1.37 -1.89
N ASP A 197 -7.89 0.81 -0.77
CA ASP A 197 -8.63 -0.24 -0.07
C ASP A 197 -8.96 -1.43 -0.97
N GLY A 198 -8.35 -1.50 -2.16
CA GLY A 198 -8.59 -2.58 -3.10
C GLY A 198 -9.47 -2.13 -4.26
N GLN A 199 -10.15 -0.99 -4.09
CA GLN A 199 -10.98 -0.40 -5.13
C GLN A 199 -10.09 0.25 -6.18
N PHE A 200 -10.68 0.71 -7.30
CA PHE A 200 -9.93 1.34 -8.37
C PHE A 200 -10.69 2.57 -8.86
N PHE A 201 -9.93 3.62 -9.16
CA PHE A 201 -10.49 4.88 -9.62
C PHE A 201 -9.68 5.47 -10.77
N GLU A 202 -10.27 6.44 -11.46
CA GLU A 202 -9.61 7.10 -12.59
C GLU A 202 -10.15 8.52 -12.69
N GLY A 203 -9.42 9.41 -13.40
CA GLY A 203 -9.84 10.79 -13.57
C GLY A 203 -9.03 11.47 -14.66
N SER A 204 -9.72 12.11 -15.61
CA SER A 204 -9.05 12.83 -16.70
C SER A 204 -9.24 14.34 -16.57
N GLY A 205 -8.21 15.07 -16.98
CA GLY A 205 -8.22 16.53 -16.95
C GLY A 205 -7.23 17.16 -17.91
N ARG A 206 -7.29 18.49 -18.05
CA ARG A 206 -6.43 19.25 -18.96
C ARG A 206 -4.97 19.21 -18.53
N ASN A 207 -4.71 18.85 -17.28
CA ASN A 207 -3.35 18.81 -16.74
C ASN A 207 -3.27 17.75 -15.62
N LYS A 208 -2.06 17.35 -15.25
CA LYS A 208 -1.84 16.29 -14.27
C LYS A 208 -2.46 16.61 -12.92
N LYS A 209 -2.50 17.89 -12.52
CA LYS A 209 -3.06 18.33 -11.24
C LYS A 209 -4.57 18.12 -11.22
N LEU A 210 -5.22 18.50 -12.31
CA LEU A 210 -6.67 18.47 -12.44
C LEU A 210 -7.15 17.04 -12.60
N ALA A 211 -6.35 16.23 -13.32
CA ALA A 211 -6.64 14.81 -13.49
C ALA A 211 -6.58 14.05 -12.17
N LYS A 212 -5.57 14.32 -11.32
CA LYS A 212 -5.46 13.69 -10.02
C LYS A 212 -6.55 14.20 -9.09
N ALA A 213 -7.01 15.43 -9.27
CA ALA A 213 -8.08 15.96 -8.43
C ALA A 213 -9.36 15.20 -8.68
N ARG A 214 -9.62 14.80 -9.94
CA ARG A 214 -10.82 14.04 -10.29
C ARG A 214 -10.69 12.59 -9.81
N ALA A 215 -9.53 11.99 -10.02
CA ALA A 215 -9.27 10.63 -9.56
C ALA A 215 -9.29 10.54 -8.04
N ALA A 216 -8.83 11.60 -7.35
CA ALA A 216 -8.76 11.65 -5.90
C ALA A 216 -10.09 12.16 -5.32
N GLN A 217 -10.94 12.71 -6.17
CA GLN A 217 -12.27 13.14 -5.78
C GLN A 217 -13.20 11.93 -5.84
N SER A 218 -12.99 11.05 -6.85
CA SER A 218 -13.78 9.83 -6.93
C SER A 218 -13.34 8.84 -5.84
N ALA A 219 -12.03 8.73 -5.63
CA ALA A 219 -11.50 7.82 -4.62
C ALA A 219 -11.96 8.21 -3.22
N LEU A 220 -11.86 9.50 -2.87
CA LEU A 220 -12.31 10.00 -1.59
C LEU A 220 -13.78 9.70 -1.37
N ALA A 221 -14.66 10.16 -2.26
CA ALA A 221 -16.08 10.03 -2.04
C ALA A 221 -16.49 8.59 -1.80
N THR A 222 -16.18 7.68 -2.72
CA THR A 222 -16.52 6.28 -2.58
C THR A 222 -15.94 5.64 -1.32
N VAL A 223 -14.62 5.66 -1.14
CA VAL A 223 -13.98 4.96 -0.02
C VAL A 223 -14.32 5.58 1.34
N PHE A 224 -14.59 6.88 1.38
CA PHE A 224 -14.89 7.55 2.64
C PHE A 224 -16.39 7.57 2.92
N ASN A 225 -17.20 7.09 1.95
CA ASN A 225 -18.65 7.12 2.07
C ASN A 225 -19.16 8.55 2.30
N LEU A 226 -18.44 9.54 1.75
CA LEU A 226 -18.69 10.96 1.95
C LEU A 226 -18.52 11.73 0.64
N HIS A 227 -18.49 13.06 0.70
CA HIS A 227 -18.37 13.89 -0.48
C HIS A 227 -17.62 15.19 -0.14
N LEU A 228 -17.27 15.97 -1.17
CA LEU A 228 -16.53 17.23 -1.03
C LEU A 228 -17.41 18.33 -0.42
N LEU A 229 -18.58 17.98 0.08
CA LEU A 229 -19.50 18.91 0.71
C LEU A 229 -20.17 18.25 1.92
N GLU A 230 -20.45 19.06 2.96
CA GLU A 230 -21.03 18.60 4.21
C GLU A 230 -22.06 19.61 4.70
N HIS A 231 -22.58 20.45 3.79
CA HIS A 231 -23.50 21.52 4.13
C HIS A 231 -24.60 21.64 3.07
N HIS A 232 -25.50 22.61 3.24
CA HIS A 232 -26.66 22.80 2.39
C HIS A 232 -26.93 24.29 2.19
N HIS A 233 -25.89 25.11 2.26
CA HIS A 233 -25.99 26.56 2.08
C HIS A 233 -26.34 26.95 0.65
N HIS A 234 -26.43 25.99 -0.28
CA HIS A 234 -26.77 26.26 -1.67
C HIS A 234 -28.19 26.83 -1.79
N HIS A 235 -28.52 27.33 -2.98
CA HIS A 235 -29.81 27.93 -3.27
C HIS A 235 -30.93 26.90 -3.30
N HIS A 236 -30.59 25.60 -3.25
CA HIS A 236 -31.55 24.51 -3.30
C HIS A 236 -31.01 23.27 -2.59
N PRO A 1 -6.32 -22.25 23.69
CA PRO A 1 -5.66 -21.57 24.83
C PRO A 1 -4.14 -21.63 24.73
N GLY A 2 -3.50 -20.46 24.55
CA GLY A 2 -2.05 -20.38 24.41
C GLY A 2 -1.57 -18.92 24.31
N PRO A 3 -1.92 -18.07 25.27
CA PRO A 3 -1.58 -16.66 25.25
C PRO A 3 -0.09 -16.44 25.45
N VAL A 4 0.42 -15.30 24.96
CA VAL A 4 1.82 -14.94 25.08
C VAL A 4 1.98 -13.43 24.91
N LEU A 5 3.01 -12.86 25.53
CA LEU A 5 3.31 -11.45 25.43
C LEU A 5 4.77 -11.19 25.84
N PRO A 6 5.33 -10.02 25.48
CA PRO A 6 6.72 -9.68 25.77
C PRO A 6 7.10 -9.81 27.25
N LYS A 7 6.20 -9.43 28.16
CA LYS A 7 6.52 -9.41 29.57
C LYS A 7 7.00 -10.79 30.03
N ASN A 8 6.52 -11.86 29.40
CA ASN A 8 6.99 -13.21 29.65
C ASN A 8 8.51 -13.31 29.43
N ALA A 9 8.97 -13.15 28.19
CA ALA A 9 10.39 -13.23 27.89
C ALA A 9 11.21 -12.21 28.70
N LEU A 10 10.60 -11.07 29.04
CA LEU A 10 11.29 -9.98 29.72
C LEU A 10 11.61 -10.43 31.14
N MET A 11 10.56 -10.78 31.89
CA MET A 11 10.68 -11.25 33.27
C MET A 11 11.42 -12.57 33.36
N GLN A 12 11.07 -13.52 32.49
CA GLN A 12 11.74 -14.82 32.45
C GLN A 12 13.24 -14.64 32.27
N LEU A 13 13.67 -13.79 31.33
CA LEU A 13 15.08 -13.50 31.18
C LEU A 13 15.64 -12.86 32.45
N ASN A 14 14.91 -11.89 33.01
CA ASN A 14 15.36 -11.24 34.23
C ASN A 14 15.62 -12.28 35.32
N GLU A 15 14.79 -13.32 35.36
CA GLU A 15 14.89 -14.41 36.32
C GLU A 15 16.13 -15.27 36.07
N ILE A 16 16.24 -15.89 34.89
CA ILE A 16 17.34 -16.78 34.53
C ILE A 16 18.71 -16.09 34.59
N LYS A 17 18.73 -14.81 34.21
CA LYS A 17 19.92 -13.97 34.08
C LYS A 17 20.89 -14.09 35.26
N PRO A 18 21.99 -14.84 35.10
CA PRO A 18 23.07 -14.81 36.06
C PRO A 18 23.96 -13.60 35.74
N GLY A 19 23.73 -13.01 34.57
CA GLY A 19 24.51 -11.88 34.08
C GLY A 19 24.64 -12.06 32.57
N LEU A 20 24.27 -11.06 31.77
CA LEU A 20 24.29 -11.21 30.33
C LEU A 20 24.56 -9.89 29.62
N GLN A 21 24.69 -9.93 28.28
CA GLN A 21 24.94 -8.72 27.51
C GLN A 21 24.04 -8.62 26.28
N TYR A 22 23.47 -7.43 26.08
CA TYR A 22 22.72 -7.13 24.87
C TYR A 22 23.58 -6.25 23.97
N MET A 23 23.63 -6.57 22.68
CA MET A 23 24.35 -5.76 21.70
C MET A 23 23.50 -5.58 20.44
N LEU A 24 23.60 -4.37 19.84
CA LEU A 24 22.82 -3.97 18.68
C LEU A 24 23.70 -3.99 17.44
N LEU A 25 23.08 -4.38 16.33
CA LEU A 25 23.78 -4.73 15.11
C LEU A 25 22.94 -4.24 13.96
N SER A 26 23.59 -4.27 12.80
CA SER A 26 22.97 -3.84 11.58
C SER A 26 22.43 -2.43 11.76
N GLN A 27 21.10 -2.27 11.84
CA GLN A 27 20.48 -0.98 12.08
C GLN A 27 20.55 -0.13 10.82
N THR A 28 19.76 -0.51 9.82
CA THR A 28 19.76 0.13 8.51
C THR A 28 18.47 -0.21 7.80
N GLY A 29 18.08 0.63 6.82
CA GLY A 29 16.84 0.45 6.11
C GLY A 29 16.48 1.75 5.40
N PRO A 30 15.25 1.85 4.88
CA PRO A 30 14.75 3.05 4.22
C PRO A 30 14.47 4.18 5.19
N VAL A 31 14.82 3.98 6.46
CA VAL A 31 14.73 4.98 7.50
C VAL A 31 13.28 5.19 7.95
N HIS A 32 12.36 4.37 7.45
CA HIS A 32 10.98 4.34 7.92
C HIS A 32 10.55 2.89 8.17
N ALA A 33 11.40 1.95 7.78
CA ALA A 33 11.33 0.56 8.17
C ALA A 33 12.74 0.07 8.50
N PRO A 34 13.40 0.74 9.45
CA PRO A 34 14.79 0.51 9.80
C PRO A 34 14.94 -0.82 10.53
N LEU A 35 15.97 -1.60 10.17
CA LEU A 35 16.14 -2.94 10.72
C LEU A 35 17.26 -3.03 11.76
N PHE A 36 16.83 -3.28 12.99
CA PHE A 36 17.71 -3.28 14.14
C PHE A 36 17.97 -4.72 14.54
N VAL A 37 19.21 -5.05 14.86
CA VAL A 37 19.51 -6.42 15.15
C VAL A 37 20.10 -6.57 16.53
N MET A 38 19.33 -7.06 17.48
CA MET A 38 19.80 -7.21 18.83
C MET A 38 20.20 -8.65 19.03
N SER A 39 21.38 -8.86 19.60
CA SER A 39 21.90 -10.17 19.82
C SER A 39 22.29 -10.23 21.29
N VAL A 40 21.94 -11.34 21.95
CA VAL A 40 22.06 -11.43 23.40
C VAL A 40 23.04 -12.54 23.74
N GLU A 41 23.92 -12.25 24.70
CA GLU A 41 25.03 -13.12 25.03
C GLU A 41 24.91 -13.59 26.47
N VAL A 42 24.86 -14.92 26.65
CA VAL A 42 24.82 -15.57 27.96
C VAL A 42 25.78 -16.76 27.94
N ASN A 43 26.63 -16.87 28.96
CA ASN A 43 27.63 -17.93 29.10
C ASN A 43 28.54 -18.10 27.86
N GLY A 44 28.52 -17.16 26.91
CA GLY A 44 29.35 -17.25 25.72
C GLY A 44 28.57 -17.67 24.49
N GLN A 45 27.25 -17.83 24.64
CA GLN A 45 26.37 -18.16 23.54
C GLN A 45 25.63 -16.89 23.17
N VAL A 46 25.62 -16.55 21.89
CA VAL A 46 25.02 -15.33 21.40
C VAL A 46 23.92 -15.69 20.42
N PHE A 47 22.76 -15.04 20.58
CA PHE A 47 21.62 -15.30 19.72
C PHE A 47 21.07 -13.99 19.19
N GLU A 48 20.78 -13.96 17.88
CA GLU A 48 20.50 -12.72 17.17
C GLU A 48 19.04 -12.63 16.72
N GLY A 49 18.45 -11.46 16.93
CA GLY A 49 17.08 -11.17 16.51
C GLY A 49 17.06 -9.85 15.75
N SER A 50 16.33 -9.82 14.63
CA SER A 50 16.33 -8.67 13.73
C SER A 50 14.92 -8.17 13.48
N GLY A 51 14.59 -7.02 14.03
CA GLY A 51 13.27 -6.44 13.89
C GLY A 51 13.30 -4.93 13.73
N PRO A 52 12.23 -4.35 13.21
CA PRO A 52 12.05 -2.91 13.19
C PRO A 52 11.82 -2.46 14.63
N THR A 53 12.50 -1.37 15.02
CA THR A 53 12.53 -0.93 16.41
C THR A 53 13.19 -1.99 17.30
N LYS A 54 14.10 -1.54 18.17
CA LYS A 54 14.94 -2.44 18.96
C LYS A 54 14.18 -3.30 19.98
N LYS A 55 12.94 -2.94 20.34
CA LYS A 55 12.18 -3.70 21.33
C LYS A 55 12.06 -5.17 20.92
N LYS A 56 11.33 -5.42 19.83
CA LYS A 56 11.07 -6.75 19.33
C LYS A 56 12.36 -7.54 19.08
N ALA A 57 13.39 -6.87 18.55
CA ALA A 57 14.66 -7.51 18.29
C ALA A 57 15.22 -8.16 19.56
N LYS A 58 15.41 -7.36 20.63
CA LYS A 58 15.95 -7.89 21.87
C LYS A 58 15.05 -8.98 22.43
N LEU A 59 13.74 -8.81 22.29
CA LEU A 59 12.73 -9.75 22.74
C LEU A 59 12.98 -11.14 22.14
N HIS A 60 12.96 -11.20 20.80
CA HIS A 60 13.20 -12.44 20.08
C HIS A 60 14.55 -13.04 20.47
N ALA A 61 15.58 -12.21 20.54
CA ALA A 61 16.89 -12.66 20.97
C ALA A 61 16.83 -13.32 22.34
N ALA A 62 16.19 -12.66 23.31
CA ALA A 62 16.04 -13.16 24.65
C ALA A 62 15.39 -14.54 24.68
N GLU A 63 14.29 -14.69 23.93
CA GLU A 63 13.58 -15.96 23.78
C GLU A 63 14.51 -17.07 23.30
N LYS A 64 15.21 -16.78 22.19
CA LYS A 64 16.16 -17.74 21.61
C LYS A 64 17.20 -18.13 22.64
N ALA A 65 17.94 -17.14 23.15
CA ALA A 65 18.98 -17.40 24.13
C ALA A 65 18.45 -18.12 25.36
N LEU A 66 17.24 -17.79 25.82
CA LEU A 66 16.62 -18.49 26.95
C LEU A 66 16.58 -19.97 26.61
N ARG A 67 15.80 -20.34 25.59
CA ARG A 67 15.61 -21.75 25.27
C ARG A 67 16.91 -22.43 24.90
N SER A 68 17.91 -21.66 24.50
CA SER A 68 19.22 -22.21 24.19
C SER A 68 20.02 -22.47 25.46
N PHE A 69 20.42 -21.40 26.14
CA PHE A 69 21.30 -21.48 27.30
C PHE A 69 20.67 -22.21 28.49
N VAL A 70 19.34 -22.44 28.55
CA VAL A 70 18.80 -23.29 29.62
C VAL A 70 19.48 -24.66 29.66
N GLN A 71 20.21 -25.02 28.59
CA GLN A 71 20.96 -26.28 28.55
C GLN A 71 22.34 -26.11 29.20
N PHE A 72 22.77 -24.86 29.41
CA PHE A 72 24.07 -24.54 30.00
C PHE A 72 24.00 -23.24 30.82
N PRO A 73 23.20 -23.22 31.90
CA PRO A 73 23.06 -22.06 32.77
C PRO A 73 24.34 -21.81 33.57
N ASN A 74 24.94 -22.89 34.08
CA ASN A 74 26.21 -22.83 34.81
C ASN A 74 26.71 -24.25 35.12
N ALA A 75 25.79 -25.23 35.08
CA ALA A 75 26.09 -26.62 35.37
C ALA A 75 25.11 -27.56 34.65
N SER A 76 25.25 -28.86 34.90
CA SER A 76 24.44 -29.94 34.31
C SER A 76 22.98 -29.93 34.76
N GLU A 77 22.47 -28.81 35.26
CA GLU A 77 21.10 -28.70 35.76
C GLU A 77 20.06 -29.04 34.69
N ALA A 78 20.47 -29.08 33.42
CA ALA A 78 19.57 -29.42 32.31
C ALA A 78 19.08 -30.87 32.40
N HIS A 79 19.75 -31.70 33.21
CA HIS A 79 19.37 -33.09 33.44
C HIS A 79 18.14 -33.19 34.36
N LEU A 80 17.62 -32.05 34.81
CA LEU A 80 16.51 -31.97 35.75
C LEU A 80 15.48 -30.97 35.22
N ALA A 81 15.49 -30.70 33.92
CA ALA A 81 14.61 -29.76 33.27
C ALA A 81 14.25 -30.23 31.86
N MET A 82 13.45 -29.43 31.13
CA MET A 82 13.07 -29.75 29.76
C MET A 82 14.28 -29.91 28.84
N GLY A 83 14.06 -30.48 27.66
CA GLY A 83 15.11 -30.75 26.69
C GLY A 83 14.53 -31.21 25.35
N ARG A 84 15.42 -31.62 24.43
CA ARG A 84 15.03 -32.07 23.08
C ARG A 84 14.03 -33.22 23.11
N THR A 85 13.30 -33.37 22.00
CA THR A 85 12.32 -34.46 21.80
C THR A 85 12.27 -34.80 20.32
N LEU A 86 11.91 -36.04 19.98
CA LEU A 86 11.80 -36.46 18.58
C LEU A 86 10.79 -37.58 18.46
N SER A 87 9.94 -37.54 17.44
CA SER A 87 8.95 -38.59 17.19
C SER A 87 8.54 -38.63 15.72
N VAL A 88 9.21 -37.85 14.86
CA VAL A 88 8.86 -37.77 13.44
C VAL A 88 8.96 -39.14 12.79
N ASN A 89 8.03 -39.43 11.88
CA ASN A 89 7.99 -40.69 11.14
C ASN A 89 7.35 -40.49 9.76
N THR A 90 7.28 -39.23 9.29
CA THR A 90 6.66 -38.84 8.04
C THR A 90 7.47 -37.77 7.34
N ASP A 91 6.99 -37.33 6.17
CA ASP A 91 7.64 -36.30 5.37
C ASP A 91 6.58 -35.44 4.67
N PHE A 92 7.00 -34.31 4.09
CA PHE A 92 6.09 -33.40 3.42
C PHE A 92 5.38 -34.09 2.25
N THR A 93 4.24 -33.52 1.83
CA THR A 93 3.42 -34.05 0.75
C THR A 93 4.07 -33.82 -0.62
N SER A 94 3.49 -34.44 -1.66
CA SER A 94 3.96 -34.31 -3.03
C SER A 94 3.50 -33.00 -3.68
N ASP A 95 2.95 -32.08 -2.87
CA ASP A 95 2.46 -30.78 -3.32
C ASP A 95 3.59 -29.94 -3.95
N GLN A 96 3.22 -28.85 -4.61
CA GLN A 96 4.17 -27.97 -5.32
C GLN A 96 3.65 -26.53 -5.21
N ALA A 97 4.56 -25.56 -5.28
CA ALA A 97 4.24 -24.15 -5.10
C ALA A 97 5.11 -23.23 -5.95
N ASP A 98 5.79 -23.77 -6.96
CA ASP A 98 6.63 -22.99 -7.86
C ASP A 98 6.51 -23.54 -9.28
N PHE A 99 6.54 -22.64 -10.26
CA PHE A 99 6.36 -23.00 -11.67
C PHE A 99 6.97 -21.91 -12.56
N PRO A 100 7.17 -22.21 -13.85
CA PRO A 100 7.72 -21.29 -14.84
C PRO A 100 7.04 -19.92 -14.91
N ASP A 101 7.63 -19.02 -15.71
CA ASP A 101 7.17 -17.65 -15.86
C ASP A 101 7.03 -17.29 -17.34
N THR A 102 6.99 -18.32 -18.20
CA THR A 102 6.85 -18.17 -19.63
C THR A 102 5.75 -19.11 -20.15
N LEU A 103 4.92 -19.62 -19.24
CA LEU A 103 3.83 -20.53 -19.56
C LEU A 103 2.70 -20.33 -18.55
N PHE A 104 1.52 -20.86 -18.85
CA PHE A 104 0.35 -20.69 -18.01
C PHE A 104 -0.59 -21.89 -18.10
N ASN A 105 -1.55 -21.96 -17.17
CA ASN A 105 -2.54 -23.02 -17.16
C ASN A 105 -3.85 -22.59 -16.52
N GLY A 106 -3.87 -21.48 -15.78
CA GLY A 106 -5.06 -21.02 -15.08
C GLY A 106 -4.75 -20.12 -13.89
N PHE A 107 -3.45 -19.90 -13.61
CA PHE A 107 -2.98 -19.05 -12.52
C PHE A 107 -3.23 -17.56 -12.79
N GLU A 108 -4.21 -17.22 -13.65
CA GLU A 108 -4.46 -15.86 -14.11
C GLU A 108 -3.26 -15.26 -14.85
N THR A 109 -2.22 -16.06 -15.10
CA THR A 109 -1.05 -15.67 -15.87
C THR A 109 -1.22 -15.67 -17.40
N PRO A 110 -2.28 -16.28 -18.00
CA PRO A 110 -2.50 -16.26 -19.45
C PRO A 110 -2.47 -14.86 -20.10
N ASP A 111 -2.56 -13.80 -19.30
CA ASP A 111 -2.51 -12.43 -19.82
C ASP A 111 -1.19 -12.16 -20.53
N LYS A 112 -1.26 -11.74 -21.81
CA LYS A 112 -0.09 -11.46 -22.63
C LYS A 112 -0.46 -10.54 -23.80
N SER A 113 0.56 -10.12 -24.56
CA SER A 113 0.40 -9.30 -25.75
C SER A 113 1.47 -9.70 -26.77
N GLU A 114 1.20 -9.44 -28.05
CA GLU A 114 2.11 -9.82 -29.14
C GLU A 114 2.01 -8.82 -30.28
N PRO A 115 3.05 -8.72 -31.11
CA PRO A 115 3.08 -7.84 -32.26
C PRO A 115 2.15 -8.38 -33.36
N PRO A 116 1.85 -7.54 -34.38
CA PRO A 116 1.03 -7.92 -35.52
C PRO A 116 1.77 -8.90 -36.43
N PHE A 117 1.09 -9.36 -37.49
CA PHE A 117 1.65 -10.34 -38.41
C PHE A 117 1.19 -10.04 -39.85
N TYR A 118 0.79 -8.78 -40.10
CA TYR A 118 0.28 -8.39 -41.42
C TYR A 118 0.82 -7.00 -41.79
N VAL A 119 0.58 -6.60 -43.03
CA VAL A 119 1.09 -5.34 -43.57
C VAL A 119 0.06 -4.70 -44.50
N GLY A 120 0.35 -3.48 -44.97
CA GLY A 120 -0.52 -2.77 -45.89
C GLY A 120 0.10 -1.46 -46.36
N SER A 121 1.14 -0.98 -45.67
CA SER A 121 1.89 0.21 -46.05
C SER A 121 3.29 0.14 -45.45
N ASN A 122 4.27 0.79 -46.09
CA ASN A 122 5.65 0.80 -45.61
C ASN A 122 6.40 2.02 -46.13
N GLY A 123 5.77 2.85 -46.97
CA GLY A 123 6.40 4.02 -47.54
C GLY A 123 5.47 4.73 -48.53
N ASP A 124 4.15 4.61 -48.32
CA ASP A 124 3.15 5.14 -49.24
C ASP A 124 1.95 5.73 -48.49
N ASP A 125 2.07 5.89 -47.17
CA ASP A 125 1.04 6.52 -46.35
C ASP A 125 0.93 8.02 -46.67
N SER A 126 0.02 8.71 -45.98
CA SER A 126 -0.23 10.13 -46.18
C SER A 126 -0.54 10.83 -44.86
N PHE A 127 -0.01 10.30 -43.75
CA PHE A 127 -0.29 10.82 -42.41
C PHE A 127 0.96 11.42 -41.75
N SER A 128 2.07 11.49 -42.48
CA SER A 128 3.31 12.09 -41.99
C SER A 128 4.14 12.63 -43.15
N SER A 129 5.21 13.35 -42.81
CA SER A 129 6.11 13.98 -43.78
C SER A 129 7.54 13.99 -43.22
N SER A 130 8.47 14.59 -43.97
CA SER A 130 9.88 14.62 -43.58
C SER A 130 10.56 15.90 -44.09
N GLY A 131 11.86 16.00 -43.81
CA GLY A 131 12.69 17.13 -44.23
C GLY A 131 13.54 16.77 -45.44
N ASP A 132 13.08 15.79 -46.21
CA ASP A 132 13.79 15.26 -47.37
C ASP A 132 12.82 15.07 -48.54
N VAL A 133 11.73 15.83 -48.56
CA VAL A 133 10.69 15.72 -49.57
C VAL A 133 10.26 17.11 -50.03
N SER A 134 11.11 18.11 -49.79
CA SER A 134 10.87 19.50 -50.18
C SER A 134 9.53 20.03 -49.68
N LEU A 135 9.09 19.53 -48.52
CA LEU A 135 7.82 19.95 -47.90
C LEU A 135 7.77 21.48 -47.77
N SER A 136 6.57 22.05 -47.94
CA SER A 136 6.34 23.48 -47.82
C SER A 136 6.61 23.98 -46.39
N ALA A 137 6.63 25.29 -46.20
CA ALA A 137 6.85 25.91 -44.91
C ALA A 137 6.15 27.26 -44.83
N SER A 138 6.09 27.84 -43.62
CA SER A 138 5.43 29.11 -43.37
C SER A 138 6.09 29.83 -42.20
N PRO A 139 5.94 31.15 -42.10
CA PRO A 139 6.53 31.94 -41.04
C PRO A 139 5.90 31.60 -39.68
N VAL A 140 6.59 31.94 -38.61
CA VAL A 140 6.19 31.62 -37.24
C VAL A 140 6.59 32.75 -36.29
N PRO A 141 5.98 32.82 -35.10
CA PRO A 141 6.35 33.80 -34.08
C PRO A 141 7.75 33.50 -33.53
N ALA A 142 8.30 34.42 -32.73
CA ALA A 142 9.63 34.28 -32.17
C ALA A 142 9.72 34.92 -30.79
N SER A 143 10.83 34.69 -30.10
CA SER A 143 11.04 35.19 -28.75
C SER A 143 12.54 35.40 -28.49
N LEU A 144 12.90 35.72 -27.25
CA LEU A 144 14.28 36.01 -26.86
C LEU A 144 14.63 35.35 -25.52
N THR A 145 15.86 35.58 -25.04
CA THR A 145 16.37 34.95 -23.83
C THR A 145 17.12 35.97 -22.95
N GLN A 146 16.88 37.26 -23.18
CA GLN A 146 17.55 38.33 -22.45
C GLN A 146 16.58 39.47 -22.10
N PRO A 147 15.33 39.19 -21.71
CA PRO A 147 14.35 40.22 -21.37
C PRO A 147 14.73 40.87 -20.03
N PRO A 148 14.12 42.00 -19.68
CA PRO A 148 14.33 42.68 -18.42
C PRO A 148 13.74 41.84 -17.28
N LEU A 149 14.11 42.16 -16.03
CA LEU A 149 13.66 41.41 -14.87
C LEU A 149 12.14 41.50 -14.74
N PRO A 150 11.49 40.45 -14.22
CA PRO A 150 10.05 40.40 -14.03
C PRO A 150 9.64 41.20 -12.80
N ILE A 151 8.33 41.38 -12.62
CA ILE A 151 7.74 42.13 -11.52
C ILE A 151 6.49 41.37 -11.04
N PRO A 152 6.34 41.14 -9.73
CA PRO A 152 5.19 40.47 -9.15
C PRO A 152 3.87 41.07 -9.60
N PRO A 153 2.80 40.26 -9.60
CA PRO A 153 1.47 40.67 -9.99
C PRO A 153 0.86 41.62 -8.94
N PRO A 154 -0.11 42.47 -9.35
CA PRO A 154 -0.79 43.42 -8.47
C PRO A 154 -1.51 42.77 -7.29
N PHE A 155 -1.68 41.44 -7.32
CA PHE A 155 -2.39 40.71 -6.28
C PHE A 155 -1.91 39.26 -6.24
N PRO A 156 -2.03 38.59 -5.09
CA PRO A 156 -1.63 37.20 -4.92
C PRO A 156 -2.58 36.26 -5.68
N PRO A 157 -2.11 35.06 -6.03
CA PRO A 157 -2.88 34.09 -6.78
C PRO A 157 -3.99 33.48 -5.92
N PRO A 158 -5.03 32.93 -6.55
CA PRO A 158 -6.16 32.27 -5.92
C PRO A 158 -5.84 30.84 -5.50
N SER A 159 -4.56 30.47 -5.55
CA SER A 159 -4.11 29.11 -5.24
C SER A 159 -4.42 28.71 -3.80
N GLY A 160 -4.23 27.42 -3.50
CA GLY A 160 -4.49 26.84 -2.19
C GLY A 160 -3.95 25.42 -2.10
N LYS A 161 -4.21 24.73 -0.98
CA LYS A 161 -3.75 23.37 -0.78
C LYS A 161 -4.50 22.38 -1.68
N ASN A 162 -5.59 22.82 -2.32
CA ASN A 162 -6.44 21.99 -3.17
C ASN A 162 -7.05 20.82 -2.38
N PRO A 163 -8.03 20.09 -2.93
CA PRO A 163 -8.72 19.06 -2.18
C PRO A 163 -7.85 17.82 -2.01
N VAL A 164 -6.73 17.74 -2.74
CA VAL A 164 -5.79 16.63 -2.64
C VAL A 164 -5.21 16.55 -1.24
N MET A 165 -4.93 17.69 -0.60
CA MET A 165 -4.26 17.68 0.68
C MET A 165 -5.25 17.50 1.83
N ILE A 166 -6.41 18.17 1.78
CA ILE A 166 -7.39 18.02 2.84
C ILE A 166 -7.81 16.55 2.92
N LEU A 167 -7.91 15.86 1.78
CA LEU A 167 -8.16 14.44 1.81
C LEU A 167 -6.94 13.75 2.43
N ASN A 168 -5.76 14.01 1.87
CA ASN A 168 -4.50 13.41 2.26
C ASN A 168 -3.99 13.92 3.62
N GLU A 169 -4.86 14.54 4.42
CA GLU A 169 -4.51 14.95 5.77
C GLU A 169 -5.67 14.70 6.75
N LEU A 170 -6.88 14.37 6.28
CA LEU A 170 -8.01 14.04 7.15
C LEU A 170 -8.15 12.54 7.28
N ARG A 171 -8.02 11.82 6.17
CA ARG A 171 -8.14 10.37 6.13
C ARG A 171 -7.32 9.82 4.96
N PRO A 172 -5.99 9.82 5.08
CA PRO A 172 -5.08 9.20 4.10
C PRO A 172 -5.36 7.70 3.96
N GLY A 173 -4.58 7.01 3.14
CA GLY A 173 -4.77 5.58 2.94
C GLY A 173 -5.23 5.22 1.52
N LEU A 174 -4.83 5.99 0.52
CA LEU A 174 -5.28 5.82 -0.85
C LEU A 174 -4.10 5.75 -1.80
N LYS A 175 -4.42 5.71 -3.09
CA LYS A 175 -3.43 5.68 -4.16
C LYS A 175 -4.04 6.41 -5.35
N TYR A 176 -3.22 6.91 -6.26
CA TYR A 176 -3.71 7.63 -7.43
C TYR A 176 -3.04 7.07 -8.67
N ASP A 177 -3.73 7.18 -9.80
CA ASP A 177 -3.18 6.81 -11.08
C ASP A 177 -3.44 7.90 -12.11
N PHE A 178 -2.74 7.85 -13.24
CA PHE A 178 -2.87 8.86 -14.28
C PHE A 178 -3.30 8.19 -15.57
N LEU A 179 -4.18 8.86 -16.31
CA LEU A 179 -4.79 8.30 -17.49
C LEU A 179 -4.61 9.25 -18.67
N SER A 180 -4.72 8.64 -19.86
CA SER A 180 -4.36 9.19 -21.16
C SER A 180 -4.83 10.62 -21.44
N GLU A 181 -4.28 11.17 -22.53
CA GLU A 181 -4.53 12.55 -22.92
C GLU A 181 -4.89 12.66 -24.40
N SER A 182 -5.37 13.83 -24.79
CA SER A 182 -5.74 14.12 -26.17
C SER A 182 -5.84 15.64 -26.37
N GLY A 183 -5.84 16.08 -27.62
CA GLY A 183 -6.00 17.48 -27.96
C GLY A 183 -4.75 18.07 -28.61
N GLU A 184 -4.86 19.33 -29.04
CA GLU A 184 -3.74 20.07 -29.60
C GLU A 184 -2.82 20.55 -28.48
N SER A 185 -1.64 21.02 -28.83
CA SER A 185 -0.64 21.49 -27.87
C SER A 185 -1.13 22.69 -27.06
N HIS A 186 -2.29 23.26 -27.40
CA HIS A 186 -2.81 24.43 -26.73
C HIS A 186 -4.27 24.23 -26.34
N ALA A 187 -4.73 22.98 -26.40
CA ALA A 187 -6.09 22.62 -26.02
C ALA A 187 -6.08 21.22 -25.43
N LYS A 188 -4.90 20.80 -24.99
CA LYS A 188 -4.64 19.48 -24.43
C LYS A 188 -5.52 19.21 -23.21
N SER A 189 -5.72 17.92 -22.89
CA SER A 189 -6.46 17.48 -21.73
C SER A 189 -5.84 16.19 -21.18
N PHE A 190 -6.06 15.93 -19.89
CA PHE A 190 -5.49 14.79 -19.21
C PHE A 190 -6.49 14.28 -18.19
N VAL A 191 -6.22 13.12 -17.57
CA VAL A 191 -7.10 12.62 -16.51
C VAL A 191 -6.30 11.85 -15.44
N MET A 192 -6.90 11.76 -14.24
CA MET A 192 -6.34 11.00 -13.14
C MET A 192 -7.44 10.08 -12.62
N SER A 193 -7.04 9.00 -11.96
CA SER A 193 -7.96 8.18 -11.19
C SER A 193 -7.39 7.94 -9.80
N VAL A 194 -8.18 7.33 -8.93
CA VAL A 194 -7.79 7.11 -7.56
C VAL A 194 -8.46 5.85 -7.03
N VAL A 195 -7.91 5.28 -5.97
CA VAL A 195 -8.54 4.19 -5.25
C VAL A 195 -8.38 4.48 -3.77
N VAL A 196 -9.48 4.46 -3.03
CA VAL A 196 -9.47 4.80 -1.62
C VAL A 196 -10.53 3.98 -0.90
N ASP A 197 -10.15 3.39 0.26
CA ASP A 197 -11.04 2.51 1.01
C ASP A 197 -11.60 1.34 0.17
N GLY A 198 -11.19 1.25 -1.10
CA GLY A 198 -11.64 0.19 -2.00
C GLY A 198 -12.51 0.76 -3.12
N GLN A 199 -12.99 2.00 -2.94
CA GLN A 199 -13.76 2.71 -3.94
C GLN A 199 -12.85 3.18 -5.06
N PHE A 200 -13.43 3.73 -6.13
CA PHE A 200 -12.65 4.18 -7.27
C PHE A 200 -13.21 5.52 -7.77
N PHE A 201 -12.30 6.42 -8.12
CA PHE A 201 -12.68 7.73 -8.65
C PHE A 201 -11.83 8.12 -9.87
N GLU A 202 -12.31 9.10 -10.63
CA GLU A 202 -11.61 9.57 -11.81
C GLU A 202 -11.91 11.06 -12.00
N GLY A 203 -11.07 11.78 -12.75
CA GLY A 203 -11.28 13.20 -13.00
C GLY A 203 -10.32 13.72 -14.07
N SER A 204 -10.89 14.41 -15.06
CA SER A 204 -10.10 14.96 -16.15
C SER A 204 -9.83 16.45 -15.92
N GLY A 205 -9.04 17.07 -16.80
CA GLY A 205 -8.68 18.46 -16.65
C GLY A 205 -7.75 18.91 -17.78
N ARG A 206 -7.48 20.22 -17.83
CA ARG A 206 -6.63 20.79 -18.87
C ARG A 206 -5.15 20.60 -18.57
N ASN A 207 -4.83 20.29 -17.31
CA ASN A 207 -3.47 20.07 -16.86
C ASN A 207 -3.52 19.04 -15.72
N LYS A 208 -2.38 18.45 -15.37
CA LYS A 208 -2.32 17.36 -14.39
C LYS A 208 -2.80 17.78 -13.00
N LYS A 209 -2.61 19.05 -12.61
CA LYS A 209 -2.99 19.51 -11.28
C LYS A 209 -4.51 19.64 -11.19
N LEU A 210 -5.14 20.08 -12.29
CA LEU A 210 -6.57 20.29 -12.38
C LEU A 210 -7.29 18.93 -12.40
N ALA A 211 -6.71 17.96 -13.12
CA ALA A 211 -7.25 16.60 -13.19
C ALA A 211 -7.24 15.92 -11.82
N LYS A 212 -6.15 16.04 -11.06
CA LYS A 212 -6.08 15.45 -9.72
C LYS A 212 -6.98 16.18 -8.75
N ALA A 213 -7.15 17.49 -8.91
CA ALA A 213 -8.02 18.24 -8.03
C ALA A 213 -9.48 17.81 -8.21
N ARG A 214 -9.86 17.35 -9.40
CA ARG A 214 -11.20 16.86 -9.66
C ARG A 214 -11.38 15.43 -9.14
N ALA A 215 -10.50 14.52 -9.52
CA ALA A 215 -10.54 13.14 -9.05
C ALA A 215 -10.44 13.06 -7.53
N ALA A 216 -9.67 13.96 -6.91
CA ALA A 216 -9.50 13.98 -5.47
C ALA A 216 -10.75 14.53 -4.80
N GLN A 217 -11.17 15.74 -5.20
CA GLN A 217 -12.48 16.28 -4.83
C GLN A 217 -13.58 15.23 -4.86
N SER A 218 -13.63 14.34 -5.86
CA SER A 218 -14.66 13.30 -5.88
C SER A 218 -14.39 12.26 -4.81
N ALA A 219 -13.13 11.86 -4.64
CA ALA A 219 -12.75 10.88 -3.65
C ALA A 219 -13.09 11.36 -2.23
N LEU A 220 -12.74 12.61 -1.93
CA LEU A 220 -13.01 13.22 -0.64
C LEU A 220 -14.51 13.20 -0.36
N ALA A 221 -15.31 13.81 -1.24
CA ALA A 221 -16.74 13.96 -1.01
C ALA A 221 -17.38 12.60 -0.68
N THR A 222 -17.19 11.59 -1.51
CA THR A 222 -17.84 10.30 -1.31
C THR A 222 -17.34 9.55 -0.09
N VAL A 223 -16.03 9.53 0.18
CA VAL A 223 -15.46 8.72 1.25
C VAL A 223 -15.60 9.42 2.60
N PHE A 224 -15.71 10.75 2.60
CA PHE A 224 -15.79 11.52 3.83
C PHE A 224 -17.25 11.82 4.16
N ASN A 225 -18.20 11.36 3.31
CA ASN A 225 -19.62 11.62 3.49
C ASN A 225 -19.92 13.13 3.48
N LEU A 226 -19.20 13.89 2.66
CA LEU A 226 -19.28 15.35 2.59
C LEU A 226 -19.25 15.83 1.14
N HIS A 227 -19.05 17.12 0.92
CA HIS A 227 -18.95 17.71 -0.41
C HIS A 227 -17.99 18.89 -0.39
N LEU A 228 -17.88 19.64 -1.49
CA LEU A 228 -16.92 20.73 -1.60
C LEU A 228 -17.51 21.98 -2.27
N LEU A 229 -18.77 21.94 -2.71
CA LEU A 229 -19.39 23.08 -3.40
C LEU A 229 -20.88 23.18 -3.12
N GLU A 230 -21.45 22.21 -2.41
CA GLU A 230 -22.88 22.18 -2.09
C GLU A 230 -23.13 21.81 -0.63
N HIS A 231 -22.06 21.69 0.18
CA HIS A 231 -22.16 21.42 1.59
C HIS A 231 -20.97 21.99 2.36
N HIS A 232 -20.13 22.76 1.67
CA HIS A 232 -18.93 23.34 2.24
C HIS A 232 -18.55 24.58 1.44
N HIS A 233 -17.68 25.41 1.99
CA HIS A 233 -17.29 26.68 1.39
C HIS A 233 -15.81 27.01 1.72
N HIS A 234 -15.24 27.96 0.98
CA HIS A 234 -13.85 28.34 1.15
C HIS A 234 -13.64 29.84 0.82
N HIS A 235 -14.73 30.56 0.57
CA HIS A 235 -14.68 31.96 0.19
C HIS A 235 -15.89 32.73 0.75
N HIS A 236 -16.63 32.08 1.66
CA HIS A 236 -17.85 32.65 2.25
C HIS A 236 -18.03 32.11 3.66
N PRO A 1 -4.08 -18.03 19.09
CA PRO A 1 -3.32 -16.77 19.12
C PRO A 1 -3.55 -15.96 20.40
N GLY A 2 -2.96 -14.77 20.45
CA GLY A 2 -3.04 -13.90 21.61
C GLY A 2 -2.27 -12.60 21.36
N PRO A 3 -2.13 -11.74 22.38
CA PRO A 3 -1.44 -10.47 22.28
C PRO A 3 0.09 -10.65 22.19
N VAL A 4 0.57 -11.88 22.35
CA VAL A 4 1.97 -12.26 22.28
C VAL A 4 2.89 -11.28 23.02
N LEU A 5 2.39 -10.72 24.12
CA LEU A 5 3.13 -9.74 24.92
C LEU A 5 4.54 -10.23 25.27
N PRO A 6 5.51 -9.31 25.33
CA PRO A 6 6.90 -9.66 25.62
C PRO A 6 7.15 -9.89 27.10
N LYS A 7 6.20 -9.49 27.94
CA LYS A 7 6.34 -9.53 29.40
C LYS A 7 6.92 -10.86 29.86
N ASN A 8 6.39 -11.96 29.31
CA ASN A 8 6.85 -13.31 29.61
C ASN A 8 8.34 -13.48 29.39
N ALA A 9 8.81 -13.30 28.15
CA ALA A 9 10.24 -13.42 27.83
C ALA A 9 11.09 -12.46 28.67
N LEU A 10 10.52 -11.30 29.00
CA LEU A 10 11.24 -10.25 29.70
C LEU A 10 11.54 -10.69 31.13
N MET A 11 10.49 -11.06 31.89
CA MET A 11 10.66 -11.51 33.25
C MET A 11 11.49 -12.79 33.33
N GLN A 12 11.18 -13.76 32.46
CA GLN A 12 11.88 -15.02 32.44
C GLN A 12 13.38 -14.78 32.28
N LEU A 13 13.78 -14.04 31.24
CA LEU A 13 15.17 -13.71 31.05
C LEU A 13 15.73 -13.02 32.29
N ASN A 14 14.99 -12.03 32.81
CA ASN A 14 15.45 -11.27 33.98
C ASN A 14 15.79 -12.20 35.13
N GLU A 15 15.02 -13.27 35.30
CA GLU A 15 15.25 -14.27 36.32
C GLU A 15 16.48 -15.13 36.03
N ILE A 16 16.55 -15.73 34.83
CA ILE A 16 17.63 -16.67 34.53
C ILE A 16 19.01 -16.04 34.35
N LYS A 17 19.10 -14.82 33.81
CA LYS A 17 20.39 -14.24 33.46
C LYS A 17 21.29 -14.02 34.68
N PRO A 18 22.61 -14.18 34.52
CA PRO A 18 23.59 -13.94 35.57
C PRO A 18 24.15 -12.51 35.56
N GLY A 19 23.99 -11.78 34.44
CA GLY A 19 24.64 -10.48 34.26
C GLY A 19 24.97 -10.29 32.77
N LEU A 20 24.01 -10.64 31.92
CA LEU A 20 24.16 -10.76 30.47
C LEU A 20 24.54 -9.48 29.73
N GLN A 21 24.64 -9.58 28.40
CA GLN A 21 24.97 -8.44 27.55
C GLN A 21 24.06 -8.38 26.33
N TYR A 22 23.56 -7.18 25.99
CA TYR A 22 22.82 -6.96 24.76
C TYR A 22 23.71 -6.13 23.83
N MET A 23 23.76 -6.51 22.55
CA MET A 23 24.53 -5.77 21.56
C MET A 23 23.74 -5.71 20.26
N LEU A 24 23.83 -4.60 19.51
CA LEU A 24 23.03 -4.44 18.31
C LEU A 24 23.82 -4.64 17.02
N LEU A 25 23.18 -5.37 16.10
CA LEU A 25 23.68 -5.51 14.75
C LEU A 25 22.69 -4.89 13.75
N SER A 26 23.05 -4.93 12.48
CA SER A 26 22.38 -4.20 11.41
C SER A 26 22.17 -2.75 11.84
N GLN A 27 20.90 -2.36 11.84
CA GLN A 27 20.41 -1.07 12.18
C GLN A 27 20.66 -0.14 11.01
N THR A 28 19.96 -0.42 9.92
CA THR A 28 20.19 0.23 8.64
C THR A 28 18.99 -0.03 7.73
N GLY A 29 18.85 0.79 6.68
CA GLY A 29 17.71 0.74 5.79
C GLY A 29 17.25 2.18 5.53
N PRO A 30 15.98 2.39 5.16
CA PRO A 30 15.40 3.71 5.08
C PRO A 30 15.18 4.23 6.49
N VAL A 31 15.02 5.55 6.62
CA VAL A 31 14.87 6.24 7.90
C VAL A 31 13.43 6.13 8.42
N HIS A 32 12.62 5.23 7.84
CA HIS A 32 11.24 5.03 8.25
C HIS A 32 10.88 3.54 8.28
N ALA A 33 11.80 2.66 7.89
CA ALA A 33 11.63 1.23 8.07
C ALA A 33 12.99 0.59 8.36
N PRO A 34 13.63 1.03 9.47
CA PRO A 34 14.95 0.57 9.88
C PRO A 34 14.89 -0.83 10.45
N LEU A 35 15.88 -1.67 10.11
CA LEU A 35 15.94 -3.02 10.64
C LEU A 35 17.04 -3.14 11.70
N PHE A 36 16.66 -3.63 12.89
CA PHE A 36 17.58 -3.82 13.99
C PHE A 36 17.74 -5.31 14.21
N VAL A 37 18.96 -5.79 14.48
CA VAL A 37 19.09 -7.18 14.87
C VAL A 37 19.90 -7.27 16.15
N MET A 38 19.19 -7.46 17.24
CA MET A 38 19.79 -7.41 18.56
C MET A 38 20.23 -8.81 18.89
N SER A 39 21.44 -8.94 19.42
CA SER A 39 21.94 -10.24 19.80
C SER A 39 22.29 -10.18 21.27
N VAL A 40 21.86 -11.19 22.01
CA VAL A 40 22.01 -11.22 23.45
C VAL A 40 22.95 -12.34 23.82
N GLU A 41 23.88 -12.03 24.72
CA GLU A 41 24.92 -12.96 25.12
C GLU A 41 24.85 -13.28 26.60
N VAL A 42 24.77 -14.59 26.91
CA VAL A 42 24.75 -15.14 28.25
C VAL A 42 25.69 -16.34 28.31
N ASN A 43 26.54 -16.43 29.34
CA ASN A 43 27.48 -17.53 29.54
C ASN A 43 28.34 -17.85 28.29
N GLY A 44 28.46 -16.90 27.34
CA GLY A 44 29.25 -17.11 26.14
C GLY A 44 28.44 -17.58 24.95
N GLN A 45 27.13 -17.72 25.12
CA GLN A 45 26.22 -18.09 24.07
C GLN A 45 25.48 -16.84 23.65
N VAL A 46 25.41 -16.59 22.34
CA VAL A 46 24.82 -15.39 21.81
C VAL A 46 23.77 -15.72 20.76
N PHE A 47 22.62 -15.04 20.83
CA PHE A 47 21.49 -15.33 19.95
C PHE A 47 20.93 -14.03 19.39
N GLU A 48 20.62 -14.04 18.08
CA GLU A 48 20.32 -12.82 17.35
C GLU A 48 18.86 -12.79 16.91
N GLY A 49 18.21 -11.61 17.06
CA GLY A 49 16.81 -11.45 16.70
C GLY A 49 16.58 -10.15 15.92
N SER A 50 15.79 -10.23 14.84
CA SER A 50 15.54 -9.10 13.94
C SER A 50 14.15 -8.52 14.16
N GLY A 51 14.06 -7.19 14.19
CA GLY A 51 12.80 -6.51 14.39
C GLY A 51 12.92 -5.03 14.03
N PRO A 52 11.79 -4.37 13.74
CA PRO A 52 11.74 -2.93 13.64
C PRO A 52 11.87 -2.38 15.05
N THR A 53 12.71 -1.34 15.22
CA THR A 53 13.03 -0.79 16.53
C THR A 53 13.56 -1.86 17.50
N LYS A 54 14.10 -1.42 18.65
CA LYS A 54 14.83 -2.29 19.56
C LYS A 54 13.95 -3.31 20.28
N LYS A 55 12.64 -3.05 20.42
CA LYS A 55 11.78 -3.87 21.27
C LYS A 55 11.78 -5.33 20.83
N LYS A 56 11.14 -5.60 19.70
CA LYS A 56 10.98 -6.94 19.16
C LYS A 56 12.34 -7.64 18.96
N ALA A 57 13.35 -6.89 18.52
CA ALA A 57 14.66 -7.45 18.31
C ALA A 57 15.19 -8.12 19.59
N LYS A 58 15.37 -7.32 20.65
CA LYS A 58 15.78 -7.81 21.96
C LYS A 58 14.83 -8.88 22.50
N LEU A 59 13.53 -8.74 22.28
CA LEU A 59 12.54 -9.73 22.68
C LEU A 59 12.84 -11.12 22.12
N HIS A 60 12.82 -11.23 20.79
CA HIS A 60 13.08 -12.48 20.10
C HIS A 60 14.46 -13.03 20.49
N ALA A 61 15.46 -12.17 20.56
CA ALA A 61 16.79 -12.57 20.99
C ALA A 61 16.72 -13.20 22.38
N ALA A 62 16.02 -12.56 23.32
CA ALA A 62 15.83 -13.05 24.67
C ALA A 62 15.23 -14.44 24.67
N GLU A 63 14.16 -14.66 23.89
CA GLU A 63 13.50 -15.95 23.77
C GLU A 63 14.48 -17.03 23.33
N LYS A 64 15.20 -16.77 22.23
CA LYS A 64 16.18 -17.71 21.71
C LYS A 64 17.19 -18.07 22.79
N ALA A 65 17.90 -17.06 23.30
CA ALA A 65 18.92 -17.25 24.32
C ALA A 65 18.35 -17.97 25.53
N LEU A 66 17.13 -17.61 25.97
CA LEU A 66 16.45 -18.26 27.08
C LEU A 66 16.44 -19.76 26.83
N ARG A 67 15.74 -20.21 25.78
CA ARG A 67 15.59 -21.64 25.53
C ARG A 67 16.93 -22.31 25.28
N SER A 68 17.91 -21.55 24.78
CA SER A 68 19.23 -22.08 24.50
C SER A 68 20.12 -22.22 25.73
N PHE A 69 20.07 -21.26 26.66
CA PHE A 69 21.00 -21.23 27.79
C PHE A 69 20.39 -21.80 29.08
N VAL A 70 19.07 -22.04 29.17
CA VAL A 70 18.51 -22.74 30.33
C VAL A 70 19.23 -24.04 30.67
N GLN A 71 20.05 -24.58 29.76
CA GLN A 71 20.81 -25.80 30.02
C GLN A 71 22.27 -25.49 30.38
N PHE A 72 22.63 -24.20 30.40
CA PHE A 72 23.94 -23.71 30.82
C PHE A 72 23.81 -22.34 31.49
N PRO A 73 23.12 -22.27 32.64
CA PRO A 73 22.91 -21.03 33.38
C PRO A 73 24.19 -20.53 34.05
N ASN A 74 25.26 -21.34 34.03
CA ASN A 74 26.55 -21.00 34.62
C ASN A 74 27.64 -21.87 33.99
N ALA A 75 28.91 -21.59 34.29
CA ALA A 75 30.02 -22.42 33.83
C ALA A 75 29.90 -23.82 34.39
N SER A 76 30.50 -24.81 33.72
CA SER A 76 30.41 -26.21 34.11
C SER A 76 31.70 -26.94 33.77
N GLU A 77 31.80 -28.20 34.24
CA GLU A 77 32.93 -29.06 33.96
C GLU A 77 32.51 -30.51 34.09
N ALA A 78 33.37 -31.44 33.66
CA ALA A 78 33.07 -32.87 33.74
C ALA A 78 34.37 -33.69 33.78
N HIS A 79 34.23 -34.97 34.14
CA HIS A 79 35.36 -35.90 34.21
C HIS A 79 34.90 -37.31 33.83
N LEU A 80 33.68 -37.41 33.29
CA LEU A 80 33.04 -38.65 32.90
C LEU A 80 32.67 -38.58 31.42
N ALA A 81 33.30 -37.66 30.69
CA ALA A 81 33.04 -37.42 29.28
C ALA A 81 34.36 -37.26 28.52
N MET A 82 34.28 -36.93 27.22
CA MET A 82 35.44 -36.85 26.35
C MET A 82 35.33 -35.68 25.39
N GLY A 83 36.41 -35.43 24.63
CA GLY A 83 36.47 -34.35 23.66
C GLY A 83 37.50 -34.63 22.57
N ARG A 84 37.93 -35.89 22.43
CA ARG A 84 38.90 -36.30 21.42
C ARG A 84 38.36 -36.11 19.99
N THR A 85 37.07 -35.83 19.85
CA THR A 85 36.44 -35.64 18.55
C THR A 85 37.13 -34.50 17.81
N LEU A 86 37.16 -34.59 16.47
CA LEU A 86 37.79 -33.59 15.61
C LEU A 86 37.03 -33.51 14.28
N SER A 87 37.29 -32.47 13.49
CA SER A 87 36.61 -32.23 12.22
C SER A 87 37.58 -31.66 11.18
N VAL A 88 37.07 -31.54 9.94
CA VAL A 88 37.82 -31.01 8.81
C VAL A 88 38.24 -29.56 9.07
N ASN A 89 39.16 -29.03 8.24
CA ASN A 89 39.72 -27.69 8.42
C ASN A 89 39.55 -26.84 7.17
N THR A 90 38.63 -27.24 6.28
CA THR A 90 38.35 -26.52 5.03
C THR A 90 36.86 -26.59 4.74
N ASP A 91 36.37 -25.76 3.81
CA ASP A 91 34.96 -25.68 3.50
C ASP A 91 34.75 -25.15 2.08
N PHE A 92 33.48 -25.17 1.64
CA PHE A 92 33.07 -24.71 0.31
C PHE A 92 31.64 -24.19 0.39
N THR A 93 31.17 -23.49 -0.65
CA THR A 93 29.81 -22.95 -0.68
C THR A 93 28.78 -24.06 -0.62
N SER A 94 27.54 -23.71 -0.27
CA SER A 94 26.44 -24.65 -0.12
C SER A 94 25.12 -23.99 -0.47
N ASP A 95 24.08 -24.79 -0.67
CA ASP A 95 22.76 -24.31 -1.04
C ASP A 95 21.69 -25.32 -0.64
N GLN A 96 20.41 -24.95 -0.79
CA GLN A 96 19.29 -25.83 -0.49
C GLN A 96 18.09 -25.51 -1.38
N ALA A 97 17.06 -26.36 -1.36
CA ALA A 97 15.87 -26.16 -2.16
C ALA A 97 14.68 -26.85 -1.50
N ASP A 98 13.47 -26.49 -1.95
CA ASP A 98 12.22 -27.05 -1.46
C ASP A 98 11.14 -26.85 -2.52
N PHE A 99 9.97 -27.47 -2.33
CA PHE A 99 8.85 -27.35 -3.25
C PHE A 99 8.41 -25.88 -3.34
N PRO A 100 7.92 -25.46 -4.52
CA PRO A 100 7.44 -24.10 -4.75
C PRO A 100 6.11 -23.85 -4.04
N ASP A 101 5.70 -22.58 -4.00
CA ASP A 101 4.44 -22.17 -3.39
C ASP A 101 3.89 -20.93 -4.12
N THR A 102 4.56 -20.49 -5.19
CA THR A 102 4.13 -19.36 -6.00
C THR A 102 2.91 -19.73 -6.83
N LEU A 103 2.38 -18.74 -7.58
CA LEU A 103 1.21 -18.92 -8.41
C LEU A 103 1.38 -18.13 -9.72
N PHE A 104 2.62 -17.75 -10.04
CA PHE A 104 2.93 -16.92 -11.20
C PHE A 104 4.20 -17.41 -11.91
N ASN A 105 4.63 -18.64 -11.63
CA ASN A 105 5.81 -19.24 -12.24
C ASN A 105 5.49 -19.72 -13.67
N GLY A 106 4.35 -19.30 -14.21
CA GLY A 106 3.89 -19.70 -15.54
C GLY A 106 2.94 -18.65 -16.11
N PHE A 107 2.34 -18.93 -17.28
CA PHE A 107 1.51 -17.94 -17.96
C PHE A 107 0.23 -18.55 -18.50
N GLU A 108 0.00 -19.85 -18.24
CA GLU A 108 -1.17 -20.59 -18.71
C GLU A 108 -1.47 -20.36 -20.20
N THR A 109 -2.71 -20.65 -20.61
CA THR A 109 -3.17 -20.51 -22.00
C THR A 109 -3.09 -19.06 -22.48
N PRO A 110 -3.05 -18.85 -23.81
CA PRO A 110 -3.02 -17.52 -24.41
C PRO A 110 -4.36 -16.80 -24.22
N ASP A 111 -4.45 -15.58 -24.74
CA ASP A 111 -5.63 -14.73 -24.60
C ASP A 111 -6.01 -14.05 -25.92
N LYS A 112 -5.40 -14.50 -27.03
CA LYS A 112 -5.62 -13.93 -28.35
C LYS A 112 -5.60 -15.00 -29.44
N SER A 113 -5.65 -16.28 -29.04
CA SER A 113 -5.59 -17.41 -29.98
C SER A 113 -6.47 -18.58 -29.51
N GLU A 114 -7.27 -18.37 -28.45
CA GLU A 114 -8.17 -19.38 -27.91
C GLU A 114 -9.27 -19.72 -28.93
N PRO A 115 -9.92 -20.88 -28.78
CA PRO A 115 -11.03 -21.32 -29.63
C PRO A 115 -12.17 -20.29 -29.82
N PRO A 116 -12.63 -19.58 -28.79
CA PRO A 116 -13.65 -18.54 -28.92
C PRO A 116 -13.08 -17.29 -29.55
N PHE A 117 -13.86 -16.19 -29.53
CA PHE A 117 -13.46 -14.94 -30.14
C PHE A 117 -13.71 -13.76 -29.21
N TYR A 118 -12.81 -12.77 -29.29
CA TYR A 118 -12.85 -11.56 -28.50
C TYR A 118 -12.24 -10.40 -29.29
N VAL A 119 -12.33 -9.19 -28.75
CA VAL A 119 -11.77 -7.99 -29.37
C VAL A 119 -11.43 -6.96 -28.29
N GLY A 120 -10.48 -6.07 -28.58
CA GLY A 120 -10.07 -5.03 -27.65
C GLY A 120 -8.73 -4.39 -28.03
N SER A 121 -7.96 -5.05 -28.92
CA SER A 121 -6.68 -4.52 -29.39
C SER A 121 -6.86 -3.32 -30.32
N ASN A 122 -8.11 -2.94 -30.59
CA ASN A 122 -8.43 -1.80 -31.44
C ASN A 122 -9.76 -1.18 -31.02
N GLY A 123 -10.11 -0.05 -31.65
CA GLY A 123 -11.34 0.68 -31.37
C GLY A 123 -11.65 1.67 -32.47
N ASP A 124 -11.11 1.45 -33.67
CA ASP A 124 -11.29 2.32 -34.82
C ASP A 124 -12.74 2.34 -35.31
N ASP A 125 -13.04 3.23 -36.27
CA ASP A 125 -14.38 3.39 -36.83
C ASP A 125 -14.27 3.93 -38.26
N SER A 126 -15.41 4.08 -38.93
CA SER A 126 -15.46 4.58 -40.30
C SER A 126 -16.76 5.33 -40.52
N PHE A 127 -16.92 5.92 -41.70
CA PHE A 127 -18.07 6.76 -42.04
C PHE A 127 -18.36 6.68 -43.54
N SER A 128 -19.51 7.21 -43.95
CA SER A 128 -19.94 7.17 -45.34
C SER A 128 -20.89 8.32 -45.65
N SER A 129 -21.36 8.40 -46.91
CA SER A 129 -22.28 9.41 -47.38
C SER A 129 -23.15 8.86 -48.51
N SER A 130 -24.17 9.61 -48.92
CA SER A 130 -25.07 9.21 -49.98
C SER A 130 -24.42 9.29 -51.36
N GLY A 131 -23.23 9.85 -51.47
CA GLY A 131 -22.52 9.97 -52.73
C GLY A 131 -21.30 10.88 -52.64
N ASP A 132 -20.58 11.01 -53.77
CA ASP A 132 -19.41 11.86 -53.87
C ASP A 132 -19.26 12.34 -55.32
N VAL A 133 -18.46 13.39 -55.54
CA VAL A 133 -18.27 14.01 -56.87
C VAL A 133 -19.56 14.06 -57.68
N SER A 134 -20.68 14.39 -57.03
CA SER A 134 -22.00 14.42 -57.67
C SER A 134 -22.71 15.74 -57.42
N LEU A 135 -21.95 16.78 -57.05
CA LEU A 135 -22.48 18.12 -56.80
C LEU A 135 -23.61 18.13 -55.76
N SER A 136 -23.62 17.16 -54.84
CA SER A 136 -24.62 17.09 -53.80
C SER A 136 -24.04 16.66 -52.46
N ALA A 137 -22.73 16.33 -52.44
CA ALA A 137 -22.03 15.99 -51.21
C ALA A 137 -21.58 17.25 -50.49
N SER A 138 -21.11 17.10 -49.24
CA SER A 138 -20.61 18.21 -48.46
C SER A 138 -19.73 17.71 -47.32
N PRO A 139 -18.88 18.56 -46.75
CA PRO A 139 -18.05 18.26 -45.58
C PRO A 139 -18.88 17.72 -44.40
N VAL A 140 -18.20 17.08 -43.45
CA VAL A 140 -18.85 16.50 -42.27
C VAL A 140 -17.98 16.71 -41.03
N PRO A 141 -18.53 17.31 -39.97
CA PRO A 141 -17.87 17.45 -38.68
C PRO A 141 -17.46 16.12 -38.06
N ALA A 142 -16.85 16.19 -36.87
CA ALA A 142 -16.45 15.03 -36.07
C ALA A 142 -15.56 14.04 -36.83
N SER A 143 -14.93 14.48 -37.94
CA SER A 143 -13.98 13.66 -38.67
C SER A 143 -12.87 14.50 -39.29
N LEU A 144 -12.91 15.81 -39.06
CA LEU A 144 -11.92 16.76 -39.56
C LEU A 144 -11.66 17.84 -38.52
N THR A 145 -12.28 17.73 -37.34
CA THR A 145 -12.17 18.72 -36.27
C THR A 145 -12.56 18.09 -34.93
N GLN A 146 -12.44 18.85 -33.84
CA GLN A 146 -12.75 18.39 -32.49
C GLN A 146 -13.40 19.52 -31.71
N PRO A 147 -14.25 19.21 -30.73
CA PRO A 147 -14.94 20.20 -29.92
C PRO A 147 -13.99 20.87 -28.93
N PRO A 148 -14.43 21.98 -28.29
CA PRO A 148 -13.72 22.68 -27.23
C PRO A 148 -13.26 21.76 -26.09
N LEU A 149 -12.42 22.31 -25.21
CA LEU A 149 -11.90 21.58 -24.06
C LEU A 149 -13.02 20.96 -23.20
N PRO A 150 -12.75 19.81 -22.57
CA PRO A 150 -13.72 19.07 -21.79
C PRO A 150 -14.00 19.68 -20.42
N ILE A 151 -13.33 20.78 -20.06
CA ILE A 151 -13.47 21.40 -18.75
C ILE A 151 -14.93 21.88 -18.57
N PRO A 152 -15.55 21.60 -17.41
CA PRO A 152 -16.92 21.98 -17.13
C PRO A 152 -17.03 23.50 -16.86
N PRO A 153 -18.25 24.01 -16.77
CA PRO A 153 -18.52 25.40 -16.42
C PRO A 153 -17.77 25.85 -15.17
N PRO A 154 -17.60 27.18 -15.01
CA PRO A 154 -16.85 27.77 -13.91
C PRO A 154 -17.30 27.26 -12.54
N PHE A 155 -16.37 27.29 -11.58
CA PHE A 155 -16.60 26.86 -10.21
C PHE A 155 -15.63 27.60 -9.28
N PRO A 156 -15.94 27.71 -7.98
CA PRO A 156 -15.10 28.39 -7.00
C PRO A 156 -13.62 27.98 -7.09
N PRO A 157 -12.73 28.92 -7.44
CA PRO A 157 -11.30 28.70 -7.52
C PRO A 157 -10.65 28.76 -6.14
N PRO A 158 -9.40 28.30 -6.04
CA PRO A 158 -8.61 28.42 -4.82
C PRO A 158 -8.19 29.88 -4.59
N SER A 159 -7.70 30.19 -3.39
CA SER A 159 -7.27 31.55 -3.06
C SER A 159 -6.15 31.57 -2.02
N GLY A 160 -5.68 30.39 -1.56
CA GLY A 160 -4.62 30.30 -0.56
C GLY A 160 -4.43 28.88 -0.02
N LYS A 161 -5.31 27.95 -0.41
CA LYS A 161 -5.26 26.56 0.00
C LYS A 161 -5.72 25.67 -1.15
N ASN A 162 -5.58 24.34 -1.00
CA ASN A 162 -5.95 23.39 -2.05
C ASN A 162 -6.54 22.13 -1.43
N PRO A 163 -7.36 21.38 -2.17
CA PRO A 163 -7.97 20.14 -1.69
C PRO A 163 -6.95 19.01 -1.60
N VAL A 164 -5.83 19.14 -2.30
CA VAL A 164 -4.79 18.13 -2.30
C VAL A 164 -4.17 17.98 -0.92
N MET A 165 -3.94 19.09 -0.20
CA MET A 165 -3.29 19.03 1.10
C MET A 165 -4.27 18.56 2.18
N ILE A 166 -5.51 19.06 2.16
CA ILE A 166 -6.51 18.69 3.14
C ILE A 166 -6.61 17.17 3.16
N LEU A 167 -6.73 16.60 1.96
CA LEU A 167 -6.81 15.16 1.79
C LEU A 167 -5.49 14.53 2.24
N ASN A 168 -4.36 15.11 1.83
CA ASN A 168 -3.04 14.61 2.20
C ASN A 168 -2.69 14.91 3.66
N GLU A 169 -3.67 15.32 4.47
CA GLU A 169 -3.48 15.49 5.90
C GLU A 169 -4.61 14.79 6.68
N LEU A 170 -5.80 14.65 6.08
CA LEU A 170 -6.92 14.00 6.74
C LEU A 170 -6.96 12.50 6.47
N ARG A 171 -6.51 12.10 5.27
CA ARG A 171 -6.57 10.69 4.86
C ARG A 171 -5.53 10.40 3.78
N PRO A 172 -4.23 10.48 4.09
CA PRO A 172 -3.17 10.02 3.21
C PRO A 172 -3.26 8.50 3.11
N GLY A 173 -2.32 7.84 2.42
CA GLY A 173 -2.42 6.40 2.19
C GLY A 173 -3.09 6.09 0.85
N LEU A 174 -2.89 6.95 -0.15
CA LEU A 174 -3.54 6.86 -1.44
C LEU A 174 -2.48 6.82 -2.52
N LYS A 175 -2.93 6.82 -3.78
CA LYS A 175 -2.03 6.80 -4.92
C LYS A 175 -2.64 7.69 -6.00
N TYR A 176 -1.80 8.25 -6.89
CA TYR A 176 -2.27 9.11 -7.97
C TYR A 176 -1.63 8.66 -9.27
N ASP A 177 -2.37 8.85 -10.37
CA ASP A 177 -1.87 8.51 -11.70
C ASP A 177 -2.27 9.59 -12.69
N PHE A 178 -1.26 10.22 -13.31
CA PHE A 178 -1.51 11.25 -14.31
C PHE A 178 -1.95 10.60 -15.62
N LEU A 179 -2.80 11.31 -16.36
CA LEU A 179 -3.31 10.82 -17.64
C LEU A 179 -3.10 11.85 -18.75
N SER A 180 -3.07 11.31 -19.96
CA SER A 180 -2.64 11.95 -21.19
C SER A 180 -3.18 13.35 -21.47
N GLU A 181 -2.53 13.99 -22.45
CA GLU A 181 -2.81 15.38 -22.80
C GLU A 181 -2.81 15.58 -24.32
N SER A 182 -3.32 16.72 -24.77
CA SER A 182 -3.33 17.11 -26.17
C SER A 182 -3.60 18.61 -26.30
N GLY A 183 -3.18 19.22 -27.42
CA GLY A 183 -3.36 20.65 -27.64
C GLY A 183 -2.39 21.20 -28.67
N GLU A 184 -2.26 22.53 -28.68
CA GLU A 184 -1.33 23.23 -29.56
C GLU A 184 -0.45 24.20 -28.77
N SER A 185 -0.55 24.16 -27.44
CA SER A 185 0.26 24.87 -26.45
C SER A 185 -0.47 26.09 -25.88
N HIS A 186 -1.47 26.63 -26.58
CA HIS A 186 -2.24 27.77 -26.08
C HIS A 186 -3.67 27.37 -25.71
N ALA A 187 -3.97 26.07 -25.80
CA ALA A 187 -5.28 25.55 -25.45
C ALA A 187 -5.14 24.12 -24.90
N LYS A 188 -3.92 23.75 -24.50
CA LYS A 188 -3.59 22.42 -24.03
C LYS A 188 -4.39 22.06 -22.78
N SER A 189 -4.60 20.76 -22.58
CA SER A 189 -5.31 20.23 -21.42
C SER A 189 -4.62 18.95 -20.97
N PHE A 190 -4.91 18.57 -19.72
CA PHE A 190 -4.28 17.44 -19.07
C PHE A 190 -5.30 16.77 -18.17
N VAL A 191 -4.98 15.59 -17.62
CA VAL A 191 -5.84 14.95 -16.64
C VAL A 191 -5.01 14.17 -15.63
N MET A 192 -5.64 13.92 -14.48
CA MET A 192 -4.97 13.29 -13.36
C MET A 192 -6.01 12.41 -12.70
N SER A 193 -5.59 11.30 -12.12
CA SER A 193 -6.49 10.40 -11.45
C SER A 193 -5.91 9.96 -10.11
N VAL A 194 -6.70 9.24 -9.32
CA VAL A 194 -6.29 8.85 -7.98
C VAL A 194 -6.93 7.52 -7.59
N VAL A 195 -6.39 6.93 -6.53
CA VAL A 195 -6.97 5.76 -5.90
C VAL A 195 -6.82 5.97 -4.41
N VAL A 196 -7.92 5.85 -3.66
CA VAL A 196 -7.90 6.02 -2.22
C VAL A 196 -8.94 5.11 -1.60
N ASP A 197 -8.57 4.43 -0.50
CA ASP A 197 -9.47 3.48 0.16
C ASP A 197 -10.03 2.42 -0.80
N GLY A 198 -9.44 2.30 -1.99
CA GLY A 198 -9.89 1.34 -3.01
C GLY A 198 -10.77 1.99 -4.07
N GLN A 199 -11.25 3.20 -3.81
CA GLN A 199 -12.06 3.94 -4.74
C GLN A 199 -11.18 4.55 -5.83
N PHE A 200 -11.80 5.14 -6.84
CA PHE A 200 -11.07 5.75 -7.95
C PHE A 200 -11.68 7.08 -8.35
N PHE A 201 -10.80 8.05 -8.62
CA PHE A 201 -11.23 9.38 -9.03
C PHE A 201 -10.38 9.90 -10.20
N GLU A 202 -10.90 10.92 -10.87
CA GLU A 202 -10.23 11.52 -12.01
C GLU A 202 -10.56 13.00 -12.08
N GLY A 203 -9.77 13.78 -12.83
CA GLY A 203 -9.98 15.21 -12.96
C GLY A 203 -9.08 15.78 -14.06
N SER A 204 -9.69 16.40 -15.06
CA SER A 204 -8.95 17.08 -16.13
C SER A 204 -8.71 18.55 -15.76
N GLY A 205 -7.94 19.26 -16.57
CA GLY A 205 -7.57 20.63 -16.27
C GLY A 205 -6.68 21.24 -17.34
N ARG A 206 -6.38 22.54 -17.21
CA ARG A 206 -5.52 23.26 -18.15
C ARG A 206 -4.04 23.04 -17.85
N ASN A 207 -3.74 22.47 -16.67
CA ASN A 207 -2.39 22.19 -16.22
C ASN A 207 -2.42 21.04 -15.20
N LYS A 208 -1.26 20.47 -14.90
CA LYS A 208 -1.13 19.33 -13.99
C LYS A 208 -1.65 19.64 -12.58
N LYS A 209 -1.49 20.88 -12.11
CA LYS A 209 -1.91 21.28 -10.77
C LYS A 209 -3.42 21.31 -10.66
N LEU A 210 -4.07 21.76 -11.73
CA LEU A 210 -5.51 21.94 -11.76
C LEU A 210 -6.19 20.59 -11.88
N ALA A 211 -5.59 19.67 -12.65
CA ALA A 211 -6.08 18.31 -12.77
C ALA A 211 -6.08 17.59 -11.42
N LYS A 212 -4.97 17.64 -10.67
CA LYS A 212 -4.91 16.99 -9.37
C LYS A 212 -5.84 17.69 -8.38
N ALA A 213 -6.03 19.00 -8.54
CA ALA A 213 -6.92 19.72 -7.65
C ALA A 213 -8.37 19.28 -7.87
N ARG A 214 -8.69 18.79 -9.08
CA ARG A 214 -10.04 18.33 -9.36
C ARG A 214 -10.19 16.86 -8.98
N ALA A 215 -9.21 16.03 -9.36
CA ALA A 215 -9.24 14.62 -9.01
C ALA A 215 -9.16 14.41 -7.50
N ALA A 216 -8.43 15.27 -6.79
CA ALA A 216 -8.31 15.18 -5.34
C ALA A 216 -9.58 15.72 -4.68
N GLN A 217 -9.98 16.95 -5.03
CA GLN A 217 -11.28 17.49 -4.61
C GLN A 217 -12.39 16.45 -4.74
N SER A 218 -12.39 15.64 -5.80
CA SER A 218 -13.41 14.60 -5.94
C SER A 218 -13.16 13.44 -4.99
N ALA A 219 -11.89 13.05 -4.81
CA ALA A 219 -11.54 11.98 -3.90
C ALA A 219 -11.91 12.36 -2.47
N LEU A 220 -11.58 13.59 -2.08
CA LEU A 220 -11.92 14.13 -0.77
C LEU A 220 -13.44 14.10 -0.59
N ALA A 221 -14.17 14.61 -1.57
CA ALA A 221 -15.62 14.73 -1.47
C ALA A 221 -16.27 13.39 -1.10
N THR A 222 -16.08 12.37 -1.94
CA THR A 222 -16.71 11.08 -1.72
C THR A 222 -16.16 10.38 -0.47
N VAL A 223 -14.84 10.23 -0.33
CA VAL A 223 -14.26 9.47 0.77
C VAL A 223 -14.48 10.13 2.14
N PHE A 224 -14.70 11.47 2.17
CA PHE A 224 -14.83 12.18 3.43
C PHE A 224 -16.28 12.53 3.72
N ASN A 225 -17.22 12.14 2.84
CA ASN A 225 -18.63 12.46 3.01
C ASN A 225 -18.85 13.99 3.04
N LEU A 226 -18.04 14.72 2.26
CA LEU A 226 -18.04 16.18 2.20
C LEU A 226 -17.87 16.62 0.75
N HIS A 227 -17.36 17.82 0.50
CA HIS A 227 -17.10 18.30 -0.85
C HIS A 227 -15.77 19.04 -0.93
N LEU A 228 -15.59 20.07 -0.08
CA LEU A 228 -14.32 20.78 0.05
C LEU A 228 -14.35 21.70 1.27
N LEU A 229 -15.22 21.38 2.25
CA LEU A 229 -15.40 22.16 3.46
C LEU A 229 -15.76 23.62 3.15
N GLU A 230 -16.17 23.91 1.92
CA GLU A 230 -16.60 25.25 1.53
C GLU A 230 -17.98 25.58 2.09
N HIS A 231 -18.58 24.67 2.85
CA HIS A 231 -19.87 24.87 3.48
C HIS A 231 -19.95 24.15 4.82
N HIS A 232 -21.09 24.27 5.50
CA HIS A 232 -21.28 23.67 6.81
C HIS A 232 -22.68 23.11 6.96
N HIS A 233 -23.26 22.64 5.85
CA HIS A 233 -24.62 22.12 5.79
C HIS A 233 -25.65 23.14 6.31
N HIS A 234 -25.26 24.41 6.37
CA HIS A 234 -26.14 25.51 6.77
C HIS A 234 -27.29 25.68 5.78
N HIS A 235 -28.22 26.57 6.10
CA HIS A 235 -29.39 26.81 5.25
C HIS A 235 -29.88 28.25 5.42
N HIS A 236 -30.76 28.70 4.50
CA HIS A 236 -31.29 30.05 4.49
C HIS A 236 -32.68 30.04 3.84
N PRO A 1 2.87 -15.56 23.93
CA PRO A 1 3.79 -14.42 24.03
C PRO A 1 4.11 -13.81 22.66
N GLY A 2 4.44 -12.52 22.64
CA GLY A 2 4.73 -11.80 21.40
C GLY A 2 4.87 -10.29 21.66
N PRO A 3 4.93 -9.49 20.59
CA PRO A 3 5.00 -8.03 20.63
C PRO A 3 3.89 -7.35 21.44
N VAL A 4 3.01 -8.12 22.07
CA VAL A 4 1.90 -7.58 22.85
C VAL A 4 1.98 -8.08 24.30
N LEU A 5 2.92 -8.99 24.57
CA LEU A 5 3.16 -9.53 25.91
C LEU A 5 4.61 -9.98 26.03
N PRO A 6 5.57 -9.09 25.75
CA PRO A 6 6.99 -9.40 25.79
C PRO A 6 7.52 -9.47 27.22
N LYS A 7 6.74 -8.96 28.19
CA LYS A 7 7.13 -8.95 29.60
C LYS A 7 7.57 -10.36 30.03
N ASN A 8 6.91 -11.38 29.47
CA ASN A 8 7.28 -12.78 29.72
C ASN A 8 8.75 -13.01 29.38
N ALA A 9 9.13 -12.87 28.11
CA ALA A 9 10.51 -13.11 27.69
C ALA A 9 11.49 -12.20 28.43
N LEU A 10 11.05 -10.98 28.74
CA LEU A 10 11.92 -9.98 29.33
C LEU A 10 12.27 -10.43 30.75
N MET A 11 11.24 -10.65 31.56
CA MET A 11 11.38 -11.08 32.93
C MET A 11 12.01 -12.45 33.02
N GLN A 12 11.57 -13.38 32.18
CA GLN A 12 12.09 -14.73 32.21
C GLN A 12 13.59 -14.72 31.98
N LEU A 13 14.05 -13.97 30.97
CA LEU A 13 15.47 -13.80 30.75
C LEU A 13 16.12 -13.19 32.00
N ASN A 14 15.55 -12.13 32.55
CA ASN A 14 16.09 -11.49 33.73
C ASN A 14 16.25 -12.48 34.88
N GLU A 15 15.35 -13.46 34.95
CA GLU A 15 15.37 -14.49 35.98
C GLU A 15 16.51 -15.48 35.75
N ILE A 16 16.56 -16.10 34.58
CA ILE A 16 17.53 -17.15 34.28
C ILE A 16 18.97 -16.63 34.29
N LYS A 17 19.21 -15.44 33.76
CA LYS A 17 20.55 -14.90 33.60
C LYS A 17 21.27 -14.67 34.94
N PRO A 18 22.62 -14.70 34.93
CA PRO A 18 23.45 -14.28 36.04
C PRO A 18 23.83 -12.79 35.95
N GLY A 19 23.78 -12.23 34.72
CA GLY A 19 24.22 -10.85 34.48
C GLY A 19 24.49 -10.66 32.99
N LEU A 20 23.54 -11.08 32.15
CA LEU A 20 23.68 -11.13 30.70
C LEU A 20 23.98 -9.79 30.04
N GLN A 21 24.17 -9.84 28.71
CA GLN A 21 24.46 -8.64 27.94
C GLN A 21 23.62 -8.56 26.66
N TYR A 22 23.07 -7.38 26.39
CA TYR A 22 22.39 -7.09 25.13
C TYR A 22 23.32 -6.22 24.27
N MET A 23 23.43 -6.56 22.98
CA MET A 23 24.21 -5.76 22.05
C MET A 23 23.43 -5.59 20.75
N LEU A 24 23.62 -4.44 20.09
CA LEU A 24 22.85 -4.06 18.92
C LEU A 24 23.70 -4.17 17.65
N LEU A 25 23.05 -4.60 16.56
CA LEU A 25 23.71 -4.86 15.29
C LEU A 25 22.77 -4.39 14.17
N SER A 26 23.22 -4.49 12.92
CA SER A 26 22.57 -3.86 11.79
C SER A 26 22.26 -2.41 12.09
N GLN A 27 20.96 -2.07 11.99
CA GLN A 27 20.40 -0.77 12.12
C GLN A 27 20.71 0.07 10.89
N THR A 28 19.88 -0.11 9.87
CA THR A 28 19.93 0.60 8.59
C THR A 28 18.61 0.34 7.88
N GLY A 29 18.27 1.12 6.86
CA GLY A 29 17.01 0.96 6.15
C GLY A 29 16.61 2.26 5.47
N PRO A 30 15.38 2.32 4.92
CA PRO A 30 14.81 3.47 4.25
C PRO A 30 14.47 4.61 5.18
N VAL A 31 14.87 4.46 6.45
CA VAL A 31 14.73 5.47 7.48
C VAL A 31 13.29 5.57 8.00
N HIS A 32 12.41 4.70 7.53
CA HIS A 32 11.04 4.60 8.03
C HIS A 32 10.62 3.14 8.19
N ALA A 33 11.49 2.21 7.79
CA ALA A 33 11.33 0.78 8.05
C ALA A 33 12.71 0.21 8.36
N PRO A 34 13.32 0.68 9.45
CA PRO A 34 14.68 0.35 9.83
C PRO A 34 14.77 -1.06 10.41
N LEU A 35 15.86 -1.78 10.09
CA LEU A 35 16.07 -3.12 10.61
C LEU A 35 17.16 -3.12 11.68
N PHE A 36 16.78 -3.56 12.88
CA PHE A 36 17.70 -3.65 13.99
C PHE A 36 17.88 -5.12 14.34
N VAL A 37 19.11 -5.56 14.57
CA VAL A 37 19.31 -6.92 15.04
C VAL A 37 19.98 -6.88 16.39
N MET A 38 19.25 -7.28 17.41
CA MET A 38 19.78 -7.29 18.76
C MET A 38 20.19 -8.71 19.07
N SER A 39 21.38 -8.86 19.65
CA SER A 39 21.89 -10.16 19.99
C SER A 39 22.17 -10.14 21.48
N VAL A 40 21.76 -11.22 22.15
CA VAL A 40 21.83 -11.29 23.58
C VAL A 40 22.79 -12.40 24.00
N GLU A 41 23.60 -12.17 25.04
CA GLU A 41 24.68 -13.05 25.40
C GLU A 41 24.56 -13.49 26.85
N VAL A 42 24.56 -14.80 27.06
CA VAL A 42 24.54 -15.41 28.38
C VAL A 42 25.57 -16.53 28.40
N ASN A 43 26.45 -16.54 29.41
CA ASN A 43 27.49 -17.56 29.61
C ASN A 43 28.33 -17.87 28.37
N GLY A 44 28.30 -17.03 27.33
CA GLY A 44 29.11 -17.23 26.14
C GLY A 44 28.29 -17.68 24.93
N GLN A 45 26.97 -17.78 25.09
CA GLN A 45 26.07 -18.12 24.01
C GLN A 45 25.36 -16.85 23.60
N VAL A 46 25.40 -16.54 22.31
CA VAL A 46 24.83 -15.31 21.79
C VAL A 46 23.77 -15.67 20.76
N PHE A 47 22.61 -14.99 20.85
CA PHE A 47 21.51 -15.27 19.94
C PHE A 47 20.95 -13.94 19.40
N GLU A 48 20.70 -13.91 18.10
CA GLU A 48 20.42 -12.67 17.40
C GLU A 48 18.97 -12.63 16.88
N GLY A 49 18.30 -11.48 17.05
CA GLY A 49 16.92 -11.32 16.63
C GLY A 49 16.76 -10.03 15.83
N SER A 50 16.04 -10.14 14.70
CA SER A 50 15.88 -9.07 13.71
C SER A 50 14.46 -8.51 13.73
N GLY A 51 14.32 -7.30 14.27
CA GLY A 51 13.04 -6.62 14.34
C GLY A 51 13.13 -5.15 13.94
N PRO A 52 11.99 -4.51 13.65
CA PRO A 52 11.90 -3.08 13.45
C PRO A 52 12.00 -2.47 14.84
N THR A 53 12.79 -1.40 14.98
CA THR A 53 13.01 -0.77 16.28
C THR A 53 13.76 -1.74 17.20
N LYS A 54 14.27 -1.25 18.33
CA LYS A 54 15.06 -2.08 19.24
C LYS A 54 14.19 -3.02 20.07
N LYS A 55 12.87 -2.76 20.17
CA LYS A 55 12.00 -3.51 21.05
C LYS A 55 11.90 -4.99 20.66
N LYS A 56 11.19 -5.26 19.55
CA LYS A 56 10.94 -6.61 19.04
C LYS A 56 12.23 -7.41 18.78
N ALA A 57 13.27 -6.72 18.30
CA ALA A 57 14.55 -7.36 18.05
C ALA A 57 15.06 -8.04 19.31
N LYS A 58 15.25 -7.28 20.39
CA LYS A 58 15.77 -7.82 21.64
C LYS A 58 14.83 -8.87 22.21
N LEU A 59 13.53 -8.70 22.01
CA LEU A 59 12.51 -9.63 22.47
C LEU A 59 12.78 -11.02 21.91
N HIS A 60 12.78 -11.11 20.59
CA HIS A 60 13.02 -12.37 19.90
C HIS A 60 14.39 -12.94 20.31
N ALA A 61 15.40 -12.07 20.39
CA ALA A 61 16.73 -12.49 20.82
C ALA A 61 16.65 -13.15 22.21
N ALA A 62 15.95 -12.51 23.15
CA ALA A 62 15.79 -13.03 24.49
C ALA A 62 15.14 -14.41 24.49
N GLU A 63 14.06 -14.57 23.70
CA GLU A 63 13.37 -15.85 23.57
C GLU A 63 14.35 -16.95 23.13
N LYS A 64 15.10 -16.67 22.06
CA LYS A 64 16.09 -17.61 21.55
C LYS A 64 17.07 -18.02 22.65
N ALA A 65 17.78 -17.02 23.20
CA ALA A 65 18.76 -17.25 24.25
C ALA A 65 18.15 -17.96 25.46
N LEU A 66 16.90 -17.66 25.83
CA LEU A 66 16.20 -18.41 26.87
C LEU A 66 16.18 -19.89 26.53
N ARG A 67 15.51 -20.26 25.43
CA ARG A 67 15.30 -21.66 25.12
C ARG A 67 16.64 -22.40 25.00
N SER A 68 17.65 -21.72 24.46
CA SER A 68 18.98 -22.28 24.34
C SER A 68 19.67 -22.44 25.70
N PHE A 69 19.80 -21.33 26.44
CA PHE A 69 20.45 -21.26 27.74
C PHE A 69 19.87 -22.24 28.75
N VAL A 70 18.59 -22.61 28.61
CA VAL A 70 17.99 -23.63 29.47
C VAL A 70 18.80 -24.93 29.43
N GLN A 71 19.64 -25.13 28.41
CA GLN A 71 20.46 -26.32 28.30
C GLN A 71 21.82 -26.13 28.96
N PHE A 72 22.19 -24.90 29.33
CA PHE A 72 23.48 -24.60 29.96
C PHE A 72 23.40 -23.36 30.86
N PRO A 73 22.46 -23.33 31.81
CA PRO A 73 22.16 -22.21 32.68
C PRO A 73 23.25 -21.92 33.71
N ASN A 74 24.25 -22.80 33.87
CA ASN A 74 25.31 -22.55 34.84
C ASN A 74 26.58 -23.36 34.59
N ALA A 75 26.47 -24.60 34.10
CA ALA A 75 27.64 -25.46 33.95
C ALA A 75 27.39 -26.60 32.96
N SER A 76 28.44 -27.37 32.67
CA SER A 76 28.43 -28.52 31.79
C SER A 76 27.65 -29.72 32.37
N GLU A 77 26.75 -29.49 33.32
CA GLU A 77 25.95 -30.52 33.95
C GLU A 77 24.87 -31.07 33.00
N ALA A 78 25.04 -30.86 31.69
CA ALA A 78 24.13 -31.33 30.67
C ALA A 78 24.91 -31.86 29.48
N HIS A 79 24.21 -32.43 28.49
CA HIS A 79 24.84 -33.05 27.33
C HIS A 79 23.99 -32.86 26.07
N LEU A 80 24.58 -33.15 24.90
CA LEU A 80 23.91 -33.00 23.62
C LEU A 80 24.45 -33.96 22.57
N ALA A 81 23.78 -34.03 21.42
CA ALA A 81 24.18 -34.93 20.34
C ALA A 81 23.77 -34.34 18.98
N MET A 82 23.99 -35.10 17.91
CA MET A 82 23.66 -34.70 16.55
C MET A 82 23.22 -35.91 15.73
N GLY A 83 22.74 -35.65 14.51
CA GLY A 83 22.20 -36.68 13.63
C GLY A 83 21.76 -36.10 12.28
N ARG A 84 22.54 -35.15 11.73
CA ARG A 84 22.18 -34.43 10.52
C ARG A 84 23.32 -34.46 9.51
N THR A 85 23.11 -33.87 8.34
CA THR A 85 24.06 -33.83 7.23
C THR A 85 25.24 -32.91 7.48
N LEU A 86 25.61 -32.67 8.75
CA LEU A 86 26.64 -31.71 9.12
C LEU A 86 26.33 -30.32 8.54
N SER A 87 25.03 -30.01 8.36
CA SER A 87 24.58 -28.74 7.82
C SER A 87 23.28 -28.31 8.49
N VAL A 88 22.80 -27.10 8.15
CA VAL A 88 21.63 -26.49 8.78
C VAL A 88 20.81 -25.71 7.75
N ASN A 89 21.13 -25.83 6.47
CA ASN A 89 20.44 -25.11 5.42
C ASN A 89 20.31 -25.95 4.14
N THR A 90 19.50 -25.48 3.18
CA THR A 90 19.25 -26.13 1.90
C THR A 90 19.12 -25.07 0.81
N ASP A 91 18.98 -25.52 -0.44
CA ASP A 91 18.89 -24.63 -1.59
C ASP A 91 18.13 -25.31 -2.73
N PHE A 92 17.79 -24.55 -3.77
CA PHE A 92 17.07 -25.07 -4.93
C PHE A 92 17.43 -24.27 -6.19
N THR A 93 16.89 -24.68 -7.33
CA THR A 93 17.15 -24.03 -8.60
C THR A 93 15.95 -24.16 -9.55
N SER A 94 15.99 -23.43 -10.66
CA SER A 94 14.90 -23.41 -11.63
C SER A 94 15.43 -23.05 -13.02
N ASP A 95 14.55 -23.03 -14.03
CA ASP A 95 14.89 -22.71 -15.41
C ASP A 95 13.74 -21.98 -16.09
N GLN A 96 12.91 -21.30 -15.29
CA GLN A 96 11.74 -20.59 -15.79
C GLN A 96 11.51 -19.32 -14.97
N ALA A 97 10.49 -18.54 -15.33
CA ALA A 97 10.18 -17.28 -14.68
C ALA A 97 8.67 -17.07 -14.58
N ASP A 98 7.89 -18.15 -14.74
CA ASP A 98 6.43 -18.08 -14.66
C ASP A 98 5.89 -19.40 -14.12
N PHE A 99 4.66 -19.40 -13.61
CA PHE A 99 4.05 -20.57 -13.00
C PHE A 99 3.33 -21.44 -14.03
N PRO A 100 3.16 -22.74 -13.74
CA PRO A 100 2.43 -23.68 -14.56
C PRO A 100 0.92 -23.47 -14.44
N ASP A 101 0.14 -24.26 -15.20
CA ASP A 101 -1.30 -24.18 -15.20
C ASP A 101 -1.91 -25.57 -15.46
N THR A 102 -3.23 -25.70 -15.31
CA THR A 102 -3.91 -26.98 -15.47
C THR A 102 -5.34 -26.77 -15.98
N LEU A 103 -6.07 -27.88 -16.19
CA LEU A 103 -7.42 -27.86 -16.71
C LEU A 103 -8.21 -29.02 -16.11
N PHE A 104 -9.54 -28.94 -16.14
CA PHE A 104 -10.41 -29.95 -15.54
C PHE A 104 -11.73 -30.05 -16.31
N ASN A 105 -12.57 -31.03 -15.94
CA ASN A 105 -13.85 -31.27 -16.60
C ASN A 105 -14.79 -30.06 -16.48
N GLY A 106 -15.83 -30.03 -17.31
CA GLY A 106 -16.80 -28.95 -17.32
C GLY A 106 -17.95 -29.23 -18.28
N PHE A 107 -18.89 -28.29 -18.36
CA PHE A 107 -20.08 -28.45 -19.20
C PHE A 107 -20.52 -27.08 -19.75
N GLU A 108 -21.49 -27.09 -20.67
CA GLU A 108 -21.99 -25.89 -21.32
C GLU A 108 -23.51 -26.01 -21.50
N THR A 109 -24.11 -25.00 -22.14
CA THR A 109 -25.56 -24.95 -22.34
C THR A 109 -25.82 -24.43 -23.76
N PRO A 110 -26.77 -25.04 -24.49
CA PRO A 110 -27.12 -24.66 -25.85
C PRO A 110 -27.85 -23.31 -25.88
N ASP A 111 -28.06 -22.77 -27.09
CA ASP A 111 -28.72 -21.49 -27.30
C ASP A 111 -29.38 -21.48 -28.68
N LYS A 112 -30.13 -20.42 -29.00
CA LYS A 112 -30.86 -20.31 -30.27
C LYS A 112 -30.86 -18.90 -30.83
N SER A 113 -29.99 -18.03 -30.31
CA SER A 113 -29.86 -16.65 -30.76
C SER A 113 -28.40 -16.21 -30.69
N GLU A 114 -28.08 -15.10 -31.36
CA GLU A 114 -26.74 -14.54 -31.39
C GLU A 114 -26.80 -13.06 -31.77
N PRO A 115 -25.73 -12.29 -31.49
CA PRO A 115 -25.60 -10.90 -31.93
C PRO A 115 -25.75 -10.75 -33.44
N PRO A 116 -25.94 -9.53 -33.94
CA PRO A 116 -26.03 -9.24 -35.37
C PRO A 116 -24.88 -9.86 -36.16
N PHE A 117 -23.70 -9.95 -35.53
CA PHE A 117 -22.54 -10.64 -36.08
C PHE A 117 -21.52 -10.89 -34.98
N TYR A 118 -21.28 -9.89 -34.14
CA TYR A 118 -20.37 -9.98 -33.00
C TYR A 118 -20.58 -8.78 -32.06
N VAL A 119 -21.15 -7.70 -32.59
CA VAL A 119 -21.40 -6.46 -31.84
C VAL A 119 -22.71 -5.83 -32.32
N GLY A 120 -23.16 -4.77 -31.64
CA GLY A 120 -24.39 -4.08 -32.00
C GLY A 120 -24.63 -2.84 -31.16
N SER A 121 -23.66 -2.43 -30.33
CA SER A 121 -23.81 -1.27 -29.48
C SER A 121 -22.44 -0.69 -29.12
N ASN A 122 -22.43 0.44 -28.40
CA ASN A 122 -21.22 1.12 -28.00
C ASN A 122 -21.39 1.85 -26.65
N GLY A 123 -22.51 1.60 -25.97
CA GLY A 123 -22.78 2.23 -24.68
C GLY A 123 -24.08 1.72 -24.04
N ASP A 124 -24.34 2.16 -22.81
CA ASP A 124 -25.52 1.76 -22.06
C ASP A 124 -26.80 2.40 -22.60
N ASP A 125 -26.68 3.23 -23.65
CA ASP A 125 -27.81 3.89 -24.26
C ASP A 125 -27.51 4.15 -25.74
N SER A 126 -28.57 4.29 -26.54
CA SER A 126 -28.46 4.50 -27.98
C SER A 126 -29.67 5.29 -28.47
N PHE A 127 -29.67 5.66 -29.76
CA PHE A 127 -30.76 6.41 -30.37
C PHE A 127 -30.86 6.08 -31.85
N SER A 128 -31.94 6.51 -32.50
CA SER A 128 -32.17 6.26 -33.92
C SER A 128 -32.97 7.38 -34.60
N SER A 129 -33.27 8.46 -33.88
CA SER A 129 -34.03 9.58 -34.42
C SER A 129 -33.70 10.87 -33.65
N SER A 130 -34.19 12.00 -34.14
CA SER A 130 -33.98 13.30 -33.51
C SER A 130 -34.75 13.40 -32.19
N GLY A 131 -34.35 14.35 -31.34
CA GLY A 131 -34.99 14.55 -30.04
C GLY A 131 -34.11 15.37 -29.10
N ASP A 132 -32.88 15.68 -29.52
CA ASP A 132 -31.93 16.45 -28.74
C ASP A 132 -31.01 17.22 -29.70
N VAL A 133 -30.21 18.15 -29.17
CA VAL A 133 -29.32 19.02 -29.95
C VAL A 133 -30.09 19.87 -30.96
N SER A 134 -31.43 19.79 -30.96
CA SER A 134 -32.30 20.52 -31.86
C SER A 134 -32.32 22.02 -31.57
N LEU A 135 -31.43 22.48 -30.67
CA LEU A 135 -31.34 23.87 -30.26
C LEU A 135 -29.87 24.31 -30.16
N SER A 136 -28.96 23.48 -30.66
CA SER A 136 -27.52 23.72 -30.63
C SER A 136 -26.86 23.34 -31.96
N ALA A 137 -27.68 23.11 -32.99
CA ALA A 137 -27.19 22.74 -34.32
C ALA A 137 -28.06 23.39 -35.41
N SER A 138 -28.96 24.29 -35.00
CA SER A 138 -29.88 24.96 -35.91
C SER A 138 -29.13 25.82 -36.95
N PRO A 139 -29.79 26.16 -38.06
CA PRO A 139 -29.24 27.01 -39.11
C PRO A 139 -28.61 28.31 -38.62
N VAL A 140 -27.72 28.89 -39.44
CA VAL A 140 -26.98 30.11 -39.08
C VAL A 140 -27.91 31.28 -38.69
N PRO A 141 -29.05 31.48 -39.36
CA PRO A 141 -30.06 32.47 -38.97
C PRO A 141 -30.55 32.36 -37.52
N ALA A 142 -30.03 31.42 -36.72
CA ALA A 142 -30.42 31.25 -35.33
C ALA A 142 -29.21 31.21 -34.40
N SER A 143 -28.00 31.27 -34.95
CA SER A 143 -26.77 31.28 -34.18
C SER A 143 -26.51 32.65 -33.55
N LEU A 144 -27.46 33.59 -33.66
CA LEU A 144 -27.30 34.95 -33.16
C LEU A 144 -28.58 35.48 -32.51
N THR A 145 -29.57 34.62 -32.32
CA THR A 145 -30.84 35.00 -31.70
C THR A 145 -31.45 33.85 -30.91
N GLN A 146 -30.82 32.67 -30.95
CA GLN A 146 -31.26 31.51 -30.20
C GLN A 146 -30.07 30.59 -29.86
N PRO A 147 -28.92 31.15 -29.44
CA PRO A 147 -27.74 30.36 -29.13
C PRO A 147 -27.92 29.57 -27.83
N PRO A 148 -27.00 28.64 -27.54
CA PRO A 148 -26.95 27.88 -26.30
C PRO A 148 -27.00 28.77 -25.04
N LEU A 149 -27.25 28.14 -23.89
CA LEU A 149 -27.35 28.86 -22.61
C LEU A 149 -26.02 29.54 -22.29
N PRO A 150 -26.07 30.63 -21.50
CA PRO A 150 -24.89 31.35 -21.05
C PRO A 150 -24.15 30.58 -19.96
N ILE A 151 -23.01 31.12 -19.52
CA ILE A 151 -22.14 30.49 -18.52
C ILE A 151 -21.66 31.57 -17.55
N PRO A 152 -21.65 31.29 -16.24
CA PRO A 152 -21.15 32.21 -15.22
C PRO A 152 -19.75 32.73 -15.53
N PRO A 153 -19.35 33.86 -14.94
CA PRO A 153 -18.03 34.45 -15.14
C PRO A 153 -16.95 33.58 -14.46
N PRO A 154 -15.68 33.80 -14.84
CA PRO A 154 -14.55 33.07 -14.29
C PRO A 154 -14.26 33.48 -12.84
N PHE A 155 -13.43 32.68 -12.16
CA PHE A 155 -13.00 32.92 -10.80
C PHE A 155 -11.68 32.21 -10.56
N PRO A 156 -10.86 32.67 -9.61
CA PRO A 156 -9.56 32.09 -9.33
C PRO A 156 -9.72 30.75 -8.60
N PRO A 157 -8.80 29.80 -8.85
CA PRO A 157 -8.78 28.50 -8.19
C PRO A 157 -8.19 28.63 -6.78
N PRO A 158 -8.34 27.58 -5.94
CA PRO A 158 -7.72 27.51 -4.63
C PRO A 158 -6.20 27.72 -4.69
N SER A 159 -5.59 28.05 -3.54
CA SER A 159 -4.15 28.27 -3.45
C SER A 159 -3.60 27.91 -2.07
N GLY A 160 -4.44 27.32 -1.22
CA GLY A 160 -4.05 26.92 0.13
C GLY A 160 -5.19 26.21 0.87
N LYS A 161 -6.21 25.74 0.14
CA LYS A 161 -7.40 25.11 0.73
C LYS A 161 -7.94 23.99 -0.17
N ASN A 162 -7.12 23.51 -1.10
CA ASN A 162 -7.51 22.46 -2.03
C ASN A 162 -7.95 21.20 -1.27
N PRO A 163 -8.91 20.44 -1.83
CA PRO A 163 -9.49 19.26 -1.22
C PRO A 163 -8.50 18.07 -1.24
N VAL A 164 -7.44 18.19 -2.05
CA VAL A 164 -6.44 17.15 -2.19
C VAL A 164 -5.77 16.85 -0.86
N MET A 165 -5.51 17.87 -0.03
CA MET A 165 -4.80 17.66 1.22
C MET A 165 -5.77 17.22 2.31
N ILE A 166 -6.97 17.80 2.33
CA ILE A 166 -7.96 17.44 3.35
C ILE A 166 -8.12 15.93 3.35
N LEU A 167 -8.34 15.37 2.15
CA LEU A 167 -8.49 13.94 1.95
C LEU A 167 -7.20 13.24 2.33
N ASN A 168 -6.07 13.75 1.81
CA ASN A 168 -4.75 13.19 2.06
C ASN A 168 -4.27 13.49 3.50
N GLU A 169 -5.16 13.94 4.40
CA GLU A 169 -4.83 14.11 5.81
C GLU A 169 -5.88 13.51 6.73
N LEU A 170 -7.14 13.43 6.27
CA LEU A 170 -8.21 12.80 7.03
C LEU A 170 -8.19 11.29 6.88
N ARG A 171 -7.89 10.80 5.68
CA ARG A 171 -7.89 9.36 5.41
C ARG A 171 -7.03 9.05 4.19
N PRO A 172 -5.70 9.09 4.32
CA PRO A 172 -4.79 8.67 3.27
C PRO A 172 -4.86 7.14 3.11
N GLY A 173 -4.04 6.57 2.23
CA GLY A 173 -4.11 5.14 1.93
C GLY A 173 -4.85 4.86 0.64
N LEU A 174 -4.64 5.69 -0.38
CA LEU A 174 -5.35 5.60 -1.64
C LEU A 174 -4.36 5.57 -2.79
N LYS A 175 -4.89 5.61 -4.01
CA LYS A 175 -4.11 5.64 -5.23
C LYS A 175 -4.78 6.57 -6.24
N TYR A 176 -4.02 7.15 -7.16
CA TYR A 176 -4.54 8.07 -8.16
C TYR A 176 -4.03 7.65 -9.53
N ASP A 177 -4.78 8.06 -10.56
CA ASP A 177 -4.34 7.87 -11.93
C ASP A 177 -4.60 9.13 -12.73
N PHE A 178 -3.82 9.37 -13.79
CA PHE A 178 -4.05 10.48 -14.68
C PHE A 178 -4.66 9.90 -15.95
N LEU A 179 -5.69 10.57 -16.47
CA LEU A 179 -6.44 10.06 -17.58
C LEU A 179 -6.41 11.10 -18.70
N SER A 180 -6.70 10.58 -19.90
CA SER A 180 -6.49 11.21 -21.19
C SER A 180 -6.94 12.67 -21.32
N GLU A 181 -6.49 13.29 -22.41
CA GLU A 181 -6.69 14.71 -22.64
C GLU A 181 -7.16 14.99 -24.07
N SER A 182 -7.49 16.25 -24.37
CA SER A 182 -7.92 16.68 -25.69
C SER A 182 -7.58 18.15 -25.90
N GLY A 183 -7.19 18.53 -27.11
CA GLY A 183 -6.75 19.88 -27.44
C GLY A 183 -5.37 19.85 -28.08
N GLU A 184 -4.76 21.03 -28.24
CA GLU A 184 -3.44 21.12 -28.87
C GLU A 184 -2.52 22.02 -28.02
N SER A 185 -2.90 23.27 -27.82
CA SER A 185 -2.14 24.20 -26.98
C SER A 185 -2.92 25.50 -26.78
N HIS A 186 -3.66 25.92 -27.81
CA HIS A 186 -4.51 27.10 -27.70
C HIS A 186 -5.68 26.83 -26.74
N ALA A 187 -5.94 25.54 -26.50
CA ALA A 187 -6.94 25.10 -25.56
C ALA A 187 -6.61 23.67 -25.19
N LYS A 188 -6.91 23.26 -23.95
CA LYS A 188 -6.56 21.93 -23.48
C LYS A 188 -7.40 21.54 -22.27
N SER A 189 -7.53 20.23 -22.05
CA SER A 189 -8.21 19.67 -20.88
C SER A 189 -7.55 18.35 -20.51
N PHE A 190 -7.76 17.93 -19.27
CA PHE A 190 -7.16 16.72 -18.74
C PHE A 190 -8.09 16.09 -17.74
N VAL A 191 -7.78 14.90 -17.21
CA VAL A 191 -8.54 14.35 -16.12
C VAL A 191 -7.64 13.50 -15.21
N MET A 192 -8.09 13.35 -13.96
CA MET A 192 -7.45 12.49 -13.00
C MET A 192 -8.53 11.54 -12.51
N SER A 193 -8.11 10.42 -11.96
CA SER A 193 -9.03 9.49 -11.33
C SER A 193 -8.34 8.94 -10.08
N VAL A 194 -9.08 8.21 -9.25
CA VAL A 194 -8.57 7.77 -7.97
C VAL A 194 -9.19 6.44 -7.59
N VAL A 195 -8.55 5.77 -6.64
CA VAL A 195 -9.09 4.58 -6.03
C VAL A 195 -8.81 4.72 -4.55
N VAL A 196 -9.85 4.55 -3.73
CA VAL A 196 -9.71 4.71 -2.28
C VAL A 196 -10.72 3.80 -1.58
N ASP A 197 -10.26 3.06 -0.56
CA ASP A 197 -11.09 2.08 0.14
C ASP A 197 -11.67 1.02 -0.81
N GLY A 198 -11.38 1.12 -2.12
CA GLY A 198 -11.88 0.17 -3.12
C GLY A 198 -12.80 0.86 -4.11
N GLN A 199 -13.30 2.05 -3.75
CA GLN A 199 -14.18 2.82 -4.62
C GLN A 199 -13.34 3.46 -5.74
N PHE A 200 -13.99 4.08 -6.72
CA PHE A 200 -13.30 4.72 -7.83
C PHE A 200 -13.90 6.08 -8.13
N PHE A 201 -13.01 7.06 -8.39
CA PHE A 201 -13.42 8.41 -8.72
C PHE A 201 -12.70 8.94 -9.94
N GLU A 202 -13.21 10.03 -10.52
CA GLU A 202 -12.63 10.65 -11.70
C GLU A 202 -12.98 12.15 -11.66
N GLY A 203 -12.20 13.00 -12.32
CA GLY A 203 -12.47 14.42 -12.38
C GLY A 203 -11.61 15.13 -13.42
N SER A 204 -12.22 15.97 -14.26
CA SER A 204 -11.51 16.67 -15.32
C SER A 204 -11.22 18.11 -14.97
N GLY A 205 -10.40 18.78 -15.79
CA GLY A 205 -10.03 20.17 -15.57
C GLY A 205 -9.21 20.73 -16.73
N ARG A 206 -8.90 22.04 -16.68
CA ARG A 206 -8.08 22.68 -17.71
C ARG A 206 -6.60 22.40 -17.50
N ASN A 207 -6.24 21.87 -16.33
CA ASN A 207 -4.87 21.52 -15.99
C ASN A 207 -4.89 20.35 -15.01
N LYS A 208 -3.74 19.70 -14.78
CA LYS A 208 -3.67 18.50 -13.96
C LYS A 208 -4.05 18.73 -12.50
N LYS A 209 -3.74 19.91 -11.94
CA LYS A 209 -4.04 20.19 -10.54
C LYS A 209 -5.53 20.41 -10.32
N LEU A 210 -6.21 21.03 -11.29
CA LEU A 210 -7.62 21.30 -11.20
C LEU A 210 -8.40 20.00 -11.36
N ALA A 211 -7.90 19.13 -12.24
CA ALA A 211 -8.50 17.82 -12.44
C ALA A 211 -8.41 16.97 -11.19
N LYS A 212 -7.26 16.98 -10.49
CA LYS A 212 -7.11 16.25 -9.23
C LYS A 212 -7.97 16.87 -8.14
N ALA A 213 -8.17 18.18 -8.15
CA ALA A 213 -8.98 18.83 -7.14
C ALA A 213 -10.43 18.39 -7.27
N ARG A 214 -10.86 18.03 -8.49
CA ARG A 214 -12.21 17.53 -8.71
C ARG A 214 -12.32 16.03 -8.38
N ALA A 215 -11.40 15.22 -8.91
CA ALA A 215 -11.39 13.79 -8.61
C ALA A 215 -11.20 13.53 -7.11
N ALA A 216 -10.45 14.40 -6.43
CA ALA A 216 -10.21 14.27 -5.01
C ALA A 216 -11.46 14.72 -4.24
N GLN A 217 -11.92 15.95 -4.46
CA GLN A 217 -13.21 16.42 -3.94
C GLN A 217 -14.31 15.35 -4.07
N SER A 218 -14.33 14.57 -5.15
CA SER A 218 -15.33 13.52 -5.30
C SER A 218 -15.04 12.36 -4.37
N ALA A 219 -13.76 11.96 -4.28
CA ALA A 219 -13.35 10.88 -3.42
C ALA A 219 -13.63 11.23 -1.96
N LEU A 220 -13.36 12.48 -1.56
CA LEU A 220 -13.62 12.94 -0.22
C LEU A 220 -15.11 12.84 0.09
N ALA A 221 -15.97 13.48 -0.72
CA ALA A 221 -17.39 13.54 -0.43
C ALA A 221 -18.01 12.16 -0.22
N THR A 222 -17.74 11.19 -1.10
CA THR A 222 -18.35 9.87 -1.00
C THR A 222 -17.75 8.97 0.07
N VAL A 223 -16.42 8.99 0.25
CA VAL A 223 -15.77 8.07 1.16
C VAL A 223 -15.88 8.57 2.59
N PHE A 224 -15.99 9.90 2.75
CA PHE A 224 -16.05 10.52 4.06
C PHE A 224 -17.50 10.80 4.45
N ASN A 225 -18.47 10.52 3.57
CA ASN A 225 -19.87 10.80 3.81
C ASN A 225 -20.11 12.28 4.13
N LEU A 226 -19.36 13.16 3.47
CA LEU A 226 -19.41 14.59 3.69
C LEU A 226 -19.39 15.33 2.34
N HIS A 227 -19.14 16.65 2.37
CA HIS A 227 -19.11 17.47 1.17
C HIS A 227 -18.03 18.56 1.34
N LEU A 228 -18.01 19.54 0.44
CA LEU A 228 -17.01 20.59 0.44
C LEU A 228 -17.65 21.99 0.54
N LEU A 229 -18.92 22.04 0.96
CA LEU A 229 -19.68 23.27 1.17
C LEU A 229 -19.65 24.24 -0.01
N GLU A 230 -19.53 23.72 -1.24
CA GLU A 230 -19.54 24.52 -2.46
C GLU A 230 -20.90 25.20 -2.69
N HIS A 231 -21.79 25.15 -1.70
CA HIS A 231 -23.13 25.71 -1.77
C HIS A 231 -23.49 26.43 -0.46
N HIS A 232 -22.52 26.56 0.44
CA HIS A 232 -22.71 27.23 1.74
C HIS A 232 -21.46 28.02 2.13
N HIS A 233 -20.44 28.01 1.25
CA HIS A 233 -19.20 28.72 1.48
C HIS A 233 -18.61 29.09 0.12
N HIS A 234 -17.80 30.14 0.07
CA HIS A 234 -17.18 30.60 -1.16
C HIS A 234 -15.93 31.43 -0.84
N HIS A 235 -15.31 32.01 -1.89
CA HIS A 235 -14.08 32.79 -1.73
C HIS A 235 -14.06 34.01 -2.66
N HIS A 236 -15.22 34.36 -3.24
CA HIS A 236 -15.34 35.50 -4.15
C HIS A 236 -16.68 36.21 -3.96
N PRO A 1 -6.55 -10.57 14.31
CA PRO A 1 -5.68 -10.01 15.34
C PRO A 1 -4.30 -10.66 15.38
N GLY A 2 -3.43 -10.16 16.25
CA GLY A 2 -2.08 -10.67 16.41
C GLY A 2 -1.39 -10.11 17.66
N PRO A 3 -2.00 -10.25 18.85
CA PRO A 3 -1.47 -9.73 20.09
C PRO A 3 -0.25 -10.53 20.54
N VAL A 4 0.41 -10.05 21.61
CA VAL A 4 1.61 -10.66 22.16
C VAL A 4 1.61 -10.52 23.68
N LEU A 5 2.60 -11.13 24.34
CA LEU A 5 2.75 -11.08 25.79
C LEU A 5 4.23 -11.05 26.17
N PRO A 6 4.95 -10.00 25.77
CA PRO A 6 6.39 -9.88 25.98
C PRO A 6 6.84 -10.10 27.42
N LYS A 7 5.96 -9.80 28.40
CA LYS A 7 6.32 -9.88 29.80
C LYS A 7 6.87 -11.25 30.14
N ASN A 8 6.38 -12.31 29.47
CA ASN A 8 6.88 -13.66 29.65
C ASN A 8 8.39 -13.70 29.39
N ALA A 9 8.81 -13.40 28.17
CA ALA A 9 10.23 -13.40 27.79
C ALA A 9 11.04 -12.44 28.65
N LEU A 10 10.42 -11.32 29.05
CA LEU A 10 11.14 -10.25 29.72
C LEU A 10 11.44 -10.64 31.16
N MET A 11 10.41 -11.05 31.91
CA MET A 11 10.59 -11.53 33.27
C MET A 11 11.46 -12.78 33.32
N GLN A 12 11.18 -13.76 32.46
CA GLN A 12 11.95 -14.98 32.44
C GLN A 12 13.43 -14.68 32.20
N LEU A 13 13.73 -13.78 31.25
CA LEU A 13 15.10 -13.31 31.03
C LEU A 13 15.68 -12.74 32.31
N ASN A 14 14.97 -11.80 32.94
CA ASN A 14 15.42 -11.15 34.15
C ASN A 14 15.77 -12.17 35.23
N GLU A 15 14.96 -13.24 35.34
CA GLU A 15 15.23 -14.30 36.29
C GLU A 15 16.52 -15.04 35.95
N ILE A 16 16.65 -15.53 34.71
CA ILE A 16 17.81 -16.32 34.33
C ILE A 16 19.10 -15.50 34.25
N LYS A 17 18.98 -14.17 34.13
CA LYS A 17 20.06 -13.18 34.00
C LYS A 17 21.26 -13.47 34.91
N PRO A 18 22.28 -14.20 34.42
CA PRO A 18 23.47 -14.55 35.18
C PRO A 18 24.50 -13.42 35.13
N GLY A 19 24.13 -12.29 34.52
CA GLY A 19 25.05 -11.19 34.29
C GLY A 19 25.44 -11.16 32.81
N LEU A 20 24.54 -11.68 31.98
CA LEU A 20 24.70 -11.76 30.53
C LEU A 20 24.85 -10.39 29.86
N GLN A 21 25.03 -10.40 28.53
CA GLN A 21 25.22 -9.14 27.81
C GLN A 21 24.34 -9.01 26.57
N TYR A 22 23.75 -7.82 26.42
CA TYR A 22 22.99 -7.47 25.22
C TYR A 22 23.81 -6.51 24.36
N MET A 23 23.84 -6.77 23.04
CA MET A 23 24.54 -5.91 22.09
C MET A 23 23.67 -5.68 20.85
N LEU A 24 23.80 -4.51 20.24
CA LEU A 24 23.01 -4.10 19.08
C LEU A 24 23.86 -4.15 17.81
N LEU A 25 23.25 -4.59 16.72
CA LEU A 25 23.94 -4.84 15.46
C LEU A 25 23.02 -4.36 14.33
N SER A 26 23.47 -4.52 13.08
CA SER A 26 22.84 -3.88 11.93
C SER A 26 22.56 -2.41 12.19
N GLN A 27 21.29 -2.07 12.11
CA GLN A 27 20.74 -0.74 12.13
C GLN A 27 21.07 -0.02 10.82
N THR A 28 20.24 -0.31 9.82
CA THR A 28 20.32 0.27 8.49
C THR A 28 19.00 -0.04 7.77
N GLY A 29 18.76 0.54 6.59
CA GLY A 29 17.50 0.39 5.90
C GLY A 29 16.88 1.77 5.69
N PRO A 30 15.64 1.85 5.21
CA PRO A 30 14.94 3.11 5.05
C PRO A 30 14.59 3.66 6.44
N VAL A 31 14.22 4.93 6.48
CA VAL A 31 13.99 5.66 7.71
C VAL A 31 12.66 5.34 8.40
N HIS A 32 11.90 4.39 7.80
CA HIS A 32 10.60 4.02 8.31
C HIS A 32 10.44 2.50 8.39
N ALA A 33 11.45 1.77 7.91
CA ALA A 33 11.54 0.32 8.15
C ALA A 33 12.99 -0.05 8.41
N PRO A 34 13.60 0.54 9.46
CA PRO A 34 14.99 0.32 9.83
C PRO A 34 15.14 -1.05 10.48
N LEU A 35 16.20 -1.78 10.15
CA LEU A 35 16.40 -3.11 10.70
C LEU A 35 17.49 -3.10 11.76
N PHE A 36 17.11 -3.53 12.96
CA PHE A 36 18.02 -3.58 14.08
C PHE A 36 18.16 -5.04 14.46
N VAL A 37 19.38 -5.50 14.73
CA VAL A 37 19.54 -6.87 15.20
C VAL A 37 20.21 -6.86 16.55
N MET A 38 19.45 -7.26 17.56
CA MET A 38 19.97 -7.28 18.92
C MET A 38 20.36 -8.72 19.18
N SER A 39 21.55 -8.92 19.73
CA SER A 39 22.03 -10.25 20.01
C SER A 39 22.43 -10.29 21.48
N VAL A 40 22.02 -11.36 22.14
CA VAL A 40 22.26 -11.54 23.56
C VAL A 40 23.29 -12.64 23.72
N GLU A 41 24.08 -12.55 24.79
CA GLU A 41 25.25 -13.40 24.98
C GLU A 41 25.24 -13.94 26.39
N VAL A 42 25.15 -15.27 26.49
CA VAL A 42 25.12 -15.97 27.76
C VAL A 42 26.04 -17.17 27.71
N ASN A 43 26.95 -17.27 28.69
CA ASN A 43 27.92 -18.36 28.82
C ASN A 43 28.78 -18.63 27.57
N GLY A 44 28.63 -17.83 26.50
CA GLY A 44 29.42 -18.00 25.29
C GLY A 44 28.56 -18.29 24.08
N GLN A 45 27.23 -18.36 24.28
CA GLN A 45 26.28 -18.56 23.22
C GLN A 45 25.62 -17.21 22.95
N VAL A 46 25.58 -16.82 21.68
CA VAL A 46 25.04 -15.54 21.27
C VAL A 46 23.91 -15.83 20.29
N PHE A 47 22.77 -15.15 20.49
CA PHE A 47 21.60 -15.36 19.64
C PHE A 47 21.08 -14.01 19.20
N GLU A 48 20.78 -13.87 17.91
CA GLU A 48 20.50 -12.57 17.31
C GLU A 48 19.08 -12.49 16.78
N GLY A 49 18.40 -11.37 17.07
CA GLY A 49 17.02 -11.18 16.65
C GLY A 49 16.90 -9.89 15.86
N SER A 50 16.17 -9.97 14.73
CA SER A 50 16.08 -8.93 13.72
C SER A 50 14.69 -8.32 13.67
N GLY A 51 14.56 -7.10 14.21
CA GLY A 51 13.28 -6.40 14.21
C GLY A 51 13.42 -4.91 13.91
N PRO A 52 12.32 -4.30 13.46
CA PRO A 52 12.19 -2.85 13.41
C PRO A 52 12.01 -2.36 14.83
N THR A 53 12.71 -1.28 15.19
CA THR A 53 12.75 -0.79 16.56
C THR A 53 13.45 -1.81 17.48
N LYS A 54 14.20 -1.31 18.46
CA LYS A 54 15.06 -2.12 19.31
C LYS A 54 14.27 -3.11 20.18
N LYS A 55 13.01 -2.82 20.49
CA LYS A 55 12.20 -3.61 21.42
C LYS A 55 12.10 -5.07 20.99
N LYS A 56 11.45 -5.32 19.85
CA LYS A 56 11.22 -6.66 19.31
C LYS A 56 12.52 -7.44 19.15
N ALA A 57 13.57 -6.79 18.65
CA ALA A 57 14.85 -7.45 18.46
C ALA A 57 15.35 -8.06 19.76
N LYS A 58 15.45 -7.24 20.83
CA LYS A 58 15.85 -7.73 22.14
C LYS A 58 14.92 -8.86 22.62
N LEU A 59 13.62 -8.72 22.37
CA LEU A 59 12.62 -9.70 22.79
C LEU A 59 12.94 -11.08 22.21
N HIS A 60 13.01 -11.14 20.89
CA HIS A 60 13.34 -12.35 20.14
C HIS A 60 14.68 -12.92 20.61
N ALA A 61 15.70 -12.07 20.76
CA ALA A 61 16.98 -12.49 21.27
C ALA A 61 16.81 -13.18 22.63
N ALA A 62 16.03 -12.58 23.53
CA ALA A 62 15.79 -13.09 24.87
C ALA A 62 15.22 -14.50 24.79
N GLU A 63 14.14 -14.66 24.03
CA GLU A 63 13.47 -15.94 23.86
C GLU A 63 14.43 -17.02 23.40
N LYS A 64 15.09 -16.74 22.27
CA LYS A 64 16.02 -17.67 21.65
C LYS A 64 17.11 -18.09 22.63
N ALA A 65 17.90 -17.13 23.09
CA ALA A 65 19.01 -17.41 24.00
C ALA A 65 18.54 -18.13 25.25
N LEU A 66 17.42 -17.67 25.83
CA LEU A 66 16.83 -18.30 26.99
C LEU A 66 16.71 -19.79 26.72
N ARG A 67 15.82 -20.18 25.81
CA ARG A 67 15.56 -21.60 25.60
C ARG A 67 16.80 -22.35 25.15
N SER A 68 17.74 -21.65 24.52
CA SER A 68 18.98 -22.26 24.11
C SER A 68 19.89 -22.60 25.29
N PHE A 69 20.38 -21.58 26.01
CA PHE A 69 21.38 -21.80 27.05
C PHE A 69 20.80 -22.38 28.33
N VAL A 70 19.48 -22.38 28.57
CA VAL A 70 18.96 -23.08 29.75
C VAL A 70 19.39 -24.56 29.80
N GLN A 71 19.90 -25.11 28.70
CA GLN A 71 20.43 -26.48 28.66
C GLN A 71 21.89 -26.51 29.08
N PHE A 72 22.55 -25.33 29.13
CA PHE A 72 23.95 -25.17 29.51
C PHE A 72 24.12 -23.86 30.30
N PRO A 73 23.50 -23.75 31.47
CA PRO A 73 23.53 -22.59 32.35
C PRO A 73 24.88 -22.44 33.07
N ASN A 74 25.86 -23.30 32.75
CA ASN A 74 27.18 -23.26 33.39
C ASN A 74 28.24 -23.68 32.37
N ALA A 75 29.51 -23.47 32.70
CA ALA A 75 30.62 -23.77 31.81
C ALA A 75 31.86 -24.24 32.57
N SER A 76 31.73 -24.54 33.86
CA SER A 76 32.85 -25.02 34.66
C SER A 76 33.39 -26.34 34.10
N GLU A 77 34.57 -26.78 34.55
CA GLU A 77 35.17 -28.03 34.11
C GLU A 77 34.28 -29.23 34.42
N ALA A 78 34.45 -30.32 33.67
CA ALA A 78 33.68 -31.54 33.86
C ALA A 78 34.38 -32.74 33.25
N HIS A 79 33.81 -33.93 33.42
CA HIS A 79 34.36 -35.18 32.91
C HIS A 79 33.26 -36.17 32.55
N LEU A 80 32.00 -35.75 32.60
CA LEU A 80 30.85 -36.58 32.25
C LEU A 80 30.84 -36.88 30.74
N ALA A 81 29.97 -37.81 30.36
CA ALA A 81 29.83 -38.25 28.97
C ALA A 81 28.40 -38.69 28.71
N MET A 82 28.11 -39.05 27.46
CA MET A 82 26.77 -39.46 27.03
C MET A 82 26.88 -40.55 25.97
N GLY A 83 25.73 -41.14 25.61
CA GLY A 83 25.67 -42.20 24.63
C GLY A 83 24.28 -42.29 23.99
N ARG A 84 23.43 -41.28 24.22
CA ARG A 84 22.07 -41.24 23.72
C ARG A 84 21.63 -39.77 23.62
N THR A 85 20.59 -39.47 22.85
CA THR A 85 20.09 -38.12 22.67
C THR A 85 18.60 -38.13 22.42
N LEU A 86 17.98 -36.93 22.36
CA LEU A 86 16.56 -36.76 22.17
C LEU A 86 16.30 -35.50 21.34
N SER A 87 17.33 -34.99 20.66
CA SER A 87 17.26 -33.76 19.87
C SER A 87 18.09 -33.89 18.60
N VAL A 88 17.81 -33.01 17.62
CA VAL A 88 18.50 -33.02 16.34
C VAL A 88 19.96 -32.56 16.47
N ASN A 89 20.83 -33.07 15.60
CA ASN A 89 22.25 -32.75 15.59
C ASN A 89 22.81 -32.74 14.17
N THR A 90 21.93 -32.82 13.16
CA THR A 90 22.28 -32.82 11.74
C THR A 90 21.21 -32.08 10.95
N ASP A 91 21.32 -32.07 9.63
CA ASP A 91 20.37 -31.38 8.77
C ASP A 91 20.17 -32.12 7.45
N PHE A 92 19.20 -31.65 6.65
CA PHE A 92 18.86 -32.27 5.37
C PHE A 92 18.46 -31.21 4.35
N THR A 93 18.64 -29.92 4.69
CA THR A 93 18.34 -28.80 3.82
C THR A 93 19.16 -28.90 2.53
N SER A 94 18.70 -28.22 1.47
CA SER A 94 19.35 -28.23 0.17
C SER A 94 19.11 -26.89 -0.54
N ASP A 95 19.80 -26.70 -1.67
CA ASP A 95 19.69 -25.46 -2.44
C ASP A 95 18.27 -25.26 -2.97
N GLN A 96 17.97 -24.01 -3.34
CA GLN A 96 16.65 -23.62 -3.86
C GLN A 96 16.77 -22.39 -4.77
N ALA A 97 15.69 -22.08 -5.48
CA ALA A 97 15.63 -20.92 -6.36
C ALA A 97 14.19 -20.47 -6.58
N ASP A 98 13.99 -19.26 -7.10
CA ASP A 98 12.66 -18.74 -7.38
C ASP A 98 12.11 -19.35 -8.67
N PHE A 99 10.84 -19.04 -8.98
CA PHE A 99 10.16 -19.53 -10.17
C PHE A 99 9.25 -18.44 -10.74
N PRO A 100 8.95 -18.49 -12.05
CA PRO A 100 8.08 -17.53 -12.70
C PRO A 100 6.60 -17.73 -12.30
N ASP A 101 5.77 -16.72 -12.58
CA ASP A 101 4.34 -16.77 -12.27
C ASP A 101 3.53 -15.93 -13.26
N THR A 102 4.20 -15.43 -14.33
CA THR A 102 3.56 -14.61 -15.36
C THR A 102 4.15 -14.95 -16.73
N LEU A 103 3.60 -14.36 -17.79
CA LEU A 103 4.07 -14.57 -19.16
C LEU A 103 3.83 -13.29 -19.98
N PHE A 104 4.58 -13.15 -21.08
CA PHE A 104 4.44 -12.04 -22.00
C PHE A 104 3.13 -12.15 -22.79
N ASN A 105 2.91 -11.21 -23.72
CA ASN A 105 1.71 -11.16 -24.53
C ASN A 105 2.06 -10.81 -25.97
N GLY A 106 1.08 -10.93 -26.87
CA GLY A 106 1.28 -10.71 -28.30
C GLY A 106 -0.03 -10.87 -29.07
N PHE A 107 -1.16 -10.60 -28.41
CA PHE A 107 -2.49 -10.77 -28.97
C PHE A 107 -3.41 -9.66 -28.46
N GLU A 108 -4.69 -9.66 -28.88
CA GLU A 108 -5.63 -8.61 -28.53
C GLU A 108 -7.03 -9.17 -28.30
N THR A 109 -7.92 -8.32 -27.75
CA THR A 109 -9.29 -8.71 -27.45
C THR A 109 -10.07 -8.99 -28.73
N PRO A 110 -11.12 -9.82 -28.65
CA PRO A 110 -11.98 -10.17 -29.76
C PRO A 110 -12.91 -9.03 -30.15
N ASP A 111 -12.75 -7.86 -29.55
CA ASP A 111 -13.59 -6.70 -29.81
C ASP A 111 -12.80 -5.41 -29.66
N LYS A 112 -13.44 -4.27 -29.91
CA LYS A 112 -12.83 -2.95 -29.82
C LYS A 112 -13.88 -1.94 -29.36
N SER A 113 -13.44 -0.84 -28.73
CA SER A 113 -14.36 0.17 -28.20
C SER A 113 -13.75 1.57 -28.23
N GLU A 114 -12.64 1.75 -28.93
CA GLU A 114 -11.96 3.03 -29.00
C GLU A 114 -11.43 3.32 -30.42
N PRO A 115 -12.25 3.13 -31.47
CA PRO A 115 -11.84 3.43 -32.83
C PRO A 115 -11.75 4.94 -33.05
N PRO A 116 -11.17 5.39 -34.17
CA PRO A 116 -11.11 6.79 -34.56
C PRO A 116 -12.47 7.49 -34.51
N PHE A 117 -12.46 8.83 -34.46
CA PHE A 117 -13.69 9.63 -34.38
C PHE A 117 -13.46 11.02 -34.96
N TYR A 118 -14.51 11.82 -35.07
CA TYR A 118 -14.44 13.16 -35.65
C TYR A 118 -15.29 14.15 -34.86
N VAL A 119 -15.21 15.43 -35.24
CA VAL A 119 -15.87 16.52 -34.53
C VAL A 119 -16.56 17.49 -35.48
N GLY A 120 -16.82 17.05 -36.72
CA GLY A 120 -17.44 17.89 -37.74
C GLY A 120 -18.13 17.07 -38.82
N SER A 121 -18.70 17.77 -39.80
CA SER A 121 -19.42 17.16 -40.91
C SER A 121 -19.23 17.99 -42.18
N ASN A 122 -19.92 17.61 -43.28
CA ASN A 122 -19.79 18.31 -44.55
C ASN A 122 -21.14 18.48 -45.26
N GLY A 123 -22.23 18.03 -44.64
CA GLY A 123 -23.56 18.18 -45.22
C GLY A 123 -24.62 17.43 -44.42
N ASP A 124 -25.88 17.66 -44.77
CA ASP A 124 -27.01 17.01 -44.10
C ASP A 124 -28.19 16.84 -45.06
N ASP A 125 -28.00 17.23 -46.33
CA ASP A 125 -29.04 17.15 -47.34
C ASP A 125 -28.44 16.79 -48.71
N SER A 126 -27.14 16.48 -48.72
CA SER A 126 -26.42 16.12 -49.92
C SER A 126 -25.20 15.27 -49.57
N PHE A 127 -24.61 14.62 -50.58
CA PHE A 127 -23.47 13.75 -50.36
C PHE A 127 -22.62 13.63 -51.63
N SER A 128 -21.47 12.97 -51.48
CA SER A 128 -20.52 12.73 -52.56
C SER A 128 -19.64 11.52 -52.24
N SER A 129 -18.80 11.11 -53.18
CA SER A 129 -17.90 9.97 -53.01
C SER A 129 -16.90 10.26 -51.88
N SER A 130 -16.25 9.22 -51.36
CA SER A 130 -15.27 9.35 -50.28
C SER A 130 -14.28 8.18 -50.31
N GLY A 131 -13.23 8.26 -49.47
CA GLY A 131 -12.22 7.22 -49.39
C GLY A 131 -11.12 7.55 -48.38
N ASP A 132 -11.31 8.60 -47.56
CA ASP A 132 -10.32 9.04 -46.60
C ASP A 132 -10.98 9.63 -45.35
N VAL A 133 -12.30 9.53 -45.27
CA VAL A 133 -13.08 10.07 -44.14
C VAL A 133 -14.35 9.24 -43.94
N SER A 134 -14.97 9.38 -42.77
CA SER A 134 -16.18 8.63 -42.42
C SER A 134 -17.12 9.47 -41.57
N LEU A 135 -17.04 10.80 -41.68
CA LEU A 135 -17.88 11.71 -40.92
C LEU A 135 -19.38 11.51 -41.19
N SER A 136 -19.72 10.70 -42.20
CA SER A 136 -21.10 10.35 -42.53
C SER A 136 -21.70 9.37 -41.53
N ALA A 137 -21.04 9.17 -40.38
CA ALA A 137 -21.44 8.20 -39.36
C ALA A 137 -21.29 8.82 -37.96
N SER A 138 -21.38 10.16 -37.88
CA SER A 138 -21.26 10.91 -36.64
C SER A 138 -22.38 11.95 -36.52
N PRO A 139 -23.64 11.57 -36.73
CA PRO A 139 -24.78 12.47 -36.68
C PRO A 139 -25.06 12.93 -35.24
N VAL A 140 -26.01 13.85 -35.09
CA VAL A 140 -26.39 14.43 -33.80
C VAL A 140 -27.91 14.60 -33.80
N PRO A 141 -28.58 14.37 -32.65
CA PRO A 141 -30.01 14.55 -32.46
C PRO A 141 -30.54 15.88 -33.00
N ALA A 142 -31.83 15.92 -33.31
CA ALA A 142 -32.47 17.09 -33.91
C ALA A 142 -33.92 17.23 -33.45
N SER A 143 -34.29 16.58 -32.32
CA SER A 143 -35.65 16.57 -31.81
C SER A 143 -35.71 16.84 -30.31
N LEU A 144 -34.61 17.32 -29.72
CA LEU A 144 -34.54 17.67 -28.30
C LEU A 144 -35.32 18.97 -28.04
N THR A 145 -35.63 19.72 -29.10
CA THR A 145 -36.35 21.00 -29.08
C THR A 145 -35.88 21.97 -27.99
N GLN A 146 -34.64 21.81 -27.50
CA GLN A 146 -34.08 22.68 -26.48
C GLN A 146 -32.55 22.67 -26.60
N PRO A 147 -31.88 23.82 -26.40
CA PRO A 147 -30.43 23.91 -26.37
C PRO A 147 -29.80 22.92 -25.39
N PRO A 148 -28.50 22.66 -25.51
CA PRO A 148 -27.76 21.79 -24.60
C PRO A 148 -27.61 22.46 -23.24
N LEU A 149 -27.19 21.68 -22.22
CA LEU A 149 -27.05 22.19 -20.87
C LEU A 149 -25.93 23.24 -20.81
N PRO A 150 -25.97 24.15 -19.81
CA PRO A 150 -24.94 25.14 -19.56
C PRO A 150 -23.55 24.51 -19.39
N ILE A 151 -22.51 25.34 -19.48
CA ILE A 151 -21.13 24.87 -19.33
C ILE A 151 -20.25 26.02 -18.81
N PRO A 152 -19.31 25.73 -17.89
CA PRO A 152 -18.33 26.69 -17.41
C PRO A 152 -17.54 27.34 -18.56
N PRO A 153 -16.84 28.45 -18.28
CA PRO A 153 -15.97 29.11 -19.24
C PRO A 153 -14.97 28.13 -19.88
N PRO A 154 -14.41 28.50 -21.04
CA PRO A 154 -13.45 27.69 -21.77
C PRO A 154 -12.09 27.62 -21.08
N PHE A 155 -11.95 28.26 -19.91
CA PHE A 155 -10.69 28.37 -19.18
C PHE A 155 -10.93 28.07 -17.70
N PRO A 156 -9.90 27.67 -16.96
CA PRO A 156 -9.99 27.36 -15.53
C PRO A 156 -10.62 28.49 -14.73
N PRO A 157 -11.45 28.16 -13.73
CA PRO A 157 -12.02 29.10 -12.77
C PRO A 157 -10.94 29.94 -12.08
N PRO A 158 -11.31 31.10 -11.51
CA PRO A 158 -10.38 32.01 -10.84
C PRO A 158 -9.96 31.47 -9.46
N SER A 159 -10.62 30.44 -8.96
CA SER A 159 -10.32 29.83 -7.67
C SER A 159 -10.88 28.41 -7.63
N GLY A 160 -10.48 27.62 -6.62
CA GLY A 160 -10.93 26.25 -6.49
C GLY A 160 -10.28 25.52 -5.30
N LYS A 161 -10.57 24.22 -5.18
CA LYS A 161 -10.09 23.34 -4.13
C LYS A 161 -9.99 21.92 -4.71
N ASN A 162 -9.45 20.96 -3.95
CA ASN A 162 -9.25 19.60 -4.43
C ASN A 162 -9.63 18.53 -3.40
N PRO A 163 -10.28 17.44 -3.85
CA PRO A 163 -10.65 16.32 -3.02
C PRO A 163 -9.50 15.34 -2.86
N VAL A 164 -8.39 15.58 -3.57
CA VAL A 164 -7.23 14.70 -3.55
C VAL A 164 -6.63 14.57 -2.15
N MET A 165 -6.56 15.68 -1.40
CA MET A 165 -5.96 15.67 -0.07
C MET A 165 -6.91 15.09 0.96
N ILE A 166 -8.18 15.54 0.95
CA ILE A 166 -9.15 15.03 1.91
C ILE A 166 -9.27 13.51 1.79
N LEU A 167 -9.24 12.98 0.57
CA LEU A 167 -9.24 11.53 0.40
C LEU A 167 -7.93 10.97 0.95
N ASN A 168 -6.80 11.52 0.51
CA ASN A 168 -5.48 11.05 0.90
C ASN A 168 -5.11 11.41 2.34
N GLU A 169 -6.07 11.83 3.17
CA GLU A 169 -5.83 12.07 4.58
C GLU A 169 -7.00 11.56 5.46
N LEU A 170 -8.10 11.07 4.87
CA LEU A 170 -9.18 10.45 5.62
C LEU A 170 -9.05 8.93 5.56
N ARG A 171 -8.59 8.43 4.40
CA ARG A 171 -8.38 7.02 4.17
C ARG A 171 -7.38 6.79 3.05
N PRO A 172 -6.10 7.09 3.30
CA PRO A 172 -5.02 6.81 2.37
C PRO A 172 -4.84 5.29 2.21
N GLY A 173 -3.81 4.85 1.48
CA GLY A 173 -3.63 3.43 1.20
C GLY A 173 -4.15 3.04 -0.18
N LEU A 174 -3.95 3.91 -1.17
CA LEU A 174 -4.44 3.70 -2.51
C LEU A 174 -3.31 3.88 -3.52
N LYS A 175 -3.65 3.79 -4.79
CA LYS A 175 -2.70 3.94 -5.88
C LYS A 175 -3.39 4.69 -7.02
N TYR A 176 -2.63 5.38 -7.87
CA TYR A 176 -3.19 6.13 -8.98
C TYR A 176 -2.41 5.78 -10.24
N ASP A 177 -3.10 5.86 -11.37
CA ASP A 177 -2.48 5.63 -12.67
C ASP A 177 -3.00 6.62 -13.70
N PHE A 178 -2.10 7.45 -14.25
CA PHE A 178 -2.47 8.42 -15.27
C PHE A 178 -2.67 7.71 -16.59
N LEU A 179 -3.55 8.25 -17.45
CA LEU A 179 -3.85 7.66 -18.73
C LEU A 179 -3.77 8.72 -19.82
N SER A 180 -3.53 8.22 -21.05
CA SER A 180 -3.17 8.95 -22.26
C SER A 180 -4.02 10.18 -22.58
N GLU A 181 -3.60 10.87 -23.64
CA GLU A 181 -4.19 12.14 -24.03
C GLU A 181 -4.63 12.14 -25.50
N SER A 182 -5.40 13.15 -25.88
CA SER A 182 -5.93 13.29 -27.23
C SER A 182 -6.19 14.76 -27.55
N GLY A 183 -6.32 15.07 -28.85
CA GLY A 183 -6.60 16.41 -29.32
C GLY A 183 -5.33 17.17 -29.65
N GLU A 184 -5.46 18.36 -30.20
CA GLU A 184 -4.33 19.24 -30.50
C GLU A 184 -3.92 20.00 -29.24
N SER A 185 -2.75 20.65 -29.29
CA SER A 185 -2.17 21.30 -28.12
C SER A 185 -2.97 22.51 -27.63
N HIS A 186 -4.09 22.83 -28.29
CA HIS A 186 -4.92 23.97 -27.91
C HIS A 186 -6.36 23.51 -27.63
N ALA A 187 -6.57 22.19 -27.62
CA ALA A 187 -7.86 21.60 -27.31
C ALA A 187 -7.63 20.27 -26.58
N LYS A 188 -6.44 20.13 -25.99
CA LYS A 188 -5.94 18.90 -25.40
C LYS A 188 -6.82 18.39 -24.25
N SER A 189 -6.72 17.09 -23.95
CA SER A 189 -7.40 16.46 -22.84
C SER A 189 -6.52 15.36 -22.28
N PHE A 190 -6.80 14.96 -21.03
CA PHE A 190 -6.00 13.95 -20.33
C PHE A 190 -6.90 13.16 -19.41
N VAL A 191 -6.42 12.05 -18.85
CA VAL A 191 -7.21 11.29 -17.88
C VAL A 191 -6.32 10.64 -16.83
N MET A 192 -6.94 10.33 -15.70
CA MET A 192 -6.26 9.81 -14.54
C MET A 192 -7.17 8.78 -13.90
N SER A 193 -6.59 7.71 -13.37
CA SER A 193 -7.35 6.66 -12.73
C SER A 193 -6.77 6.34 -11.36
N VAL A 194 -7.46 5.46 -10.62
CA VAL A 194 -7.09 5.15 -9.25
C VAL A 194 -7.51 3.73 -8.92
N VAL A 195 -6.90 3.19 -7.87
CA VAL A 195 -7.34 1.95 -7.26
C VAL A 195 -7.27 2.16 -5.76
N VAL A 196 -8.36 1.82 -5.06
CA VAL A 196 -8.44 2.01 -3.63
C VAL A 196 -9.34 0.94 -3.03
N ASP A 197 -8.88 0.33 -1.93
CA ASP A 197 -9.59 -0.78 -1.29
C ASP A 197 -9.91 -1.94 -2.23
N GLY A 198 -9.55 -1.83 -3.51
CA GLY A 198 -9.84 -2.86 -4.50
C GLY A 198 -10.73 -2.32 -5.61
N GLN A 199 -11.41 -1.20 -5.35
CA GLN A 199 -12.25 -0.52 -6.31
C GLN A 199 -11.36 0.13 -7.37
N PHE A 200 -11.98 0.61 -8.45
CA PHE A 200 -11.25 1.27 -9.52
C PHE A 200 -12.03 2.49 -9.97
N PHE A 201 -11.31 3.61 -10.16
CA PHE A 201 -11.93 4.86 -10.60
C PHE A 201 -11.15 5.55 -11.70
N GLU A 202 -11.79 6.47 -12.42
CA GLU A 202 -11.16 7.20 -13.52
C GLU A 202 -11.79 8.59 -13.66
N GLY A 203 -11.07 9.52 -14.30
CA GLY A 203 -11.57 10.87 -14.52
C GLY A 203 -10.72 11.58 -15.56
N SER A 204 -11.36 12.18 -16.57
CA SER A 204 -10.65 12.97 -17.56
C SER A 204 -10.72 14.46 -17.24
N GLY A 205 -9.93 15.27 -17.95
CA GLY A 205 -9.84 16.69 -17.70
C GLY A 205 -8.98 17.43 -18.74
N ARG A 206 -9.00 18.76 -18.69
CA ARG A 206 -8.18 19.59 -19.58
C ARG A 206 -6.70 19.58 -19.18
N ASN A 207 -6.41 19.09 -17.97
CA ASN A 207 -5.06 18.98 -17.45
C ASN A 207 -5.03 17.78 -16.48
N LYS A 208 -3.85 17.24 -16.19
CA LYS A 208 -3.73 16.04 -15.37
C LYS A 208 -4.12 16.26 -13.91
N LYS A 209 -4.08 17.52 -13.44
CA LYS A 209 -4.48 17.84 -12.07
C LYS A 209 -5.98 17.67 -11.91
N LEU A 210 -6.73 18.16 -12.90
CA LEU A 210 -8.18 18.13 -12.91
C LEU A 210 -8.65 16.68 -13.07
N ALA A 211 -7.92 15.92 -13.88
CA ALA A 211 -8.21 14.51 -14.06
C ALA A 211 -8.17 13.77 -12.72
N LYS A 212 -7.15 14.02 -11.90
CA LYS A 212 -7.04 13.39 -10.59
C LYS A 212 -8.11 13.92 -9.66
N ALA A 213 -8.46 15.21 -9.75
CA ALA A 213 -9.50 15.77 -8.88
C ALA A 213 -10.84 15.11 -9.17
N ARG A 214 -11.04 14.65 -10.42
CA ARG A 214 -12.29 14.02 -10.82
C ARG A 214 -12.28 12.55 -10.44
N ALA A 215 -11.23 11.82 -10.80
CA ALA A 215 -11.08 10.42 -10.43
C ALA A 215 -11.04 10.24 -8.91
N ALA A 216 -10.46 11.21 -8.19
CA ALA A 216 -10.38 11.14 -6.74
C ALA A 216 -11.77 11.39 -6.16
N GLN A 217 -12.39 12.53 -6.49
CA GLN A 217 -13.80 12.75 -6.18
C GLN A 217 -14.66 11.51 -6.36
N SER A 218 -14.48 10.72 -7.42
CA SER A 218 -15.27 9.51 -7.60
C SER A 218 -14.84 8.44 -6.59
N ALA A 219 -13.54 8.31 -6.35
CA ALA A 219 -13.03 7.31 -5.42
C ALA A 219 -13.50 7.61 -3.99
N LEU A 220 -13.41 8.88 -3.57
CA LEU A 220 -13.87 9.30 -2.27
C LEU A 220 -15.35 8.96 -2.08
N ALA A 221 -16.19 9.41 -3.01
CA ALA A 221 -17.64 9.25 -2.88
C ALA A 221 -18.04 7.79 -2.69
N THR A 222 -17.43 6.88 -3.44
CA THR A 222 -17.79 5.47 -3.41
C THR A 222 -17.18 4.73 -2.23
N VAL A 223 -15.93 5.00 -1.84
CA VAL A 223 -15.24 4.19 -0.85
C VAL A 223 -15.45 4.75 0.55
N PHE A 224 -15.77 6.04 0.67
CA PHE A 224 -16.05 6.63 1.97
C PHE A 224 -17.56 6.58 2.22
N ASN A 225 -18.33 6.09 1.23
CA ASN A 225 -19.79 6.11 1.29
C ASN A 225 -20.32 7.52 1.59
N LEU A 226 -19.59 8.55 1.14
CA LEU A 226 -19.89 9.95 1.39
C LEU A 226 -19.60 10.77 0.13
N HIS A 227 -20.64 10.96 -0.71
CA HIS A 227 -20.52 11.74 -1.93
C HIS A 227 -19.98 13.15 -1.62
N LEU A 228 -19.09 13.66 -2.48
CA LEU A 228 -18.44 14.94 -2.25
C LEU A 228 -19.45 16.09 -2.25
N LEU A 229 -19.20 17.10 -1.41
CA LEU A 229 -20.08 18.26 -1.29
C LEU A 229 -19.32 19.47 -0.77
N GLU A 230 -19.95 20.65 -0.84
CA GLU A 230 -19.37 21.89 -0.36
C GLU A 230 -20.44 22.87 0.11
N HIS A 231 -21.72 22.48 0.06
CA HIS A 231 -22.84 23.33 0.42
C HIS A 231 -22.84 23.73 1.89
N HIS A 232 -21.91 23.16 2.67
CA HIS A 232 -21.79 23.44 4.10
C HIS A 232 -21.44 24.91 4.38
N HIS A 233 -21.21 25.71 3.33
CA HIS A 233 -20.83 27.10 3.49
C HIS A 233 -21.49 27.96 2.42
N HIS A 234 -22.60 27.46 1.85
CA HIS A 234 -23.31 28.13 0.76
C HIS A 234 -24.81 28.14 1.02
N HIS A 235 -25.22 28.06 2.28
CA HIS A 235 -26.63 28.00 2.67
C HIS A 235 -26.95 29.04 3.75
N HIS A 236 -26.00 29.93 4.05
CA HIS A 236 -26.16 30.97 5.05
C HIS A 236 -25.30 32.18 4.69
N PRO A 1 1.03 -6.62 14.09
CA PRO A 1 1.12 -8.03 14.49
C PRO A 1 2.29 -8.29 15.44
N GLY A 2 2.01 -8.97 16.56
CA GLY A 2 3.03 -9.28 17.55
C GLY A 2 2.43 -10.01 18.75
N PRO A 3 3.24 -10.25 19.81
CA PRO A 3 2.81 -10.91 21.02
C PRO A 3 1.89 -9.99 21.84
N VAL A 4 1.36 -10.51 22.96
CA VAL A 4 0.47 -9.75 23.83
C VAL A 4 0.84 -9.97 25.29
N LEU A 5 1.89 -10.75 25.57
CA LEU A 5 2.39 -10.98 26.92
C LEU A 5 3.90 -11.17 26.95
N PRO A 6 4.69 -10.27 26.34
CA PRO A 6 6.13 -10.43 26.26
C PRO A 6 6.75 -10.32 27.65
N LYS A 7 6.03 -9.72 28.60
CA LYS A 7 6.48 -9.65 29.98
C LYS A 7 6.91 -11.04 30.44
N ASN A 8 6.29 -12.09 29.90
CA ASN A 8 6.74 -13.45 30.15
C ASN A 8 8.22 -13.59 29.77
N ALA A 9 8.56 -13.37 28.50
CA ALA A 9 9.95 -13.47 28.04
C ALA A 9 10.86 -12.53 28.83
N LEU A 10 10.37 -11.37 29.27
CA LEU A 10 11.21 -10.36 29.91
C LEU A 10 11.48 -10.72 31.37
N MET A 11 10.44 -11.04 32.14
CA MET A 11 10.62 -11.50 33.50
C MET A 11 11.47 -12.76 33.54
N GLN A 12 11.15 -13.70 32.65
CA GLN A 12 11.89 -14.95 32.58
C GLN A 12 13.37 -14.63 32.34
N LEU A 13 13.66 -13.77 31.36
CA LEU A 13 15.01 -13.34 31.08
C LEU A 13 15.72 -12.79 32.32
N ASN A 14 15.07 -11.89 33.05
CA ASN A 14 15.64 -11.34 34.26
C ASN A 14 16.04 -12.46 35.24
N GLU A 15 15.13 -13.40 35.47
CA GLU A 15 15.37 -14.52 36.36
C GLU A 15 16.55 -15.37 35.90
N ILE A 16 16.65 -15.70 34.60
CA ILE A 16 17.74 -16.52 34.09
C ILE A 16 19.05 -15.77 33.89
N LYS A 17 19.03 -14.44 33.83
CA LYS A 17 20.27 -13.74 33.58
C LYS A 17 20.57 -12.58 34.53
N PRO A 18 20.79 -12.85 35.82
CA PRO A 18 21.37 -11.89 36.77
C PRO A 18 22.71 -11.28 36.30
N GLY A 19 23.16 -11.58 35.07
CA GLY A 19 24.45 -11.11 34.59
C GLY A 19 24.70 -11.65 33.18
N LEU A 20 24.58 -10.77 32.17
CA LEU A 20 24.73 -11.14 30.76
C LEU A 20 25.01 -9.88 29.93
N GLN A 21 25.12 -9.99 28.60
CA GLN A 21 25.34 -8.79 27.79
C GLN A 21 24.35 -8.66 26.61
N TYR A 22 23.82 -7.44 26.40
CA TYR A 22 23.01 -7.14 25.22
C TYR A 22 23.77 -6.17 24.32
N MET A 23 23.76 -6.45 23.01
CA MET A 23 24.40 -5.60 22.01
C MET A 23 23.50 -5.40 20.80
N LEU A 24 23.61 -4.22 20.15
CA LEU A 24 22.76 -3.83 19.02
C LEU A 24 23.57 -3.92 17.72
N LEU A 25 22.90 -4.39 16.67
CA LEU A 25 23.54 -4.71 15.39
C LEU A 25 22.58 -4.29 14.26
N SER A 26 22.98 -4.52 13.00
CA SER A 26 22.34 -3.93 11.83
C SER A 26 22.15 -2.43 12.03
N GLN A 27 20.88 -2.04 12.02
CA GLN A 27 20.42 -0.68 12.02
C GLN A 27 20.80 0.02 10.71
N THR A 28 20.03 -0.33 9.69
CA THR A 28 20.12 0.22 8.35
C THR A 28 18.84 -0.17 7.60
N GLY A 29 18.51 0.57 6.55
CA GLY A 29 17.29 0.30 5.78
C GLY A 29 16.89 1.53 4.98
N PRO A 30 15.69 1.51 4.38
CA PRO A 30 15.08 2.62 3.66
C PRO A 30 14.92 3.89 4.46
N VAL A 31 15.39 3.87 5.70
CA VAL A 31 15.36 4.97 6.64
C VAL A 31 13.96 5.22 7.20
N HIS A 32 12.95 4.51 6.68
CA HIS A 32 11.60 4.57 7.19
C HIS A 32 11.07 3.14 7.41
N ALA A 33 11.93 2.16 7.13
CA ALA A 33 11.71 0.78 7.50
C ALA A 33 13.04 0.20 7.98
N PRO A 34 13.61 0.80 9.03
CA PRO A 34 14.93 0.46 9.55
C PRO A 34 14.88 -0.89 10.27
N LEU A 35 15.89 -1.72 10.02
CA LEU A 35 16.01 -3.02 10.66
C LEU A 35 17.07 -2.98 11.74
N PHE A 36 16.70 -3.41 12.95
CA PHE A 36 17.61 -3.44 14.07
C PHE A 36 17.72 -4.88 14.53
N VAL A 37 18.92 -5.34 14.85
CA VAL A 37 19.05 -6.69 15.38
C VAL A 37 19.82 -6.65 16.68
N MET A 38 19.15 -7.06 17.75
CA MET A 38 19.76 -7.09 19.06
C MET A 38 20.19 -8.52 19.33
N SER A 39 21.40 -8.69 19.84
CA SER A 39 21.91 -10.01 20.12
C SER A 39 22.35 -10.06 21.57
N VAL A 40 22.01 -11.16 22.24
CA VAL A 40 22.28 -11.33 23.65
C VAL A 40 23.33 -12.43 23.84
N GLU A 41 24.28 -12.15 24.73
CA GLU A 41 25.40 -13.04 24.99
C GLU A 41 25.34 -13.55 26.43
N VAL A 42 25.38 -14.88 26.56
CA VAL A 42 25.40 -15.58 27.84
C VAL A 42 26.32 -16.79 27.70
N ASN A 43 27.20 -17.04 28.67
CA ASN A 43 28.10 -18.19 28.68
C ASN A 43 28.93 -18.38 27.39
N GLY A 44 28.92 -17.39 26.49
CA GLY A 44 29.68 -17.47 25.24
C GLY A 44 28.79 -17.82 24.05
N GLN A 45 27.48 -17.94 24.28
CA GLN A 45 26.51 -18.19 23.22
C GLN A 45 25.80 -16.88 22.98
N VAL A 46 25.63 -16.52 21.71
CA VAL A 46 25.03 -15.25 21.35
C VAL A 46 23.88 -15.50 20.40
N PHE A 47 22.75 -14.85 20.63
CA PHE A 47 21.54 -15.08 19.85
C PHE A 47 20.94 -13.75 19.42
N GLU A 48 20.56 -13.66 18.14
CA GLU A 48 20.20 -12.40 17.53
C GLU A 48 18.71 -12.37 17.14
N GLY A 49 18.06 -11.24 17.44
CA GLY A 49 16.65 -11.06 17.16
C GLY A 49 16.41 -9.74 16.42
N SER A 50 15.58 -9.79 15.38
CA SER A 50 15.39 -8.70 14.44
C SER A 50 14.01 -8.06 14.58
N GLY A 51 14.02 -6.76 14.87
CA GLY A 51 12.79 -5.97 14.92
C GLY A 51 12.97 -4.61 14.25
N PRO A 52 11.87 -3.99 13.79
CA PRO A 52 11.88 -2.65 13.23
C PRO A 52 12.12 -1.61 14.34
N THR A 53 12.23 -2.08 15.58
CA THR A 53 12.52 -1.23 16.73
C THR A 53 13.27 -2.09 17.75
N LYS A 54 14.05 -1.45 18.64
CA LYS A 54 14.93 -2.15 19.57
C LYS A 54 14.17 -3.05 20.54
N LYS A 55 12.92 -2.69 20.88
CA LYS A 55 12.15 -3.47 21.86
C LYS A 55 12.01 -4.92 21.42
N LYS A 56 11.29 -5.11 20.31
CA LYS A 56 11.02 -6.42 19.73
C LYS A 56 12.32 -7.17 19.47
N ALA A 57 13.36 -6.47 19.02
CA ALA A 57 14.65 -7.09 18.77
C ALA A 57 15.17 -7.79 20.02
N LYS A 58 15.37 -7.04 21.11
CA LYS A 58 15.81 -7.61 22.38
C LYS A 58 14.85 -8.66 22.89
N LEU A 59 13.54 -8.46 22.72
CA LEU A 59 12.51 -9.42 23.12
C LEU A 59 12.74 -10.79 22.49
N HIS A 60 12.66 -10.85 21.17
CA HIS A 60 12.87 -12.07 20.42
C HIS A 60 14.23 -12.68 20.73
N ALA A 61 15.27 -11.85 20.87
CA ALA A 61 16.59 -12.32 21.25
C ALA A 61 16.52 -13.02 22.60
N ALA A 62 15.82 -12.43 23.57
CA ALA A 62 15.62 -13.02 24.88
C ALA A 62 15.02 -14.40 24.76
N GLU A 63 13.94 -14.51 23.99
CA GLU A 63 13.24 -15.77 23.76
C GLU A 63 14.19 -16.84 23.23
N LYS A 64 14.84 -16.53 22.10
CA LYS A 64 15.77 -17.47 21.48
C LYS A 64 16.84 -17.90 22.47
N ALA A 65 17.57 -16.91 22.98
CA ALA A 65 18.65 -17.15 23.91
C ALA A 65 18.18 -17.92 25.12
N LEU A 66 16.98 -17.63 25.62
CA LEU A 66 16.39 -18.35 26.74
C LEU A 66 16.36 -19.84 26.39
N ARG A 67 15.63 -20.19 25.33
CA ARG A 67 15.41 -21.59 25.00
C ARG A 67 16.69 -22.31 24.64
N SER A 68 17.69 -21.59 24.14
CA SER A 68 18.98 -22.21 23.87
C SER A 68 19.82 -22.39 25.15
N PHE A 69 20.01 -21.30 25.89
CA PHE A 69 20.78 -21.21 27.13
C PHE A 69 20.31 -22.20 28.20
N VAL A 70 19.00 -22.48 28.29
CA VAL A 70 18.53 -23.48 29.26
C VAL A 70 19.19 -24.85 29.04
N GLN A 71 19.83 -25.08 27.89
CA GLN A 71 20.52 -26.34 27.62
C GLN A 71 21.99 -26.26 28.05
N PHE A 72 22.51 -25.03 28.26
CA PHE A 72 23.88 -24.82 28.70
C PHE A 72 24.01 -23.62 29.65
N PRO A 73 23.27 -23.64 30.76
CA PRO A 73 23.30 -22.60 31.78
C PRO A 73 24.56 -22.70 32.65
N ASN A 74 25.33 -23.79 32.50
CA ASN A 74 26.50 -24.04 33.33
C ASN A 74 27.59 -24.79 32.56
N ALA A 75 27.39 -25.03 31.25
CA ALA A 75 28.33 -25.76 30.41
C ALA A 75 28.83 -27.05 31.05
N SER A 76 27.98 -27.72 31.84
CA SER A 76 28.34 -28.93 32.56
C SER A 76 27.20 -29.96 32.50
N GLU A 77 27.42 -31.12 33.14
CA GLU A 77 26.46 -32.22 33.12
C GLU A 77 26.26 -32.79 34.53
N ALA A 78 26.73 -32.05 35.55
CA ALA A 78 26.57 -32.46 36.94
C ALA A 78 25.10 -32.38 37.41
N HIS A 79 24.18 -32.06 36.49
CA HIS A 79 22.77 -31.91 36.77
C HIS A 79 21.94 -32.50 35.63
N LEU A 80 20.62 -32.54 35.80
CA LEU A 80 19.71 -33.13 34.82
C LEU A 80 18.36 -32.40 34.78
N ALA A 81 17.45 -32.89 33.93
CA ALA A 81 16.15 -32.29 33.71
C ALA A 81 15.11 -33.39 33.48
N MET A 82 13.90 -33.00 33.10
CA MET A 82 12.80 -33.94 32.89
C MET A 82 12.09 -33.67 31.57
N GLY A 83 11.11 -34.50 31.22
CA GLY A 83 10.36 -34.39 29.98
C GLY A 83 9.18 -35.37 29.95
N ARG A 84 8.52 -35.48 28.79
CA ARG A 84 7.40 -36.40 28.60
C ARG A 84 7.40 -36.92 27.15
N THR A 85 6.58 -37.92 26.85
CA THR A 85 6.51 -38.53 25.53
C THR A 85 5.06 -38.75 25.14
N LEU A 86 4.84 -39.40 24.00
CA LEU A 86 3.52 -39.70 23.48
C LEU A 86 2.73 -40.65 24.40
N SER A 87 3.31 -41.09 25.52
CA SER A 87 2.62 -41.98 26.46
C SER A 87 1.43 -41.28 27.13
N VAL A 88 1.30 -39.97 26.93
CA VAL A 88 0.18 -39.18 27.45
C VAL A 88 -0.20 -38.15 26.39
N ASN A 89 -1.50 -38.07 26.06
CA ASN A 89 -1.99 -37.18 25.02
C ASN A 89 -3.51 -36.97 25.13
N THR A 90 -4.07 -36.25 24.16
CA THR A 90 -5.49 -35.99 24.02
C THR A 90 -5.88 -36.21 22.57
N ASP A 91 -7.16 -36.00 22.22
CA ASP A 91 -7.62 -36.25 20.86
C ASP A 91 -8.74 -35.30 20.45
N PHE A 92 -8.74 -34.94 19.16
CA PHE A 92 -9.76 -34.13 18.52
C PHE A 92 -9.68 -34.36 17.02
N THR A 93 -10.82 -34.25 16.33
CA THR A 93 -10.92 -34.53 14.90
C THR A 93 -12.03 -33.71 14.24
N SER A 94 -12.20 -33.92 12.94
CA SER A 94 -13.26 -33.30 12.13
C SER A 94 -13.81 -34.34 11.16
N ASP A 95 -14.95 -34.05 10.53
CA ASP A 95 -15.60 -35.01 9.64
C ASP A 95 -16.34 -34.36 8.47
N GLN A 96 -16.19 -33.05 8.27
CA GLN A 96 -16.86 -32.34 7.18
C GLN A 96 -16.02 -31.16 6.69
N ALA A 97 -16.46 -30.54 5.59
CA ALA A 97 -15.80 -29.37 5.00
C ALA A 97 -16.83 -28.46 4.33
N ASP A 98 -18.12 -28.78 4.48
CA ASP A 98 -19.22 -28.04 3.90
C ASP A 98 -20.43 -28.09 4.84
N PHE A 99 -21.43 -27.25 4.58
CA PHE A 99 -22.64 -27.18 5.38
C PHE A 99 -23.80 -26.65 4.52
N PRO A 100 -25.04 -27.15 4.73
CA PRO A 100 -26.23 -26.69 4.04
C PRO A 100 -26.42 -25.17 4.09
N ASP A 101 -27.36 -24.65 3.29
CA ASP A 101 -27.67 -23.23 3.25
C ASP A 101 -29.15 -23.01 2.96
N THR A 102 -29.62 -21.77 3.21
CA THR A 102 -31.02 -21.40 3.04
C THR A 102 -31.13 -19.93 2.65
N LEU A 103 -32.37 -19.41 2.64
CA LEU A 103 -32.66 -18.03 2.29
C LEU A 103 -33.72 -17.45 3.25
N PHE A 104 -34.06 -16.17 3.08
CA PHE A 104 -34.96 -15.47 4.01
C PHE A 104 -35.91 -14.54 3.24
N ASN A 105 -36.22 -14.88 1.99
CA ASN A 105 -37.11 -14.08 1.16
C ASN A 105 -38.06 -14.98 0.34
N GLY A 106 -38.06 -16.27 0.66
CA GLY A 106 -38.91 -17.25 -0.02
C GLY A 106 -38.58 -18.66 0.43
N PHE A 107 -39.31 -19.65 -0.10
CA PHE A 107 -39.07 -21.05 0.22
C PHE A 107 -39.50 -21.95 -0.93
N GLU A 108 -40.22 -21.40 -1.91
CA GLU A 108 -40.71 -22.10 -3.07
C GLU A 108 -41.06 -21.10 -4.17
N THR A 109 -41.19 -21.57 -5.42
CA THR A 109 -41.51 -20.72 -6.55
C THR A 109 -42.42 -21.39 -7.60
N PRO A 110 -43.28 -22.37 -7.26
CA PRO A 110 -44.12 -23.03 -8.24
C PRO A 110 -45.27 -22.14 -8.72
N ASP A 111 -45.42 -20.94 -8.13
CA ASP A 111 -46.49 -20.01 -8.47
C ASP A 111 -46.06 -18.58 -8.20
N LYS A 112 -44.75 -18.34 -8.03
CA LYS A 112 -44.22 -17.03 -7.68
C LYS A 112 -42.91 -16.77 -8.41
N SER A 113 -42.50 -15.50 -8.47
CA SER A 113 -41.28 -15.08 -9.13
C SER A 113 -40.63 -13.88 -8.45
N GLU A 114 -41.25 -13.38 -7.37
CA GLU A 114 -40.76 -12.21 -6.63
C GLU A 114 -41.10 -12.37 -5.15
N PRO A 115 -40.35 -11.72 -4.24
CA PRO A 115 -40.59 -11.76 -2.82
C PRO A 115 -41.80 -10.90 -2.42
N PRO A 116 -42.31 -11.07 -1.19
CA PRO A 116 -43.37 -10.26 -0.60
C PRO A 116 -43.08 -8.76 -0.63
N PHE A 117 -44.07 -7.97 -0.21
CA PHE A 117 -43.96 -6.52 -0.16
C PHE A 117 -44.71 -5.97 1.04
N TYR A 118 -44.45 -4.68 1.35
CA TYR A 118 -45.07 -3.98 2.47
C TYR A 118 -45.21 -2.50 2.16
N VAL A 119 -45.92 -1.78 3.03
CA VAL A 119 -46.16 -0.34 2.88
C VAL A 119 -46.40 0.28 4.25
N GLY A 120 -46.19 1.59 4.37
CA GLY A 120 -46.36 2.30 5.64
C GLY A 120 -46.14 3.81 5.49
N SER A 121 -46.25 4.52 6.61
CA SER A 121 -46.06 5.98 6.67
C SER A 121 -44.61 6.38 6.43
N ASN A 122 -43.74 5.42 6.10
CA ASN A 122 -42.33 5.70 5.84
C ASN A 122 -41.79 4.72 4.79
N GLY A 123 -40.61 5.00 4.24
CA GLY A 123 -39.98 4.15 3.23
C GLY A 123 -38.56 4.60 2.93
N ASP A 124 -37.92 3.92 1.96
CA ASP A 124 -36.55 4.21 1.58
C ASP A 124 -36.27 3.92 0.11
N ASP A 125 -37.33 3.69 -0.69
CA ASP A 125 -37.21 3.41 -2.10
C ASP A 125 -38.43 3.93 -2.85
N SER A 126 -38.33 4.02 -4.18
CA SER A 126 -39.41 4.52 -5.02
C SER A 126 -39.38 3.87 -6.40
N PHE A 127 -40.40 4.17 -7.22
CA PHE A 127 -40.51 3.67 -8.59
C PHE A 127 -39.40 4.24 -9.47
N SER A 128 -39.15 3.59 -10.61
CA SER A 128 -38.10 4.01 -11.54
C SER A 128 -38.44 3.54 -12.96
N SER A 129 -37.68 3.99 -13.95
CA SER A 129 -37.89 3.61 -15.34
C SER A 129 -36.59 3.68 -16.12
N SER A 130 -36.62 3.21 -17.37
CA SER A 130 -35.46 3.14 -18.25
C SER A 130 -34.26 2.40 -17.63
N GLY A 131 -34.50 1.62 -16.58
CA GLY A 131 -33.47 0.88 -15.89
C GLY A 131 -34.04 0.16 -14.66
N ASP A 132 -33.19 -0.59 -13.95
CA ASP A 132 -33.61 -1.29 -12.74
C ASP A 132 -32.45 -1.41 -11.75
N VAL A 133 -31.22 -1.14 -12.21
CA VAL A 133 -30.02 -1.20 -11.38
C VAL A 133 -29.01 -0.17 -11.87
N SER A 134 -27.90 -0.03 -11.12
CA SER A 134 -26.81 0.87 -11.46
C SER A 134 -25.50 0.33 -10.91
N LEU A 135 -24.37 0.85 -11.39
CA LEU A 135 -23.02 0.41 -11.02
C LEU A 135 -22.89 -1.12 -11.09
N SER A 136 -23.77 -1.78 -11.85
CA SER A 136 -23.77 -3.23 -12.01
C SER A 136 -22.52 -3.73 -12.71
N ALA A 137 -22.33 -5.05 -12.70
CA ALA A 137 -21.20 -5.72 -13.31
C ALA A 137 -21.61 -7.14 -13.72
N SER A 138 -20.70 -7.85 -14.40
CA SER A 138 -20.91 -9.23 -14.80
C SER A 138 -21.18 -10.11 -13.57
N PRO A 139 -21.86 -11.24 -13.76
CA PRO A 139 -22.25 -12.15 -12.69
C PRO A 139 -21.06 -12.96 -12.15
N VAL A 140 -19.86 -12.76 -12.71
CA VAL A 140 -18.67 -13.48 -12.29
C VAL A 140 -17.45 -12.56 -12.35
N PRO A 141 -16.41 -12.83 -11.53
CA PRO A 141 -15.17 -12.08 -11.54
C PRO A 141 -14.35 -12.36 -12.80
N ALA A 142 -13.24 -11.65 -12.96
CA ALA A 142 -12.35 -11.81 -14.10
C ALA A 142 -10.91 -11.53 -13.69
N SER A 143 -9.97 -11.75 -14.61
CA SER A 143 -8.54 -11.59 -14.34
C SER A 143 -7.76 -11.22 -15.61
N LEU A 144 -8.43 -10.70 -16.64
CA LEU A 144 -7.81 -10.39 -17.91
C LEU A 144 -8.25 -9.04 -18.47
N THR A 145 -9.26 -8.40 -17.86
CA THR A 145 -9.75 -7.09 -18.30
C THR A 145 -10.19 -6.24 -17.12
N GLN A 146 -10.34 -6.83 -15.93
CA GLN A 146 -10.75 -6.11 -14.73
C GLN A 146 -10.36 -6.93 -13.50
N PRO A 147 -10.22 -6.30 -12.32
CA PRO A 147 -9.93 -7.00 -11.09
C PRO A 147 -11.15 -7.79 -10.60
N PRO A 148 -10.97 -8.62 -9.58
CA PRO A 148 -12.03 -9.36 -8.90
C PRO A 148 -13.16 -8.48 -8.34
N LEU A 149 -13.14 -7.17 -8.61
CA LEU A 149 -14.10 -6.24 -8.04
C LEU A 149 -14.65 -5.31 -9.13
N PRO A 150 -15.79 -4.67 -8.88
CA PRO A 150 -16.40 -3.70 -9.78
C PRO A 150 -15.46 -2.60 -10.26
N ILE A 151 -15.91 -1.84 -11.25
CA ILE A 151 -15.18 -0.72 -11.84
C ILE A 151 -16.17 0.38 -12.23
N PRO A 152 -15.73 1.63 -12.40
CA PRO A 152 -16.60 2.73 -12.76
C PRO A 152 -17.09 2.58 -14.20
N PRO A 153 -18.20 3.27 -14.56
CA PRO A 153 -18.77 3.28 -15.90
C PRO A 153 -17.78 3.67 -16.99
N PRO A 154 -18.08 3.33 -18.25
CA PRO A 154 -17.28 3.69 -19.42
C PRO A 154 -17.02 5.20 -19.57
N PHE A 155 -17.66 6.03 -18.74
CA PHE A 155 -17.55 7.49 -18.83
C PHE A 155 -17.53 8.10 -17.42
N PRO A 156 -16.44 7.93 -16.67
CA PRO A 156 -16.30 8.42 -15.31
C PRO A 156 -16.67 9.90 -15.15
N PRO A 157 -17.13 10.30 -13.96
CA PRO A 157 -17.44 11.68 -13.64
C PRO A 157 -16.28 12.65 -13.96
N PRO A 158 -16.58 13.94 -14.16
CA PRO A 158 -15.59 14.99 -14.39
C PRO A 158 -14.89 15.37 -13.08
N SER A 159 -13.89 16.24 -13.17
CA SER A 159 -13.15 16.74 -12.00
C SER A 159 -12.60 18.13 -12.27
N GLY A 160 -12.05 18.78 -11.23
CA GLY A 160 -11.55 20.15 -11.30
C GLY A 160 -11.03 20.61 -9.94
N LYS A 161 -10.57 19.65 -9.13
CA LYS A 161 -10.11 19.88 -7.76
C LYS A 161 -8.82 19.09 -7.53
N ASN A 162 -8.49 18.82 -6.27
CA ASN A 162 -7.29 18.09 -5.91
C ASN A 162 -7.59 16.94 -4.94
N PRO A 163 -8.26 15.92 -5.47
CA PRO A 163 -8.73 14.76 -4.74
C PRO A 163 -7.61 13.72 -4.61
N VAL A 164 -6.49 13.94 -5.31
CA VAL A 164 -5.35 13.02 -5.28
C VAL A 164 -4.74 12.98 -3.89
N MET A 165 -4.71 14.12 -3.19
CA MET A 165 -4.08 14.20 -1.88
C MET A 165 -5.02 13.71 -0.78
N ILE A 166 -6.27 14.18 -0.77
CA ILE A 166 -7.21 13.73 0.24
C ILE A 166 -7.33 12.20 0.21
N LEU A 167 -7.35 11.60 -0.97
CA LEU A 167 -7.32 10.14 -1.07
C LEU A 167 -6.00 9.64 -0.49
N ASN A 168 -4.88 10.21 -0.95
CA ASN A 168 -3.54 9.85 -0.48
C ASN A 168 -3.26 10.38 0.93
N GLU A 169 -4.30 10.75 1.68
CA GLU A 169 -4.17 11.16 3.09
C GLU A 169 -5.29 10.54 3.93
N LEU A 170 -6.22 9.80 3.31
CA LEU A 170 -7.29 9.11 4.04
C LEU A 170 -7.21 7.61 3.81
N ARG A 171 -6.70 7.19 2.64
CA ARG A 171 -6.56 5.77 2.31
C ARG A 171 -5.41 5.59 1.29
N PRO A 172 -4.16 5.86 1.67
CA PRO A 172 -3.01 5.58 0.84
C PRO A 172 -2.84 4.06 0.72
N GLY A 173 -1.84 3.61 -0.02
CA GLY A 173 -1.65 2.18 -0.25
C GLY A 173 -2.20 1.75 -1.60
N LEU A 174 -2.07 2.59 -2.62
CA LEU A 174 -2.60 2.32 -3.94
C LEU A 174 -1.50 2.42 -4.98
N LYS A 175 -1.87 2.24 -6.24
CA LYS A 175 -0.95 2.39 -7.35
C LYS A 175 -1.68 3.10 -8.48
N TYR A 176 -0.93 3.79 -9.35
CA TYR A 176 -1.52 4.50 -10.47
C TYR A 176 -0.79 4.11 -11.75
N ASP A 177 -1.51 4.17 -12.86
CA ASP A 177 -0.91 3.97 -14.17
C ASP A 177 -1.34 5.07 -15.13
N PHE A 178 -0.66 5.17 -16.28
CA PHE A 178 -0.91 6.21 -17.25
C PHE A 178 -1.23 5.57 -18.58
N LEU A 179 -2.22 6.14 -19.28
CA LEU A 179 -2.73 5.56 -20.51
C LEU A 179 -2.68 6.60 -21.62
N SER A 180 -2.69 6.06 -22.84
CA SER A 180 -2.39 6.71 -24.11
C SER A 180 -3.04 8.07 -24.33
N GLU A 181 -2.56 8.74 -25.38
CA GLU A 181 -2.98 10.11 -25.69
C GLU A 181 -3.28 10.27 -27.18
N SER A 182 -3.92 11.39 -27.53
CA SER A 182 -4.25 11.70 -28.92
C SER A 182 -4.53 13.18 -29.06
N GLY A 183 -4.59 13.68 -30.31
CA GLY A 183 -4.92 15.06 -30.60
C GLY A 183 -3.67 15.86 -30.99
N GLU A 184 -3.87 17.10 -31.43
CA GLU A 184 -2.78 18.01 -31.76
C GLU A 184 -2.12 18.54 -30.49
N SER A 185 -0.99 19.25 -30.63
CA SER A 185 -0.23 19.79 -29.51
C SER A 185 -0.99 20.88 -28.75
N HIS A 186 -2.18 21.26 -29.24
CA HIS A 186 -2.97 22.32 -28.64
C HIS A 186 -4.41 21.87 -28.39
N ALA A 187 -4.64 20.57 -28.52
CA ALA A 187 -5.95 19.96 -28.25
C ALA A 187 -5.72 18.56 -27.70
N LYS A 188 -4.50 18.30 -27.19
CA LYS A 188 -4.08 17.01 -26.70
C LYS A 188 -4.96 16.53 -25.54
N SER A 189 -4.97 15.20 -25.34
CA SER A 189 -5.68 14.57 -24.24
C SER A 189 -4.87 13.37 -23.75
N PHE A 190 -5.06 13.01 -22.47
CA PHE A 190 -4.32 11.92 -21.85
C PHE A 190 -5.25 11.22 -20.87
N VAL A 191 -4.84 10.07 -20.31
CA VAL A 191 -5.65 9.40 -19.31
C VAL A 191 -4.75 8.70 -18.27
N MET A 192 -5.35 8.40 -17.11
CA MET A 192 -4.66 7.70 -16.05
C MET A 192 -5.61 6.58 -15.60
N SER A 193 -5.03 5.55 -14.97
CA SER A 193 -5.82 4.57 -14.26
C SER A 193 -5.23 4.39 -12.86
N VAL A 194 -5.91 3.64 -12.00
CA VAL A 194 -5.48 3.46 -10.63
C VAL A 194 -5.92 2.08 -10.15
N VAL A 195 -5.32 1.65 -9.04
CA VAL A 195 -5.76 0.45 -8.34
C VAL A 195 -5.78 0.81 -6.87
N VAL A 196 -6.93 0.65 -6.23
CA VAL A 196 -7.12 1.09 -4.86
C VAL A 196 -7.95 0.09 -4.09
N ASP A 197 -7.41 -0.41 -2.98
CA ASP A 197 -8.07 -1.45 -2.18
C ASP A 197 -8.42 -2.71 -2.97
N GLY A 198 -7.95 -2.78 -4.23
CA GLY A 198 -8.21 -3.93 -5.08
C GLY A 198 -9.10 -3.55 -6.26
N GLN A 199 -9.77 -2.40 -6.17
CA GLN A 199 -10.62 -1.90 -7.22
C GLN A 199 -9.79 -1.29 -8.33
N PHE A 200 -10.43 -0.82 -9.41
CA PHE A 200 -9.71 -0.21 -10.51
C PHE A 200 -10.50 0.98 -11.05
N PHE A 201 -9.77 2.05 -11.38
CA PHE A 201 -10.37 3.29 -11.88
C PHE A 201 -9.62 3.85 -13.08
N GLU A 202 -10.22 4.82 -13.76
CA GLU A 202 -9.63 5.43 -14.93
C GLU A 202 -10.15 6.87 -15.05
N GLY A 203 -9.45 7.74 -15.78
CA GLY A 203 -9.88 9.12 -15.96
C GLY A 203 -9.03 9.85 -16.99
N SER A 204 -9.70 10.62 -17.87
CA SER A 204 -9.03 11.33 -18.94
C SER A 204 -9.16 12.85 -18.80
N GLY A 205 -8.17 13.56 -19.35
CA GLY A 205 -8.17 15.01 -19.34
C GLY A 205 -7.18 15.59 -20.34
N ARG A 206 -7.23 16.91 -20.55
CA ARG A 206 -6.36 17.60 -21.49
C ARG A 206 -4.89 17.61 -21.06
N ASN A 207 -4.60 17.23 -19.82
CA ASN A 207 -3.25 17.16 -19.29
C ASN A 207 -3.19 16.07 -18.23
N LYS A 208 -1.99 15.57 -17.90
CA LYS A 208 -1.84 14.45 -16.96
C LYS A 208 -2.35 14.79 -15.55
N LYS A 209 -2.35 16.07 -15.17
CA LYS A 209 -2.76 16.50 -13.84
C LYS A 209 -4.27 16.38 -13.66
N LEU A 210 -5.02 16.74 -14.70
CA LEU A 210 -6.47 16.70 -14.69
C LEU A 210 -6.93 15.25 -14.81
N ALA A 211 -6.23 14.47 -15.64
CA ALA A 211 -6.52 13.06 -15.84
C ALA A 211 -6.40 12.29 -14.51
N LYS A 212 -5.36 12.57 -13.71
CA LYS A 212 -5.20 11.93 -12.41
C LYS A 212 -6.21 12.46 -11.41
N ALA A 213 -6.54 13.75 -11.49
CA ALA A 213 -7.53 14.36 -10.62
C ALA A 213 -8.92 13.77 -10.90
N ARG A 214 -9.11 13.12 -12.07
CA ARG A 214 -10.37 12.50 -12.42
C ARG A 214 -10.37 11.02 -12.04
N ALA A 215 -9.32 10.29 -12.42
CA ALA A 215 -9.15 8.90 -12.01
C ALA A 215 -9.13 8.78 -10.49
N ALA A 216 -8.58 9.80 -9.81
CA ALA A 216 -8.51 9.81 -8.36
C ALA A 216 -9.86 10.22 -7.77
N GLN A 217 -10.45 11.29 -8.30
CA GLN A 217 -11.83 11.66 -7.95
C GLN A 217 -12.76 10.44 -8.01
N SER A 218 -12.60 9.57 -9.00
CA SER A 218 -13.43 8.37 -9.07
C SER A 218 -13.02 7.33 -8.03
N ALA A 219 -11.70 7.18 -7.83
CA ALA A 219 -11.17 6.23 -6.85
C ALA A 219 -11.61 6.59 -5.44
N LEU A 220 -11.57 7.89 -5.10
CA LEU A 220 -11.96 8.36 -3.79
C LEU A 220 -13.45 8.09 -3.57
N ALA A 221 -14.31 8.57 -4.48
CA ALA A 221 -15.75 8.48 -4.28
C ALA A 221 -16.18 7.04 -4.03
N THR A 222 -15.82 6.12 -4.92
CA THR A 222 -16.24 4.73 -4.78
C THR A 222 -15.65 4.03 -3.56
N VAL A 223 -14.34 4.11 -3.34
CA VAL A 223 -13.70 3.37 -2.26
C VAL A 223 -14.01 3.97 -0.89
N PHE A 224 -14.31 5.27 -0.83
CA PHE A 224 -14.55 5.94 0.44
C PHE A 224 -16.06 6.02 0.72
N ASN A 225 -16.90 5.50 -0.19
CA ASN A 225 -18.34 5.56 -0.05
C ASN A 225 -18.85 7.00 0.10
N LEU A 226 -18.19 7.95 -0.58
CA LEU A 226 -18.47 9.37 -0.50
C LEU A 226 -18.41 9.98 -1.91
N HIS A 227 -18.43 11.31 -2.01
CA HIS A 227 -18.40 12.00 -3.27
C HIS A 227 -17.55 13.28 -3.17
N LEU A 228 -17.60 14.15 -4.19
CA LEU A 228 -16.78 15.36 -4.26
C LEU A 228 -17.59 16.60 -4.63
N LEU A 229 -18.92 16.49 -4.62
CA LEU A 229 -19.83 17.58 -4.97
C LEU A 229 -20.93 17.69 -3.90
N GLU A 230 -20.61 17.30 -2.67
CA GLU A 230 -21.56 17.30 -1.55
C GLU A 230 -20.88 17.89 -0.30
N HIS A 231 -19.85 18.71 -0.51
CA HIS A 231 -19.06 19.29 0.58
C HIS A 231 -18.83 20.78 0.33
N HIS A 232 -19.57 21.36 -0.62
CA HIS A 232 -19.48 22.76 -0.98
C HIS A 232 -19.98 23.70 0.13
N HIS A 233 -20.35 23.14 1.28
CA HIS A 233 -20.88 23.88 2.43
C HIS A 233 -19.86 24.80 3.08
N HIS A 234 -18.78 25.14 2.37
CA HIS A 234 -17.71 25.95 2.93
C HIS A 234 -17.33 27.10 2.00
N HIS A 235 -18.03 27.26 0.86
CA HIS A 235 -17.79 28.38 -0.06
C HIS A 235 -19.08 28.81 -0.74
N HIS A 236 -20.22 28.31 -0.25
CA HIS A 236 -21.53 28.64 -0.78
C HIS A 236 -22.56 28.61 0.36
N PRO A 1 -5.88 -7.94 17.84
CA PRO A 1 -4.43 -8.19 17.89
C PRO A 1 -3.60 -6.92 17.73
N GLY A 2 -2.38 -6.93 18.27
CA GLY A 2 -1.47 -5.79 18.21
C GLY A 2 -0.17 -6.10 18.96
N PRO A 3 -0.23 -6.29 20.29
CA PRO A 3 0.91 -6.66 21.10
C PRO A 3 1.28 -8.13 20.84
N VAL A 4 2.35 -8.60 21.49
CA VAL A 4 2.85 -9.96 21.36
C VAL A 4 3.08 -10.60 22.73
N LEU A 5 2.51 -9.99 23.78
CA LEU A 5 2.68 -10.44 25.16
C LEU A 5 4.13 -10.78 25.49
N PRO A 6 5.06 -9.83 25.30
CA PRO A 6 6.48 -10.05 25.53
C PRO A 6 6.80 -10.12 27.03
N LYS A 7 5.85 -9.74 27.88
CA LYS A 7 6.06 -9.73 29.33
C LYS A 7 6.60 -11.07 29.79
N ASN A 8 6.16 -12.16 29.16
CA ASN A 8 6.66 -13.50 29.41
C ASN A 8 8.18 -13.58 29.25
N ALA A 9 8.67 -13.34 28.02
CA ALA A 9 10.10 -13.34 27.74
C ALA A 9 10.84 -12.31 28.61
N LEU A 10 10.15 -11.25 29.03
CA LEU A 10 10.78 -10.18 29.79
C LEU A 10 11.01 -10.61 31.25
N MET A 11 9.96 -11.09 31.92
CA MET A 11 10.07 -11.61 33.28
C MET A 11 11.09 -12.76 33.31
N GLN A 12 10.87 -13.76 32.45
CA GLN A 12 11.69 -14.94 32.38
C GLN A 12 13.14 -14.58 32.14
N LEU A 13 13.38 -13.69 31.18
CA LEU A 13 14.73 -13.22 30.94
C LEU A 13 15.29 -12.63 32.22
N ASN A 14 14.59 -11.68 32.84
CA ASN A 14 15.09 -10.99 34.01
C ASN A 14 15.52 -11.99 35.08
N GLU A 15 14.75 -13.07 35.24
CA GLU A 15 15.10 -14.13 36.15
C GLU A 15 16.43 -14.80 35.75
N ILE A 16 16.53 -15.27 34.50
CA ILE A 16 17.72 -15.96 34.00
C ILE A 16 18.91 -15.05 33.67
N LYS A 17 18.74 -13.74 33.74
CA LYS A 17 19.73 -12.70 33.45
C LYS A 17 20.54 -12.17 34.65
N PRO A 18 21.24 -12.97 35.46
CA PRO A 18 22.02 -12.46 36.58
C PRO A 18 23.37 -11.89 36.11
N GLY A 19 23.67 -11.92 34.81
CA GLY A 19 24.93 -11.39 34.29
C GLY A 19 25.12 -11.85 32.84
N LEU A 20 25.19 -10.89 31.92
CA LEU A 20 25.25 -11.18 30.49
C LEU A 20 25.52 -9.92 29.68
N GLN A 21 25.47 -10.02 28.34
CA GLN A 21 25.67 -8.87 27.47
C GLN A 21 24.62 -8.77 26.35
N TYR A 22 24.09 -7.56 26.11
CA TYR A 22 23.25 -7.31 24.94
C TYR A 22 24.04 -6.40 24.01
N MET A 23 24.01 -6.73 22.71
CA MET A 23 24.69 -5.94 21.70
C MET A 23 23.79 -5.76 20.49
N LEU A 24 23.81 -4.56 19.90
CA LEU A 24 22.94 -4.19 18.80
C LEU A 24 23.71 -4.19 17.49
N LEU A 25 23.23 -5.04 16.58
CA LEU A 25 23.78 -5.14 15.24
C LEU A 25 22.77 -4.59 14.21
N SER A 26 23.13 -4.68 12.93
CA SER A 26 22.43 -3.99 11.85
C SER A 26 22.19 -2.53 12.21
N GLN A 27 20.90 -2.16 12.23
CA GLN A 27 20.36 -0.86 12.41
C GLN A 27 20.68 0.00 11.20
N THR A 28 19.82 -0.14 10.19
CA THR A 28 19.88 0.60 8.94
C THR A 28 18.54 0.39 8.23
N GLY A 29 18.22 1.24 7.25
CA GLY A 29 16.96 1.16 6.53
C GLY A 29 16.61 2.48 5.86
N PRO A 30 15.39 2.56 5.32
CA PRO A 30 14.83 3.75 4.69
C PRO A 30 14.44 4.83 5.69
N VAL A 31 14.83 4.64 6.94
CA VAL A 31 14.65 5.60 8.01
C VAL A 31 13.19 5.65 8.49
N HIS A 32 12.34 4.76 7.97
CA HIS A 32 10.97 4.60 8.43
C HIS A 32 10.62 3.10 8.54
N ALA A 33 11.53 2.23 8.09
CA ALA A 33 11.44 0.80 8.28
C ALA A 33 12.82 0.24 8.64
N PRO A 34 13.41 0.72 9.74
CA PRO A 34 14.74 0.37 10.18
C PRO A 34 14.81 -1.03 10.75
N LEU A 35 15.83 -1.80 10.37
CA LEU A 35 16.00 -3.15 10.87
C LEU A 35 17.13 -3.20 11.89
N PHE A 36 16.79 -3.66 13.10
CA PHE A 36 17.76 -3.82 14.17
C PHE A 36 17.94 -5.30 14.42
N VAL A 37 19.16 -5.74 14.69
CA VAL A 37 19.33 -7.12 15.11
C VAL A 37 20.11 -7.16 16.40
N MET A 38 19.37 -7.44 17.48
CA MET A 38 19.96 -7.43 18.80
C MET A 38 20.37 -8.86 19.12
N SER A 39 21.56 -9.03 19.67
CA SER A 39 22.06 -10.34 20.00
C SER A 39 22.51 -10.35 21.45
N VAL A 40 22.12 -11.39 22.18
CA VAL A 40 22.42 -11.50 23.61
C VAL A 40 23.40 -12.63 23.84
N GLU A 41 24.42 -12.36 24.66
CA GLU A 41 25.44 -13.35 24.97
C GLU A 41 25.40 -13.71 26.45
N VAL A 42 25.24 -15.02 26.71
CA VAL A 42 25.22 -15.63 28.03
C VAL A 42 26.08 -16.88 27.96
N ASN A 43 26.95 -17.11 28.96
CA ASN A 43 27.81 -18.29 29.04
C ASN A 43 28.63 -18.54 27.76
N GLY A 44 28.79 -17.51 26.91
CA GLY A 44 29.57 -17.64 25.69
C GLY A 44 28.72 -18.07 24.49
N GLN A 45 27.42 -18.19 24.68
CA GLN A 45 26.49 -18.48 23.61
C GLN A 45 25.76 -17.18 23.31
N VAL A 46 25.71 -16.82 22.02
CA VAL A 46 25.10 -15.57 21.59
C VAL A 46 23.99 -15.87 20.60
N PHE A 47 22.85 -15.21 20.78
CA PHE A 47 21.67 -15.46 19.96
C PHE A 47 21.12 -14.12 19.47
N GLU A 48 20.79 -14.09 18.18
CA GLU A 48 20.49 -12.84 17.49
C GLU A 48 19.03 -12.79 17.05
N GLY A 49 18.38 -11.62 17.22
CA GLY A 49 16.97 -11.45 16.87
C GLY A 49 16.76 -10.14 16.11
N SER A 50 15.96 -10.22 15.04
CA SER A 50 15.74 -9.12 14.12
C SER A 50 14.33 -8.56 14.28
N GLY A 51 14.24 -7.25 14.51
CA GLY A 51 12.96 -6.58 14.60
C GLY A 51 13.04 -5.12 14.15
N PRO A 52 11.91 -4.54 13.76
CA PRO A 52 11.80 -3.12 13.55
C PRO A 52 11.83 -2.46 14.93
N THR A 53 12.63 -1.41 15.10
CA THR A 53 12.91 -0.83 16.41
C THR A 53 13.49 -1.86 17.37
N LYS A 54 14.13 -1.40 18.44
CA LYS A 54 14.92 -2.24 19.33
C LYS A 54 14.11 -3.24 20.14
N LYS A 55 12.83 -2.95 20.42
CA LYS A 55 12.05 -3.77 21.34
C LYS A 55 11.96 -5.23 20.88
N LYS A 56 11.31 -5.46 19.73
CA LYS A 56 11.11 -6.79 19.18
C LYS A 56 12.44 -7.51 18.98
N ALA A 57 13.49 -6.79 18.53
CA ALA A 57 14.80 -7.39 18.33
C ALA A 57 15.32 -8.07 19.60
N LYS A 58 15.50 -7.30 20.68
CA LYS A 58 15.90 -7.84 21.98
C LYS A 58 14.93 -8.91 22.48
N LEU A 59 13.61 -8.69 22.28
CA LEU A 59 12.59 -9.64 22.70
C LEU A 59 12.84 -11.03 22.11
N HIS A 60 12.86 -11.10 20.78
CA HIS A 60 13.11 -12.33 20.07
C HIS A 60 14.45 -12.93 20.48
N ALA A 61 15.49 -12.10 20.61
CA ALA A 61 16.80 -12.55 21.06
C ALA A 61 16.71 -13.21 22.44
N ALA A 62 15.97 -12.59 23.36
CA ALA A 62 15.76 -13.10 24.71
C ALA A 62 15.14 -14.50 24.65
N GLU A 63 14.08 -14.63 23.86
CA GLU A 63 13.39 -15.91 23.67
C GLU A 63 14.36 -17.00 23.19
N LYS A 64 15.11 -16.69 22.12
CA LYS A 64 16.07 -17.63 21.56
C LYS A 64 17.07 -18.06 22.63
N ALA A 65 17.79 -17.08 23.19
CA ALA A 65 18.78 -17.35 24.22
C ALA A 65 18.18 -18.09 25.40
N LEU A 66 16.94 -17.77 25.78
CA LEU A 66 16.25 -18.48 26.85
C LEU A 66 16.24 -19.97 26.51
N ARG A 67 15.49 -20.36 25.46
CA ARG A 67 15.30 -21.77 25.12
C ARG A 67 16.65 -22.45 24.92
N SER A 68 17.63 -21.70 24.44
CA SER A 68 18.95 -22.23 24.18
C SER A 68 19.77 -22.44 25.45
N PHE A 69 20.16 -21.35 26.12
CA PHE A 69 21.06 -21.44 27.26
C PHE A 69 20.43 -22.08 28.50
N VAL A 70 19.11 -22.22 28.59
CA VAL A 70 18.57 -23.01 29.72
C VAL A 70 19.18 -24.41 29.77
N GLN A 71 19.83 -24.85 28.68
CA GLN A 71 20.54 -26.12 28.64
C GLN A 71 21.89 -26.02 29.34
N PHE A 72 22.38 -24.80 29.58
CA PHE A 72 23.68 -24.53 30.22
C PHE A 72 23.65 -23.22 31.02
N PRO A 73 22.77 -23.12 32.02
CA PRO A 73 22.64 -21.97 32.88
C PRO A 73 23.70 -21.97 33.99
N ASN A 74 24.38 -23.10 34.18
CA ASN A 74 25.37 -23.35 35.24
C ASN A 74 24.87 -23.01 36.65
N ALA A 75 23.57 -22.76 36.80
CA ALA A 75 22.99 -22.38 38.08
C ALA A 75 21.49 -22.72 38.15
N SER A 76 20.97 -23.50 37.20
CA SER A 76 19.56 -23.80 37.12
C SER A 76 19.34 -25.16 36.47
N GLU A 77 18.08 -25.57 36.36
CA GLU A 77 17.65 -26.85 35.83
C GLU A 77 16.37 -26.70 35.00
N ALA A 78 16.09 -25.48 34.53
CA ALA A 78 14.89 -25.16 33.77
C ALA A 78 14.86 -25.79 32.38
N HIS A 79 15.83 -26.66 32.04
CA HIS A 79 15.89 -27.31 30.75
C HIS A 79 14.65 -28.20 30.50
N LEU A 80 14.48 -28.63 29.26
CA LEU A 80 13.38 -29.48 28.83
C LEU A 80 13.76 -30.39 27.66
N ALA A 81 15.06 -30.54 27.38
CA ALA A 81 15.58 -31.38 26.29
C ALA A 81 15.38 -32.87 26.54
N MET A 82 14.46 -33.22 27.45
CA MET A 82 14.19 -34.59 27.88
C MET A 82 12.69 -34.83 28.02
N GLY A 83 11.89 -33.93 27.44
CA GLY A 83 10.43 -33.99 27.54
C GLY A 83 9.77 -33.24 26.39
N ARG A 84 8.45 -33.04 26.50
CA ARG A 84 7.67 -32.35 25.47
C ARG A 84 8.12 -30.90 25.32
N THR A 85 7.61 -30.25 24.27
CA THR A 85 7.96 -28.88 23.92
C THR A 85 6.69 -28.12 23.50
N LEU A 86 6.84 -26.88 23.04
CA LEU A 86 5.72 -26.05 22.64
C LEU A 86 6.07 -25.25 21.39
N SER A 87 5.05 -24.91 20.60
CA SER A 87 5.19 -24.12 19.38
C SER A 87 3.86 -23.44 19.03
N VAL A 88 3.86 -22.66 17.96
CA VAL A 88 2.68 -21.95 17.48
C VAL A 88 1.61 -22.91 16.94
N ASN A 89 0.43 -22.37 16.63
CA ASN A 89 -0.70 -23.17 16.16
C ASN A 89 -1.50 -22.41 15.09
N THR A 90 -0.86 -21.44 14.42
CA THR A 90 -1.51 -20.61 13.40
C THR A 90 -0.57 -20.32 12.22
N ASP A 91 0.58 -21.00 12.17
CA ASP A 91 1.54 -20.82 11.09
C ASP A 91 1.02 -21.38 9.77
N PHE A 92 0.01 -22.26 9.84
CA PHE A 92 -0.59 -22.86 8.66
C PHE A 92 -1.33 -21.81 7.83
N THR A 93 -1.54 -22.08 6.53
CA THR A 93 -2.23 -21.18 5.64
C THR A 93 -2.80 -21.94 4.44
N SER A 94 -3.63 -21.27 3.64
CA SER A 94 -4.29 -21.85 2.47
C SER A 94 -3.29 -22.16 1.36
N ASP A 95 -3.78 -22.84 0.31
CA ASP A 95 -2.97 -23.22 -0.84
C ASP A 95 -3.79 -23.13 -2.12
N GLN A 96 -4.90 -22.37 -2.08
CA GLN A 96 -5.81 -22.24 -3.20
C GLN A 96 -6.37 -20.81 -3.24
N ALA A 97 -6.83 -20.38 -4.41
CA ALA A 97 -7.38 -19.04 -4.59
C ALA A 97 -8.43 -19.04 -5.69
N ASP A 98 -9.20 -17.95 -5.79
CA ASP A 98 -10.28 -17.81 -6.78
C ASP A 98 -10.48 -16.34 -7.12
N PHE A 99 -9.47 -15.50 -6.86
CA PHE A 99 -9.55 -14.06 -7.13
C PHE A 99 -9.88 -13.79 -8.60
N PRO A 100 -10.51 -12.64 -8.89
CA PRO A 100 -10.90 -12.25 -10.23
C PRO A 100 -9.77 -12.35 -11.26
N ASP A 101 -10.16 -12.44 -12.53
CA ASP A 101 -9.24 -12.51 -13.66
C ASP A 101 -9.85 -11.83 -14.88
N THR A 102 -10.97 -11.12 -14.67
CA THR A 102 -11.70 -10.43 -15.72
C THR A 102 -12.41 -9.21 -15.13
N LEU A 103 -13.04 -8.40 -15.97
CA LEU A 103 -13.74 -7.20 -15.54
C LEU A 103 -14.92 -6.91 -16.46
N PHE A 104 -15.92 -6.18 -15.94
CA PHE A 104 -17.08 -5.78 -16.72
C PHE A 104 -17.63 -4.47 -16.16
N ASN A 105 -18.46 -3.77 -16.94
CA ASN A 105 -18.96 -2.46 -16.55
C ASN A 105 -20.28 -2.55 -15.77
N GLY A 106 -20.89 -3.74 -15.73
CA GLY A 106 -22.13 -3.95 -15.00
C GLY A 106 -23.33 -3.31 -15.73
N PHE A 107 -24.49 -3.33 -15.07
CA PHE A 107 -25.72 -2.74 -15.59
C PHE A 107 -26.68 -2.46 -14.43
N GLU A 108 -27.76 -1.71 -14.70
CA GLU A 108 -28.75 -1.39 -13.68
C GLU A 108 -30.15 -1.16 -14.27
N THR A 109 -30.24 -0.83 -15.57
CA THR A 109 -31.50 -0.52 -16.21
C THR A 109 -31.58 -1.01 -17.67
N PRO A 110 -31.01 -2.16 -18.02
CA PRO A 110 -30.97 -2.63 -19.39
C PRO A 110 -32.36 -3.06 -19.86
N ASP A 111 -32.65 -2.87 -21.15
CA ASP A 111 -33.92 -3.27 -21.75
C ASP A 111 -33.83 -3.26 -23.28
N LYS A 112 -33.10 -2.28 -23.83
CA LYS A 112 -32.87 -2.15 -25.27
C LYS A 112 -31.49 -1.52 -25.48
N SER A 113 -31.02 -1.52 -26.74
CA SER A 113 -29.72 -0.95 -27.08
C SER A 113 -29.74 -0.32 -28.47
N GLU A 114 -30.93 -0.18 -29.07
CA GLU A 114 -31.11 0.39 -30.39
C GLU A 114 -32.54 0.95 -30.49
N PRO A 115 -32.75 2.15 -31.06
CA PRO A 115 -34.08 2.74 -31.15
C PRO A 115 -34.96 2.00 -32.17
N PRO A 116 -36.27 1.89 -31.88
CA PRO A 116 -37.29 1.34 -32.77
C PRO A 116 -37.46 2.06 -34.12
N PHE A 117 -36.53 2.94 -34.50
CA PHE A 117 -36.66 3.77 -35.69
C PHE A 117 -35.36 3.80 -36.49
N TYR A 118 -35.45 4.29 -37.73
CA TYR A 118 -34.34 4.34 -38.66
C TYR A 118 -33.24 5.28 -38.20
N VAL A 119 -32.10 5.23 -38.89
CA VAL A 119 -30.92 6.05 -38.59
C VAL A 119 -30.26 6.51 -39.89
N GLY A 120 -30.59 5.87 -41.02
CA GLY A 120 -30.01 6.21 -42.31
C GLY A 120 -30.16 5.08 -43.33
N SER A 121 -30.78 3.96 -42.93
CA SER A 121 -30.93 2.80 -43.78
C SER A 121 -32.17 2.00 -43.38
N ASN A 122 -32.33 0.81 -43.96
CA ASN A 122 -33.45 -0.08 -43.70
C ASN A 122 -32.92 -1.48 -43.39
N GLY A 123 -31.68 -1.55 -42.89
CA GLY A 123 -31.00 -2.78 -42.51
C GLY A 123 -30.25 -2.61 -41.20
N ASP A 124 -30.72 -1.68 -40.35
CA ASP A 124 -30.16 -1.38 -39.04
C ASP A 124 -30.41 -2.51 -38.03
N ASP A 125 -30.75 -3.71 -38.51
CA ASP A 125 -31.08 -4.85 -37.66
C ASP A 125 -30.45 -6.12 -38.24
N SER A 126 -30.38 -7.18 -37.43
CA SER A 126 -29.75 -8.43 -37.83
C SER A 126 -30.45 -9.64 -37.20
N PHE A 127 -29.92 -10.84 -37.46
CA PHE A 127 -30.46 -12.09 -36.97
C PHE A 127 -30.60 -12.10 -35.44
N SER A 128 -31.52 -12.93 -34.94
CA SER A 128 -31.75 -13.10 -33.51
C SER A 128 -32.38 -14.47 -33.24
N SER A 129 -32.56 -14.81 -31.96
CA SER A 129 -33.20 -16.05 -31.57
C SER A 129 -33.86 -15.89 -30.20
N SER A 130 -34.62 -16.90 -29.78
CA SER A 130 -35.39 -16.89 -28.54
C SER A 130 -35.36 -18.24 -27.84
N GLY A 131 -34.41 -19.12 -28.20
CA GLY A 131 -34.29 -20.43 -27.59
C GLY A 131 -32.88 -20.99 -27.73
N ASP A 132 -32.64 -22.15 -27.12
CA ASP A 132 -31.33 -22.78 -27.10
C ASP A 132 -30.87 -23.20 -28.49
N VAL A 133 -31.72 -23.05 -29.51
CA VAL A 133 -31.42 -23.41 -30.89
C VAL A 133 -30.29 -22.54 -31.45
N SER A 134 -29.83 -21.52 -30.71
CA SER A 134 -28.78 -20.61 -31.17
C SER A 134 -27.84 -20.19 -30.04
N LEU A 135 -27.88 -20.89 -28.90
CA LEU A 135 -27.02 -20.58 -27.76
C LEU A 135 -26.41 -21.85 -27.19
N SER A 136 -25.38 -21.70 -26.36
CA SER A 136 -24.66 -22.80 -25.73
C SER A 136 -25.48 -23.48 -24.63
N ALA A 137 -26.71 -23.01 -24.39
CA ALA A 137 -27.61 -23.53 -23.36
C ALA A 137 -26.94 -23.60 -21.98
N SER A 138 -25.90 -22.77 -21.77
CA SER A 138 -25.16 -22.73 -20.51
C SER A 138 -26.10 -22.42 -19.34
N PRO A 139 -25.86 -23.03 -18.16
CA PRO A 139 -26.65 -22.82 -16.96
C PRO A 139 -26.39 -21.47 -16.33
N VAL A 140 -25.42 -20.69 -16.85
CA VAL A 140 -25.12 -19.36 -16.34
C VAL A 140 -26.36 -18.48 -16.44
N PRO A 141 -26.68 -17.69 -15.40
CA PRO A 141 -27.86 -16.84 -15.38
C PRO A 141 -27.75 -15.68 -16.37
N ALA A 142 -28.86 -14.97 -16.58
CA ALA A 142 -28.92 -13.86 -17.52
C ALA A 142 -29.82 -12.72 -17.01
N SER A 143 -30.10 -12.73 -15.70
CA SER A 143 -30.93 -11.70 -15.07
C SER A 143 -30.54 -11.50 -13.61
N LEU A 144 -30.80 -10.30 -13.10
CA LEU A 144 -30.47 -9.90 -11.74
C LEU A 144 -31.33 -8.71 -11.36
N THR A 145 -31.53 -8.49 -10.06
CA THR A 145 -32.32 -7.35 -9.58
C THR A 145 -31.69 -6.78 -8.32
N GLN A 146 -31.52 -5.46 -8.29
CA GLN A 146 -30.96 -4.72 -7.17
C GLN A 146 -31.52 -3.29 -7.18
N PRO A 147 -31.52 -2.61 -6.03
CA PRO A 147 -31.93 -1.22 -5.95
C PRO A 147 -30.88 -0.32 -6.59
N PRO A 148 -31.21 0.95 -6.87
CA PRO A 148 -30.28 1.93 -7.40
C PRO A 148 -28.99 2.00 -6.59
N LEU A 149 -27.92 2.50 -7.23
CA LEU A 149 -26.61 2.64 -6.61
C LEU A 149 -25.99 4.00 -6.95
N PRO A 150 -26.72 5.11 -6.76
CA PRO A 150 -26.23 6.46 -7.09
C PRO A 150 -25.10 6.87 -6.14
N ILE A 151 -24.47 8.01 -6.46
CA ILE A 151 -23.34 8.53 -5.71
C ILE A 151 -23.48 10.05 -5.59
N PRO A 152 -22.69 10.68 -4.69
CA PRO A 152 -22.67 12.12 -4.50
C PRO A 152 -22.52 12.91 -5.81
N PRO A 153 -22.89 14.19 -5.80
CA PRO A 153 -22.85 15.05 -6.97
C PRO A 153 -21.49 15.06 -7.69
N PRO A 154 -21.46 15.44 -8.98
CA PRO A 154 -20.25 15.62 -9.77
C PRO A 154 -19.20 16.52 -9.09
N PHE A 155 -18.00 16.58 -9.68
CA PHE A 155 -16.91 17.41 -9.18
C PHE A 155 -17.41 18.83 -8.88
N PRO A 156 -17.03 19.39 -7.73
CA PRO A 156 -17.52 20.68 -7.26
C PRO A 156 -16.88 21.85 -8.00
N PRO A 157 -17.42 23.06 -7.82
CA PRO A 157 -16.87 24.28 -8.36
C PRO A 157 -15.39 24.46 -8.03
N PRO A 158 -14.67 25.27 -8.82
CA PRO A 158 -13.26 25.59 -8.64
C PRO A 158 -13.07 26.58 -7.49
N SER A 159 -13.84 26.41 -6.40
CA SER A 159 -13.89 27.35 -5.29
C SER A 159 -13.54 26.65 -3.97
N GLY A 160 -12.83 25.53 -4.04
CA GLY A 160 -12.41 24.79 -2.85
C GLY A 160 -11.03 24.15 -3.06
N LYS A 161 -10.40 23.72 -1.96
CA LYS A 161 -9.06 23.13 -1.99
C LYS A 161 -9.06 21.77 -2.68
N ASN A 162 -7.86 21.32 -3.07
CA ASN A 162 -7.69 20.06 -3.74
C ASN A 162 -8.00 18.90 -2.80
N PRO A 163 -8.75 17.89 -3.27
CA PRO A 163 -9.12 16.73 -2.46
C PRO A 163 -7.93 15.79 -2.26
N VAL A 164 -6.86 15.99 -3.04
CA VAL A 164 -5.66 15.15 -2.95
C VAL A 164 -5.01 15.23 -1.58
N MET A 165 -5.02 16.40 -0.95
CA MET A 165 -4.33 16.60 0.32
C MET A 165 -5.22 16.22 1.49
N ILE A 166 -6.47 16.69 1.51
CA ILE A 166 -7.37 16.35 2.60
C ILE A 166 -7.48 14.82 2.71
N LEU A 167 -7.52 14.11 1.60
CA LEU A 167 -7.52 12.66 1.62
C LEU A 167 -6.18 12.18 2.19
N ASN A 168 -5.08 12.76 1.70
CA ASN A 168 -3.74 12.43 2.17
C ASN A 168 -3.44 13.06 3.54
N GLU A 169 -4.48 13.48 4.25
CA GLU A 169 -4.35 13.94 5.64
C GLU A 169 -5.44 13.32 6.52
N LEU A 170 -6.40 12.61 5.93
CA LEU A 170 -7.46 11.96 6.69
C LEU A 170 -7.38 10.44 6.62
N ARG A 171 -7.02 9.87 5.47
CA ARG A 171 -6.97 8.42 5.28
C ARG A 171 -5.88 8.02 4.28
N PRO A 172 -4.60 8.23 4.60
CA PRO A 172 -3.50 7.73 3.81
C PRO A 172 -3.50 6.20 3.88
N GLY A 173 -2.54 5.52 3.22
CA GLY A 173 -2.54 4.07 3.16
C GLY A 173 -3.21 3.56 1.87
N LEU A 174 -3.00 4.27 0.75
CA LEU A 174 -3.64 3.96 -0.52
C LEU A 174 -2.59 3.86 -1.61
N LYS A 175 -3.05 3.70 -2.85
CA LYS A 175 -2.17 3.58 -4.00
C LYS A 175 -2.80 4.33 -5.17
N TYR A 176 -2.00 4.95 -6.02
CA TYR A 176 -2.51 5.68 -7.18
C TYR A 176 -1.83 5.16 -8.43
N ASP A 177 -2.56 5.23 -9.54
CA ASP A 177 -2.02 4.92 -10.85
C ASP A 177 -2.36 6.04 -11.82
N PHE A 178 -1.72 6.04 -13.00
CA PHE A 178 -1.91 7.11 -13.98
C PHE A 178 -2.25 6.46 -15.32
N LEU A 179 -3.25 7.03 -16.00
CA LEU A 179 -3.78 6.45 -17.22
C LEU A 179 -3.65 7.42 -18.39
N SER A 180 -3.69 6.82 -19.58
CA SER A 180 -3.31 7.39 -20.88
C SER A 180 -3.84 8.79 -21.19
N GLU A 181 -3.16 9.39 -22.15
CA GLU A 181 -3.46 10.74 -22.61
C GLU A 181 -3.76 10.79 -24.10
N SER A 182 -4.45 11.84 -24.53
CA SER A 182 -4.85 12.03 -25.93
C SER A 182 -4.91 13.53 -26.24
N GLY A 183 -4.87 13.88 -27.53
CA GLY A 183 -4.91 15.26 -27.99
C GLY A 183 -3.61 15.64 -28.69
N GLU A 184 -3.54 16.86 -29.22
CA GLU A 184 -2.33 17.33 -29.88
C GLU A 184 -1.31 17.77 -28.83
N SER A 185 -1.51 18.97 -28.26
CA SER A 185 -0.72 19.46 -27.14
C SER A 185 -1.40 20.67 -26.50
N HIS A 186 -2.13 21.46 -27.30
CA HIS A 186 -2.85 22.64 -26.81
C HIS A 186 -4.22 22.28 -26.27
N ALA A 187 -4.55 20.98 -26.26
CA ALA A 187 -5.84 20.51 -25.80
C ALA A 187 -5.72 19.12 -25.17
N LYS A 188 -4.51 18.77 -24.73
CA LYS A 188 -4.18 17.45 -24.20
C LYS A 188 -5.08 17.11 -23.01
N SER A 189 -5.17 15.83 -22.67
CA SER A 189 -5.94 15.35 -21.53
C SER A 189 -5.26 14.13 -20.92
N PHE A 190 -5.56 13.88 -19.65
CA PHE A 190 -4.93 12.82 -18.88
C PHE A 190 -5.91 12.25 -17.88
N VAL A 191 -5.59 11.11 -17.26
CA VAL A 191 -6.43 10.57 -16.20
C VAL A 191 -5.59 9.84 -15.16
N MET A 192 -6.18 9.66 -13.97
CA MET A 192 -5.53 8.99 -12.87
C MET A 192 -6.53 7.99 -12.34
N SER A 193 -6.04 6.91 -11.72
CA SER A 193 -6.87 6.03 -10.93
C SER A 193 -6.27 5.84 -9.55
N VAL A 194 -7.02 5.21 -8.63
CA VAL A 194 -6.56 5.02 -7.27
C VAL A 194 -7.17 3.74 -6.71
N VAL A 195 -6.60 3.26 -5.61
CA VAL A 195 -7.17 2.17 -4.85
C VAL A 195 -7.07 2.56 -3.39
N VAL A 196 -8.21 2.54 -2.69
CA VAL A 196 -8.26 3.01 -1.32
C VAL A 196 -9.19 2.10 -0.50
N ASP A 197 -8.66 1.49 0.57
CA ASP A 197 -9.43 0.59 1.41
C ASP A 197 -10.03 -0.59 0.63
N GLY A 198 -9.63 -0.75 -0.65
CA GLY A 198 -10.12 -1.84 -1.49
C GLY A 198 -11.03 -1.32 -2.60
N GLN A 199 -11.51 -0.08 -2.47
CA GLN A 199 -12.30 0.55 -3.51
C GLN A 199 -11.39 0.95 -4.66
N PHE A 200 -11.98 1.39 -5.77
CA PHE A 200 -11.23 1.81 -6.94
C PHE A 200 -11.87 3.05 -7.52
N PHE A 201 -11.05 4.04 -7.90
CA PHE A 201 -11.55 5.30 -8.44
C PHE A 201 -10.73 5.77 -9.65
N GLU A 202 -11.28 6.74 -10.40
CA GLU A 202 -10.62 7.25 -11.60
C GLU A 202 -11.06 8.70 -11.82
N GLY A 203 -10.28 9.48 -12.60
CA GLY A 203 -10.59 10.89 -12.84
C GLY A 203 -9.72 11.46 -13.96
N SER A 204 -10.33 12.29 -14.82
CA SER A 204 -9.64 12.86 -15.97
C SER A 204 -9.63 14.38 -15.95
N GLY A 205 -8.59 14.96 -16.57
CA GLY A 205 -8.45 16.40 -16.66
C GLY A 205 -7.60 16.84 -17.84
N ARG A 206 -7.54 18.14 -18.06
CA ARG A 206 -6.71 18.75 -19.10
C ARG A 206 -5.23 18.62 -18.72
N ASN A 207 -4.96 18.24 -17.47
CA ASN A 207 -3.62 18.13 -16.93
C ASN A 207 -3.62 17.09 -15.81
N LYS A 208 -2.44 16.68 -15.36
CA LYS A 208 -2.28 15.66 -14.34
C LYS A 208 -2.87 16.08 -12.98
N LYS A 209 -2.97 17.39 -12.74
CA LYS A 209 -3.48 17.90 -11.48
C LYS A 209 -4.99 17.69 -11.37
N LEU A 210 -5.72 18.00 -12.44
CA LEU A 210 -7.16 17.83 -12.49
C LEU A 210 -7.50 16.34 -12.48
N ALA A 211 -6.70 15.54 -13.19
CA ALA A 211 -6.93 14.11 -13.24
C ALA A 211 -6.91 13.49 -11.84
N LYS A 212 -5.90 13.83 -11.05
CA LYS A 212 -5.79 13.32 -9.68
C LYS A 212 -6.83 13.97 -8.79
N ALA A 213 -7.27 15.19 -9.11
CA ALA A 213 -8.28 15.86 -8.32
C ALA A 213 -9.64 15.18 -8.45
N ARG A 214 -9.96 14.63 -9.63
CA ARG A 214 -11.22 13.89 -9.79
C ARG A 214 -11.09 12.50 -9.21
N ALA A 215 -9.93 11.87 -9.39
CA ALA A 215 -9.69 10.53 -8.87
C ALA A 215 -9.65 10.54 -7.35
N ALA A 216 -9.16 11.63 -6.75
CA ALA A 216 -9.09 11.79 -5.30
C ALA A 216 -10.39 12.38 -4.76
N GLN A 217 -11.15 13.05 -5.64
CA GLN A 217 -12.46 13.59 -5.28
C GLN A 217 -13.45 12.44 -5.14
N SER A 218 -13.37 11.44 -6.04
CA SER A 218 -14.22 10.26 -5.96
C SER A 218 -13.77 9.35 -4.83
N ALA A 219 -12.45 9.22 -4.64
CA ALA A 219 -11.90 8.39 -3.57
C ALA A 219 -12.32 8.94 -2.20
N LEU A 220 -12.13 10.26 -1.98
CA LEU A 220 -12.50 10.88 -0.73
C LEU A 220 -13.98 10.69 -0.45
N ALA A 221 -14.84 11.08 -1.39
CA ALA A 221 -16.27 11.08 -1.15
C ALA A 221 -16.76 9.68 -0.73
N THR A 222 -16.56 8.68 -1.59
CA THR A 222 -16.99 7.32 -1.33
C THR A 222 -16.46 6.77 -0.01
N VAL A 223 -15.13 6.68 0.13
CA VAL A 223 -14.54 6.01 1.28
C VAL A 223 -14.75 6.77 2.59
N PHE A 224 -14.91 8.09 2.53
CA PHE A 224 -15.05 8.88 3.75
C PHE A 224 -16.52 9.04 4.09
N ASN A 225 -17.43 8.47 3.27
CA ASN A 225 -18.86 8.60 3.45
C ASN A 225 -19.28 10.08 3.46
N LEU A 226 -18.57 10.91 2.69
CA LEU A 226 -18.74 12.36 2.64
C LEU A 226 -18.67 12.85 1.20
N HIS A 227 -18.42 14.15 1.00
CA HIS A 227 -18.35 14.76 -0.31
C HIS A 227 -17.29 15.86 -0.31
N LEU A 228 -17.30 16.75 -1.33
CA LEU A 228 -16.28 17.76 -1.49
C LEU A 228 -16.94 19.13 -1.66
N LEU A 229 -18.08 19.32 -0.98
CA LEU A 229 -18.85 20.55 -1.05
C LEU A 229 -19.28 20.96 0.37
N GLU A 230 -19.72 22.20 0.52
CA GLU A 230 -20.09 22.76 1.81
C GLU A 230 -21.22 23.77 1.67
N HIS A 231 -21.54 24.48 2.75
CA HIS A 231 -22.65 25.41 2.80
C HIS A 231 -22.27 26.67 3.57
N HIS A 232 -23.16 27.68 3.56
CA HIS A 232 -22.91 28.97 4.19
C HIS A 232 -23.96 29.26 5.27
N HIS A 233 -24.94 28.37 5.42
CA HIS A 233 -26.01 28.46 6.41
C HIS A 233 -26.79 29.77 6.37
N HIS A 234 -26.62 30.57 5.31
CA HIS A 234 -27.31 31.86 5.17
C HIS A 234 -27.42 32.29 3.69
N HIS A 235 -26.89 31.48 2.78
CA HIS A 235 -26.90 31.80 1.36
C HIS A 235 -26.76 30.51 0.54
N HIS A 236 -26.90 30.61 -0.78
CA HIS A 236 -26.82 29.47 -1.69
C HIS A 236 -26.14 29.88 -2.99
N PRO A 1 -1.45 -23.19 28.84
CA PRO A 1 -0.69 -22.04 29.32
C PRO A 1 0.77 -22.10 28.88
N GLY A 2 1.29 -20.96 28.43
CA GLY A 2 2.68 -20.85 27.98
C GLY A 2 2.97 -19.43 27.51
N PRO A 3 4.21 -19.18 27.09
CA PRO A 3 4.67 -17.89 26.58
C PRO A 3 3.73 -17.34 25.51
N VAL A 4 3.22 -16.12 25.73
CA VAL A 4 2.32 -15.47 24.79
C VAL A 4 2.41 -13.95 24.94
N LEU A 5 3.42 -13.47 25.69
CA LEU A 5 3.60 -12.06 26.00
C LEU A 5 5.09 -11.70 25.95
N PRO A 6 5.42 -10.43 25.71
CA PRO A 6 6.79 -9.95 25.82
C PRO A 6 7.21 -9.97 27.30
N LYS A 7 6.28 -9.59 28.19
CA LYS A 7 6.53 -9.56 29.62
C LYS A 7 7.06 -10.92 30.06
N ASN A 8 6.51 -12.00 29.51
CA ASN A 8 6.95 -13.36 29.79
C ASN A 8 8.44 -13.51 29.47
N ALA A 9 8.84 -13.33 28.20
CA ALA A 9 10.24 -13.50 27.80
C ALA A 9 11.18 -12.59 28.59
N LEU A 10 10.68 -11.40 28.97
CA LEU A 10 11.50 -10.39 29.59
C LEU A 10 11.80 -10.82 31.03
N MET A 11 10.75 -11.10 31.82
CA MET A 11 10.89 -11.55 33.19
C MET A 11 11.62 -12.89 33.26
N GLN A 12 11.26 -13.82 32.36
CA GLN A 12 11.87 -15.12 32.30
C GLN A 12 13.39 -15.01 32.11
N LEU A 13 13.84 -14.25 31.11
CA LEU A 13 15.26 -14.00 30.93
C LEU A 13 15.86 -13.37 32.19
N ASN A 14 15.17 -12.38 32.75
CA ASN A 14 15.66 -11.69 33.95
C ASN A 14 15.93 -12.69 35.07
N GLU A 15 15.07 -13.73 35.14
CA GLU A 15 15.19 -14.79 36.12
C GLU A 15 16.39 -15.70 35.84
N ILE A 16 16.47 -16.29 34.65
CA ILE A 16 17.51 -17.27 34.34
C ILE A 16 18.93 -16.71 34.21
N LYS A 17 19.12 -15.48 33.73
CA LYS A 17 20.45 -14.95 33.52
C LYS A 17 21.22 -14.84 34.85
N PRO A 18 22.53 -15.08 34.84
CA PRO A 18 23.43 -14.80 35.95
C PRO A 18 23.97 -13.37 35.84
N GLY A 19 23.62 -12.71 34.73
CA GLY A 19 24.22 -11.44 34.34
C GLY A 19 24.51 -11.58 32.86
N LEU A 20 24.27 -10.56 32.03
CA LEU A 20 24.39 -10.77 30.60
C LEU A 20 24.67 -9.49 29.82
N GLN A 21 24.78 -9.63 28.49
CA GLN A 21 25.04 -8.49 27.63
C GLN A 21 24.07 -8.44 26.45
N TYR A 22 23.56 -7.24 26.17
CA TYR A 22 22.77 -6.99 24.96
C TYR A 22 23.65 -6.14 24.04
N MET A 23 23.69 -6.50 22.75
CA MET A 23 24.43 -5.73 21.77
C MET A 23 23.59 -5.53 20.51
N LEU A 24 23.68 -4.35 19.89
CA LEU A 24 22.86 -3.95 18.74
C LEU A 24 23.72 -3.98 17.48
N LEU A 25 23.08 -4.41 16.38
CA LEU A 25 23.76 -4.74 15.16
C LEU A 25 22.90 -4.23 14.04
N SER A 26 23.53 -4.13 12.88
CA SER A 26 22.84 -3.79 11.68
C SER A 26 22.32 -2.37 11.85
N GLN A 27 21.00 -2.20 11.98
CA GLN A 27 20.41 -0.92 12.23
C GLN A 27 20.44 -0.10 10.94
N THR A 28 19.63 -0.53 9.96
CA THR A 28 19.69 0.02 8.63
C THR A 28 18.46 -0.43 7.84
N GLY A 29 18.19 0.23 6.72
CA GLY A 29 17.03 -0.07 5.91
C GLY A 29 16.73 1.11 4.97
N PRO A 30 15.49 1.18 4.48
CA PRO A 30 15.05 2.28 3.63
C PRO A 30 14.82 3.56 4.41
N VAL A 31 15.19 3.51 5.69
CA VAL A 31 15.15 4.63 6.61
C VAL A 31 13.72 4.94 7.08
N HIS A 32 12.74 4.21 6.57
CA HIS A 32 11.35 4.33 7.01
C HIS A 32 10.81 2.97 7.44
N ALA A 33 11.68 1.96 7.37
CA ALA A 33 11.45 0.65 7.97
C ALA A 33 12.79 0.16 8.58
N PRO A 34 13.37 0.92 9.51
CA PRO A 34 14.68 0.62 10.09
C PRO A 34 14.75 -0.80 10.65
N LEU A 35 15.85 -1.51 10.38
CA LEU A 35 16.03 -2.84 10.89
C LEU A 35 17.17 -2.95 11.90
N PHE A 36 16.77 -3.18 13.16
CA PHE A 36 17.68 -3.20 14.28
C PHE A 36 17.89 -4.64 14.67
N VAL A 37 19.14 -4.99 15.01
CA VAL A 37 19.41 -6.37 15.31
C VAL A 37 20.06 -6.55 16.66
N MET A 38 19.31 -7.01 17.65
CA MET A 38 19.83 -7.13 18.98
C MET A 38 20.20 -8.58 19.20
N SER A 39 21.43 -8.80 19.68
CA SER A 39 21.91 -10.14 19.95
C SER A 39 22.30 -10.16 21.41
N VAL A 40 21.91 -11.22 22.12
CA VAL A 40 22.09 -11.28 23.55
C VAL A 40 23.08 -12.38 23.88
N GLU A 41 24.00 -12.05 24.80
CA GLU A 41 25.08 -12.95 25.16
C GLU A 41 24.98 -13.33 26.64
N VAL A 42 24.88 -14.65 26.87
CA VAL A 42 24.88 -15.25 28.21
C VAL A 42 25.81 -16.45 28.21
N ASN A 43 26.69 -16.59 29.20
CA ASN A 43 27.60 -17.71 29.33
C ASN A 43 28.43 -18.00 28.06
N GLY A 44 28.48 -17.06 27.11
CA GLY A 44 29.24 -17.24 25.87
C GLY A 44 28.38 -17.72 24.72
N GLN A 45 27.07 -17.81 24.92
CA GLN A 45 26.15 -18.15 23.85
C GLN A 45 25.44 -16.86 23.45
N VAL A 46 25.48 -16.56 22.16
CA VAL A 46 24.91 -15.31 21.64
C VAL A 46 23.78 -15.65 20.67
N PHE A 47 22.63 -14.99 20.82
CA PHE A 47 21.48 -15.25 19.98
C PHE A 47 20.95 -13.93 19.44
N GLU A 48 20.64 -13.91 18.15
CA GLU A 48 20.37 -12.69 17.42
C GLU A 48 18.89 -12.58 17.03
N GLY A 49 18.34 -11.37 17.19
CA GLY A 49 16.96 -11.10 16.80
C GLY A 49 16.91 -9.79 16.03
N SER A 50 16.15 -9.77 14.93
CA SER A 50 16.13 -8.64 14.01
C SER A 50 14.70 -8.17 13.79
N GLY A 51 14.43 -6.92 14.18
CA GLY A 51 13.11 -6.33 14.03
C GLY A 51 13.17 -4.81 14.00
N PRO A 52 12.02 -4.19 13.67
CA PRO A 52 11.83 -2.75 13.77
C PRO A 52 11.85 -2.37 15.25
N THR A 53 12.50 -1.25 15.56
CA THR A 53 12.69 -0.78 16.93
C THR A 53 13.41 -1.79 17.83
N LYS A 54 14.09 -1.28 18.87
CA LYS A 54 14.95 -2.05 19.74
C LYS A 54 14.16 -3.07 20.57
N LYS A 55 12.89 -2.78 20.85
CA LYS A 55 12.08 -3.62 21.74
C LYS A 55 11.97 -5.04 21.22
N LYS A 56 11.29 -5.20 20.07
CA LYS A 56 11.05 -6.50 19.45
C LYS A 56 12.34 -7.27 19.21
N ALA A 57 13.39 -6.60 18.76
CA ALA A 57 14.67 -7.24 18.51
C ALA A 57 15.21 -7.93 19.77
N LYS A 58 15.40 -7.16 20.85
CA LYS A 58 15.94 -7.73 22.08
C LYS A 58 15.02 -8.84 22.59
N LEU A 59 13.71 -8.65 22.42
CA LEU A 59 12.71 -9.61 22.87
C LEU A 59 12.96 -11.00 22.25
N HIS A 60 12.87 -11.09 20.93
CA HIS A 60 13.09 -12.34 20.22
C HIS A 60 14.48 -12.90 20.53
N ALA A 61 15.49 -12.02 20.62
CA ALA A 61 16.82 -12.47 21.00
C ALA A 61 16.80 -13.16 22.35
N ALA A 62 16.14 -12.54 23.34
CA ALA A 62 15.98 -13.11 24.67
C ALA A 62 15.29 -14.46 24.61
N GLU A 63 14.22 -14.60 23.81
CA GLU A 63 13.50 -15.85 23.66
C GLU A 63 14.43 -16.98 23.19
N LYS A 64 15.17 -16.72 22.10
CA LYS A 64 16.12 -17.69 21.57
C LYS A 64 17.13 -18.09 22.64
N ALA A 65 17.83 -17.11 23.21
CA ALA A 65 18.82 -17.35 24.22
C ALA A 65 18.25 -18.13 25.39
N LEU A 66 17.05 -17.74 25.87
CA LEU A 66 16.37 -18.43 26.95
C LEU A 66 16.31 -19.92 26.60
N ARG A 67 15.62 -20.27 25.51
CA ARG A 67 15.43 -21.66 25.17
C ARG A 67 16.76 -22.37 24.97
N SER A 68 17.79 -21.64 24.56
CA SER A 68 19.12 -22.21 24.44
C SER A 68 19.80 -22.38 25.81
N PHE A 69 20.33 -21.29 26.35
CA PHE A 69 21.10 -21.29 27.59
C PHE A 69 20.34 -21.77 28.83
N VAL A 70 19.02 -22.02 28.76
CA VAL A 70 18.30 -22.61 29.88
C VAL A 70 18.99 -23.87 30.42
N GLN A 71 19.82 -24.55 29.62
CA GLN A 71 20.57 -25.73 30.04
C GLN A 71 21.87 -25.35 30.76
N PHE A 72 22.27 -24.07 30.70
CA PHE A 72 23.48 -23.56 31.33
C PHE A 72 23.28 -22.13 31.82
N PRO A 73 22.38 -21.94 32.80
CA PRO A 73 22.01 -20.65 33.37
C PRO A 73 23.14 -20.03 34.22
N ASN A 74 24.31 -20.67 34.26
CA ASN A 74 25.44 -20.22 35.04
C ASN A 74 26.76 -20.50 34.31
N ALA A 75 27.87 -20.19 34.97
CA ALA A 75 29.20 -20.35 34.40
C ALA A 75 30.18 -20.82 35.48
N SER A 76 31.42 -21.11 35.09
CA SER A 76 32.44 -21.59 36.02
C SER A 76 33.85 -21.17 35.59
N GLU A 77 33.95 -20.25 34.63
CA GLU A 77 35.23 -19.77 34.13
C GLU A 77 35.10 -18.30 33.71
N ALA A 78 36.23 -17.60 33.58
CA ALA A 78 36.28 -16.19 33.23
C ALA A 78 37.60 -15.88 32.51
N HIS A 79 37.76 -14.62 32.10
CA HIS A 79 38.94 -14.18 31.37
C HIS A 79 39.27 -12.73 31.73
N LEU A 80 40.39 -12.22 31.21
CA LEU A 80 40.87 -10.87 31.46
C LEU A 80 41.44 -10.26 30.17
N ALA A 81 41.18 -10.88 29.01
CA ALA A 81 41.70 -10.41 27.73
C ALA A 81 40.74 -10.76 26.60
N MET A 82 40.84 -10.05 25.47
CA MET A 82 39.95 -10.23 24.32
C MET A 82 40.59 -9.66 23.05
N GLY A 83 39.86 -9.71 21.93
CA GLY A 83 40.33 -9.19 20.66
C GLY A 83 39.20 -9.19 19.62
N ARG A 84 39.44 -8.57 18.46
CA ARG A 84 38.46 -8.45 17.40
C ARG A 84 39.14 -8.23 16.05
N THR A 85 38.40 -8.41 14.95
CA THR A 85 38.91 -8.26 13.60
C THR A 85 39.18 -6.78 13.25
N LEU A 86 38.83 -5.85 14.14
CA LEU A 86 39.01 -4.42 13.92
C LEU A 86 38.46 -3.97 12.55
N SER A 87 37.39 -4.63 12.08
CA SER A 87 36.74 -4.29 10.83
C SER A 87 35.23 -4.17 11.05
N VAL A 88 34.83 -4.07 12.32
CA VAL A 88 33.44 -3.97 12.76
C VAL A 88 33.37 -3.12 14.02
N ASN A 89 34.34 -2.20 14.16
CA ASN A 89 34.47 -1.36 15.35
C ASN A 89 34.67 0.11 14.98
N THR A 90 34.49 0.43 13.69
CA THR A 90 34.61 1.77 13.13
C THR A 90 35.89 2.50 13.59
N ASP A 91 36.94 1.75 13.92
CA ASP A 91 38.22 2.32 14.30
C ASP A 91 38.85 3.07 13.12
N PHE A 92 38.36 2.80 11.90
CA PHE A 92 38.80 3.45 10.68
C PHE A 92 37.70 3.30 9.62
N THR A 93 37.92 3.87 8.42
CA THR A 93 36.92 3.86 7.36
C THR A 93 37.58 3.61 6.00
N SER A 94 36.77 3.54 4.94
CA SER A 94 37.24 3.26 3.59
C SER A 94 36.52 4.14 2.56
N ASP A 95 35.80 5.17 3.02
CA ASP A 95 35.06 6.11 2.19
C ASP A 95 34.05 5.44 1.26
N GLN A 96 33.40 6.23 0.41
CA GLN A 96 32.40 5.76 -0.53
C GLN A 96 32.37 6.69 -1.75
N ALA A 97 31.98 6.15 -2.91
CA ALA A 97 31.91 6.93 -4.15
C ALA A 97 30.88 6.35 -5.11
N ASP A 98 30.11 5.36 -4.66
CA ASP A 98 29.11 4.69 -5.48
C ASP A 98 27.94 4.22 -4.62
N PHE A 99 26.88 3.71 -5.25
CA PHE A 99 25.69 3.26 -4.56
C PHE A 99 25.13 2.02 -5.24
N PRO A 100 24.38 1.19 -4.52
CA PRO A 100 23.75 -0.03 -5.03
C PRO A 100 22.54 0.27 -5.92
N ASP A 101 22.30 1.55 -6.25
CA ASP A 101 21.15 1.97 -7.04
C ASP A 101 21.50 3.20 -7.87
N THR A 102 20.73 3.45 -8.93
CA THR A 102 20.92 4.58 -9.83
C THR A 102 19.60 5.17 -10.31
N LEU A 103 18.46 4.58 -9.92
CA LEU A 103 17.16 5.12 -10.29
C LEU A 103 16.93 6.46 -9.61
N PHE A 104 15.98 7.25 -10.13
CA PHE A 104 15.71 8.59 -9.63
C PHE A 104 14.25 8.98 -9.92
N ASN A 105 13.88 10.20 -9.51
CA ASN A 105 12.54 10.73 -9.71
C ASN A 105 12.59 12.23 -9.98
N GLY A 106 11.42 12.86 -10.14
CA GLY A 106 11.32 14.28 -10.46
C GLY A 106 9.94 14.83 -10.07
N PHE A 107 9.55 15.96 -10.68
CA PHE A 107 8.31 16.62 -10.37
C PHE A 107 7.48 16.91 -11.62
N GLU A 108 7.92 16.38 -12.76
CA GLU A 108 7.24 16.49 -14.06
C GLU A 108 6.87 17.94 -14.42
N THR A 109 5.96 18.08 -15.39
CA THR A 109 5.46 19.35 -15.92
C THR A 109 5.16 20.36 -14.81
N PRO A 110 5.54 21.63 -15.02
CA PRO A 110 5.28 22.72 -14.09
C PRO A 110 3.84 23.23 -14.19
N ASP A 111 3.02 22.61 -15.04
CA ASP A 111 1.64 23.03 -15.27
C ASP A 111 1.54 24.50 -15.66
N LYS A 112 2.60 25.01 -16.29
CA LYS A 112 2.69 26.38 -16.80
C LYS A 112 3.43 26.38 -18.12
N SER A 113 3.26 27.43 -18.94
CA SER A 113 3.85 27.49 -20.26
C SER A 113 4.16 28.92 -20.70
N GLU A 114 5.00 29.03 -21.74
CA GLU A 114 5.35 30.31 -22.37
C GLU A 114 5.97 30.02 -23.74
N PRO A 115 5.89 30.97 -24.68
CA PRO A 115 6.48 30.80 -26.00
C PRO A 115 8.01 30.84 -25.92
N PRO A 116 8.70 30.24 -26.90
CA PRO A 116 10.15 30.21 -26.96
C PRO A 116 10.71 31.56 -27.41
N PHE A 117 12.04 31.68 -27.41
CA PHE A 117 12.74 32.90 -27.79
C PHE A 117 14.04 32.58 -28.55
N TYR A 118 14.17 31.33 -29.01
CA TYR A 118 15.36 30.86 -29.70
C TYR A 118 14.96 29.83 -30.76
N VAL A 119 15.89 29.47 -31.63
CA VAL A 119 15.63 28.54 -32.73
C VAL A 119 16.83 27.62 -32.92
N GLY A 120 16.56 26.40 -33.41
CA GLY A 120 17.59 25.39 -33.63
C GLY A 120 16.97 24.12 -34.19
N SER A 121 17.77 23.05 -34.32
CA SER A 121 17.31 21.77 -34.83
C SER A 121 18.13 20.63 -34.26
N ASN A 122 17.66 19.39 -34.47
CA ASN A 122 18.31 18.20 -33.95
C ASN A 122 18.17 17.03 -34.92
N GLY A 123 17.68 17.28 -36.14
CA GLY A 123 17.47 16.23 -37.13
C GLY A 123 17.00 16.79 -38.46
N ASP A 124 16.65 15.91 -39.39
CA ASP A 124 16.21 16.29 -40.73
C ASP A 124 15.09 15.39 -41.25
N ASP A 125 14.65 14.43 -40.42
CA ASP A 125 13.61 13.47 -40.78
C ASP A 125 12.25 14.14 -40.97
N SER A 126 12.20 15.47 -40.81
CA SER A 126 10.98 16.25 -40.95
C SER A 126 11.23 17.53 -41.73
N PHE A 127 12.38 17.62 -42.41
CA PHE A 127 12.75 18.78 -43.22
C PHE A 127 13.48 18.35 -44.50
N SER A 128 13.70 17.05 -44.67
CA SER A 128 14.37 16.49 -45.85
C SER A 128 13.77 15.14 -46.20
N SER A 129 12.70 14.73 -45.52
CA SER A 129 12.08 13.41 -45.68
C SER A 129 10.58 13.49 -45.42
N SER A 130 9.88 12.36 -45.58
CA SER A 130 8.43 12.27 -45.38
C SER A 130 8.06 10.87 -44.87
N GLY A 131 6.82 10.71 -44.42
CA GLY A 131 6.35 9.45 -43.83
C GLY A 131 4.94 9.59 -43.24
N ASP A 132 4.56 8.65 -42.37
CA ASP A 132 3.24 8.65 -41.73
C ASP A 132 3.41 8.20 -40.28
N VAL A 133 2.42 8.55 -39.44
CA VAL A 133 2.44 8.26 -38.01
C VAL A 133 1.01 8.08 -37.50
N SER A 134 0.02 8.06 -38.41
CA SER A 134 -1.39 7.93 -38.07
C SER A 134 -1.73 6.56 -37.47
N LEU A 135 -0.72 5.73 -37.17
CA LEU A 135 -0.92 4.40 -36.63
C LEU A 135 0.05 4.13 -35.47
N SER A 136 0.73 5.17 -34.97
CA SER A 136 1.70 5.02 -33.89
C SER A 136 1.75 6.25 -33.00
N ALA A 137 0.88 7.24 -33.21
CA ALA A 137 0.84 8.43 -32.38
C ALA A 137 -0.57 8.98 -32.18
N SER A 138 -1.58 8.33 -32.79
CA SER A 138 -2.97 8.75 -32.67
C SER A 138 -3.92 7.61 -32.98
N PRO A 139 -5.17 7.71 -32.55
CA PRO A 139 -6.23 6.76 -32.89
C PRO A 139 -6.39 6.61 -34.40
N VAL A 140 -7.07 5.55 -34.83
CA VAL A 140 -7.34 5.31 -36.25
C VAL A 140 -8.14 6.47 -36.85
N PRO A 141 -8.01 6.71 -38.15
CA PRO A 141 -8.73 7.75 -38.87
C PRO A 141 -10.18 7.34 -39.15
N ALA A 142 -10.59 6.15 -38.72
CA ALA A 142 -11.92 5.62 -38.96
C ALA A 142 -12.98 6.45 -38.21
N SER A 143 -14.24 6.29 -38.61
CA SER A 143 -15.37 6.97 -37.98
C SER A 143 -15.85 6.18 -36.75
N LEU A 144 -16.87 6.71 -36.06
CA LEU A 144 -17.48 6.10 -34.89
C LEU A 144 -16.43 5.57 -33.90
N THR A 145 -15.35 6.33 -33.70
CA THR A 145 -14.26 5.94 -32.80
C THR A 145 -14.05 6.97 -31.69
N GLN A 146 -14.91 7.99 -31.64
CA GLN A 146 -14.92 9.06 -30.64
C GLN A 146 -13.51 9.47 -30.21
N PRO A 147 -12.74 10.05 -31.13
CA PRO A 147 -11.37 10.47 -30.88
C PRO A 147 -11.33 11.68 -29.95
N PRO A 148 -10.16 12.00 -29.39
CA PRO A 148 -9.95 13.15 -28.52
C PRO A 148 -10.48 14.45 -29.12
N LEU A 149 -10.79 15.41 -28.25
CA LEU A 149 -11.29 16.73 -28.64
C LEU A 149 -10.91 17.74 -27.55
N PRO A 150 -10.76 19.02 -27.91
CA PRO A 150 -10.25 20.07 -27.04
C PRO A 150 -11.25 20.54 -25.97
N ILE A 151 -12.38 19.85 -25.81
CA ILE A 151 -13.41 20.24 -24.87
C ILE A 151 -12.82 20.35 -23.46
N PRO A 152 -13.17 21.37 -22.68
CA PRO A 152 -12.72 21.51 -21.30
C PRO A 152 -12.98 20.22 -20.49
N PRO A 153 -12.00 19.75 -19.72
CA PRO A 153 -12.12 18.57 -18.87
C PRO A 153 -12.89 18.92 -17.60
N PRO A 154 -13.34 17.90 -16.84
CA PRO A 154 -13.96 18.09 -15.54
C PRO A 154 -12.91 18.49 -14.51
N PHE A 155 -13.33 18.84 -13.29
CA PHE A 155 -12.42 19.26 -12.24
C PHE A 155 -13.01 18.96 -10.87
N PRO A 156 -12.19 18.57 -9.88
CA PRO A 156 -12.59 18.36 -8.50
C PRO A 156 -13.31 19.58 -7.91
N PRO A 157 -13.95 19.42 -6.74
CA PRO A 157 -14.63 20.48 -6.03
C PRO A 157 -13.73 21.70 -5.84
N PRO A 158 -14.33 22.89 -5.67
CA PRO A 158 -13.63 24.16 -5.53
C PRO A 158 -12.99 24.30 -4.14
N SER A 159 -12.87 23.20 -3.39
CA SER A 159 -12.34 23.17 -2.04
C SER A 159 -10.88 23.60 -1.93
N GLY A 160 -10.19 23.83 -3.06
CA GLY A 160 -8.82 24.31 -3.05
C GLY A 160 -7.81 23.17 -3.05
N LYS A 161 -8.27 21.94 -3.30
CA LYS A 161 -7.43 20.75 -3.30
C LYS A 161 -7.91 19.73 -4.32
N ASN A 162 -7.27 18.56 -4.34
CA ASN A 162 -7.57 17.51 -5.30
C ASN A 162 -7.82 16.19 -4.56
N PRO A 163 -8.50 15.22 -5.19
CA PRO A 163 -8.87 13.97 -4.54
C PRO A 163 -7.64 13.10 -4.31
N VAL A 164 -6.52 13.44 -4.95
CA VAL A 164 -5.29 12.69 -4.82
C VAL A 164 -4.79 12.73 -3.37
N MET A 165 -4.92 13.89 -2.71
CA MET A 165 -4.41 14.03 -1.36
C MET A 165 -5.45 13.55 -0.34
N ILE A 166 -6.73 13.90 -0.54
CA ILE A 166 -7.77 13.46 0.38
C ILE A 166 -7.66 11.94 0.54
N LEU A 167 -7.59 11.25 -0.60
CA LEU A 167 -7.50 9.80 -0.61
C LEU A 167 -6.17 9.38 0.03
N ASN A 168 -5.07 10.02 -0.38
CA ASN A 168 -3.73 9.71 0.13
C ASN A 168 -3.52 10.28 1.55
N GLU A 169 -4.60 10.65 2.25
CA GLU A 169 -4.51 11.09 3.63
C GLU A 169 -5.62 10.49 4.50
N LEU A 170 -6.76 10.13 3.89
CA LEU A 170 -7.86 9.47 4.60
C LEU A 170 -7.60 7.97 4.68
N ARG A 171 -7.07 7.39 3.60
CA ARG A 171 -6.83 5.97 3.53
C ARG A 171 -5.78 5.65 2.46
N PRO A 172 -4.49 5.91 2.76
CA PRO A 172 -3.39 5.57 1.88
C PRO A 172 -3.25 4.05 1.81
N GLY A 173 -2.25 3.54 1.08
CA GLY A 173 -2.12 2.11 0.89
C GLY A 173 -2.49 1.66 -0.52
N LEU A 174 -2.14 2.47 -1.53
CA LEU A 174 -2.49 2.18 -2.90
C LEU A 174 -1.26 2.32 -3.80
N LYS A 175 -1.49 2.15 -5.11
CA LYS A 175 -0.46 2.28 -6.13
C LYS A 175 -1.07 2.93 -7.36
N TYR A 176 -0.27 3.62 -8.18
CA TYR A 176 -0.79 4.31 -9.36
C TYR A 176 0.08 3.95 -10.57
N ASP A 177 -0.55 3.94 -11.74
CA ASP A 177 0.16 3.75 -13.00
C ASP A 177 -0.27 4.81 -14.01
N PHE A 178 0.51 4.95 -15.09
CA PHE A 178 0.24 5.96 -16.10
C PHE A 178 0.06 5.28 -17.44
N LEU A 179 -0.90 5.77 -18.22
CA LEU A 179 -1.29 5.13 -19.47
C LEU A 179 -1.24 6.13 -20.63
N SER A 180 -1.16 5.55 -21.83
CA SER A 180 -0.86 6.16 -23.11
C SER A 180 -1.52 7.50 -23.40
N GLU A 181 -0.90 8.21 -24.34
CA GLU A 181 -1.32 9.55 -24.73
C GLU A 181 -1.33 9.73 -26.25
N SER A 182 -2.07 10.74 -26.73
CA SER A 182 -2.14 11.08 -28.15
C SER A 182 -2.76 12.46 -28.33
N GLY A 183 -2.61 13.03 -29.53
CA GLY A 183 -3.18 14.33 -29.87
C GLY A 183 -2.12 15.30 -30.35
N GLU A 184 -2.54 16.49 -30.79
CA GLU A 184 -1.60 17.54 -31.15
C GLU A 184 -0.93 18.10 -29.90
N SER A 185 0.22 18.75 -30.04
CA SER A 185 0.97 19.25 -28.90
C SER A 185 0.19 20.30 -28.08
N HIS A 186 -0.97 20.72 -28.57
CA HIS A 186 -1.76 21.76 -27.91
C HIS A 186 -3.20 21.28 -27.68
N ALA A 187 -3.42 19.97 -27.85
CA ALA A 187 -4.72 19.36 -27.62
C ALA A 187 -4.53 17.92 -27.11
N LYS A 188 -3.31 17.61 -26.66
CA LYS A 188 -2.91 16.29 -26.20
C LYS A 188 -3.74 15.83 -24.99
N SER A 189 -3.77 14.51 -24.77
CA SER A 189 -4.44 13.92 -23.61
C SER A 189 -3.62 12.74 -23.09
N PHE A 190 -3.84 12.43 -21.81
CA PHE A 190 -3.08 11.41 -21.12
C PHE A 190 -4.02 10.70 -20.16
N VAL A 191 -3.61 9.58 -19.55
CA VAL A 191 -4.44 8.90 -18.57
C VAL A 191 -3.59 8.26 -17.47
N MET A 192 -4.26 7.98 -16.34
CA MET A 192 -3.63 7.32 -15.22
C MET A 192 -4.54 6.18 -14.82
N SER A 193 -3.98 5.18 -14.13
CA SER A 193 -4.77 4.17 -13.45
C SER A 193 -4.28 4.04 -12.03
N VAL A 194 -5.00 3.25 -11.23
CA VAL A 194 -4.67 3.09 -9.83
C VAL A 194 -5.07 1.70 -9.36
N VAL A 195 -4.53 1.29 -8.22
CA VAL A 195 -4.96 0.08 -7.54
C VAL A 195 -5.02 0.41 -6.06
N VAL A 196 -6.17 0.13 -5.45
CA VAL A 196 -6.40 0.46 -4.06
C VAL A 196 -7.33 -0.59 -3.46
N ASP A 197 -6.98 -1.09 -2.27
CA ASP A 197 -7.74 -2.15 -1.61
C ASP A 197 -7.95 -3.39 -2.49
N GLY A 198 -7.26 -3.44 -3.64
CA GLY A 198 -7.40 -4.56 -4.57
C GLY A 198 -8.24 -4.16 -5.79
N GLN A 199 -8.98 -3.05 -5.69
CA GLN A 199 -9.78 -2.53 -6.77
C GLN A 199 -8.89 -1.86 -7.81
N PHE A 200 -9.46 -1.42 -8.94
CA PHE A 200 -8.70 -0.80 -10.00
C PHE A 200 -9.49 0.38 -10.56
N PHE A 201 -8.79 1.47 -10.87
CA PHE A 201 -9.41 2.67 -11.43
C PHE A 201 -8.57 3.28 -12.56
N GLU A 202 -9.18 4.21 -13.30
CA GLU A 202 -8.52 4.87 -14.42
C GLU A 202 -9.10 6.28 -14.58
N GLY A 203 -8.41 7.18 -15.29
CA GLY A 203 -8.89 8.54 -15.52
C GLY A 203 -7.99 9.29 -16.51
N SER A 204 -8.61 10.05 -17.41
CA SER A 204 -7.87 10.77 -18.44
C SER A 204 -8.06 12.28 -18.37
N GLY A 205 -7.05 13.01 -18.86
CA GLY A 205 -7.10 14.47 -18.89
C GLY A 205 -6.07 15.04 -19.86
N ARG A 206 -6.15 16.35 -20.11
CA ARG A 206 -5.24 17.05 -21.02
C ARG A 206 -3.83 17.20 -20.46
N ASN A 207 -3.66 16.85 -19.18
CA ASN A 207 -2.38 16.94 -18.49
C ASN A 207 -2.31 15.87 -17.40
N LYS A 208 -1.09 15.47 -17.00
CA LYS A 208 -0.91 14.38 -16.05
C LYS A 208 -1.58 14.63 -14.70
N LYS A 209 -1.63 15.88 -14.25
CA LYS A 209 -2.23 16.20 -12.95
C LYS A 209 -3.73 15.92 -12.96
N LEU A 210 -4.40 16.28 -14.06
CA LEU A 210 -5.85 16.13 -14.17
C LEU A 210 -6.21 14.66 -14.35
N ALA A 211 -5.41 13.92 -15.12
CA ALA A 211 -5.62 12.50 -15.31
C ALA A 211 -5.61 11.75 -13.98
N LYS A 212 -4.72 12.14 -13.06
CA LYS A 212 -4.63 11.52 -11.74
C LYS A 212 -5.77 12.03 -10.85
N ALA A 213 -6.15 13.29 -11.00
CA ALA A 213 -7.26 13.86 -10.24
C ALA A 213 -8.59 13.21 -10.63
N ARG A 214 -8.62 12.52 -11.79
CA ARG A 214 -9.82 11.85 -12.26
C ARG A 214 -9.78 10.38 -11.89
N ALA A 215 -8.65 9.71 -12.09
CA ALA A 215 -8.46 8.35 -11.66
C ALA A 215 -8.58 8.24 -10.14
N ALA A 216 -8.11 9.27 -9.41
CA ALA A 216 -8.19 9.33 -7.96
C ALA A 216 -9.60 9.73 -7.51
N GLN A 217 -10.18 10.72 -8.18
CA GLN A 217 -11.60 11.05 -8.00
C GLN A 217 -12.45 9.76 -8.04
N SER A 218 -12.14 8.83 -8.95
CA SER A 218 -12.89 7.58 -9.04
C SER A 218 -12.50 6.61 -7.92
N ALA A 219 -11.21 6.51 -7.60
CA ALA A 219 -10.72 5.61 -6.57
C ALA A 219 -11.25 6.01 -5.19
N LEU A 220 -11.22 7.30 -4.89
CA LEU A 220 -11.76 7.82 -3.65
C LEU A 220 -13.24 7.50 -3.59
N ALA A 221 -14.00 7.85 -4.63
CA ALA A 221 -15.45 7.68 -4.64
C ALA A 221 -15.85 6.26 -4.23
N THR A 222 -15.47 5.25 -5.02
CA THR A 222 -15.87 3.88 -4.75
C THR A 222 -15.34 3.35 -3.42
N VAL A 223 -14.04 3.48 -3.15
CA VAL A 223 -13.44 2.92 -1.95
C VAL A 223 -13.92 3.63 -0.67
N PHE A 224 -14.38 4.88 -0.78
CA PHE A 224 -14.75 5.65 0.40
C PHE A 224 -16.27 5.76 0.53
N ASN A 225 -17.03 5.02 -0.29
CA ASN A 225 -18.50 5.01 -0.25
C ASN A 225 -19.10 6.40 -0.52
N LEU A 226 -18.41 7.19 -1.36
CA LEU A 226 -18.78 8.57 -1.65
C LEU A 226 -18.76 8.83 -3.16
N HIS A 227 -18.93 10.07 -3.59
CA HIS A 227 -18.99 10.43 -5.00
C HIS A 227 -18.36 11.80 -5.25
N LEU A 228 -17.55 12.29 -4.32
CA LEU A 228 -16.87 13.58 -4.41
C LEU A 228 -17.83 14.72 -4.77
N LEU A 229 -19.09 14.59 -4.33
CA LEU A 229 -20.18 15.55 -4.52
C LEU A 229 -20.53 15.78 -5.99
N GLU A 230 -19.96 14.99 -6.91
CA GLU A 230 -20.26 15.11 -8.33
C GLU A 230 -21.72 14.72 -8.59
N HIS A 231 -22.30 15.23 -9.69
CA HIS A 231 -23.67 14.90 -10.07
C HIS A 231 -23.89 15.17 -11.56
N HIS A 232 -25.04 14.73 -12.08
CA HIS A 232 -25.36 14.87 -13.49
C HIS A 232 -26.13 16.17 -13.75
N HIS A 233 -26.36 16.97 -12.71
CA HIS A 233 -27.07 18.23 -12.80
C HIS A 233 -26.44 19.24 -11.83
N HIS A 234 -26.92 20.48 -11.84
CA HIS A 234 -26.31 21.54 -11.04
C HIS A 234 -27.35 22.59 -10.64
N HIS A 235 -27.02 23.39 -9.61
CA HIS A 235 -27.86 24.47 -9.11
C HIS A 235 -26.98 25.61 -8.59
N HIS A 236 -27.57 26.80 -8.48
CA HIS A 236 -26.87 27.99 -7.98
C HIS A 236 -27.86 29.00 -7.40
N PRO A 1 1.76 -8.34 12.19
CA PRO A 1 2.31 -9.18 13.27
C PRO A 1 3.26 -8.42 14.19
N GLY A 2 3.36 -8.86 15.44
CA GLY A 2 4.25 -8.24 16.40
C GLY A 2 4.23 -8.97 17.75
N PRO A 3 5.05 -8.53 18.71
CA PRO A 3 5.11 -9.07 20.06
C PRO A 3 3.75 -9.17 20.76
N VAL A 4 3.65 -10.04 21.75
CA VAL A 4 2.47 -10.19 22.59
C VAL A 4 2.89 -10.75 23.94
N LEU A 5 2.34 -10.19 25.02
CA LEU A 5 2.65 -10.59 26.38
C LEU A 5 4.16 -10.83 26.57
N PRO A 6 5.00 -9.85 26.23
CA PRO A 6 6.45 -10.00 26.23
C PRO A 6 7.02 -10.12 27.64
N LYS A 7 6.23 -9.74 28.65
CA LYS A 7 6.68 -9.80 30.03
C LYS A 7 7.18 -11.18 30.40
N ASN A 8 6.67 -12.22 29.73
CA ASN A 8 7.16 -13.58 29.91
C ASN A 8 8.67 -13.65 29.63
N ALA A 9 9.08 -13.46 28.37
CA ALA A 9 10.48 -13.51 27.98
C ALA A 9 11.31 -12.50 28.77
N LEU A 10 10.74 -11.34 29.09
CA LEU A 10 11.47 -10.28 29.78
C LEU A 10 11.87 -10.75 31.18
N MET A 11 10.87 -11.08 32.00
CA MET A 11 11.11 -11.54 33.35
C MET A 11 11.88 -12.85 33.40
N GLN A 12 11.56 -13.80 32.51
CA GLN A 12 12.23 -15.08 32.46
C GLN A 12 13.73 -14.87 32.23
N LEU A 13 14.09 -14.00 31.27
CA LEU A 13 15.49 -13.70 31.07
C LEU A 13 16.08 -13.03 32.31
N ASN A 14 15.34 -12.08 32.91
CA ASN A 14 15.83 -11.40 34.11
C ASN A 14 16.12 -12.42 35.23
N GLU A 15 15.34 -13.50 35.27
CA GLU A 15 15.51 -14.57 36.23
C GLU A 15 16.79 -15.36 35.95
N ILE A 16 16.89 -15.93 34.73
CA ILE A 16 18.04 -16.75 34.35
C ILE A 16 19.35 -15.96 34.30
N LYS A 17 19.26 -14.63 34.16
CA LYS A 17 20.36 -13.67 34.03
C LYS A 17 21.51 -13.92 35.02
N PRO A 18 22.60 -14.56 34.58
CA PRO A 18 23.81 -14.69 35.37
C PRO A 18 24.64 -13.41 35.24
N GLY A 19 24.24 -12.55 34.28
CA GLY A 19 24.96 -11.31 33.99
C GLY A 19 25.02 -11.09 32.48
N LEU A 20 23.94 -11.44 31.78
CA LEU A 20 23.89 -11.46 30.33
C LEU A 20 24.17 -10.13 29.68
N GLN A 21 24.35 -10.13 28.36
CA GLN A 21 24.62 -8.90 27.63
C GLN A 21 23.77 -8.80 26.37
N TYR A 22 23.20 -7.61 26.13
CA TYR A 22 22.46 -7.33 24.91
C TYR A 22 23.33 -6.41 24.04
N MET A 23 23.42 -6.71 22.74
CA MET A 23 24.19 -5.90 21.80
C MET A 23 23.40 -5.69 20.52
N LEU A 24 23.52 -4.47 19.95
CA LEU A 24 22.75 -4.01 18.79
C LEU A 24 23.66 -4.03 17.57
N LEU A 25 23.06 -4.43 16.44
CA LEU A 25 23.77 -4.77 15.24
C LEU A 25 22.96 -4.18 14.10
N SER A 26 23.64 -4.05 12.98
CA SER A 26 22.98 -3.69 11.74
C SER A 26 22.50 -2.26 11.87
N GLN A 27 21.17 -2.06 11.91
CA GLN A 27 20.59 -0.77 12.13
C GLN A 27 20.70 0.07 10.87
N THR A 28 19.89 -0.28 9.85
CA THR A 28 20.00 0.31 8.53
C THR A 28 18.68 0.10 7.79
N GLY A 29 18.43 0.84 6.72
CA GLY A 29 17.17 0.76 6.01
C GLY A 29 16.88 2.06 5.25
N PRO A 30 15.66 2.20 4.73
CA PRO A 30 15.22 3.39 4.02
C PRO A 30 14.94 4.57 4.94
N VAL A 31 15.32 4.42 6.21
CA VAL A 31 15.21 5.45 7.22
C VAL A 31 13.78 5.64 7.69
N HIS A 32 12.85 4.86 7.17
CA HIS A 32 11.47 4.87 7.64
C HIS A 32 10.98 3.44 7.91
N ALA A 33 11.81 2.45 7.56
CA ALA A 33 11.64 1.07 7.95
C ALA A 33 13.02 0.52 8.34
N PRO A 34 13.63 1.14 9.37
CA PRO A 34 14.97 0.84 9.83
C PRO A 34 15.04 -0.53 10.50
N LEU A 35 16.08 -1.31 10.18
CA LEU A 35 16.22 -2.66 10.70
C LEU A 35 17.32 -2.76 11.76
N PHE A 36 16.87 -3.04 12.99
CA PHE A 36 17.73 -3.09 14.15
C PHE A 36 17.92 -4.54 14.53
N VAL A 37 19.13 -4.90 14.91
CA VAL A 37 19.40 -6.30 15.19
C VAL A 37 19.98 -6.51 16.58
N MET A 38 19.18 -6.99 17.51
CA MET A 38 19.64 -7.14 18.87
C MET A 38 19.97 -8.61 19.05
N SER A 39 21.14 -8.86 19.62
CA SER A 39 21.61 -10.20 19.86
C SER A 39 22.00 -10.24 21.31
N VAL A 40 21.60 -11.31 21.99
CA VAL A 40 21.76 -11.41 23.42
C VAL A 40 22.74 -12.53 23.68
N GLU A 41 23.50 -12.43 24.78
CA GLU A 41 24.61 -13.30 25.04
C GLU A 41 24.58 -13.77 26.49
N VAL A 42 24.65 -15.09 26.67
CA VAL A 42 24.68 -15.72 27.99
C VAL A 42 25.75 -16.80 27.99
N ASN A 43 26.70 -16.73 28.91
CA ASN A 43 27.79 -17.69 29.10
C ASN A 43 28.63 -17.95 27.84
N GLY A 44 28.30 -17.42 26.67
CA GLY A 44 29.07 -17.65 25.46
C GLY A 44 28.19 -18.03 24.28
N GLN A 45 26.87 -18.11 24.52
CA GLN A 45 25.90 -18.38 23.49
C GLN A 45 25.23 -17.06 23.15
N VAL A 46 25.17 -16.77 21.85
CA VAL A 46 24.63 -15.51 21.38
C VAL A 46 23.53 -15.80 20.36
N PHE A 47 22.40 -15.10 20.47
CA PHE A 47 21.24 -15.34 19.62
C PHE A 47 20.74 -14.00 19.12
N GLU A 48 20.42 -13.91 17.83
CA GLU A 48 20.17 -12.65 17.16
C GLU A 48 18.72 -12.53 16.69
N GLY A 49 18.15 -11.34 16.93
CA GLY A 49 16.80 -11.04 16.49
C GLY A 49 16.85 -9.72 15.74
N SER A 50 16.16 -9.66 14.59
CA SER A 50 16.23 -8.53 13.67
C SER A 50 14.84 -8.03 13.32
N GLY A 51 14.52 -6.80 13.74
CA GLY A 51 13.22 -6.21 13.50
C GLY A 51 13.26 -4.68 13.54
N PRO A 52 12.18 -4.05 13.09
CA PRO A 52 11.96 -2.62 13.25
C PRO A 52 11.75 -2.36 14.75
N THR A 53 12.30 -1.25 15.24
CA THR A 53 12.34 -0.94 16.67
C THR A 53 13.06 -2.01 17.52
N LYS A 54 13.69 -1.54 18.59
CA LYS A 54 14.52 -2.37 19.44
C LYS A 54 13.73 -3.40 20.24
N LYS A 55 12.43 -3.15 20.47
CA LYS A 55 11.60 -3.98 21.32
C LYS A 55 11.61 -5.44 20.88
N LYS A 56 10.99 -5.70 19.72
CA LYS A 56 10.85 -7.04 19.16
C LYS A 56 12.19 -7.73 18.99
N ALA A 57 13.22 -7.01 18.53
CA ALA A 57 14.54 -7.58 18.32
C ALA A 57 15.08 -8.22 19.61
N LYS A 58 15.25 -7.41 20.65
CA LYS A 58 15.81 -7.90 21.90
C LYS A 58 14.96 -9.03 22.46
N LEU A 59 13.63 -8.89 22.34
CA LEU A 59 12.65 -9.85 22.83
C LEU A 59 12.93 -11.22 22.22
N HIS A 60 12.88 -11.29 20.88
CA HIS A 60 13.10 -12.52 20.15
C HIS A 60 14.48 -13.13 20.51
N ALA A 61 15.51 -12.27 20.57
CA ALA A 61 16.82 -12.71 20.96
C ALA A 61 16.77 -13.38 22.34
N ALA A 62 16.10 -12.74 23.31
CA ALA A 62 15.95 -13.24 24.66
C ALA A 62 15.29 -14.62 24.67
N GLU A 63 14.20 -14.77 23.92
CA GLU A 63 13.49 -16.04 23.80
C GLU A 63 14.43 -17.16 23.32
N LYS A 64 15.12 -16.89 22.21
CA LYS A 64 16.07 -17.86 21.65
C LYS A 64 17.12 -18.25 22.69
N ALA A 65 17.84 -17.25 23.21
CA ALA A 65 18.89 -17.46 24.19
C ALA A 65 18.38 -18.16 25.45
N LEU A 66 17.17 -17.82 25.90
CA LEU A 66 16.52 -18.48 27.02
C LEU A 66 16.46 -19.97 26.73
N ARG A 67 15.80 -20.37 25.64
CA ARG A 67 15.59 -21.79 25.36
C ARG A 67 16.89 -22.52 25.08
N SER A 68 17.92 -21.82 24.59
CA SER A 68 19.20 -22.47 24.45
C SER A 68 19.86 -22.66 25.82
N PHE A 69 20.02 -21.56 26.55
CA PHE A 69 20.69 -21.46 27.83
C PHE A 69 20.11 -22.38 28.91
N VAL A 70 18.82 -22.67 28.90
CA VAL A 70 18.25 -23.60 29.87
C VAL A 70 18.92 -24.96 29.82
N GLN A 71 19.70 -25.24 28.77
CA GLN A 71 20.42 -26.49 28.60
C GLN A 71 21.92 -26.30 28.80
N PHE A 72 22.37 -25.04 28.96
CA PHE A 72 23.77 -24.74 29.23
C PHE A 72 23.89 -23.55 30.18
N PRO A 73 23.23 -23.62 31.35
CA PRO A 73 23.22 -22.57 32.36
C PRO A 73 24.58 -22.38 33.04
N ASN A 74 25.56 -23.24 32.73
CA ASN A 74 26.86 -23.19 33.37
C ASN A 74 27.96 -23.69 32.41
N ALA A 75 27.67 -23.72 31.10
CA ALA A 75 28.60 -24.22 30.11
C ALA A 75 28.41 -23.50 28.78
N SER A 76 29.32 -23.76 27.83
CA SER A 76 29.28 -23.14 26.51
C SER A 76 30.00 -23.99 25.44
N GLU A 77 30.45 -25.20 25.80
CA GLU A 77 31.16 -26.07 24.89
C GLU A 77 30.22 -26.67 23.83
N ALA A 78 28.92 -26.37 23.90
CA ALA A 78 27.94 -26.84 22.94
C ALA A 78 26.79 -25.84 22.87
N HIS A 79 25.84 -26.06 21.95
CA HIS A 79 24.70 -25.17 21.75
C HIS A 79 23.53 -25.89 21.10
N LEU A 80 22.42 -25.17 20.93
CA LEU A 80 21.19 -25.65 20.30
C LEU A 80 20.47 -24.45 19.70
N ALA A 81 19.48 -24.68 18.84
CA ALA A 81 18.74 -23.61 18.21
C ALA A 81 17.27 -23.99 18.05
N MET A 82 16.42 -22.96 17.93
CA MET A 82 14.98 -23.10 17.79
C MET A 82 14.42 -21.99 16.90
N GLY A 83 15.26 -21.42 16.02
CA GLY A 83 14.85 -20.34 15.13
C GLY A 83 15.51 -20.47 13.77
N ARG A 84 15.11 -19.60 12.84
CA ARG A 84 15.57 -19.63 11.45
C ARG A 84 15.49 -18.25 10.80
N THR A 85 15.81 -18.18 9.51
CA THR A 85 15.78 -16.95 8.71
C THR A 85 14.42 -16.28 8.81
N LEU A 86 14.40 -14.95 8.58
CA LEU A 86 13.21 -14.12 8.68
C LEU A 86 13.10 -13.20 7.47
N SER A 87 12.03 -12.41 7.44
CA SER A 87 11.76 -11.48 6.33
C SER A 87 10.98 -10.26 6.84
N VAL A 88 10.50 -9.43 5.91
CA VAL A 88 9.74 -8.22 6.25
C VAL A 88 8.49 -8.55 7.07
N ASN A 89 7.85 -7.52 7.62
CA ASN A 89 6.71 -7.66 8.51
C ASN A 89 5.74 -6.49 8.29
N THR A 90 4.58 -6.53 8.95
CA THR A 90 3.56 -5.50 8.83
C THR A 90 2.84 -5.28 10.15
N ASP A 91 2.08 -4.20 10.25
CA ASP A 91 1.39 -3.80 11.46
C ASP A 91 0.16 -2.96 11.11
N PHE A 92 -0.56 -2.43 12.11
CA PHE A 92 -1.75 -1.65 11.89
C PHE A 92 -1.74 -0.38 12.74
N THR A 93 -2.68 0.54 12.47
CA THR A 93 -2.77 1.83 13.14
C THR A 93 -4.24 2.26 13.19
N SER A 94 -4.51 3.48 13.69
CA SER A 94 -5.87 3.97 13.86
C SER A 94 -5.98 5.45 13.50
N ASP A 95 -7.20 6.00 13.58
CA ASP A 95 -7.48 7.37 13.23
C ASP A 95 -8.62 7.91 14.12
N GLN A 96 -8.97 9.19 13.93
CA GLN A 96 -10.00 9.85 14.74
C GLN A 96 -10.89 10.74 13.86
N ALA A 97 -12.03 11.15 14.42
CA ALA A 97 -12.99 11.98 13.73
C ALA A 97 -12.47 13.39 13.49
N ASP A 98 -13.19 14.16 12.68
CA ASP A 98 -12.82 15.52 12.34
C ASP A 98 -14.08 16.32 11.96
N PHE A 99 -13.95 17.65 11.92
CA PHE A 99 -15.06 18.54 11.61
C PHE A 99 -14.56 19.75 10.82
N PRO A 100 -15.43 20.38 10.02
CA PRO A 100 -15.08 21.52 9.19
C PRO A 100 -14.83 22.76 10.03
N ASP A 101 -14.34 23.83 9.38
CA ASP A 101 -14.06 25.10 10.01
C ASP A 101 -14.20 26.23 9.00
N THR A 102 -14.31 27.47 9.49
CA THR A 102 -14.51 28.64 8.67
C THR A 102 -13.80 29.86 9.28
N LEU A 103 -13.77 30.95 8.52
CA LEU A 103 -13.13 32.20 8.92
C LEU A 103 -13.98 33.38 8.44
N PHE A 104 -13.67 34.58 8.95
CA PHE A 104 -14.42 35.79 8.63
C PHE A 104 -13.51 36.99 8.58
N ASN A 105 -14.06 38.16 8.24
CA ASN A 105 -13.31 39.41 8.17
C ASN A 105 -12.76 39.82 9.53
N GLY A 106 -11.88 40.82 9.54
CA GLY A 106 -11.27 41.34 10.75
C GLY A 106 -10.53 42.65 10.47
N PHE A 107 -9.87 43.19 11.49
CA PHE A 107 -9.11 44.43 11.39
C PHE A 107 -7.97 44.30 10.38
N GLU A 108 -7.63 45.42 9.73
CA GLU A 108 -6.57 45.47 8.73
C GLU A 108 -6.06 46.91 8.60
N THR A 109 -4.94 47.09 7.91
CA THR A 109 -4.36 48.41 7.69
C THR A 109 -3.61 48.43 6.35
N PRO A 110 -3.64 49.57 5.63
CA PRO A 110 -2.98 49.72 4.36
C PRO A 110 -1.46 49.83 4.55
N ASP A 111 -0.72 49.85 3.44
CA ASP A 111 0.74 49.92 3.46
C ASP A 111 1.25 50.63 2.21
N LYS A 112 2.54 50.98 2.19
CA LYS A 112 3.18 51.69 1.08
C LYS A 112 4.62 51.20 0.91
N SER A 113 5.28 51.69 -0.14
CA SER A 113 6.66 51.29 -0.47
C SER A 113 7.43 52.47 -1.03
N GLU A 114 8.77 52.39 -0.96
CA GLU A 114 9.64 53.42 -1.49
C GLU A 114 9.65 53.36 -3.02
N PRO A 115 9.98 54.47 -3.68
CA PRO A 115 10.07 54.54 -5.13
C PRO A 115 11.31 53.78 -5.62
N PRO A 116 11.38 53.48 -6.92
CA PRO A 116 12.50 52.79 -7.54
C PRO A 116 13.75 53.67 -7.59
N PHE A 117 14.87 53.09 -8.02
CA PHE A 117 16.14 53.77 -8.12
C PHE A 117 16.92 53.28 -9.35
N TYR A 118 18.03 53.93 -9.70
CA TYR A 118 18.79 53.64 -10.91
C TYR A 118 20.29 53.80 -10.67
N VAL A 119 21.09 53.62 -11.72
CA VAL A 119 22.55 53.70 -11.63
C VAL A 119 23.09 54.63 -12.72
N GLY A 120 22.21 55.39 -13.36
CA GLY A 120 22.61 56.32 -14.42
C GLY A 120 21.56 57.42 -14.60
N SER A 121 21.88 58.44 -15.39
CA SER A 121 21.02 59.60 -15.58
C SER A 121 21.18 60.20 -16.98
N ASN A 122 21.83 59.47 -17.90
CA ASN A 122 22.09 59.97 -19.24
C ASN A 122 22.05 58.83 -20.25
N GLY A 123 21.94 59.21 -21.53
CA GLY A 123 21.88 58.27 -22.64
C GLY A 123 21.74 59.03 -23.97
N ASP A 124 22.26 60.26 -24.02
CA ASP A 124 22.11 61.12 -25.18
C ASP A 124 23.39 61.95 -25.39
N ASP A 125 24.54 61.29 -25.30
CA ASP A 125 25.85 61.93 -25.39
C ASP A 125 26.77 61.15 -26.32
N SER A 126 26.20 60.51 -27.34
CA SER A 126 26.95 59.74 -28.33
C SER A 126 26.40 60.01 -29.72
N PHE A 127 27.13 59.55 -30.75
CA PHE A 127 26.76 59.78 -32.15
C PHE A 127 25.71 58.76 -32.63
N SER A 128 25.17 57.95 -31.71
CA SER A 128 24.19 56.91 -32.01
C SER A 128 24.69 55.94 -33.08
N SER A 129 26.00 55.72 -33.12
CA SER A 129 26.63 54.80 -34.08
C SER A 129 27.67 53.92 -33.39
N SER A 130 27.70 53.93 -32.06
CA SER A 130 28.63 53.10 -31.29
C SER A 130 28.27 51.61 -31.39
N GLY A 131 27.18 51.27 -32.08
CA GLY A 131 26.72 49.91 -32.24
C GLY A 131 25.54 49.83 -33.21
N ASP A 132 25.15 48.61 -33.58
CA ASP A 132 24.04 48.37 -34.50
C ASP A 132 23.43 46.99 -34.28
N VAL A 133 23.76 46.34 -33.17
CA VAL A 133 23.33 44.98 -32.88
C VAL A 133 23.03 44.81 -31.39
N SER A 134 22.63 45.90 -30.73
CA SER A 134 22.37 45.91 -29.29
C SER A 134 21.04 46.61 -28.98
N LEU A 135 20.22 46.84 -30.01
CA LEU A 135 18.92 47.49 -29.86
C LEU A 135 17.84 46.72 -30.62
N SER A 136 18.18 45.56 -31.18
CA SER A 136 17.26 44.77 -32.00
C SER A 136 17.55 43.28 -31.96
N ALA A 137 18.39 42.82 -31.02
CA ALA A 137 18.85 41.45 -30.95
C ALA A 137 19.01 40.97 -29.50
N SER A 138 18.49 41.73 -28.54
CA SER A 138 18.62 41.39 -27.12
C SER A 138 17.35 41.80 -26.36
N PRO A 139 17.10 41.16 -25.21
CA PRO A 139 15.98 41.48 -24.34
C PRO A 139 16.24 42.78 -23.58
N VAL A 140 15.35 43.11 -22.65
CA VAL A 140 15.46 44.33 -21.84
C VAL A 140 15.15 44.01 -20.37
N PRO A 141 15.67 44.81 -19.43
CA PRO A 141 15.44 44.64 -18.01
C PRO A 141 14.00 45.00 -17.63
N ALA A 142 13.61 44.70 -16.38
CA ALA A 142 12.29 44.97 -15.87
C ALA A 142 12.33 45.16 -14.36
N SER A 143 11.18 45.45 -13.75
CA SER A 143 11.07 45.66 -12.32
C SER A 143 9.78 45.10 -11.75
N LEU A 144 9.01 44.37 -12.57
CA LEU A 144 7.74 43.79 -12.16
C LEU A 144 7.38 42.58 -13.01
N THR A 145 6.26 41.93 -12.71
CA THR A 145 5.79 40.76 -13.44
C THR A 145 4.27 40.63 -13.32
N GLN A 146 3.65 39.80 -14.16
CA GLN A 146 2.20 39.60 -14.14
C GLN A 146 1.77 39.00 -12.79
N PRO A 147 0.85 39.67 -12.07
CA PRO A 147 0.29 39.16 -10.84
C PRO A 147 -0.79 38.11 -11.13
N PRO A 148 -1.15 37.27 -10.14
CA PRO A 148 -2.27 36.36 -10.25
C PRO A 148 -3.59 37.10 -10.44
N LEU A 149 -4.51 36.49 -11.19
CA LEU A 149 -5.87 37.01 -11.42
C LEU A 149 -6.99 35.97 -11.18
N PRO A 150 -6.73 34.67 -10.99
CA PRO A 150 -7.80 33.69 -10.85
C PRO A 150 -8.42 33.69 -9.45
N ILE A 151 -7.96 34.57 -8.56
CA ILE A 151 -8.45 34.63 -7.19
C ILE A 151 -9.96 34.87 -7.12
N PRO A 152 -10.63 34.33 -6.09
CA PRO A 152 -12.05 34.49 -5.86
C PRO A 152 -12.34 35.89 -5.31
N PRO A 153 -13.61 36.30 -5.31
CA PRO A 153 -14.05 37.57 -4.71
C PRO A 153 -13.92 37.48 -3.20
N PRO A 154 -14.05 38.62 -2.49
CA PRO A 154 -13.96 38.69 -1.04
C PRO A 154 -15.02 37.85 -0.31
N PHE A 155 -16.06 37.39 -1.01
CA PHE A 155 -17.17 36.65 -0.39
C PHE A 155 -17.72 35.59 -1.35
N PRO A 156 -16.94 34.54 -1.67
CA PRO A 156 -17.31 33.53 -2.64
C PRO A 156 -18.29 32.52 -2.04
N PRO A 157 -19.14 31.91 -2.87
CA PRO A 157 -20.02 30.83 -2.48
C PRO A 157 -19.22 29.54 -2.41
N PRO A 158 -19.77 28.49 -1.77
CA PRO A 158 -19.15 27.18 -1.72
C PRO A 158 -19.19 26.53 -3.10
N SER A 159 -18.35 25.51 -3.32
CA SER A 159 -18.33 24.81 -4.59
C SER A 159 -17.72 23.40 -4.44
N GLY A 160 -16.90 23.18 -3.42
CA GLY A 160 -16.25 21.89 -3.20
C GLY A 160 -14.92 22.05 -2.47
N LYS A 161 -14.16 20.97 -2.40
CA LYS A 161 -12.83 20.95 -1.79
C LYS A 161 -11.92 20.06 -2.63
N ASN A 162 -10.61 20.25 -2.51
CA ASN A 162 -9.62 19.40 -3.18
C ASN A 162 -9.71 17.99 -2.63
N PRO A 163 -10.16 17.04 -3.45
CA PRO A 163 -10.46 15.68 -3.02
C PRO A 163 -9.20 14.81 -2.99
N VAL A 164 -8.08 15.30 -3.55
CA VAL A 164 -6.84 14.53 -3.59
C VAL A 164 -6.29 14.28 -2.18
N MET A 165 -6.26 15.30 -1.32
CA MET A 165 -5.68 15.13 0.00
C MET A 165 -6.65 14.36 0.91
N ILE A 166 -7.94 14.70 0.86
CA ILE A 166 -8.92 14.06 1.71
C ILE A 166 -8.84 12.55 1.52
N LEU A 167 -8.89 12.12 0.26
CA LEU A 167 -8.86 10.70 -0.07
C LEU A 167 -7.53 10.10 0.39
N ASN A 168 -6.43 10.77 0.03
CA ASN A 168 -5.09 10.32 0.36
C ASN A 168 -4.78 10.47 1.86
N GLU A 169 -5.75 10.86 2.69
CA GLU A 169 -5.54 10.97 4.14
C GLU A 169 -6.67 10.32 4.95
N LEU A 170 -7.83 10.03 4.31
CA LEU A 170 -8.89 9.30 4.98
C LEU A 170 -8.68 7.80 4.78
N ARG A 171 -8.24 7.42 3.58
CA ARG A 171 -8.02 6.02 3.25
C ARG A 171 -7.01 5.91 2.11
N PRO A 172 -5.73 6.16 2.40
CA PRO A 172 -4.65 6.03 1.43
C PRO A 172 -4.40 4.55 1.11
N GLY A 173 -3.32 4.25 0.38
CA GLY A 173 -3.03 2.89 -0.03
C GLY A 173 -3.51 2.60 -1.45
N LEU A 174 -3.32 3.54 -2.36
CA LEU A 174 -3.82 3.45 -3.71
C LEU A 174 -2.69 3.70 -4.71
N LYS A 175 -3.05 3.72 -6.00
CA LYS A 175 -2.13 4.03 -7.07
C LYS A 175 -2.87 4.89 -8.08
N TYR A 176 -2.14 5.65 -8.88
CA TYR A 176 -2.72 6.48 -9.92
C TYR A 176 -1.97 6.25 -11.22
N ASP A 177 -2.63 6.46 -12.35
CA ASP A 177 -1.98 6.41 -13.66
C ASP A 177 -2.51 7.50 -14.56
N PHE A 178 -1.61 8.36 -15.06
CA PHE A 178 -1.98 9.40 -15.99
C PHE A 178 -2.20 8.77 -17.37
N LEU A 179 -3.24 9.24 -18.08
CA LEU A 179 -3.58 8.70 -19.39
C LEU A 179 -3.54 9.80 -20.44
N SER A 180 -3.35 9.34 -21.68
CA SER A 180 -3.05 10.11 -22.87
C SER A 180 -3.87 11.38 -23.09
N GLU A 181 -3.38 12.21 -24.01
CA GLU A 181 -3.93 13.53 -24.27
C GLU A 181 -4.01 13.83 -25.77
N SER A 182 -4.78 14.86 -26.12
CA SER A 182 -4.93 15.29 -27.50
C SER A 182 -5.46 16.72 -27.56
N GLY A 183 -5.23 17.40 -28.70
CA GLY A 183 -5.67 18.75 -28.92
C GLY A 183 -4.50 19.67 -29.23
N GLU A 184 -4.79 20.92 -29.60
CA GLU A 184 -3.76 21.92 -29.85
C GLU A 184 -3.32 22.55 -28.54
N SER A 185 -2.21 23.29 -28.55
CA SER A 185 -1.63 23.89 -27.35
C SER A 185 -2.52 24.97 -26.72
N HIS A 186 -3.72 25.16 -27.25
CA HIS A 186 -4.65 26.16 -26.76
C HIS A 186 -6.05 25.58 -26.57
N ALA A 187 -6.16 24.25 -26.64
CA ALA A 187 -7.44 23.57 -26.51
C ALA A 187 -7.22 22.12 -26.05
N LYS A 188 -6.02 21.82 -25.57
CA LYS A 188 -5.61 20.46 -25.19
C LYS A 188 -6.45 19.92 -24.02
N SER A 189 -6.41 18.59 -23.84
CA SER A 189 -7.07 17.90 -22.74
C SER A 189 -6.22 16.71 -22.32
N PHE A 190 -6.41 16.27 -21.08
CA PHE A 190 -5.61 15.22 -20.50
C PHE A 190 -6.49 14.38 -19.60
N VAL A 191 -6.05 13.19 -19.18
CA VAL A 191 -6.83 12.38 -18.25
C VAL A 191 -5.93 11.66 -17.27
N MET A 192 -6.54 11.24 -16.17
CA MET A 192 -5.82 10.66 -15.05
C MET A 192 -6.72 9.56 -14.50
N SER A 193 -6.13 8.46 -14.05
CA SER A 193 -6.89 7.35 -13.52
C SER A 193 -6.31 6.91 -12.19
N VAL A 194 -6.98 5.95 -11.53
CA VAL A 194 -6.57 5.51 -10.21
C VAL A 194 -6.99 4.07 -9.99
N VAL A 195 -6.42 3.46 -8.93
CA VAL A 195 -6.87 2.18 -8.45
C VAL A 195 -6.91 2.30 -6.93
N VAL A 196 -8.03 1.95 -6.31
CA VAL A 196 -8.23 2.17 -4.90
C VAL A 196 -9.02 0.99 -4.32
N ASP A 197 -8.44 0.32 -3.33
CA ASP A 197 -9.04 -0.87 -2.73
C ASP A 197 -9.37 -1.99 -3.74
N GLY A 198 -9.09 -1.77 -5.02
CA GLY A 198 -9.31 -2.77 -6.06
C GLY A 198 -10.18 -2.18 -7.18
N GLN A 199 -10.90 -1.08 -6.88
CA GLN A 199 -11.70 -0.41 -7.87
C GLN A 199 -10.80 0.35 -8.85
N PHE A 200 -11.39 0.92 -9.90
CA PHE A 200 -10.65 1.68 -10.90
C PHE A 200 -11.46 2.92 -11.29
N PHE A 201 -10.80 4.07 -11.29
CA PHE A 201 -11.43 5.34 -11.63
C PHE A 201 -10.67 6.12 -12.69
N GLU A 202 -11.31 7.17 -13.21
CA GLU A 202 -10.74 7.97 -14.27
C GLU A 202 -11.39 9.36 -14.28
N GLY A 203 -10.66 10.36 -14.78
CA GLY A 203 -11.17 11.72 -14.88
C GLY A 203 -10.28 12.54 -15.81
N SER A 204 -10.93 13.23 -16.75
CA SER A 204 -10.23 14.10 -17.69
C SER A 204 -10.28 15.55 -17.24
N GLY A 205 -9.38 16.38 -17.79
CA GLY A 205 -9.30 17.78 -17.42
C GLY A 205 -8.39 18.57 -18.35
N ARG A 206 -8.26 19.88 -18.11
CA ARG A 206 -7.42 20.75 -18.91
C ARG A 206 -5.97 20.68 -18.48
N ASN A 207 -5.68 20.07 -17.32
CA ASN A 207 -4.33 19.93 -16.80
C ASN A 207 -4.27 18.70 -15.87
N LYS A 208 -3.06 18.24 -15.55
CA LYS A 208 -2.87 17.02 -14.77
C LYS A 208 -3.47 17.09 -13.37
N LYS A 209 -3.48 18.26 -12.73
CA LYS A 209 -4.02 18.41 -11.38
C LYS A 209 -5.54 18.28 -11.42
N LEU A 210 -6.18 18.82 -12.47
CA LEU A 210 -7.62 18.84 -12.59
C LEU A 210 -8.12 17.44 -12.96
N ALA A 211 -7.37 16.72 -13.79
CA ALA A 211 -7.68 15.33 -14.13
C ALA A 211 -7.66 14.47 -12.87
N LYS A 212 -6.67 14.64 -11.99
CA LYS A 212 -6.57 13.86 -10.76
C LYS A 212 -7.66 14.25 -9.78
N ALA A 213 -8.05 15.53 -9.72
CA ALA A 213 -9.11 15.97 -8.83
C ALA A 213 -10.46 15.37 -9.22
N ARG A 214 -10.64 15.05 -10.51
CA ARG A 214 -11.87 14.43 -11.00
C ARG A 214 -11.85 12.92 -10.75
N ALA A 215 -10.76 12.25 -11.15
CA ALA A 215 -10.63 10.81 -10.94
C ALA A 215 -10.59 10.47 -9.45
N ALA A 216 -10.02 11.37 -8.63
CA ALA A 216 -9.95 11.16 -7.19
C ALA A 216 -11.34 11.30 -6.58
N GLN A 217 -12.00 12.45 -6.79
CA GLN A 217 -13.40 12.62 -6.43
C GLN A 217 -14.26 11.40 -6.77
N SER A 218 -14.04 10.75 -7.92
CA SER A 218 -14.80 9.55 -8.25
C SER A 218 -14.41 8.38 -7.35
N ALA A 219 -13.10 8.24 -7.10
CA ALA A 219 -12.58 7.16 -6.27
C ALA A 219 -13.04 7.30 -4.82
N LEU A 220 -13.06 8.54 -4.31
CA LEU A 220 -13.49 8.83 -2.96
C LEU A 220 -14.97 8.44 -2.80
N ALA A 221 -15.83 9.02 -3.61
CA ALA A 221 -17.27 8.84 -3.50
C ALA A 221 -17.67 7.36 -3.56
N THR A 222 -17.00 6.56 -4.39
CA THR A 222 -17.37 5.15 -4.53
C THR A 222 -16.77 4.27 -3.44
N VAL A 223 -15.52 4.50 -3.03
CA VAL A 223 -14.84 3.58 -2.12
C VAL A 223 -15.06 4.00 -0.67
N PHE A 224 -15.45 5.25 -0.45
CA PHE A 224 -15.75 5.72 0.90
C PHE A 224 -17.26 5.62 1.15
N ASN A 225 -18.04 5.20 0.15
CA ASN A 225 -19.48 5.10 0.25
C ASN A 225 -20.11 6.45 0.63
N LEU A 226 -19.53 7.54 0.15
CA LEU A 226 -19.92 8.90 0.49
C LEU A 226 -19.87 9.78 -0.77
N HIS A 227 -19.86 11.10 -0.59
CA HIS A 227 -19.74 12.05 -1.69
C HIS A 227 -18.95 13.25 -1.21
N LEU A 228 -18.33 13.99 -2.16
CA LEU A 228 -17.45 15.09 -1.83
C LEU A 228 -18.21 16.21 -1.11
N LEU A 229 -17.56 16.80 -0.10
CA LEU A 229 -18.14 17.84 0.73
C LEU A 229 -18.36 19.12 -0.07
N GLU A 230 -19.11 20.06 0.52
CA GLU A 230 -19.41 21.35 -0.08
C GLU A 230 -19.46 22.45 0.97
N HIS A 231 -19.01 22.16 2.19
CA HIS A 231 -19.02 23.11 3.30
C HIS A 231 -17.98 24.21 3.14
N HIS A 232 -17.25 24.23 2.03
CA HIS A 232 -16.19 25.18 1.80
C HIS A 232 -16.00 25.43 0.30
N HIS A 233 -14.93 26.13 -0.07
CA HIS A 233 -14.62 26.47 -1.45
C HIS A 233 -13.15 26.16 -1.77
N HIS A 234 -12.77 26.31 -3.04
CA HIS A 234 -11.43 25.99 -3.51
C HIS A 234 -10.99 26.93 -4.65
N HIS A 235 -9.88 26.58 -5.31
CA HIS A 235 -9.20 27.44 -6.28
C HIS A 235 -10.07 27.91 -7.44
N HIS A 236 -11.21 27.25 -7.70
CA HIS A 236 -12.07 27.66 -8.80
C HIS A 236 -13.54 27.31 -8.53
#